data_3PWQ
#
_entry.id   3PWQ
#
_cell.length_a   110.257
_cell.length_b   109.062
_cell.length_c   305.926
_cell.angle_alpha   90.000
_cell.angle_beta   90.000
_cell.angle_gamma   90.000
#
_symmetry.space_group_name_H-M   'P 21 21 21'
#
loop_
_entity.id
_entity.type
_entity.pdbx_description
1 polymer 'Phenylacetic acid degradation protein paaC'
2 polymer 'Phenylacetic acid degradation protein paaA'
3 water water
#
loop_
_entity_poly.entity_id
_entity_poly.type
_entity_poly.pdbx_seq_one_letter_code
_entity_poly.pdbx_strand_id
1 'polypeptide(L)'
;MGSSHHHHHHGSNQLTAYTLRLGDNCLVLSQRLGEWCGHAPELEIDLALANIGLDLLGQARNFLSYAAELAGEGDEDTLA
FTRDERQFSNLLLVEQPNGNFADTIARQYFIDAWHVALFTRLMESRDPQLAAISAKAIKEARYHLRFSRGWLERLGNGTD
VSGQKMQQAINKLWRFTAELFDADEIDIALSEEGIAVDPRTLRAAWEAEVFAGINEATLNVPQEQAYRTGGKKGLHTEHL
GPMLAEMQYLQRVLPGQQW
;
A,B,E,G,I,J,K,R
2 'polypeptide(L)'
;MRSTQEERFEQRIAQETAIEPQDWMPDAYRKTLIRQIGQHAHSEIVGMLPEGNWITRAPTLRRKAILLAKVQDEAGHGLY
LYSAAETLGCAREDIYQKMLDGRMKYSSIFNYPTLSWADIGVIGWLVDGAAIVNQVALCRTSYGPYARAMVKICKEESFH
QRQGFEACMALAQGSEAQKQMLQDAINRFWWPALMMFGPNDDNSPNSARSLTWKIKRFTNDELRQRFVDNTVPQVEMLGM
TVPDPDLHFDTESGHYRFGEIDWQEFNEVINGRGICNQERLDAKRKAWEEGTWVREAALAHAQKQHARKVA
;
C,D,F,H
#
# COMPACT_ATOMS: atom_id res chain seq x y z
N SER A 12 -6.51 39.44 11.94
CA SER A 12 -5.96 38.13 11.52
C SER A 12 -4.47 38.01 11.85
N ASN A 13 -3.87 39.10 12.35
CA ASN A 13 -2.44 39.17 12.69
C ASN A 13 -2.05 38.28 13.86
N GLN A 14 -2.81 38.35 14.94
CA GLN A 14 -2.57 37.55 16.14
C GLN A 14 -2.67 36.05 15.88
N LEU A 15 -3.62 35.66 15.02
CA LEU A 15 -3.77 34.27 14.61
C LEU A 15 -2.54 33.78 13.86
N THR A 16 -1.98 34.62 13.02
CA THR A 16 -0.76 34.32 12.27
C THR A 16 0.40 34.06 13.23
N ALA A 17 0.58 34.96 14.19
CA ALA A 17 1.64 34.84 15.17
C ALA A 17 1.51 33.59 16.02
N TYR A 18 0.27 33.24 16.36
CA TYR A 18 -0.01 32.09 17.20
C TYR A 18 0.33 30.79 16.49
N THR A 19 0.00 30.72 15.20
CA THR A 19 0.25 29.54 14.37
C THR A 19 1.72 29.40 14.10
N LEU A 20 2.37 30.54 13.87
CA LEU A 20 3.80 30.59 13.65
C LEU A 20 4.58 30.05 14.86
N ARG A 21 4.19 30.47 16.06
CA ARG A 21 4.84 29.98 17.28
C ARG A 21 4.82 28.46 17.40
N LEU A 22 3.65 27.86 17.17
CA LEU A 22 3.52 26.43 17.26
C LEU A 22 4.38 25.72 16.20
N GLY A 23 4.41 26.27 15.00
CA GLY A 23 5.32 25.80 13.95
C GLY A 23 6.78 25.93 14.33
N ASP A 24 7.15 27.08 14.89
CA ASP A 24 8.52 27.34 15.32
C ASP A 24 9.01 26.38 16.41
N ASN A 25 8.16 26.07 17.40
CA ASN A 25 8.47 25.06 18.42
C ASN A 25 8.83 23.74 17.78
N CYS A 26 7.97 23.31 16.84
CA CYS A 26 8.14 22.01 16.21
C CYS A 26 9.34 21.99 15.29
N LEU A 27 9.59 23.10 14.60
CA LEU A 27 10.68 23.20 13.67
C LEU A 27 12.02 23.12 14.38
N VAL A 28 12.18 23.95 15.40
CA VAL A 28 13.44 24.00 16.13
C VAL A 28 13.76 22.68 16.88
N LEU A 29 12.76 22.05 17.46
CA LEU A 29 12.98 20.80 18.15
C LEU A 29 13.40 19.73 17.17
N SER A 30 12.75 19.72 16.01
CA SER A 30 13.09 18.88 14.88
C SER A 30 14.59 18.98 14.48
N GLN A 31 15.11 20.20 14.42
CA GLN A 31 16.52 20.43 14.13
C GLN A 31 17.40 19.75 15.14
N ARG A 32 17.13 19.97 16.42
CA ARG A 32 17.88 19.33 17.48
C ARG A 32 17.90 17.82 17.34
N LEU A 33 16.72 17.21 17.12
CA LEU A 33 16.63 15.77 17.01
C LEU A 33 17.37 15.24 15.81
N GLY A 34 17.47 16.06 14.76
CA GLY A 34 18.24 15.71 13.59
C GLY A 34 19.73 15.49 13.86
N GLU A 35 20.27 16.20 14.84
CA GLU A 35 21.70 16.08 15.15
C GLU A 35 22.04 14.71 15.74
N TRP A 36 21.02 13.98 16.18
CA TRP A 36 21.19 12.69 16.86
C TRP A 36 21.36 11.52 15.89
N CYS A 37 21.10 11.79 14.62
CA CYS A 37 21.05 10.75 13.60
C CYS A 37 22.37 9.99 13.46
N GLY A 38 22.33 8.69 13.73
CA GLY A 38 23.52 7.84 13.73
C GLY A 38 24.40 7.89 14.99
N HIS A 39 23.99 8.67 15.98
CA HIS A 39 24.75 8.85 17.22
C HIS A 39 24.03 8.36 18.48
N ALA A 40 22.94 7.62 18.33
CA ALA A 40 22.17 7.14 19.50
C ALA A 40 22.82 5.93 20.21
N PRO A 41 22.47 5.69 21.49
CA PRO A 41 23.01 4.54 22.23
C PRO A 41 22.60 3.17 21.67
N GLU A 42 21.46 3.11 20.98
CA GLU A 42 20.99 1.88 20.32
C GLU A 42 20.38 2.23 18.98
N LEU A 43 20.37 1.27 18.07
CA LEU A 43 19.67 1.40 16.81
C LEU A 43 18.19 1.74 17.00
N GLU A 44 17.53 1.08 17.95
CA GLU A 44 16.10 1.27 18.20
C GLU A 44 15.82 2.71 18.61
N ILE A 45 16.72 3.31 19.37
CA ILE A 45 16.61 4.71 19.76
C ILE A 45 16.82 5.65 18.58
N ASP A 46 17.81 5.34 17.73
CA ASP A 46 18.06 6.11 16.52
C ASP A 46 16.78 6.21 15.69
N LEU A 47 16.17 5.06 15.45
CA LEU A 47 14.91 4.95 14.76
C LEU A 47 13.80 5.79 15.40
N ALA A 48 13.66 5.71 16.71
CA ALA A 48 12.63 6.48 17.41
C ALA A 48 12.87 7.99 17.31
N LEU A 49 14.11 8.42 17.54
CA LEU A 49 14.46 9.84 17.43
C LEU A 49 14.23 10.38 16.02
N ALA A 50 14.61 9.61 15.01
CA ALA A 50 14.35 10.02 13.64
C ALA A 50 12.83 10.13 13.39
N ASN A 51 12.07 9.19 13.94
CA ASN A 51 10.64 9.18 13.79
C ASN A 51 9.95 10.37 14.45
N ILE A 52 10.38 10.71 15.66
CA ILE A 52 9.78 11.82 16.39
C ILE A 52 10.13 13.12 15.69
N GLY A 53 11.37 13.23 15.24
CA GLY A 53 11.85 14.40 14.51
C GLY A 53 11.04 14.58 13.25
N LEU A 54 10.69 13.47 12.61
CA LEU A 54 9.92 13.50 11.39
C LEU A 54 8.48 13.96 11.63
N ASP A 55 7.86 13.41 12.68
CA ASP A 55 6.52 13.85 13.10
C ASP A 55 6.50 15.36 13.31
N LEU A 56 7.44 15.83 14.11
CA LEU A 56 7.54 17.22 14.48
C LEU A 56 7.75 18.12 13.27
N LEU A 57 8.57 17.65 12.34
CA LEU A 57 8.78 18.39 11.10
C LEU A 57 7.48 18.52 10.33
N GLY A 58 6.72 17.44 10.27
CA GLY A 58 5.39 17.43 9.68
C GLY A 58 4.45 18.45 10.30
N GLN A 59 4.40 18.52 11.63
CA GLN A 59 3.59 19.53 12.29
C GLN A 59 4.08 20.95 11.98
N ALA A 60 5.40 21.11 11.92
CA ALA A 60 5.99 22.42 11.59
C ALA A 60 5.54 22.86 10.18
N ARG A 61 5.58 21.92 9.24
CA ARG A 61 5.16 22.23 7.89
C ARG A 61 3.68 22.64 7.84
N ASN A 62 2.85 21.93 8.59
CA ASN A 62 1.44 22.25 8.67
C ASN A 62 1.18 23.62 9.29
N PHE A 63 1.82 23.91 10.42
CA PHE A 63 1.68 25.20 11.06
C PHE A 63 2.29 26.35 10.27
N LEU A 64 3.45 26.13 9.66
CA LEU A 64 4.12 27.18 8.88
C LEU A 64 3.36 27.49 7.58
N SER A 65 2.87 26.44 6.92
CA SER A 65 2.06 26.61 5.72
C SER A 65 0.80 27.40 5.99
N TYR A 66 0.16 27.12 7.13
CA TYR A 66 -1.04 27.84 7.51
C TYR A 66 -0.71 29.29 7.84
N ALA A 67 0.40 29.50 8.55
CA ALA A 67 0.87 30.84 8.85
C ALA A 67 1.11 31.67 7.60
N ALA A 68 1.69 31.06 6.56
CA ALA A 68 1.96 31.74 5.29
C ALA A 68 0.66 32.09 4.58
N GLU A 69 -0.29 31.17 4.61
CA GLU A 69 -1.62 31.34 4.04
C GLU A 69 -2.31 32.54 4.69
N LEU A 70 -2.30 32.57 6.02
CA LEU A 70 -2.87 33.66 6.79
C LEU A 70 -2.24 35.02 6.50
N ALA A 71 -0.94 35.05 6.27
CA ALA A 71 -0.25 36.31 6.03
C ALA A 71 -0.40 36.78 4.58
N GLY A 72 -0.80 35.87 3.71
CA GLY A 72 -0.99 36.18 2.29
C GLY A 72 0.27 36.25 1.46
N GLU A 73 1.39 35.77 2.02
CA GLU A 73 2.67 35.74 1.30
C GLU A 73 3.63 34.71 1.89
N GLY A 74 4.55 34.22 1.06
CA GLY A 74 5.55 33.25 1.48
C GLY A 74 5.02 31.84 1.56
N ASP A 75 5.87 30.94 2.06
CA ASP A 75 5.49 29.56 2.34
C ASP A 75 6.27 29.04 3.54
N GLU A 76 6.16 27.73 3.79
CA GLU A 76 6.96 27.05 4.80
C GLU A 76 8.45 27.39 4.65
N ASP A 77 8.95 27.41 3.42
CA ASP A 77 10.37 27.64 3.20
C ASP A 77 10.84 29.08 3.46
N THR A 78 10.07 30.08 3.03
CA THR A 78 10.47 31.46 3.32
C THR A 78 10.43 31.74 4.83
N LEU A 79 9.50 31.10 5.53
CA LEU A 79 9.36 31.29 6.97
C LEU A 79 10.47 30.58 7.72
N ALA A 80 10.91 29.44 7.21
CA ALA A 80 11.93 28.68 7.89
C ALA A 80 13.31 29.26 7.59
N PHE A 81 13.52 29.70 6.36
CA PHE A 81 14.89 29.94 5.91
C PHE A 81 15.28 31.39 5.72
N THR A 82 14.33 32.31 5.82
CA THR A 82 14.66 33.72 5.58
C THR A 82 14.41 34.67 6.75
N ARG A 83 13.83 34.16 7.83
CA ARG A 83 13.71 34.93 9.05
C ARG A 83 15.00 34.77 9.84
N ASP A 84 15.34 35.76 10.65
CA ASP A 84 16.51 35.65 11.52
C ASP A 84 16.10 35.39 12.99
N GLU A 85 17.08 35.25 13.89
CA GLU A 85 16.76 34.80 15.25
C GLU A 85 15.77 35.70 16.01
N ARG A 86 15.79 37.00 15.71
CA ARG A 86 14.89 37.94 16.37
C ARG A 86 13.46 37.84 15.86
N GLN A 87 13.26 37.08 14.77
CA GLN A 87 11.93 36.86 14.21
C GLN A 87 11.36 35.47 14.53
N PHE A 88 12.20 34.57 15.05
CA PHE A 88 11.75 33.25 15.48
C PHE A 88 11.01 33.33 16.78
N SER A 89 9.98 32.50 16.94
CA SER A 89 9.11 32.62 18.10
C SER A 89 8.92 31.32 18.88
N ASN A 90 9.83 30.37 18.70
CA ASN A 90 9.79 29.11 19.43
C ASN A 90 10.06 29.30 20.93
N LEU A 91 9.57 28.37 21.73
CA LEU A 91 9.88 28.31 23.16
C LEU A 91 11.39 28.15 23.36
N LEU A 92 11.94 28.77 24.39
CA LEU A 92 13.34 28.59 24.74
C LEU A 92 13.74 27.11 24.98
N LEU A 93 12.81 26.32 25.51
CA LEU A 93 13.04 24.92 25.80
C LEU A 93 13.56 24.12 24.60
N VAL A 94 13.01 24.39 23.41
CA VAL A 94 13.31 23.54 22.24
C VAL A 94 14.66 23.85 21.58
N GLU A 95 15.28 24.97 21.95
CA GLU A 95 16.55 25.37 21.36
C GLU A 95 17.75 24.98 22.25
N GLN A 96 17.46 24.38 23.40
CA GLN A 96 18.50 23.91 24.31
C GLN A 96 19.34 22.84 23.63
N PRO A 97 20.65 22.79 23.93
CA PRO A 97 21.50 21.79 23.25
C PRO A 97 21.10 20.40 23.66
N ASN A 98 21.41 19.45 22.79
CA ASN A 98 21.12 18.05 23.03
C ASN A 98 21.76 17.48 24.28
N GLY A 99 22.97 17.95 24.62
CA GLY A 99 23.76 17.41 25.73
C GLY A 99 23.83 15.91 25.61
N ASN A 100 23.77 15.20 26.72
CA ASN A 100 23.72 13.75 26.70
C ASN A 100 22.27 13.28 26.53
N PHE A 101 22.06 11.96 26.52
CA PHE A 101 20.74 11.41 26.26
C PHE A 101 19.69 11.80 27.30
N ALA A 102 20.11 11.99 28.54
CA ALA A 102 19.18 12.42 29.56
C ALA A 102 18.67 13.83 29.28
N ASP A 103 19.59 14.73 28.95
CA ASP A 103 19.25 16.10 28.57
C ASP A 103 18.20 16.11 27.47
N THR A 104 18.38 15.22 26.50
CA THR A 104 17.51 15.15 25.36
C THR A 104 16.15 14.59 25.76
N ILE A 105 16.15 13.56 26.60
CA ILE A 105 14.90 12.96 27.09
C ILE A 105 14.13 13.93 27.97
N ALA A 106 14.82 14.61 28.89
CA ALA A 106 14.13 15.59 29.71
C ALA A 106 13.36 16.60 28.85
N ARG A 107 14.06 17.20 27.89
CA ARG A 107 13.49 18.21 27.00
C ARG A 107 12.30 17.63 26.23
N GLN A 108 12.45 16.40 25.75
CA GLN A 108 11.39 15.77 25.00
C GLN A 108 10.17 15.60 25.88
N TYR A 109 10.39 15.16 27.11
CA TYR A 109 9.31 14.87 28.03
C TYR A 109 8.49 16.11 28.36
N PHE A 110 9.18 17.17 28.76
CA PHE A 110 8.52 18.42 29.07
C PHE A 110 7.70 18.94 27.90
N ILE A 111 8.24 18.80 26.68
CA ILE A 111 7.55 19.24 25.46
C ILE A 111 6.38 18.34 25.11
N ASP A 112 6.56 17.03 25.24
CA ASP A 112 5.50 16.08 24.94
C ASP A 112 4.29 16.23 25.87
N ALA A 113 4.54 16.33 27.18
CA ALA A 113 3.48 16.56 28.14
C ALA A 113 2.67 17.78 27.71
N TRP A 114 3.38 18.86 27.40
CA TRP A 114 2.78 20.11 26.98
C TRP A 114 1.99 19.95 25.67
N HIS A 115 2.59 19.27 24.70
CA HIS A 115 1.93 19.06 23.43
C HIS A 115 0.62 18.31 23.58
N VAL A 116 0.64 17.25 24.37
CA VAL A 116 -0.56 16.46 24.65
C VAL A 116 -1.64 17.33 25.31
N ALA A 117 -1.29 18.04 26.37
CA ALA A 117 -2.23 18.95 27.01
C ALA A 117 -2.77 19.99 26.03
N LEU A 118 -1.91 20.55 25.19
CA LEU A 118 -2.32 21.60 24.26
C LEU A 118 -3.21 21.11 23.13
N PHE A 119 -2.78 20.06 22.45
CA PHE A 119 -3.46 19.61 21.25
C PHE A 119 -4.79 18.93 21.55
N THR A 120 -4.90 18.33 22.75
CA THR A 120 -6.16 17.75 23.21
C THR A 120 -7.23 18.83 23.19
N ARG A 121 -6.88 20.00 23.70
CA ARG A 121 -7.80 21.11 23.76
C ARG A 121 -7.90 21.88 22.44
N LEU A 122 -6.79 21.94 21.71
CA LEU A 122 -6.74 22.75 20.51
C LEU A 122 -7.48 22.13 19.33
N MET A 123 -7.77 20.84 19.40
CA MET A 123 -8.59 20.21 18.36
C MET A 123 -10.07 20.57 18.46
N GLU A 124 -10.44 21.28 19.52
CA GLU A 124 -11.79 21.80 19.70
C GLU A 124 -11.83 23.31 19.42
N SER A 125 -10.80 23.81 18.74
CA SER A 125 -10.70 25.21 18.36
C SER A 125 -11.79 25.59 17.39
N ARG A 126 -12.27 26.84 17.50
CA ARG A 126 -13.30 27.36 16.59
C ARG A 126 -12.73 27.69 15.20
N ASP A 127 -11.40 27.63 15.06
CA ASP A 127 -10.75 27.73 13.76
C ASP A 127 -10.54 26.33 13.14
N PRO A 128 -11.25 26.03 12.04
CA PRO A 128 -11.27 24.67 11.47
C PRO A 128 -9.87 24.12 11.16
N GLN A 129 -9.03 24.93 10.52
CA GLN A 129 -7.69 24.49 10.10
C GLN A 129 -6.77 24.19 11.29
N LEU A 130 -6.87 25.01 12.34
CA LEU A 130 -6.14 24.78 13.57
C LEU A 130 -6.59 23.51 14.29
N ALA A 131 -7.89 23.28 14.27
CA ALA A 131 -8.48 22.08 14.85
C ALA A 131 -8.00 20.83 14.12
N ALA A 132 -8.03 20.89 12.79
CA ALA A 132 -7.61 19.78 11.96
C ALA A 132 -6.14 19.44 12.15
N ILE A 133 -5.28 20.46 12.21
CA ILE A 133 -3.85 20.26 12.42
C ILE A 133 -3.63 19.60 13.78
N SER A 134 -4.30 20.12 14.81
CA SER A 134 -4.20 19.60 16.17
C SER A 134 -4.67 18.16 16.25
N ALA A 135 -5.70 17.81 15.48
CA ALA A 135 -6.23 16.45 15.43
C ALA A 135 -5.20 15.43 14.92
N LYS A 136 -4.40 15.82 13.92
CA LYS A 136 -3.26 15.00 13.47
C LYS A 136 -2.17 14.99 14.52
N ALA A 137 -1.82 16.18 15.02
CA ALA A 137 -0.72 16.36 15.95
C ALA A 137 -0.85 15.51 17.23
N ILE A 138 -2.03 15.53 17.85
CA ILE A 138 -2.27 14.82 19.10
C ILE A 138 -1.91 13.32 19.03
N LYS A 139 -2.26 12.68 17.94
CA LYS A 139 -2.00 11.25 17.75
C LYS A 139 -0.51 10.97 17.86
N GLU A 140 0.29 11.85 17.26
CA GLU A 140 1.74 11.74 17.24
C GLU A 140 2.32 12.09 18.61
N ALA A 141 1.79 13.16 19.21
CA ALA A 141 2.24 13.61 20.52
C ALA A 141 2.11 12.54 21.60
N ARG A 142 1.06 11.73 21.54
CA ARG A 142 0.84 10.65 22.50
C ARG A 142 1.91 9.58 22.41
N TYR A 143 2.33 9.22 21.19
CA TYR A 143 3.46 8.32 20.99
C TYR A 143 4.74 8.92 21.53
N HIS A 144 4.89 10.24 21.37
CA HIS A 144 6.10 10.90 21.81
C HIS A 144 6.21 10.84 23.32
N LEU A 145 5.10 11.14 23.99
CA LEU A 145 5.04 11.16 25.46
C LEU A 145 5.32 9.78 26.01
N ARG A 146 4.84 8.74 25.33
CA ARG A 146 5.13 7.37 25.74
C ARG A 146 6.62 7.07 25.68
N PHE A 147 7.26 7.52 24.61
CA PHE A 147 8.69 7.31 24.42
C PHE A 147 9.48 8.05 25.48
N SER A 148 9.21 9.34 25.61
CA SER A 148 9.95 10.20 26.52
C SER A 148 9.69 9.89 28.00
N ARG A 149 8.43 9.60 28.35
CA ARG A 149 8.12 9.15 29.70
C ARG A 149 8.75 7.77 29.96
N GLY A 150 8.69 6.89 28.98
CA GLY A 150 9.35 5.60 29.07
C GLY A 150 10.82 5.71 29.48
N TRP A 151 11.57 6.56 28.79
CA TRP A 151 12.99 6.73 29.07
C TRP A 151 13.25 7.48 30.36
N LEU A 152 12.38 8.41 30.70
CA LEU A 152 12.47 9.08 31.99
C LEU A 152 12.45 8.04 33.12
N GLU A 153 11.51 7.10 33.05
CA GLU A 153 11.44 5.99 33.98
C GLU A 153 12.66 5.09 33.95
N ARG A 154 13.07 4.66 32.75
CA ARG A 154 14.24 3.80 32.59
C ARG A 154 15.53 4.42 33.10
N LEU A 155 15.70 5.73 32.91
CA LEU A 155 16.95 6.38 33.32
C LEU A 155 16.96 6.81 34.79
N GLY A 156 15.87 7.40 35.26
CA GLY A 156 15.73 7.79 36.66
C GLY A 156 15.73 6.58 37.57
N ASN A 157 14.96 5.58 37.19
CA ASN A 157 14.87 4.34 37.92
C ASN A 157 15.66 3.24 37.20
N GLY A 158 16.96 3.48 37.04
CA GLY A 158 17.87 2.54 36.39
C GLY A 158 19.00 2.17 37.30
N THR A 159 20.17 2.77 37.05
CA THR A 159 21.35 2.58 37.88
C THR A 159 21.50 3.83 38.73
N ASP A 160 22.49 3.84 39.62
CA ASP A 160 22.82 5.03 40.36
C ASP A 160 23.29 6.14 39.40
N VAL A 161 24.19 5.78 38.49
CA VAL A 161 24.75 6.71 37.52
C VAL A 161 23.68 7.39 36.63
N SER A 162 22.79 6.57 36.08
CA SER A 162 21.75 7.04 35.16
C SER A 162 20.70 7.93 35.83
N GLY A 163 20.27 7.56 37.04
CA GLY A 163 19.30 8.35 37.80
C GLY A 163 19.84 9.71 38.16
N GLN A 164 21.13 9.77 38.45
CA GLN A 164 21.82 11.01 38.74
C GLN A 164 21.93 11.91 37.49
N LYS A 165 22.15 11.30 36.33
CA LYS A 165 22.24 12.07 35.11
C LYS A 165 20.87 12.62 34.72
N MET A 166 19.84 11.82 34.97
CA MET A 166 18.47 12.20 34.67
C MET A 166 18.02 13.36 35.56
N GLN A 167 18.51 13.39 36.79
CA GLN A 167 18.16 14.45 37.73
C GLN A 167 18.86 15.75 37.34
N GLN A 168 20.15 15.65 37.03
CA GLN A 168 20.91 16.79 36.53
C GLN A 168 20.27 17.40 35.27
N ALA A 169 19.76 16.54 34.38
CA ALA A 169 19.07 16.96 33.16
C ALA A 169 17.80 17.76 33.46
N ILE A 170 16.97 17.26 34.37
CA ILE A 170 15.76 17.96 34.79
C ILE A 170 16.10 19.30 35.44
N ASN A 171 17.11 19.33 36.30
CA ASN A 171 17.55 20.58 36.92
C ASN A 171 18.04 21.62 35.92
N LYS A 172 18.80 21.15 34.93
CA LYS A 172 19.36 21.98 33.88
C LYS A 172 18.30 22.69 33.03
N LEU A 173 17.20 21.99 32.74
CA LEU A 173 16.14 22.52 31.88
C LEU A 173 15.03 23.27 32.61
N TRP A 174 14.96 23.08 33.93
CA TRP A 174 13.76 23.41 34.69
C TRP A 174 13.30 24.84 34.50
N ARG A 175 14.24 25.77 34.56
CA ARG A 175 13.94 27.19 34.50
C ARG A 175 13.22 27.63 33.21
N PHE A 176 13.30 26.81 32.16
CA PHE A 176 12.69 27.16 30.88
C PHE A 176 11.22 26.75 30.83
N THR A 177 10.76 26.01 31.84
CA THR A 177 9.38 25.52 31.86
C THR A 177 8.33 26.62 32.12
N ALA A 178 8.77 27.74 32.70
CA ALA A 178 7.84 28.86 32.96
C ALA A 178 7.18 29.36 31.68
N GLU A 179 7.93 29.38 30.59
CA GLU A 179 7.43 29.87 29.31
C GLU A 179 6.23 29.04 28.80
N LEU A 180 6.12 27.80 29.27
CA LEU A 180 5.03 26.93 28.84
C LEU A 180 3.66 27.44 29.25
N PHE A 181 3.65 28.31 30.26
CA PHE A 181 2.40 28.78 30.85
C PHE A 181 2.32 30.29 30.89
N ASP A 182 3.23 30.90 30.15
CA ASP A 182 3.25 32.33 29.95
C ASP A 182 2.22 32.68 28.86
N ALA A 183 1.36 33.66 29.13
CA ALA A 183 0.37 34.14 28.16
C ALA A 183 0.58 35.62 27.87
N ASP A 184 0.59 36.00 26.60
CA ASP A 184 0.66 37.41 26.25
C ASP A 184 -0.62 37.87 25.52
N GLU A 185 -0.61 39.08 24.99
CA GLU A 185 -1.79 39.67 24.33
C GLU A 185 -2.39 38.78 23.23
N ILE A 186 -1.52 38.11 22.48
CA ILE A 186 -1.94 37.20 21.40
C ILE A 186 -2.72 36.00 21.93
N ASP A 187 -2.18 35.31 22.94
CA ASP A 187 -2.84 34.16 23.54
C ASP A 187 -4.21 34.53 24.11
N ILE A 188 -4.25 35.62 24.88
CA ILE A 188 -5.47 36.04 25.60
C ILE A 188 -6.62 36.40 24.64
N ALA A 189 -6.35 37.31 23.71
CA ALA A 189 -7.32 37.71 22.70
C ALA A 189 -7.93 36.52 21.98
N LEU A 190 -7.09 35.56 21.58
CA LEU A 190 -7.55 34.41 20.81
C LEU A 190 -8.25 33.35 21.64
N SER A 191 -7.90 33.24 22.92
CA SER A 191 -8.58 32.29 23.80
C SER A 191 -9.99 32.83 24.14
N GLU A 192 -10.10 34.15 24.27
CA GLU A 192 -11.38 34.83 24.47
C GLU A 192 -12.33 34.64 23.28
N GLU A 193 -11.78 34.35 22.11
CA GLU A 193 -12.57 34.06 20.90
C GLU A 193 -12.77 32.56 20.70
N GLY A 194 -12.28 31.77 21.66
CA GLY A 194 -12.39 30.31 21.59
C GLY A 194 -11.52 29.68 20.50
N ILE A 195 -10.59 30.46 19.97
CA ILE A 195 -9.70 29.98 18.91
C ILE A 195 -8.43 29.31 19.46
N ALA A 196 -7.84 29.91 20.49
CA ALA A 196 -6.61 29.42 21.09
C ALA A 196 -6.83 28.90 22.50
N VAL A 197 -5.83 28.24 23.04
CA VAL A 197 -5.80 27.83 24.43
C VAL A 197 -4.98 28.84 25.22
N ASP A 198 -5.50 29.28 26.36
CA ASP A 198 -4.76 30.15 27.27
C ASP A 198 -3.71 29.29 27.97
N PRO A 199 -2.42 29.52 27.68
CA PRO A 199 -1.33 28.69 28.20
C PRO A 199 -1.36 28.53 29.73
N ARG A 200 -1.78 29.57 30.46
CA ARG A 200 -1.90 29.52 31.92
C ARG A 200 -2.78 28.37 32.39
N THR A 201 -3.77 28.02 31.58
CA THR A 201 -4.72 26.98 31.94
C THR A 201 -4.19 25.59 31.60
N LEU A 202 -2.97 25.52 31.07
CA LEU A 202 -2.34 24.23 30.74
C LEU A 202 -1.50 23.70 31.90
N ARG A 203 -1.26 24.55 32.89
CA ARG A 203 -0.36 24.23 34.00
C ARG A 203 -0.79 23.01 34.81
N ALA A 204 -2.08 22.95 35.14
CA ALA A 204 -2.62 21.89 35.96
C ALA A 204 -2.40 20.53 35.30
N ALA A 205 -2.82 20.39 34.05
CA ALA A 205 -2.68 19.14 33.30
C ALA A 205 -1.21 18.75 33.12
N TRP A 206 -0.36 19.75 32.86
CA TRP A 206 1.07 19.53 32.65
C TRP A 206 1.73 19.06 33.93
N GLU A 207 1.53 19.81 35.01
CA GLU A 207 2.11 19.47 36.31
C GLU A 207 1.61 18.13 36.84
N ALA A 208 0.33 17.84 36.60
CA ALA A 208 -0.24 16.53 36.95
C ALA A 208 0.54 15.38 36.30
N GLU A 209 0.89 15.51 35.02
CA GLU A 209 1.61 14.45 34.30
C GLU A 209 3.10 14.40 34.68
N VAL A 210 3.73 15.57 34.68
CA VAL A 210 5.18 15.70 34.84
C VAL A 210 5.63 15.44 36.28
N PHE A 211 4.94 16.06 37.24
CA PHE A 211 5.17 15.77 38.66
C PHE A 211 5.04 14.28 38.96
N ALA A 212 4.03 13.64 38.38
CA ALA A 212 3.82 12.21 38.56
C ALA A 212 4.99 11.42 37.97
N GLY A 213 5.31 11.69 36.71
CA GLY A 213 6.37 10.98 36.00
C GLY A 213 7.73 11.09 36.68
N ILE A 214 8.06 12.28 37.13
CA ILE A 214 9.29 12.52 37.88
C ILE A 214 9.33 11.72 39.19
N ASN A 215 8.19 11.71 39.91
CA ASN A 215 8.05 10.93 41.15
C ASN A 215 8.13 9.42 40.88
N GLU A 216 7.45 8.95 39.85
CA GLU A 216 7.48 7.53 39.48
C GLU A 216 8.88 7.06 39.07
N ALA A 217 9.73 8.00 38.65
CA ALA A 217 11.10 7.70 38.23
C ALA A 217 12.09 7.82 39.38
N THR A 218 11.56 7.98 40.59
CA THR A 218 12.35 8.15 41.83
C THR A 218 13.23 9.39 41.82
N LEU A 219 12.73 10.45 41.19
CA LEU A 219 13.48 11.70 41.12
C LEU A 219 12.72 12.81 41.84
N ASN A 220 13.37 13.96 41.97
CA ASN A 220 12.77 15.11 42.62
C ASN A 220 12.38 16.22 41.63
N VAL A 221 11.15 16.72 41.78
CA VAL A 221 10.75 17.94 41.11
C VAL A 221 11.59 19.08 41.71
N PRO A 222 12.30 19.85 40.86
CA PRO A 222 13.16 20.88 41.40
C PRO A 222 12.37 21.94 42.16
N GLN A 223 13.02 22.57 43.14
CA GLN A 223 12.34 23.50 44.04
C GLN A 223 12.48 24.92 43.53
N GLU A 224 13.49 25.15 42.68
CA GLU A 224 13.68 26.43 41.99
C GLU A 224 12.40 26.81 41.24
N GLN A 225 11.94 28.04 41.42
CA GLN A 225 10.81 28.55 40.66
C GLN A 225 11.30 28.95 39.27
N ALA A 226 10.72 28.36 38.23
CA ALA A 226 11.12 28.63 36.84
C ALA A 226 10.90 30.09 36.48
N TYR A 227 11.88 30.68 35.81
CA TYR A 227 11.88 32.12 35.61
C TYR A 227 12.24 32.61 34.19
N ARG A 228 12.50 31.69 33.26
CA ARG A 228 12.97 32.09 31.94
C ARG A 228 11.91 32.10 30.84
N THR A 229 11.70 33.27 30.24
CA THR A 229 10.80 33.43 29.10
C THR A 229 11.48 34.31 28.07
N GLY A 230 10.88 34.44 26.88
CA GLY A 230 11.37 35.39 25.89
C GLY A 230 11.28 34.87 24.48
N GLY A 231 11.41 33.57 24.32
CA GLY A 231 11.38 32.96 22.99
C GLY A 231 10.24 33.44 22.12
N LYS A 232 9.03 33.47 22.68
CA LYS A 232 7.82 33.85 21.97
C LYS A 232 7.86 35.26 21.35
N LYS A 233 8.62 36.15 21.97
CA LYS A 233 8.77 37.51 21.47
C LYS A 233 10.08 37.72 20.71
N GLY A 234 10.74 36.62 20.36
CA GLY A 234 11.98 36.70 19.59
C GLY A 234 13.22 36.99 20.40
N LEU A 235 13.13 36.78 21.72
CA LEU A 235 14.25 36.97 22.63
C LEU A 235 14.79 35.61 23.09
N HIS A 236 15.86 35.16 22.46
CA HIS A 236 16.32 33.78 22.63
C HIS A 236 17.60 33.68 23.44
N THR A 237 17.96 32.45 23.78
CA THR A 237 19.28 32.15 24.32
C THR A 237 20.31 32.30 23.20
N GLU A 238 21.59 32.27 23.52
CA GLU A 238 22.65 32.32 22.52
C GLU A 238 22.76 31.04 21.68
N HIS A 239 21.82 30.14 21.85
CA HIS A 239 21.84 28.90 21.14
C HIS A 239 21.24 28.93 19.79
N LEU A 240 20.19 29.69 19.66
CA LEU A 240 19.42 29.71 18.41
C LEU A 240 20.21 30.19 17.21
N GLY A 241 20.97 31.28 17.38
CA GLY A 241 21.74 31.87 16.29
C GLY A 241 22.58 30.85 15.54
N PRO A 242 23.50 30.16 16.25
CA PRO A 242 24.28 29.13 15.57
C PRO A 242 23.44 28.03 14.90
N MET A 243 22.32 27.64 15.51
CA MET A 243 21.40 26.71 14.84
C MET A 243 20.93 27.24 13.48
N LEU A 244 20.47 28.49 13.45
CA LEU A 244 19.97 29.08 12.21
C LEU A 244 21.04 29.20 11.13
N ALA A 245 22.27 29.50 11.54
CA ALA A 245 23.38 29.59 10.61
C ALA A 245 23.56 28.27 9.84
N GLU A 246 23.51 27.17 10.56
CA GLU A 246 23.63 25.85 9.95
C GLU A 246 22.41 25.54 9.10
N MET A 247 21.22 25.69 9.67
CA MET A 247 19.99 25.39 8.97
C MET A 247 19.78 26.21 7.69
N GLN A 248 20.09 27.50 7.73
CA GLN A 248 19.72 28.39 6.62
C GLN A 248 20.82 28.57 5.58
N TYR A 249 22.01 28.05 5.88
CA TYR A 249 23.19 28.31 5.04
C TYR A 249 22.89 28.24 3.53
N LEU A 250 22.42 27.09 3.07
CA LEU A 250 22.25 26.87 1.65
C LEU A 250 21.25 27.83 1.01
N GLN A 251 20.13 28.09 1.69
CA GLN A 251 19.14 29.03 1.22
C GLN A 251 19.66 30.45 1.19
N ARG A 252 20.60 30.79 2.08
CA ARG A 252 21.15 32.14 2.09
C ARG A 252 22.21 32.33 1.04
N VAL A 253 22.98 31.27 0.77
CA VAL A 253 23.96 31.28 -0.31
C VAL A 253 23.29 31.37 -1.69
N LEU A 254 22.24 30.58 -1.91
CA LEU A 254 21.51 30.58 -3.19
C LEU A 254 20.03 30.81 -2.99
N PRO A 255 19.61 32.06 -2.73
CA PRO A 255 18.20 32.41 -2.41
C PRO A 255 17.19 32.17 -3.56
N GLY A 256 15.89 32.29 -3.29
CA GLY A 256 14.82 32.11 -4.30
C GLY A 256 14.83 30.95 -5.31
N GLN A 257 15.39 29.81 -4.92
CA GLN A 257 15.64 28.71 -5.85
C GLN A 257 14.68 27.54 -5.58
N GLN A 258 14.64 26.55 -6.48
CA GLN A 258 13.79 25.38 -6.28
C GLN A 258 14.68 24.18 -6.03
N TRP A 259 14.27 23.32 -5.11
CA TRP A 259 15.11 22.22 -4.67
C TRP A 259 14.40 20.88 -4.68
N SER B 3 27.71 -36.93 2.57
CA SER B 3 26.53 -37.47 3.32
C SER B 3 25.21 -37.19 2.60
N THR B 4 24.10 -37.55 3.22
CA THR B 4 22.82 -37.51 2.54
C THR B 4 22.07 -36.20 2.72
N GLN B 5 22.35 -35.48 3.79
CA GLN B 5 21.80 -34.17 3.98
C GLN B 5 22.34 -33.25 2.92
N GLU B 6 23.64 -33.34 2.68
CA GLU B 6 24.24 -32.47 1.72
C GLU B 6 23.89 -32.98 0.38
N GLU B 7 22.66 -33.42 0.21
CA GLU B 7 22.24 -33.87 -1.10
C GLU B 7 20.82 -33.48 -1.29
N ARG B 8 20.05 -33.53 -0.23
CA ARG B 8 18.71 -33.06 -0.31
C ARG B 8 18.79 -31.58 -0.36
N PHE B 9 19.76 -31.04 0.34
CA PHE B 9 20.07 -29.61 0.30
C PHE B 9 20.37 -29.16 -1.14
N GLU B 10 21.38 -29.77 -1.78
CA GLU B 10 21.73 -29.47 -3.18
C GLU B 10 20.49 -29.47 -4.07
N GLN B 11 19.54 -30.34 -3.73
CA GLN B 11 18.30 -30.50 -4.50
C GLN B 11 17.36 -29.33 -4.28
N ARG B 12 17.23 -28.91 -3.02
CA ARG B 12 16.41 -27.75 -2.63
C ARG B 12 16.90 -26.46 -3.30
N ILE B 13 18.21 -26.38 -3.53
CA ILE B 13 18.81 -25.22 -4.17
C ILE B 13 18.46 -25.21 -5.65
N ALA B 14 18.47 -26.40 -6.24
CA ALA B 14 18.23 -26.55 -7.66
C ALA B 14 16.78 -26.27 -7.98
N GLN B 15 15.87 -26.82 -7.17
CA GLN B 15 14.44 -26.66 -7.42
C GLN B 15 13.89 -25.37 -6.81
N GLU B 16 14.80 -24.49 -6.37
CA GLU B 16 14.46 -23.13 -5.97
C GLU B 16 13.57 -23.06 -4.71
N THR B 17 13.59 -24.11 -3.89
CA THR B 17 12.86 -24.14 -2.62
C THR B 17 13.63 -23.34 -1.56
N ALA B 18 12.91 -22.51 -0.82
CA ALA B 18 13.54 -21.66 0.20
C ALA B 18 14.04 -22.47 1.39
N ILE B 19 15.33 -22.31 1.69
CA ILE B 19 15.95 -22.82 2.92
C ILE B 19 15.47 -21.96 4.09
N GLU B 20 14.81 -22.59 5.07
CA GLU B 20 14.35 -21.87 6.25
C GLU B 20 15.33 -22.07 7.39
N PRO B 21 15.15 -21.31 8.49
CA PRO B 21 16.10 -21.38 9.62
C PRO B 21 16.26 -22.78 10.26
N GLN B 22 15.15 -23.51 10.40
CA GLN B 22 15.16 -24.83 11.05
C GLN B 22 15.78 -25.92 10.17
N ASP B 23 15.76 -25.70 8.85
CA ASP B 23 16.33 -26.62 7.88
C ASP B 23 17.81 -26.88 8.10
N TRP B 24 18.25 -28.04 7.61
CA TRP B 24 19.65 -28.40 7.56
C TRP B 24 20.34 -27.63 6.44
N MET B 25 21.58 -27.23 6.68
CA MET B 25 22.43 -26.59 5.67
C MET B 25 23.90 -26.83 6.04
N PRO B 26 24.82 -26.84 5.05
CA PRO B 26 26.25 -26.95 5.35
C PRO B 26 26.69 -25.79 6.24
N ASP B 27 27.71 -26.04 7.06
CA ASP B 27 28.24 -25.00 7.93
C ASP B 27 28.87 -23.83 7.15
N ALA B 28 29.54 -24.14 6.03
CA ALA B 28 30.19 -23.10 5.23
C ALA B 28 29.16 -22.11 4.66
N TYR B 29 27.99 -22.63 4.33
CA TYR B 29 26.88 -21.88 3.77
C TYR B 29 26.27 -21.01 4.86
N ARG B 30 26.03 -21.59 6.03
CA ARG B 30 25.63 -20.83 7.22
C ARG B 30 26.56 -19.66 7.49
N LYS B 31 27.87 -19.90 7.40
CA LYS B 31 28.89 -18.89 7.73
C LYS B 31 28.98 -17.76 6.69
N THR B 32 29.01 -18.10 5.41
CA THR B 32 29.12 -17.08 4.36
C THR B 32 27.86 -16.21 4.30
N LEU B 33 26.73 -16.78 4.71
CA LEU B 33 25.49 -16.03 4.83
C LEU B 33 25.48 -15.09 6.02
N ILE B 34 26.05 -15.51 7.15
CA ILE B 34 26.17 -14.66 8.32
C ILE B 34 27.01 -13.43 7.94
N ARG B 35 28.11 -13.67 7.23
CA ARG B 35 28.97 -12.58 6.77
C ARG B 35 28.25 -11.63 5.82
N GLN B 36 27.54 -12.17 4.83
CA GLN B 36 26.85 -11.32 3.87
C GLN B 36 25.67 -10.52 4.45
N ILE B 37 24.77 -11.21 5.13
CA ILE B 37 23.63 -10.55 5.78
C ILE B 37 24.14 -9.57 6.81
N GLY B 38 25.21 -9.94 7.50
CA GLY B 38 25.80 -9.10 8.53
C GLY B 38 26.39 -7.82 7.97
N GLN B 39 27.14 -7.95 6.88
CA GLN B 39 27.72 -6.79 6.24
C GLN B 39 26.65 -5.90 5.61
N HIS B 40 25.64 -6.52 5.03
CA HIS B 40 24.48 -5.80 4.53
C HIS B 40 23.82 -4.98 5.64
N ALA B 41 23.69 -5.57 6.82
CA ALA B 41 23.09 -4.87 7.97
C ALA B 41 23.95 -3.71 8.46
N HIS B 42 25.25 -3.95 8.62
CA HIS B 42 26.21 -2.90 8.93
C HIS B 42 26.13 -1.74 7.95
N SER B 43 25.94 -2.05 6.67
CA SER B 43 25.87 -1.03 5.63
C SER B 43 24.70 -0.08 5.83
N GLU B 44 23.55 -0.63 6.19
CA GLU B 44 22.36 0.15 6.47
C GLU B 44 22.63 1.13 7.59
N ILE B 45 23.36 0.66 8.58
CA ILE B 45 23.64 1.43 9.79
C ILE B 45 24.69 2.50 9.56
N VAL B 46 25.78 2.15 8.90
CA VAL B 46 26.85 3.11 8.62
C VAL B 46 26.38 4.18 7.64
N GLY B 47 25.64 3.77 6.62
CA GLY B 47 25.08 4.68 5.62
C GLY B 47 24.23 5.81 6.15
N MET B 48 23.73 5.66 7.39
CA MET B 48 22.99 6.72 8.04
C MET B 48 23.82 7.98 8.22
N LEU B 49 25.14 7.82 8.36
CA LEU B 49 26.04 8.91 8.70
C LEU B 49 26.27 9.94 7.60
N PRO B 50 26.65 9.50 6.37
CA PRO B 50 26.85 10.47 5.30
C PRO B 50 25.59 11.21 4.92
N GLU B 51 24.44 10.53 5.00
CA GLU B 51 23.15 11.15 4.71
C GLU B 51 22.69 12.02 5.89
N GLY B 52 22.86 11.52 7.11
CA GLY B 52 22.50 12.28 8.31
C GLY B 52 23.28 13.56 8.48
N ASN B 53 24.48 13.60 7.91
CA ASN B 53 25.34 14.77 7.91
C ASN B 53 24.67 16.00 7.30
N TRP B 54 23.63 15.80 6.50
CA TRP B 54 22.93 16.90 5.84
C TRP B 54 21.51 17.18 6.33
N ILE B 55 21.01 16.40 7.29
CA ILE B 55 19.65 16.62 7.76
C ILE B 55 19.42 18.05 8.25
N THR B 56 20.35 18.57 9.07
CA THR B 56 20.16 19.88 9.68
C THR B 56 20.38 21.02 8.68
N ARG B 57 20.95 20.70 7.52
CA ARG B 57 21.29 21.71 6.52
C ARG B 57 20.49 21.65 5.23
N ALA B 58 19.61 20.66 5.09
CA ALA B 58 18.84 20.48 3.87
C ALA B 58 18.10 21.76 3.46
N PRO B 59 18.07 22.06 2.14
CA PRO B 59 17.60 23.36 1.63
C PRO B 59 16.12 23.68 1.81
N THR B 60 15.25 22.68 1.82
CA THR B 60 13.82 22.94 2.02
C THR B 60 13.21 21.96 3.02
N LEU B 61 12.10 22.33 3.65
CA LEU B 61 11.43 21.42 4.57
C LEU B 61 10.93 20.16 3.85
N ARG B 62 10.48 20.28 2.60
CA ARG B 62 10.13 19.09 1.81
C ARG B 62 11.31 18.11 1.75
N ARG B 63 12.49 18.59 1.34
CA ARG B 63 13.66 17.73 1.14
C ARG B 63 14.17 17.17 2.45
N LYS B 64 14.17 18.01 3.48
CA LYS B 64 14.54 17.61 4.83
C LYS B 64 13.66 16.45 5.31
N ALA B 65 12.34 16.57 5.12
CA ALA B 65 11.41 15.54 5.53
C ALA B 65 11.64 14.23 4.79
N ILE B 66 11.94 14.32 3.49
CA ILE B 66 12.26 13.14 2.69
C ILE B 66 13.53 12.48 3.20
N LEU B 67 14.55 13.28 3.55
CA LEU B 67 15.82 12.77 4.04
C LEU B 67 15.70 12.06 5.39
N LEU B 68 14.92 12.63 6.32
CA LEU B 68 14.60 11.98 7.58
C LEU B 68 13.85 10.68 7.37
N ALA B 69 12.89 10.68 6.45
CA ALA B 69 12.12 9.45 6.21
C ALA B 69 13.06 8.35 5.72
N LYS B 70 13.99 8.70 4.84
CA LYS B 70 14.93 7.74 4.30
C LYS B 70 15.88 7.17 5.38
N VAL B 71 16.35 8.04 6.24
CA VAL B 71 17.24 7.64 7.31
C VAL B 71 16.54 6.72 8.32
N GLN B 72 15.29 7.04 8.63
CA GLN B 72 14.42 6.21 9.46
C GLN B 72 14.27 4.82 8.87
N ASP B 73 14.06 4.75 7.55
CA ASP B 73 13.92 3.48 6.86
C ASP B 73 15.19 2.63 6.89
N GLU B 74 16.34 3.29 6.82
CA GLU B 74 17.63 2.60 6.84
C GLU B 74 17.85 1.91 8.18
N ALA B 75 17.50 2.60 9.26
CA ALA B 75 17.56 2.02 10.61
C ALA B 75 16.64 0.81 10.68
N GLY B 76 15.47 0.93 10.07
CA GLY B 76 14.46 -0.13 10.08
C GLY B 76 14.98 -1.35 9.35
N HIS B 77 15.58 -1.10 8.18
CA HIS B 77 16.12 -2.16 7.33
C HIS B 77 17.33 -2.81 7.96
N GLY B 78 18.09 -2.03 8.71
CA GLY B 78 19.20 -2.55 9.51
C GLY B 78 18.69 -3.58 10.51
N LEU B 79 17.60 -3.24 11.19
CA LEU B 79 16.94 -4.13 12.14
C LEU B 79 16.38 -5.42 11.53
N TYR B 80 15.74 -5.34 10.36
CA TYR B 80 15.26 -6.55 9.67
C TYR B 80 16.41 -7.48 9.35
N LEU B 81 17.53 -6.92 8.87
CA LEU B 81 18.68 -7.71 8.47
C LEU B 81 19.43 -8.34 9.64
N TYR B 82 19.49 -7.64 10.77
CA TYR B 82 20.04 -8.23 11.98
C TYR B 82 19.16 -9.40 12.49
N SER B 83 17.84 -9.21 12.44
CA SER B 83 16.90 -10.29 12.74
C SER B 83 17.18 -11.49 11.87
N ALA B 84 17.28 -11.25 10.57
CA ALA B 84 17.54 -12.29 9.60
C ALA B 84 18.90 -12.96 9.82
N ALA B 85 19.88 -12.21 10.28
CA ALA B 85 21.20 -12.78 10.54
C ALA B 85 21.15 -13.75 11.73
N GLU B 86 20.39 -13.37 12.75
CA GLU B 86 20.27 -14.14 13.99
C GLU B 86 19.57 -15.50 13.83
N THR B 87 18.71 -15.62 12.81
CA THR B 87 18.07 -16.90 12.49
C THR B 87 19.11 -17.95 12.07
N LEU B 88 20.36 -17.53 11.93
CA LEU B 88 21.44 -18.44 11.58
C LEU B 88 22.35 -18.78 12.76
N GLY B 89 22.04 -18.24 13.93
CA GLY B 89 22.74 -18.59 15.17
C GLY B 89 23.68 -17.56 15.76
N CYS B 90 24.03 -16.54 14.98
CA CYS B 90 24.88 -15.46 15.47
C CYS B 90 24.09 -14.49 16.34
N ALA B 91 24.81 -13.68 17.13
CA ALA B 91 24.17 -12.64 17.95
C ALA B 91 24.50 -11.26 17.38
N ARG B 92 23.51 -10.37 17.36
CA ARG B 92 23.68 -9.07 16.71
C ARG B 92 24.75 -8.17 17.35
N GLU B 93 24.86 -8.18 18.68
CA GLU B 93 25.88 -7.36 19.36
C GLU B 93 27.28 -7.90 19.13
N ASP B 94 27.34 -9.18 18.76
CA ASP B 94 28.61 -9.85 18.51
C ASP B 94 29.17 -9.42 17.16
N ILE B 95 28.37 -9.54 16.11
CA ILE B 95 28.80 -9.11 14.76
C ILE B 95 28.95 -7.59 14.67
N TYR B 96 28.13 -6.87 15.45
CA TYR B 96 28.22 -5.42 15.55
C TYR B 96 29.61 -5.01 16.05
N GLN B 97 30.08 -5.70 17.07
CA GLN B 97 31.39 -5.46 17.65
C GLN B 97 32.50 -5.75 16.65
N LYS B 98 32.29 -6.76 15.81
CA LYS B 98 33.23 -7.08 14.75
C LYS B 98 33.28 -5.97 13.70
N MET B 99 32.14 -5.32 13.49
CA MET B 99 32.08 -4.16 12.61
C MET B 99 32.86 -3.00 13.20
N LEU B 100 32.71 -2.78 14.51
CA LEU B 100 33.45 -1.73 15.21
C LEU B 100 34.96 -2.00 15.26
N ASP B 101 35.34 -3.28 15.28
CA ASP B 101 36.74 -3.72 15.32
C ASP B 101 37.42 -3.67 13.97
N GLY B 102 36.63 -3.74 12.91
CA GLY B 102 37.16 -3.80 11.56
C GLY B 102 37.21 -5.24 11.06
N ARG B 103 36.81 -6.17 11.92
CA ARG B 103 36.75 -7.59 11.59
C ARG B 103 35.66 -7.91 10.59
N MET B 104 34.60 -7.11 10.59
CA MET B 104 33.61 -7.15 9.53
C MET B 104 33.53 -5.80 8.84
N LYS B 105 33.16 -5.85 7.57
CA LYS B 105 33.12 -4.67 6.71
C LYS B 105 31.70 -4.19 6.40
N TYR B 106 31.60 -3.08 5.68
CA TYR B 106 30.34 -2.53 5.24
C TYR B 106 30.59 -1.96 3.85
N SER B 107 29.52 -1.64 3.12
CA SER B 107 29.64 -1.12 1.75
C SER B 107 30.66 0.04 1.68
N SER B 108 31.61 -0.09 0.76
CA SER B 108 32.69 0.88 0.60
C SER B 108 32.22 2.31 0.32
N ILE B 109 31.05 2.46 -0.30
CA ILE B 109 30.54 3.76 -0.70
C ILE B 109 30.38 4.73 0.45
N PHE B 110 30.12 4.22 1.65
CA PHE B 110 29.88 5.08 2.80
C PHE B 110 31.16 5.68 3.43
N ASN B 111 32.29 5.41 2.80
CA ASN B 111 33.55 5.99 3.23
C ASN B 111 33.88 7.29 2.50
N TYR B 112 32.92 7.76 1.71
CA TYR B 112 33.09 8.99 0.98
C TYR B 112 32.31 10.12 1.67
N PRO B 113 32.86 11.35 1.63
CA PRO B 113 32.21 12.44 2.35
C PRO B 113 31.10 13.12 1.54
N THR B 114 30.14 13.68 2.25
CA THR B 114 29.10 14.47 1.62
C THR B 114 29.47 15.94 1.76
N LEU B 115 29.97 16.51 0.67
CA LEU B 115 30.58 17.84 0.67
C LEU B 115 29.62 18.91 0.18
N SER B 116 28.46 18.51 -0.29
CA SER B 116 27.46 19.48 -0.77
C SER B 116 26.09 18.84 -0.73
N TRP B 117 25.05 19.66 -0.85
CA TRP B 117 23.70 19.13 -0.90
C TRP B 117 23.47 18.20 -2.08
N ALA B 118 24.15 18.44 -3.19
CA ALA B 118 24.01 17.59 -4.36
C ALA B 118 24.44 16.15 -4.06
N ASP B 119 25.46 15.99 -3.22
CA ASP B 119 25.94 14.67 -2.82
C ASP B 119 24.80 13.81 -2.27
N ILE B 120 23.87 14.43 -1.56
CA ILE B 120 22.73 13.73 -0.99
C ILE B 120 21.79 13.27 -2.10
N GLY B 121 21.44 14.17 -3.00
CA GLY B 121 20.70 13.81 -4.21
C GLY B 121 21.36 12.66 -4.98
N VAL B 122 22.67 12.75 -5.18
CA VAL B 122 23.42 11.77 -5.95
C VAL B 122 23.52 10.43 -5.23
N ILE B 123 23.68 10.47 -3.90
CA ILE B 123 23.65 9.23 -3.12
C ILE B 123 22.29 8.60 -3.28
N GLY B 124 21.24 9.41 -3.12
CA GLY B 124 19.88 8.93 -3.23
C GLY B 124 19.62 8.32 -4.59
N TRP B 125 20.19 8.92 -5.63
CA TRP B 125 19.94 8.49 -6.99
C TRP B 125 20.90 7.39 -7.47
N LEU B 126 22.20 7.69 -7.45
CA LEU B 126 23.23 6.77 -7.92
C LEU B 126 23.52 5.61 -7.00
N VAL B 127 23.86 5.93 -5.76
CA VAL B 127 24.29 4.93 -4.81
C VAL B 127 23.14 3.97 -4.50
N ASP B 128 21.96 4.52 -4.27
CA ASP B 128 20.77 3.69 -4.06
C ASP B 128 20.33 2.98 -5.33
N GLY B 129 20.59 3.58 -6.48
CA GLY B 129 20.37 2.93 -7.77
C GLY B 129 21.17 1.65 -7.85
N ALA B 130 22.41 1.72 -7.40
CA ALA B 130 23.32 0.55 -7.39
C ALA B 130 22.89 -0.50 -6.37
N ALA B 131 22.45 -0.05 -5.20
CA ALA B 131 21.96 -0.95 -4.16
C ALA B 131 20.69 -1.69 -4.59
N ILE B 132 19.76 -1.00 -5.26
CA ILE B 132 18.54 -1.60 -5.76
C ILE B 132 18.83 -2.71 -6.77
N VAL B 133 19.77 -2.47 -7.69
CA VAL B 133 20.16 -3.48 -8.65
C VAL B 133 20.67 -4.69 -7.89
N ASN B 134 21.57 -4.46 -6.94
CA ASN B 134 22.14 -5.52 -6.14
C ASN B 134 21.10 -6.30 -5.33
N GLN B 135 20.13 -5.58 -4.76
CA GLN B 135 19.10 -6.18 -3.93
C GLN B 135 18.00 -6.92 -4.70
N VAL B 136 17.51 -6.33 -5.79
CA VAL B 136 16.58 -7.05 -6.67
C VAL B 136 17.20 -8.39 -7.09
N ALA B 137 18.50 -8.37 -7.35
CA ALA B 137 19.25 -9.57 -7.72
C ALA B 137 19.31 -10.60 -6.61
N LEU B 138 19.23 -10.15 -5.37
CA LEU B 138 19.28 -11.06 -4.23
C LEU B 138 17.89 -11.51 -3.77
N CYS B 139 16.85 -11.09 -4.48
CA CYS B 139 15.49 -11.51 -4.16
C CYS B 139 15.20 -13.00 -4.38
N ARG B 140 16.03 -13.66 -5.19
CA ARG B 140 15.94 -15.10 -5.40
C ARG B 140 17.15 -15.84 -4.81
N THR B 141 17.71 -15.25 -3.75
CA THR B 141 18.76 -15.90 -2.97
C THR B 141 18.17 -17.15 -2.27
N SER B 142 19.00 -18.16 -2.07
CA SER B 142 18.53 -19.46 -1.59
C SER B 142 18.01 -19.47 -0.15
N TYR B 143 18.51 -18.59 0.70
CA TYR B 143 18.09 -18.57 2.10
C TYR B 143 16.83 -17.74 2.30
N GLY B 144 15.73 -18.43 2.60
CA GLY B 144 14.40 -17.83 2.69
C GLY B 144 14.25 -16.54 3.48
N PRO B 145 14.75 -16.50 4.73
CA PRO B 145 14.60 -15.25 5.48
C PRO B 145 15.32 -14.07 4.82
N TYR B 146 16.41 -14.34 4.10
CA TYR B 146 17.16 -13.28 3.42
C TYR B 146 16.42 -12.76 2.19
N ALA B 147 15.95 -13.69 1.35
CA ALA B 147 15.18 -13.35 0.16
C ALA B 147 13.91 -12.55 0.51
N ARG B 148 13.18 -12.99 1.54
CA ARG B 148 11.94 -12.31 1.94
C ARG B 148 12.25 -10.91 2.41
N ALA B 149 13.35 -10.76 3.15
CA ALA B 149 13.81 -9.44 3.59
C ALA B 149 14.12 -8.55 2.38
N MET B 150 14.78 -9.13 1.38
CA MET B 150 15.13 -8.39 0.17
C MET B 150 13.90 -7.88 -0.56
N VAL B 151 12.87 -8.72 -0.67
CA VAL B 151 11.60 -8.27 -1.24
C VAL B 151 11.05 -7.08 -0.45
N LYS B 152 10.93 -7.23 0.87
CA LYS B 152 10.37 -6.18 1.74
C LYS B 152 11.14 -4.87 1.57
N ILE B 153 12.47 -4.97 1.59
CA ILE B 153 13.34 -3.80 1.52
C ILE B 153 13.25 -3.11 0.16
N CYS B 154 13.24 -3.90 -0.93
CA CYS B 154 13.19 -3.35 -2.28
C CYS B 154 11.93 -2.53 -2.57
N LYS B 155 10.78 -2.98 -2.09
CA LYS B 155 9.53 -2.24 -2.29
C LYS B 155 9.67 -0.82 -1.75
N GLU B 156 10.20 -0.71 -0.54
CA GLU B 156 10.36 0.59 0.12
C GLU B 156 11.52 1.41 -0.43
N GLU B 157 12.68 0.80 -0.61
CA GLU B 157 13.89 1.53 -1.00
C GLU B 157 13.84 2.20 -2.38
N SER B 158 13.20 1.55 -3.34
CA SER B 158 13.10 2.10 -4.70
C SER B 158 12.33 3.42 -4.73
N PHE B 159 11.36 3.55 -3.83
CA PHE B 159 10.61 4.79 -3.65
C PHE B 159 11.54 5.96 -3.28
N HIS B 160 12.42 5.72 -2.32
CA HIS B 160 13.38 6.73 -1.88
C HIS B 160 14.39 7.08 -2.96
N GLN B 161 14.78 6.08 -3.74
CA GLN B 161 15.69 6.28 -4.85
C GLN B 161 15.08 7.20 -5.91
N ARG B 162 13.76 7.15 -6.06
CA ARG B 162 13.06 8.03 -6.99
C ARG B 162 13.09 9.47 -6.49
N GLN B 163 12.97 9.63 -5.17
CA GLN B 163 13.04 10.96 -4.55
C GLN B 163 14.42 11.56 -4.76
N GLY B 164 15.45 10.72 -4.60
CA GLY B 164 16.82 11.09 -4.87
C GLY B 164 16.94 11.68 -6.27
N PHE B 165 16.42 10.95 -7.25
CA PHE B 165 16.47 11.41 -8.62
C PHE B 165 15.71 12.71 -8.84
N GLU B 166 14.55 12.85 -8.21
CA GLU B 166 13.79 14.10 -8.33
C GLU B 166 14.54 15.30 -7.76
N ALA B 167 15.31 15.09 -6.69
CA ALA B 167 16.14 16.14 -6.09
C ALA B 167 17.25 16.57 -7.04
N CYS B 168 17.79 15.59 -7.78
CA CYS B 168 18.79 15.83 -8.79
C CYS B 168 18.21 16.55 -9.99
N MET B 169 16.99 16.17 -10.38
CA MET B 169 16.27 16.83 -11.46
C MET B 169 16.00 18.30 -11.13
N ALA B 170 15.75 18.60 -9.86
CA ALA B 170 15.53 19.98 -9.44
C ALA B 170 16.79 20.82 -9.63
N LEU B 171 17.95 20.22 -9.36
CA LEU B 171 19.23 20.88 -9.57
C LEU B 171 19.53 21.02 -11.07
N ALA B 172 19.19 20.00 -11.84
CA ALA B 172 19.49 19.96 -13.27
C ALA B 172 18.68 20.98 -14.07
N GLN B 173 17.51 21.31 -13.54
CA GLN B 173 16.61 22.26 -14.14
C GLN B 173 16.70 23.64 -13.49
N GLY B 174 17.66 23.84 -12.60
CA GLY B 174 17.72 25.07 -11.82
C GLY B 174 18.73 26.07 -12.31
N SER B 175 19.22 26.87 -11.37
CA SER B 175 20.23 27.88 -11.66
C SER B 175 21.52 27.23 -12.11
N GLU B 176 22.41 28.04 -12.66
CA GLU B 176 23.68 27.55 -13.14
C GLU B 176 24.52 26.98 -12.00
N ALA B 177 24.47 27.61 -10.83
CA ALA B 177 25.22 27.13 -9.66
C ALA B 177 24.72 25.76 -9.20
N GLN B 178 23.40 25.57 -9.23
CA GLN B 178 22.79 24.28 -8.93
C GLN B 178 23.21 23.18 -9.92
N LYS B 179 23.32 23.54 -11.20
CA LYS B 179 23.78 22.59 -12.20
C LYS B 179 25.22 22.17 -11.97
N GLN B 180 26.07 23.11 -11.58
CA GLN B 180 27.48 22.82 -11.35
C GLN B 180 27.65 21.95 -10.09
N MET B 181 26.84 22.26 -9.08
CA MET B 181 26.80 21.49 -7.85
C MET B 181 26.51 20.03 -8.16
N LEU B 182 25.52 19.78 -9.02
CA LEU B 182 25.19 18.44 -9.45
C LEU B 182 26.31 17.75 -10.18
N GLN B 183 26.89 18.42 -11.17
CA GLN B 183 27.96 17.84 -11.96
C GLN B 183 29.12 17.43 -11.07
N ASP B 184 29.45 18.29 -10.11
CA ASP B 184 30.56 18.03 -9.21
C ASP B 184 30.31 16.77 -8.36
N ALA B 185 29.09 16.64 -7.86
CA ALA B 185 28.70 15.49 -7.04
C ALA B 185 28.80 14.19 -7.84
N ILE B 186 28.30 14.23 -9.09
CA ILE B 186 28.45 13.10 -10.00
C ILE B 186 29.92 12.77 -10.22
N ASN B 187 30.76 13.78 -10.39
CA ASN B 187 32.16 13.54 -10.67
C ASN B 187 32.85 12.80 -9.55
N ARG B 188 32.43 13.09 -8.32
CA ARG B 188 33.02 12.47 -7.15
C ARG B 188 32.41 11.11 -6.76
N PHE B 189 31.22 10.82 -7.25
CA PHE B 189 30.51 9.62 -6.80
C PHE B 189 30.33 8.52 -7.84
N TRP B 190 30.57 8.85 -9.11
CA TRP B 190 30.38 7.89 -10.20
C TRP B 190 31.20 6.60 -10.04
N TRP B 191 32.52 6.74 -9.92
CA TRP B 191 33.40 5.58 -9.81
C TRP B 191 33.21 4.84 -8.49
N PRO B 192 33.14 5.56 -7.35
CA PRO B 192 32.85 4.83 -6.13
C PRO B 192 31.54 4.04 -6.19
N ALA B 193 30.54 4.56 -6.90
CA ALA B 193 29.31 3.83 -7.13
C ALA B 193 29.55 2.53 -7.91
N LEU B 194 30.37 2.59 -8.96
CA LEU B 194 30.68 1.40 -9.74
C LEU B 194 31.43 0.35 -8.93
N MET B 195 32.20 0.79 -7.94
CA MET B 195 32.98 -0.14 -7.14
C MET B 195 32.11 -0.91 -6.14
N MET B 196 30.91 -0.39 -5.87
CA MET B 196 30.00 -1.02 -4.90
C MET B 196 29.73 -2.47 -5.23
N PHE B 197 29.72 -2.80 -6.52
CA PHE B 197 29.41 -4.14 -6.97
C PHE B 197 30.52 -5.16 -6.68
N GLY B 198 31.71 -4.66 -6.34
CA GLY B 198 32.84 -5.52 -6.02
C GLY B 198 33.74 -5.78 -7.21
N PRO B 199 34.90 -6.43 -6.96
CA PRO B 199 35.91 -6.77 -7.98
C PRO B 199 35.42 -7.76 -9.03
N ASN B 200 36.21 -7.95 -10.08
CA ASN B 200 35.82 -8.72 -11.28
C ASN B 200 35.53 -10.21 -11.08
N SER B 207 32.99 -16.77 -4.90
CA SER B 207 32.03 -16.76 -6.01
C SER B 207 31.71 -18.16 -6.51
N ALA B 208 32.73 -19.03 -6.49
CA ALA B 208 32.54 -20.43 -6.85
C ALA B 208 31.37 -21.01 -6.05
N ARG B 209 31.54 -21.03 -4.73
CA ARG B 209 30.55 -21.62 -3.82
C ARG B 209 29.25 -20.83 -3.77
N SER B 210 29.35 -19.50 -3.77
CA SER B 210 28.18 -18.61 -3.66
C SER B 210 27.19 -18.74 -4.81
N LEU B 211 27.71 -18.81 -6.04
CA LEU B 211 26.87 -18.98 -7.21
C LEU B 211 26.25 -20.38 -7.25
N THR B 212 27.07 -21.40 -6.97
CA THR B 212 26.61 -22.79 -6.88
C THR B 212 25.52 -22.92 -5.81
N TRP B 213 25.74 -22.31 -4.65
CA TRP B 213 24.75 -22.30 -3.58
C TRP B 213 23.56 -21.37 -3.81
N LYS B 214 23.64 -20.54 -4.85
CA LYS B 214 22.60 -19.56 -5.20
C LYS B 214 22.36 -18.53 -4.08
N ILE B 215 23.44 -18.18 -3.39
CA ILE B 215 23.45 -17.04 -2.48
C ILE B 215 23.52 -15.78 -3.34
N LYS B 216 24.53 -15.75 -4.21
CA LYS B 216 24.63 -14.77 -5.26
C LYS B 216 24.03 -15.41 -6.52
N ARG B 217 23.29 -14.65 -7.32
CA ARG B 217 22.71 -15.19 -8.56
C ARG B 217 23.35 -14.63 -9.81
N PHE B 218 23.96 -13.46 -9.69
CA PHE B 218 24.64 -12.80 -10.81
C PHE B 218 26.05 -12.46 -10.41
N THR B 219 26.97 -12.42 -11.37
CA THR B 219 28.34 -11.97 -11.11
C THR B 219 28.39 -10.45 -10.89
N ASN B 220 29.42 -10.00 -10.18
CA ASN B 220 29.67 -8.56 -10.00
C ASN B 220 29.69 -7.79 -11.32
N ASP B 221 30.41 -8.32 -12.31
CA ASP B 221 30.49 -7.66 -13.62
C ASP B 221 29.13 -7.56 -14.30
N GLU B 222 28.34 -8.62 -14.23
CA GLU B 222 27.00 -8.63 -14.79
C GLU B 222 26.13 -7.52 -14.19
N LEU B 223 26.21 -7.36 -12.88
CA LEU B 223 25.36 -6.42 -12.18
C LEU B 223 25.78 -4.98 -12.45
N ARG B 224 27.10 -4.76 -12.45
CA ARG B 224 27.68 -3.47 -12.81
C ARG B 224 27.27 -3.05 -14.21
N GLN B 225 27.40 -3.97 -15.16
CA GLN B 225 26.99 -3.74 -16.55
C GLN B 225 25.55 -3.24 -16.64
N ARG B 226 24.66 -3.79 -15.88
CA ARG B 226 23.29 -3.47 -15.99
C ARG B 226 23.02 -2.15 -15.29
N PHE B 227 23.75 -1.86 -14.24
CA PHE B 227 23.69 -0.56 -13.60
C PHE B 227 24.08 0.54 -14.59
N VAL B 228 25.22 0.36 -15.26
CA VAL B 228 25.69 1.33 -16.24
C VAL B 228 24.70 1.49 -17.40
N ASP B 229 24.24 0.36 -17.96
CA ASP B 229 23.26 0.39 -19.05
C ASP B 229 22.00 1.18 -18.69
N ASN B 230 21.58 1.10 -17.43
CA ASN B 230 20.36 1.76 -16.98
C ASN B 230 20.59 3.17 -16.46
N THR B 231 21.81 3.49 -16.08
CA THR B 231 22.12 4.77 -15.43
C THR B 231 22.52 5.86 -16.42
N VAL B 232 23.40 5.53 -17.36
CA VAL B 232 23.81 6.47 -18.42
C VAL B 232 22.64 7.26 -19.06
N PRO B 233 21.53 6.59 -19.45
CA PRO B 233 20.42 7.39 -19.95
C PRO B 233 19.88 8.41 -18.95
N GLN B 234 19.88 8.07 -17.66
CA GLN B 234 19.39 8.97 -16.62
C GLN B 234 20.32 10.17 -16.49
N VAL B 235 21.63 9.92 -16.61
CA VAL B 235 22.63 10.99 -16.60
C VAL B 235 22.41 11.96 -17.75
N GLU B 236 22.09 11.42 -18.92
CA GLU B 236 21.74 12.22 -20.08
C GLU B 236 20.46 13.03 -19.91
N MET B 237 19.45 12.46 -19.24
CA MET B 237 18.20 13.17 -18.99
C MET B 237 18.42 14.46 -18.20
N LEU B 238 19.48 14.46 -17.38
CA LEU B 238 19.78 15.57 -16.47
C LEU B 238 20.70 16.59 -17.12
N GLY B 239 21.12 16.32 -18.35
CA GLY B 239 22.04 17.21 -19.06
C GLY B 239 23.41 17.23 -18.43
N MET B 240 23.83 16.09 -17.92
CA MET B 240 25.10 15.98 -17.21
C MET B 240 26.03 15.03 -17.95
N THR B 241 27.30 15.01 -17.54
CA THR B 241 28.28 14.11 -18.11
C THR B 241 28.76 13.13 -17.06
N VAL B 242 29.30 12.01 -17.54
CA VAL B 242 29.92 10.98 -16.73
C VAL B 242 31.44 11.18 -16.84
N PRO B 243 32.15 11.23 -15.68
CA PRO B 243 33.60 11.46 -15.73
C PRO B 243 34.38 10.23 -16.20
N ASP B 244 34.10 9.77 -17.41
CA ASP B 244 34.79 8.63 -17.99
C ASP B 244 35.04 8.84 -19.48
N PRO B 245 36.28 9.19 -19.85
CA PRO B 245 36.64 9.37 -21.26
C PRO B 245 36.42 8.14 -22.14
N ASP B 246 36.52 6.94 -21.55
CA ASP B 246 36.42 5.69 -22.30
C ASP B 246 35.03 5.10 -22.34
N LEU B 247 34.04 5.87 -21.91
CA LEU B 247 32.67 5.41 -21.92
C LEU B 247 32.12 5.56 -23.33
N HIS B 248 31.75 4.43 -23.92
CA HIS B 248 31.19 4.42 -25.26
C HIS B 248 30.22 3.26 -25.42
N PHE B 249 29.23 3.46 -26.29
CA PHE B 249 28.39 2.35 -26.69
C PHE B 249 29.12 1.48 -27.68
N ASP B 250 28.92 0.18 -27.54
CA ASP B 250 29.56 -0.83 -28.37
C ASP B 250 28.44 -1.59 -29.07
N THR B 251 28.23 -1.31 -30.34
CA THR B 251 27.08 -1.88 -31.05
C THR B 251 27.21 -3.40 -31.28
N GLU B 252 28.44 -3.90 -31.19
CA GLU B 252 28.69 -5.34 -31.24
C GLU B 252 28.00 -6.06 -30.07
N SER B 253 28.34 -5.69 -28.83
CA SER B 253 27.76 -6.34 -27.66
C SER B 253 26.38 -5.81 -27.30
N GLY B 254 26.14 -4.54 -27.58
CA GLY B 254 24.89 -3.90 -27.19
C GLY B 254 24.93 -3.39 -25.75
N HIS B 255 26.13 -3.26 -25.20
CA HIS B 255 26.32 -2.68 -23.88
C HIS B 255 27.22 -1.44 -23.97
N TYR B 256 27.16 -0.59 -22.96
CA TYR B 256 28.16 0.45 -22.81
C TYR B 256 29.44 -0.19 -22.30
N ARG B 257 30.56 0.13 -22.94
CA ARG B 257 31.86 -0.22 -22.40
C ARG B 257 32.42 1.02 -21.72
N PHE B 258 33.10 0.81 -20.59
CA PHE B 258 33.54 1.92 -19.75
C PHE B 258 34.95 1.68 -19.28
N GLY B 259 35.56 2.71 -18.70
CA GLY B 259 36.96 2.68 -18.32
C GLY B 259 37.24 1.75 -17.17
N GLU B 260 38.52 1.44 -16.97
CA GLU B 260 38.95 0.67 -15.82
C GLU B 260 38.63 1.35 -14.48
N ILE B 261 38.21 0.52 -13.55
CA ILE B 261 38.02 0.91 -12.17
C ILE B 261 39.40 0.91 -11.53
N ASP B 262 39.65 1.92 -10.69
CA ASP B 262 40.92 1.99 -9.98
C ASP B 262 40.86 1.10 -8.74
N TRP B 263 41.36 -0.12 -8.90
CA TRP B 263 41.25 -1.16 -7.86
C TRP B 263 42.19 -0.96 -6.69
N GLN B 264 43.25 -0.17 -6.91
CA GLN B 264 44.13 0.23 -5.84
C GLN B 264 43.31 1.06 -4.84
N GLU B 265 42.48 1.97 -5.36
CA GLU B 265 41.60 2.78 -4.52
C GLU B 265 40.61 1.90 -3.76
N PHE B 266 39.94 0.99 -4.48
CA PHE B 266 38.96 0.10 -3.84
C PHE B 266 39.59 -0.68 -2.69
N ASN B 267 40.81 -1.16 -2.91
CA ASN B 267 41.54 -1.93 -1.90
C ASN B 267 41.93 -1.10 -0.67
N GLU B 268 42.36 0.14 -0.88
CA GLU B 268 42.59 1.05 0.23
C GLU B 268 41.30 1.32 1.03
N VAL B 269 40.20 1.53 0.33
CA VAL B 269 38.94 1.90 0.96
C VAL B 269 38.41 0.79 1.89
N ILE B 270 38.33 -0.44 1.38
CA ILE B 270 37.83 -1.56 2.20
C ILE B 270 38.80 -1.99 3.30
N ASN B 271 40.05 -1.55 3.22
CA ASN B 271 41.03 -1.84 4.25
C ASN B 271 41.21 -0.69 5.24
N GLY B 272 40.22 0.20 5.28
CA GLY B 272 40.17 1.29 6.26
C GLY B 272 40.96 2.53 5.92
N ARG B 273 41.45 2.63 4.70
CA ARG B 273 42.31 3.77 4.32
C ARG B 273 41.67 4.67 3.27
N GLY B 274 40.33 4.72 3.27
CA GLY B 274 39.58 5.66 2.45
C GLY B 274 39.42 7.01 3.13
N ILE B 275 38.58 7.87 2.54
CA ILE B 275 38.45 9.24 3.01
C ILE B 275 37.81 9.37 4.40
N CYS B 276 36.75 8.61 4.66
CA CYS B 276 36.01 8.73 5.92
C CYS B 276 35.98 7.47 6.79
N ASN B 277 36.75 6.45 6.46
CA ASN B 277 36.74 5.21 7.25
C ASN B 277 36.89 5.47 8.77
N GLN B 278 37.92 6.19 9.15
CA GLN B 278 38.17 6.49 10.55
C GLN B 278 36.99 7.21 11.21
N GLU B 279 36.44 8.20 10.51
CA GLU B 279 35.37 9.03 11.05
C GLU B 279 34.08 8.26 11.23
N ARG B 280 33.86 7.27 10.37
CA ARG B 280 32.63 6.47 10.41
C ARG B 280 32.63 5.50 11.59
N LEU B 281 33.73 4.75 11.73
CA LEU B 281 33.89 3.86 12.86
C LEU B 281 34.06 4.59 14.18
N ASP B 282 34.73 5.75 14.18
CA ASP B 282 34.84 6.56 15.39
C ASP B 282 33.44 7.00 15.85
N ALA B 283 32.59 7.37 14.90
CA ALA B 283 31.26 7.85 15.23
C ALA B 283 30.41 6.73 15.82
N LYS B 284 30.46 5.54 15.23
CA LYS B 284 29.70 4.40 15.74
C LYS B 284 30.22 3.92 17.10
N ARG B 285 31.55 3.86 17.24
CA ARG B 285 32.21 3.51 18.50
C ARG B 285 31.84 4.46 19.63
N LYS B 286 32.00 5.76 19.38
CA LYS B 286 31.65 6.80 20.34
C LYS B 286 30.17 6.71 20.70
N ALA B 287 29.32 6.44 19.72
CA ALA B 287 27.88 6.30 19.96
C ALA B 287 27.64 5.11 20.89
N TRP B 288 28.35 4.01 20.63
CA TRP B 288 28.21 2.78 21.39
C TRP B 288 28.74 2.92 22.82
N GLU B 289 29.99 3.38 22.94
CA GLU B 289 30.64 3.59 24.23
C GLU B 289 29.85 4.55 25.13
N GLU B 290 29.58 5.75 24.62
CA GLU B 290 28.86 6.77 25.37
C GLU B 290 27.41 6.39 25.62
N GLY B 291 26.94 5.34 24.95
CA GLY B 291 25.57 4.88 25.15
C GLY B 291 25.42 3.77 26.18
N THR B 292 26.54 3.30 26.71
CA THR B 292 26.56 2.16 27.63
C THR B 292 25.69 2.37 28.86
N TRP B 293 25.88 3.51 29.52
CA TRP B 293 25.05 3.83 30.67
C TRP B 293 23.53 3.80 30.38
N VAL B 294 23.15 4.09 29.14
CA VAL B 294 21.76 4.07 28.72
C VAL B 294 21.24 2.64 28.57
N ARG B 295 22.05 1.77 27.96
CA ARG B 295 21.66 0.37 27.74
C ARG B 295 21.59 -0.39 29.07
N GLU B 296 22.57 -0.13 29.94
CA GLU B 296 22.57 -0.65 31.30
C GLU B 296 21.34 -0.20 32.10
N ALA B 297 20.98 1.06 31.98
CA ALA B 297 19.80 1.60 32.65
C ALA B 297 18.54 0.85 32.24
N ALA B 298 18.40 0.59 30.94
CA ALA B 298 17.23 -0.09 30.42
C ALA B 298 17.15 -1.53 30.93
N LEU B 299 18.33 -2.15 31.06
CA LEU B 299 18.49 -3.51 31.56
C LEU B 299 18.04 -3.57 33.03
N ALA B 300 18.66 -2.72 33.86
CA ALA B 300 18.36 -2.62 35.29
C ALA B 300 16.89 -2.34 35.59
N HIS B 301 16.28 -1.47 34.80
CA HIS B 301 14.88 -1.10 34.99
C HIS B 301 13.94 -2.27 34.66
N ALA B 302 14.31 -3.09 33.68
CA ALA B 302 13.52 -4.26 33.31
C ALA B 302 13.54 -5.31 34.42
N GLN B 303 14.70 -5.46 35.06
CA GLN B 303 14.89 -6.42 36.15
C GLN B 303 14.14 -6.04 37.42
N LYS B 304 13.63 -4.82 37.46
CA LYS B 304 12.70 -4.40 38.51
C LYS B 304 11.27 -4.50 37.95
N SER C 12 50.33 33.38 -13.83
CA SER C 12 50.12 34.01 -12.49
C SER C 12 49.07 33.24 -11.67
N ASN C 13 48.38 32.30 -12.32
CA ASN C 13 47.34 31.48 -11.70
C ASN C 13 47.82 30.56 -10.58
N GLN C 14 48.93 29.86 -10.82
CA GLN C 14 49.51 28.94 -9.85
C GLN C 14 49.97 29.67 -8.59
N LEU C 15 50.51 30.87 -8.79
CA LEU C 15 50.95 31.70 -7.67
C LEU C 15 49.77 32.11 -6.79
N THR C 16 48.65 32.48 -7.42
CA THR C 16 47.42 32.82 -6.71
C THR C 16 46.93 31.65 -5.86
N ALA C 17 46.83 30.47 -6.46
CA ALA C 17 46.41 29.28 -5.73
C ALA C 17 47.34 28.93 -4.57
N TYR C 18 48.64 29.14 -4.76
CA TYR C 18 49.62 28.84 -3.72
C TYR C 18 49.48 29.78 -2.50
N THR C 19 49.23 31.05 -2.77
CA THR C 19 49.09 32.06 -1.74
C THR C 19 47.79 31.86 -1.00
N LEU C 20 46.76 31.50 -1.76
CA LEU C 20 45.43 31.25 -1.23
C LEU C 20 45.46 30.08 -0.25
N ARG C 21 46.18 29.03 -0.58
CA ARG C 21 46.30 27.86 0.30
C ARG C 21 46.86 28.21 1.65
N LEU C 22 47.95 28.99 1.64
CA LEU C 22 48.61 29.41 2.86
C LEU C 22 47.65 30.27 3.68
N GLY C 23 46.92 31.15 3.00
CA GLY C 23 45.89 31.96 3.63
C GLY C 23 44.80 31.11 4.25
N ASP C 24 44.32 30.12 3.50
CA ASP C 24 43.26 29.22 3.96
C ASP C 24 43.65 28.40 5.19
N ASN C 25 44.89 27.90 5.21
CA ASN C 25 45.40 27.18 6.39
C ASN C 25 45.29 28.05 7.62
N CYS C 26 45.77 29.28 7.51
CA CYS C 26 45.79 30.19 8.64
C CYS C 26 44.39 30.64 9.04
N LEU C 27 43.53 30.87 8.04
CA LEU C 27 42.17 31.29 8.30
C LEU C 27 41.38 30.23 9.05
N VAL C 28 41.40 29.00 8.54
CA VAL C 28 40.62 27.93 9.14
C VAL C 28 41.12 27.57 10.56
N LEU C 29 42.42 27.59 10.77
CA LEU C 29 42.96 27.28 12.09
C LEU C 29 42.58 28.33 13.11
N SER C 30 42.68 29.58 12.69
CA SER C 30 42.14 30.74 13.40
C SER C 30 40.69 30.58 13.89
N GLN C 31 39.80 30.10 13.01
CA GLN C 31 38.41 29.84 13.37
C GLN C 31 38.33 28.86 14.51
N ARG C 32 39.08 27.75 14.39
CA ARG C 32 39.10 26.74 15.43
C ARG C 32 39.53 27.31 16.76
N LEU C 33 40.61 28.07 16.76
CA LEU C 33 41.12 28.67 17.99
C LEU C 33 40.15 29.66 18.60
N GLY C 34 39.37 30.31 17.75
CA GLY C 34 38.31 31.23 18.20
C GLY C 34 37.25 30.55 19.07
N GLU C 35 36.97 29.28 18.83
CA GLU C 35 35.95 28.56 19.61
C GLU C 35 36.37 28.35 21.06
N TRP C 36 37.67 28.49 21.34
CA TRP C 36 38.24 28.24 22.67
C TRP C 36 38.09 29.41 23.61
N CYS C 37 37.59 30.53 23.09
CA CYS C 37 37.59 31.78 23.83
C CYS C 37 36.71 31.72 25.07
N GLY C 38 37.32 31.87 26.24
CA GLY C 38 36.61 31.78 27.52
C GLY C 38 36.38 30.38 28.04
N HIS C 39 36.91 29.37 27.34
CA HIS C 39 36.71 27.96 27.68
C HIS C 39 38.01 27.20 27.97
N ALA C 40 39.13 27.90 28.14
CA ALA C 40 40.41 27.24 28.40
C ALA C 40 40.55 26.79 29.86
N PRO C 41 41.46 25.82 30.15
CA PRO C 41 41.71 25.36 31.53
C PRO C 41 42.25 26.44 32.46
N GLU C 42 42.94 27.44 31.91
CA GLU C 42 43.49 28.56 32.68
C GLU C 42 43.34 29.85 31.90
N LEU C 43 43.30 30.96 32.63
CA LEU C 43 43.29 32.27 32.02
C LEU C 43 44.53 32.48 31.12
N GLU C 44 45.69 32.05 31.60
CA GLU C 44 46.94 32.20 30.84
C GLU C 44 46.86 31.50 29.50
N ILE C 45 46.21 30.34 29.47
CA ILE C 45 46.01 29.59 28.23
C ILE C 45 44.99 30.28 27.31
N ASP C 46 43.90 30.79 27.88
CA ASP C 46 42.94 31.59 27.11
C ASP C 46 43.65 32.70 26.35
N LEU C 47 44.46 33.46 27.06
CA LEU C 47 45.26 34.54 26.49
C LEU C 47 46.17 34.05 25.36
N ALA C 48 46.88 32.96 25.60
CA ALA C 48 47.78 32.44 24.59
C ALA C 48 47.02 31.99 23.33
N LEU C 49 45.96 31.22 23.51
CA LEU C 49 45.14 30.78 22.38
C LEU C 49 44.54 31.96 21.60
N ALA C 50 44.01 32.95 22.30
CA ALA C 50 43.54 34.16 21.63
C ALA C 50 44.67 34.85 20.84
N ASN C 51 45.87 34.88 21.43
CA ASN C 51 47.01 35.49 20.78
C ASN C 51 47.45 34.76 19.52
N ILE C 52 47.50 33.43 19.58
CA ILE C 52 47.91 32.62 18.44
C ILE C 52 46.88 32.73 17.32
N GLY C 53 45.61 32.66 17.69
CA GLY C 53 44.51 32.85 16.75
C GLY C 53 44.64 34.19 16.05
N LEU C 54 45.03 35.21 16.80
CA LEU C 54 45.15 36.56 16.26
C LEU C 54 46.30 36.68 15.27
N ASP C 55 47.45 36.13 15.63
CA ASP C 55 48.59 36.04 14.75
C ASP C 55 48.16 35.40 13.42
N LEU C 56 47.61 34.18 13.52
CA LEU C 56 47.19 33.41 12.36
C LEU C 56 46.19 34.16 11.48
N LEU C 57 45.23 34.81 12.11
CA LEU C 57 44.29 35.63 11.36
C LEU C 57 45.03 36.71 10.58
N GLY C 58 46.04 37.34 11.20
CA GLY C 58 46.90 38.32 10.53
C GLY C 58 47.60 37.76 9.29
N GLN C 59 48.17 36.57 9.42
CA GLN C 59 48.79 35.93 8.26
C GLN C 59 47.76 35.61 7.17
N ALA C 60 46.55 35.20 7.58
CA ALA C 60 45.50 34.90 6.62
C ALA C 60 45.14 36.15 5.85
N ARG C 61 45.01 37.27 6.55
CA ARG C 61 44.70 38.53 5.90
C ARG C 61 45.78 38.95 4.89
N ASN C 62 47.03 38.74 5.25
CA ASN C 62 48.13 39.08 4.35
C ASN C 62 48.13 38.17 3.12
N PHE C 63 48.01 36.86 3.33
CA PHE C 63 47.96 35.92 2.22
C PHE C 63 46.74 36.09 1.34
N LEU C 64 45.59 36.34 1.96
CA LEU C 64 44.34 36.46 1.22
C LEU C 64 44.31 37.76 0.43
N SER C 65 44.83 38.83 1.04
CA SER C 65 44.91 40.12 0.36
C SER C 65 45.82 40.05 -0.86
N TYR C 66 46.94 39.36 -0.71
CA TYR C 66 47.83 39.17 -1.81
C TYR C 66 47.17 38.33 -2.92
N ALA C 67 46.47 37.28 -2.52
CA ALA C 67 45.75 36.42 -3.48
C ALA C 67 44.75 37.21 -4.31
N ALA C 68 44.04 38.14 -3.66
CA ALA C 68 43.06 38.98 -4.34
C ALA C 68 43.73 39.93 -5.32
N GLU C 69 44.86 40.50 -4.88
CA GLU C 69 45.66 41.40 -5.73
C GLU C 69 46.11 40.66 -7.00
N LEU C 70 46.67 39.47 -6.81
CA LEU C 70 47.11 38.63 -7.92
C LEU C 70 45.99 38.28 -8.89
N ALA C 71 44.79 38.01 -8.38
CA ALA C 71 43.68 37.61 -9.24
C ALA C 71 43.05 38.80 -9.94
N GLY C 72 43.30 40.00 -9.43
CA GLY C 72 42.75 41.22 -10.00
C GLY C 72 41.32 41.55 -9.61
N GLU C 73 40.78 40.83 -8.63
CA GLU C 73 39.42 41.06 -8.15
C GLU C 73 39.19 40.55 -6.73
N GLY C 74 38.26 41.19 -6.03
CA GLY C 74 37.92 40.80 -4.67
C GLY C 74 38.88 41.31 -3.62
N ASP C 75 38.70 40.84 -2.39
CA ASP C 75 39.62 41.13 -1.30
C ASP C 75 39.63 39.95 -0.33
N GLU C 76 40.27 40.14 0.82
CA GLU C 76 40.23 39.21 1.93
C GLU C 76 38.80 38.77 2.25
N ASP C 77 37.86 39.70 2.24
CA ASP C 77 36.48 39.39 2.65
C ASP C 77 35.67 38.58 1.63
N THR C 78 35.83 38.86 0.33
CA THR C 78 35.16 38.05 -0.68
C THR C 78 35.74 36.63 -0.72
N LEU C 79 37.04 36.52 -0.48
CA LEU C 79 37.71 35.23 -0.45
C LEU C 79 37.33 34.39 0.79
N ALA C 80 37.15 35.05 1.93
CA ALA C 80 36.80 34.36 3.15
C ALA C 80 35.33 33.97 3.18
N PHE C 81 34.46 34.86 2.72
CA PHE C 81 33.04 34.75 3.01
C PHE C 81 32.16 34.33 1.84
N THR C 82 32.71 34.30 0.62
CA THR C 82 31.87 34.00 -0.55
C THR C 82 32.27 32.76 -1.34
N ARG C 83 33.37 32.14 -0.97
CA ARG C 83 33.71 30.83 -1.49
C ARG C 83 33.00 29.75 -0.67
N ASP C 84 32.72 28.59 -1.28
CA ASP C 84 32.14 27.48 -0.55
C ASP C 84 33.19 26.38 -0.27
N GLU C 85 32.81 25.31 0.43
CA GLU C 85 33.81 24.33 0.87
C GLU C 85 34.64 23.70 -0.25
N ARG C 86 34.05 23.53 -1.42
CA ARG C 86 34.78 22.96 -2.55
C ARG C 86 35.81 23.93 -3.16
N GLN C 87 35.77 25.19 -2.74
CA GLN C 87 36.74 26.17 -3.21
C GLN C 87 37.81 26.47 -2.18
N PHE C 88 37.63 26.00 -0.94
CA PHE C 88 38.63 26.19 0.10
C PHE C 88 39.77 25.21 -0.07
N SER C 89 40.98 25.65 0.29
CA SER C 89 42.17 24.90 -0.06
C SER C 89 43.13 24.72 1.12
N ASN C 90 42.59 24.82 2.34
CA ASN C 90 43.35 24.57 3.56
C ASN C 90 43.69 23.10 3.72
N LEU C 91 44.77 22.84 4.46
CA LEU C 91 45.13 21.47 4.84
C LEU C 91 44.02 20.85 5.68
N LEU C 92 43.79 19.55 5.50
CA LEU C 92 42.80 18.84 6.31
C LEU C 92 43.02 18.94 7.81
N LEU C 93 44.29 19.08 8.21
CA LEU C 93 44.71 19.15 9.60
C LEU C 93 44.08 20.30 10.37
N VAL C 94 43.96 21.45 9.73
CA VAL C 94 43.48 22.65 10.41
C VAL C 94 41.96 22.71 10.61
N GLU C 95 41.23 21.83 9.92
CA GLU C 95 39.77 21.81 10.04
C GLU C 95 39.29 20.78 11.07
N GLN C 96 40.23 20.06 11.68
CA GLN C 96 39.87 19.04 12.68
C GLN C 96 39.22 19.69 13.90
N PRO C 97 38.28 18.98 14.55
CA PRO C 97 37.61 19.62 15.69
C PRO C 97 38.58 19.82 16.82
N ASN C 98 38.27 20.77 17.70
CA ASN C 98 39.09 21.10 18.84
C ASN C 98 39.27 19.95 19.81
N GLY C 99 38.25 19.11 19.93
CA GLY C 99 38.23 18.03 20.91
C GLY C 99 38.61 18.58 22.26
N ASN C 100 39.41 17.83 23.01
CA ASN C 100 39.93 18.31 24.30
C ASN C 100 41.23 19.07 24.07
N PHE C 101 41.84 19.54 25.15
CA PHE C 101 43.03 20.39 25.04
C PHE C 101 44.24 19.70 24.39
N ALA C 102 44.37 18.39 24.56
CA ALA C 102 45.44 17.63 23.91
C ALA C 102 45.24 17.59 22.40
N ASP C 103 43.99 17.36 21.98
CA ASP C 103 43.66 17.35 20.56
C ASP C 103 44.07 18.67 19.91
N THR C 104 43.84 19.76 20.65
CA THR C 104 44.10 21.10 20.16
C THR C 104 45.58 21.36 20.11
N ILE C 105 46.29 20.94 21.17
CA ILE C 105 47.76 21.05 21.24
C ILE C 105 48.45 20.21 20.17
N ALA C 106 48.00 18.97 19.98
CA ALA C 106 48.61 18.13 18.96
C ALA C 106 48.57 18.81 17.61
N ARG C 107 47.38 19.28 17.22
CA ARG C 107 47.14 19.97 15.95
C ARG C 107 48.01 21.21 15.83
N GLN C 108 48.07 22.00 16.89
CA GLN C 108 48.87 23.21 16.89
C GLN C 108 50.35 22.89 16.65
N TYR C 109 50.83 21.87 17.35
CA TYR C 109 52.21 21.46 17.27
C TYR C 109 52.60 21.05 15.86
N PHE C 110 51.81 20.17 15.27
CA PHE C 110 52.10 19.69 13.92
C PHE C 110 52.14 20.85 12.94
N ILE C 111 51.20 21.79 13.09
CA ILE C 111 51.11 22.97 12.21
C ILE C 111 52.25 23.96 12.44
N ASP C 112 52.61 24.17 13.70
CA ASP C 112 53.69 25.10 14.05
C ASP C 112 55.05 24.61 13.53
N ALA C 113 55.37 23.34 13.76
CA ALA C 113 56.59 22.75 13.25
C ALA C 113 56.68 22.98 11.75
N TRP C 114 55.57 22.71 11.06
CA TRP C 114 55.46 22.89 9.63
C TRP C 114 55.64 24.35 9.22
N HIS C 115 54.95 25.25 9.90
CA HIS C 115 55.05 26.67 9.62
C HIS C 115 56.48 27.19 9.74
N VAL C 116 57.15 26.80 10.83
CA VAL C 116 58.53 27.19 11.05
C VAL C 116 59.42 26.69 9.90
N ALA C 117 59.34 25.40 9.59
CA ALA C 117 60.11 24.86 8.47
C ALA C 117 59.81 25.57 7.14
N LEU C 118 58.53 25.85 6.89
CA LEU C 118 58.11 26.49 5.64
C LEU C 118 58.55 27.95 5.55
N PHE C 119 58.23 28.74 6.57
CA PHE C 119 58.47 30.17 6.49
C PHE C 119 59.95 30.53 6.55
N THR C 120 60.73 29.71 7.26
CA THR C 120 62.19 29.86 7.28
C THR C 120 62.72 29.90 5.86
N ARG C 121 62.24 28.98 5.03
CA ARG C 121 62.68 28.89 3.64
C ARG C 121 61.95 29.85 2.71
N LEU C 122 60.70 30.16 3.03
CA LEU C 122 59.86 30.94 2.15
C LEU C 122 60.16 32.43 2.22
N MET C 123 60.87 32.87 3.26
CA MET C 123 61.33 34.25 3.31
C MET C 123 62.49 34.54 2.34
N GLU C 124 63.05 33.47 1.75
CA GLU C 124 64.08 33.57 0.71
C GLU C 124 63.48 33.40 -0.70
N SER C 125 62.16 33.54 -0.79
CA SER C 125 61.45 33.40 -2.06
C SER C 125 61.82 34.52 -3.01
N ARG C 126 61.83 34.18 -4.31
CA ARG C 126 62.12 35.17 -5.35
C ARG C 126 60.96 36.13 -5.60
N ASP C 127 59.80 35.84 -5.00
CA ASP C 127 58.66 36.76 -5.02
C ASP C 127 58.69 37.66 -3.77
N PRO C 128 58.97 38.97 -3.97
CA PRO C 128 59.19 39.90 -2.85
C PRO C 128 58.07 39.89 -1.80
N GLN C 129 56.82 39.96 -2.25
CA GLN C 129 55.67 40.02 -1.35
C GLN C 129 55.48 38.75 -0.52
N LEU C 130 55.73 37.60 -1.14
CA LEU C 130 55.70 36.34 -0.42
C LEU C 130 56.83 36.24 0.60
N ALA C 131 57.99 36.76 0.23
CA ALA C 131 59.14 36.80 1.12
C ALA C 131 58.83 37.67 2.32
N ALA C 132 58.26 38.84 2.06
CA ALA C 132 57.93 39.81 3.10
C ALA C 132 56.91 39.25 4.08
N ILE C 133 55.83 38.67 3.56
CA ILE C 133 54.82 38.03 4.41
C ILE C 133 55.43 36.94 5.28
N SER C 134 56.24 36.07 4.68
CA SER C 134 56.90 35.00 5.41
C SER C 134 57.82 35.52 6.51
N ALA C 135 58.45 36.68 6.26
CA ALA C 135 59.37 37.28 7.23
C ALA C 135 58.64 37.70 8.51
N LYS C 136 57.42 38.19 8.36
CA LYS C 136 56.54 38.48 9.50
C LYS C 136 56.09 37.18 10.15
N ALA C 137 55.62 36.26 9.31
CA ALA C 137 55.02 35.02 9.78
C ALA C 137 55.94 34.19 10.65
N ILE C 138 57.20 34.03 10.21
CA ILE C 138 58.18 33.20 10.92
C ILE C 138 58.38 33.61 12.40
N LYS C 139 58.39 34.91 12.66
CA LYS C 139 58.58 35.44 14.01
C LYS C 139 57.49 34.96 14.92
N GLU C 140 56.26 34.98 14.40
CA GLU C 140 55.08 34.52 15.12
C GLU C 140 55.07 33.01 15.27
N ALA C 141 55.40 32.30 14.20
CA ALA C 141 55.43 30.84 14.19
C ALA C 141 56.35 30.27 15.26
N ARG C 142 57.50 30.92 15.48
CA ARG C 142 58.45 30.48 16.50
C ARG C 142 57.86 30.53 17.92
N TYR C 143 57.11 31.58 18.21
CA TYR C 143 56.37 31.68 19.48
C TYR C 143 55.32 30.57 19.60
N HIS C 144 54.68 30.26 18.47
CA HIS C 144 53.62 29.25 18.46
C HIS C 144 54.20 27.89 18.79
N LEU C 145 55.32 27.57 18.15
CA LEU C 145 56.00 26.29 18.33
C LEU C 145 56.47 26.11 19.76
N ARG C 146 56.91 27.19 20.39
CA ARG C 146 57.31 27.14 21.79
C ARG C 146 56.14 26.81 22.69
N PHE C 147 55.00 27.45 22.44
CA PHE C 147 53.80 27.21 23.23
C PHE C 147 53.33 25.77 23.07
N SER C 148 53.17 25.34 21.82
CA SER C 148 52.63 24.03 21.51
C SER C 148 53.59 22.91 21.92
N ARG C 149 54.87 23.07 21.63
CA ARG C 149 55.88 22.12 22.12
C ARG C 149 55.91 22.09 23.65
N GLY C 150 55.86 23.26 24.25
CA GLY C 150 55.78 23.38 25.69
C GLY C 150 54.68 22.50 26.27
N TRP C 151 53.47 22.62 25.73
CA TRP C 151 52.34 21.86 26.26
C TRP C 151 52.38 20.38 25.90
N LEU C 152 52.95 20.07 24.75
CA LEU C 152 53.17 18.68 24.37
C LEU C 152 54.00 18.00 25.48
N GLU C 153 55.07 18.67 25.89
CA GLU C 153 55.93 18.18 26.99
C GLU C 153 55.19 18.08 28.31
N ARG C 154 54.51 19.15 28.69
CA ARG C 154 53.76 19.17 29.95
C ARG C 154 52.66 18.11 30.01
N LEU C 155 52.01 17.82 28.89
CA LEU C 155 50.91 16.86 28.91
C LEU C 155 51.39 15.41 28.78
N GLY C 156 52.28 15.15 27.82
CA GLY C 156 52.85 13.81 27.65
C GLY C 156 53.66 13.39 28.86
N ASN C 157 54.48 14.31 29.34
CA ASN C 157 55.29 14.06 30.53
C ASN C 157 54.66 14.73 31.75
N GLY C 158 53.43 14.36 32.06
CA GLY C 158 52.71 14.97 33.18
C GLY C 158 52.23 13.92 34.15
N THR C 159 50.94 13.61 34.09
CA THR C 159 50.38 12.52 34.87
C THR C 159 50.20 11.33 33.96
N ASP C 160 49.72 10.23 34.53
CA ASP C 160 49.35 9.07 33.72
C ASP C 160 48.19 9.42 32.78
N VAL C 161 47.14 10.02 33.35
CA VAL C 161 45.97 10.46 32.61
C VAL C 161 46.30 11.39 31.43
N SER C 162 47.12 12.42 31.69
CA SER C 162 47.41 13.44 30.68
C SER C 162 48.26 12.92 29.52
N GLY C 163 49.26 12.11 29.85
CA GLY C 163 50.12 11.48 28.83
C GLY C 163 49.34 10.59 27.92
N GLN C 164 48.37 9.88 28.48
CA GLN C 164 47.50 9.00 27.72
C GLN C 164 46.59 9.80 26.77
N LYS C 165 46.11 10.95 27.23
CA LYS C 165 45.27 11.80 26.39
C LYS C 165 46.08 12.42 25.27
N MET C 166 47.31 12.80 25.57
CA MET C 166 48.23 13.37 24.59
C MET C 166 48.61 12.37 23.49
N GLN C 167 48.72 11.10 23.86
CA GLN C 167 49.03 10.05 22.90
C GLN C 167 47.83 9.77 22.00
N GLN C 168 46.64 9.66 22.61
CA GLN C 168 45.39 9.50 21.85
C GLN C 168 45.21 10.64 20.86
N ALA C 169 45.54 11.86 21.28
CA ALA C 169 45.45 13.05 20.42
C ALA C 169 46.38 12.95 19.20
N ILE C 170 47.62 12.52 19.42
CA ILE C 170 48.58 12.34 18.33
C ILE C 170 48.12 11.25 17.38
N ASN C 171 47.63 10.14 17.93
CA ASN C 171 47.11 9.07 17.10
C ASN C 171 45.94 9.49 16.24
N LYS C 172 45.03 10.26 16.85
CA LYS C 172 43.82 10.73 16.20
C LYS C 172 44.12 11.60 14.96
N LEU C 173 45.14 12.46 15.05
CA LEU C 173 45.49 13.41 13.99
C LEU C 173 46.48 12.89 12.97
N TRP C 174 47.20 11.82 13.33
CA TRP C 174 48.40 11.42 12.60
C TRP C 174 48.21 11.27 11.10
N ARG C 175 47.11 10.64 10.69
CA ARG C 175 46.87 10.36 9.27
C ARG C 175 46.83 11.61 8.39
N PHE C 176 46.58 12.76 8.99
CA PHE C 176 46.42 13.99 8.24
C PHE C 176 47.76 14.66 7.95
N THR C 177 48.83 14.15 8.57
CA THR C 177 50.17 14.73 8.38
C THR C 177 50.76 14.49 6.98
N ALA C 178 50.30 13.47 6.27
CA ALA C 178 50.77 13.20 4.92
C ALA C 178 50.60 14.40 3.99
N GLU C 179 49.50 15.13 4.13
CA GLU C 179 49.24 16.30 3.30
C GLU C 179 50.29 17.40 3.43
N LEU C 180 50.99 17.44 4.57
CA LEU C 180 52.07 18.42 4.81
C LEU C 180 53.22 18.32 3.81
N PHE C 181 53.37 17.14 3.19
CA PHE C 181 54.51 16.86 2.31
C PHE C 181 54.07 16.39 0.93
N ASP C 182 52.78 16.57 0.66
CA ASP C 182 52.20 16.28 -0.62
C ASP C 182 52.48 17.47 -1.53
N ALA C 183 52.93 17.20 -2.75
CA ALA C 183 53.20 18.26 -3.72
C ALA C 183 52.40 17.99 -4.97
N ASP C 184 51.80 19.04 -5.54
CA ASP C 184 51.09 18.89 -6.81
C ASP C 184 51.68 19.82 -7.86
N GLU C 185 51.02 19.93 -9.02
CA GLU C 185 51.53 20.70 -10.15
C GLU C 185 51.90 22.14 -9.78
N ILE C 186 51.10 22.75 -8.90
CA ILE C 186 51.30 24.14 -8.47
C ILE C 186 52.57 24.29 -7.65
N ASP C 187 52.77 23.40 -6.68
CA ASP C 187 53.97 23.44 -5.84
C ASP C 187 55.24 23.27 -6.69
N ILE C 188 55.24 22.27 -7.56
CA ILE C 188 56.42 21.88 -8.33
C ILE C 188 56.86 22.99 -9.30
N ALA C 189 55.92 23.47 -10.13
CA ALA C 189 56.19 24.57 -11.05
C ALA C 189 56.82 25.79 -10.36
N LEU C 190 56.29 26.16 -9.21
CA LEU C 190 56.72 27.36 -8.51
C LEU C 190 58.02 27.17 -7.76
N SER C 191 58.28 25.95 -7.31
CA SER C 191 59.55 25.66 -6.64
C SER C 191 60.68 25.64 -7.68
N GLU C 192 60.37 25.18 -8.88
CA GLU C 192 61.31 25.19 -9.99
C GLU C 192 61.67 26.60 -10.44
N GLU C 193 60.80 27.56 -10.12
CA GLU C 193 61.08 28.98 -10.37
C GLU C 193 61.67 29.68 -9.15
N GLY C 194 61.95 28.92 -8.09
CA GLY C 194 62.49 29.48 -6.84
C GLY C 194 61.52 30.37 -6.07
N ILE C 195 60.23 30.31 -6.44
CA ILE C 195 59.18 31.10 -5.80
C ILE C 195 58.60 30.40 -4.57
N ALA C 196 58.33 29.10 -4.71
CA ALA C 196 57.71 28.33 -3.64
C ALA C 196 58.66 27.26 -3.08
N VAL C 197 58.26 26.67 -1.96
CA VAL C 197 58.98 25.56 -1.36
C VAL C 197 58.27 24.28 -1.81
N ASP C 198 59.05 23.28 -2.24
CA ASP C 198 58.51 21.97 -2.56
C ASP C 198 58.22 21.24 -1.24
N PRO C 199 56.93 21.03 -0.91
CA PRO C 199 56.52 20.47 0.37
C PRO C 199 57.24 19.17 0.74
N ARG C 200 57.55 18.34 -0.25
CA ARG C 200 58.29 17.09 -0.04
C ARG C 200 59.62 17.29 0.68
N THR C 201 60.25 18.43 0.42
CA THR C 201 61.55 18.75 1.00
C THR C 201 61.42 19.30 2.42
N LEU C 202 60.18 19.41 2.91
CA LEU C 202 59.94 19.89 4.28
C LEU C 202 59.92 18.77 5.30
N ARG C 203 59.88 17.52 4.81
CA ARG C 203 59.69 16.35 5.65
C ARG C 203 60.83 16.14 6.65
N ALA C 204 62.06 16.30 6.20
CA ALA C 204 63.22 16.07 7.04
C ALA C 204 63.20 17.03 8.24
N ALA C 205 63.08 18.32 7.96
CA ALA C 205 63.05 19.34 9.01
C ALA C 205 61.89 19.12 10.00
N TRP C 206 60.72 18.77 9.44
CA TRP C 206 59.51 18.56 10.23
C TRP C 206 59.64 17.35 11.13
N GLU C 207 60.02 16.22 10.54
CA GLU C 207 60.20 14.97 11.28
C GLU C 207 61.30 15.08 12.35
N ALA C 208 62.38 15.80 12.01
CA ALA C 208 63.44 16.08 12.97
C ALA C 208 62.90 16.73 14.24
N GLU C 209 62.03 17.75 14.08
CA GLU C 209 61.45 18.48 15.21
C GLU C 209 60.38 17.66 15.95
N VAL C 210 59.45 17.09 15.20
CA VAL C 210 58.27 16.45 15.76
C VAL C 210 58.60 15.11 16.40
N PHE C 211 59.39 14.29 15.71
CA PHE C 211 59.86 13.01 16.26
C PHE C 211 60.60 13.27 17.57
N ALA C 212 61.44 14.31 17.61
CA ALA C 212 62.16 14.67 18.82
C ALA C 212 61.20 15.05 19.95
N GLY C 213 60.35 16.04 19.67
CA GLY C 213 59.35 16.52 20.63
C GLY C 213 58.49 15.42 21.23
N ILE C 214 58.02 14.50 20.38
CA ILE C 214 57.19 13.39 20.81
C ILE C 214 57.99 12.48 21.74
N ASN C 215 59.25 12.21 21.38
CA ASN C 215 60.12 11.39 22.21
C ASN C 215 60.44 12.06 23.54
N GLU C 216 60.76 13.34 23.49
CA GLU C 216 61.05 14.11 24.69
C GLU C 216 59.85 14.20 25.64
N ALA C 217 58.64 13.98 25.12
CA ALA C 217 57.44 13.98 25.92
C ALA C 217 57.07 12.60 26.45
N THR C 218 57.98 11.63 26.27
CA THR C 218 57.79 10.21 26.62
C THR C 218 56.62 9.55 25.88
N LEU C 219 56.41 9.95 24.63
CA LEU C 219 55.33 9.39 23.82
C LEU C 219 55.88 8.66 22.62
N ASN C 220 55.01 7.94 21.92
CA ASN C 220 55.41 7.21 20.74
C ASN C 220 54.95 7.89 19.45
N VAL C 221 55.86 8.00 18.50
CA VAL C 221 55.50 8.35 17.13
C VAL C 221 54.65 7.19 16.59
N PRO C 222 53.44 7.46 16.07
CA PRO C 222 52.59 6.38 15.58
C PRO C 222 53.21 5.63 14.42
N GLN C 223 52.88 4.35 14.32
CA GLN C 223 53.47 3.47 13.31
C GLN C 223 52.66 3.46 12.02
N GLU C 224 51.38 3.82 12.12
CA GLU C 224 50.50 4.02 10.97
C GLU C 224 51.16 4.96 9.97
N GLN C 225 51.19 4.56 8.70
CA GLN C 225 51.66 5.46 7.66
C GLN C 225 50.53 6.40 7.28
N ALA C 226 50.77 7.71 7.45
CA ALA C 226 49.76 8.73 7.16
C ALA C 226 49.30 8.65 5.70
N TYR C 227 47.99 8.78 5.47
CA TYR C 227 47.43 8.53 4.15
C TYR C 227 46.41 9.56 3.65
N ARG C 228 46.05 10.53 4.47
CA ARG C 228 44.96 11.45 4.12
C ARG C 228 45.42 12.77 3.46
N THR C 229 44.93 13.01 2.25
CA THR C 229 45.14 14.27 1.54
C THR C 229 43.83 14.69 0.90
N GLY C 230 43.79 15.88 0.30
CA GLY C 230 42.63 16.36 -0.43
C GLY C 230 42.31 17.83 -0.21
N GLY C 231 42.60 18.34 0.98
CA GLY C 231 42.24 19.70 1.33
C GLY C 231 42.65 20.72 0.29
N LYS C 232 43.88 20.62 -0.16
CA LYS C 232 44.46 21.53 -1.17
C LYS C 232 43.69 21.58 -2.49
N LYS C 233 43.01 20.49 -2.84
CA LYS C 233 42.22 20.47 -4.06
C LYS C 233 40.72 20.67 -3.78
N GLY C 234 40.40 21.11 -2.58
CA GLY C 234 39.00 21.37 -2.21
C GLY C 234 38.20 20.14 -1.82
N LEU C 235 38.90 19.07 -1.48
CA LEU C 235 38.28 17.84 -1.01
C LEU C 235 38.51 17.68 0.49
N HIS C 236 37.49 18.02 1.26
CA HIS C 236 37.64 18.15 2.70
C HIS C 236 36.94 17.05 3.47
N THR C 237 37.21 16.98 4.77
CA THR C 237 36.43 16.18 5.69
C THR C 237 35.05 16.83 5.81
N GLU C 238 34.11 16.12 6.42
CA GLU C 238 32.78 16.68 6.69
C GLU C 238 32.77 17.77 7.77
N HIS C 239 33.94 18.14 8.28
CA HIS C 239 34.01 19.19 9.29
C HIS C 239 33.94 20.61 8.74
N LEU C 240 34.50 20.83 7.55
CA LEU C 240 34.64 22.17 7.01
C LEU C 240 33.31 22.86 6.75
N GLY C 241 32.38 22.13 6.15
CA GLY C 241 31.07 22.66 5.80
C GLY C 241 30.40 23.39 6.94
N PRO C 242 30.19 22.69 8.08
CA PRO C 242 29.57 23.34 9.21
C PRO C 242 30.33 24.55 9.71
N MET C 243 31.65 24.51 9.66
CA MET C 243 32.46 25.70 10.00
C MET C 243 32.13 26.89 9.10
N LEU C 244 32.10 26.68 7.78
CA LEU C 244 31.78 27.78 6.88
C LEU C 244 30.38 28.33 7.06
N ALA C 245 29.42 27.46 7.38
CA ALA C 245 28.06 27.93 7.64
C ALA C 245 28.04 28.96 8.78
N GLU C 246 28.76 28.67 9.86
CA GLU C 246 28.81 29.57 10.99
C GLU C 246 29.59 30.83 10.60
N MET C 247 30.77 30.65 10.02
CA MET C 247 31.64 31.76 9.67
C MET C 247 31.02 32.71 8.65
N GLN C 248 30.32 32.18 7.65
CA GLN C 248 29.83 33.01 6.55
C GLN C 248 28.40 33.53 6.71
N TYR C 249 27.69 33.07 7.73
CA TYR C 249 26.28 33.38 7.87
C TYR C 249 25.90 34.82 7.56
N LEU C 250 26.48 35.74 8.31
CA LEU C 250 26.10 37.14 8.22
C LEU C 250 26.38 37.75 6.85
N GLN C 251 27.51 37.41 6.25
CA GLN C 251 27.84 37.87 4.91
C GLN C 251 26.89 37.28 3.85
N ARG C 252 26.38 36.08 4.10
CA ARG C 252 25.46 35.46 3.15
C ARG C 252 24.06 36.06 3.28
N VAL C 253 23.65 36.35 4.52
CA VAL C 253 22.35 36.98 4.78
C VAL C 253 22.30 38.39 4.19
N LEU C 254 23.36 39.17 4.43
CA LEU C 254 23.45 40.55 3.93
C LEU C 254 24.69 40.80 3.09
N PRO C 255 24.69 40.34 1.82
CA PRO C 255 25.92 40.38 0.97
C PRO C 255 26.37 41.81 0.62
N GLY C 256 27.54 41.93 -0.01
CA GLY C 256 28.06 43.24 -0.49
C GLY C 256 27.99 44.48 0.38
N GLN C 257 28.10 44.32 1.70
CA GLN C 257 27.88 45.41 2.65
C GLN C 257 29.19 45.85 3.30
N GLN C 258 29.20 46.99 3.99
CA GLN C 258 30.39 47.45 4.74
C GLN C 258 30.16 47.28 6.23
N TRP C 259 31.20 46.86 6.96
CA TRP C 259 31.05 46.52 8.38
C TRP C 259 32.08 47.19 9.26
N SER D 3 42.48 54.76 68.21
CA SER D 3 43.82 54.11 68.39
C SER D 3 44.81 54.49 67.27
N THR D 4 46.10 54.38 67.58
CA THR D 4 47.17 54.98 66.78
C THR D 4 47.37 54.39 65.38
N GLN D 5 47.11 53.09 65.23
CA GLN D 5 47.19 52.43 63.94
C GLN D 5 46.05 53.00 63.07
N GLU D 6 44.83 52.93 63.59
CA GLU D 6 43.64 53.54 62.96
C GLU D 6 43.78 55.03 62.64
N GLU D 7 44.50 55.75 63.50
CA GLU D 7 44.69 57.19 63.33
C GLU D 7 45.69 57.51 62.22
N ARG D 8 46.81 56.81 62.19
CA ARG D 8 47.82 57.00 61.15
C ARG D 8 47.23 56.69 59.77
N PHE D 9 46.36 55.68 59.74
CA PHE D 9 45.60 55.30 58.56
C PHE D 9 44.67 56.42 58.09
N GLU D 10 43.71 56.82 58.93
CA GLU D 10 42.69 57.79 58.51
C GLU D 10 43.33 59.09 58.01
N GLN D 11 44.50 59.42 58.55
CA GLN D 11 45.27 60.60 58.16
C GLN D 11 45.87 60.40 56.78
N ARG D 12 46.33 59.19 56.49
CA ARG D 12 46.87 58.86 55.18
C ARG D 12 45.82 59.03 54.08
N ILE D 13 44.62 58.50 54.35
CA ILE D 13 43.45 58.61 53.48
C ILE D 13 43.08 60.06 53.17
N ALA D 14 43.11 60.92 54.19
CA ALA D 14 42.69 62.31 54.06
C ALA D 14 43.69 63.15 53.27
N GLN D 15 44.98 62.83 53.38
CA GLN D 15 46.00 63.55 52.63
C GLN D 15 46.32 62.86 51.29
N GLU D 16 45.57 61.79 51.02
CA GLU D 16 45.75 60.99 49.80
C GLU D 16 47.19 60.53 49.60
N THR D 17 47.77 60.02 50.67
CA THR D 17 48.98 59.23 50.61
C THR D 17 48.50 57.81 50.31
N ALA D 18 49.00 57.25 49.21
CA ALA D 18 48.52 55.96 48.72
C ALA D 18 48.86 54.80 49.66
N ILE D 19 47.82 54.07 50.07
CA ILE D 19 47.99 52.87 50.90
C ILE D 19 48.68 51.77 50.11
N GLU D 20 49.70 51.16 50.69
CA GLU D 20 50.42 50.08 50.03
C GLU D 20 50.13 48.71 50.67
N PRO D 21 50.60 47.61 50.04
CA PRO D 21 50.24 46.27 50.55
C PRO D 21 50.75 46.01 51.98
N GLN D 22 51.94 46.51 52.28
CA GLN D 22 52.63 46.24 53.53
C GLN D 22 52.07 47.06 54.71
N ASP D 23 51.34 48.13 54.39
CA ASP D 23 50.75 49.03 55.39
C ASP D 23 49.70 48.34 56.23
N TRP D 24 49.48 48.83 57.45
CA TRP D 24 48.39 48.34 58.27
C TRP D 24 47.08 48.92 57.74
N MET D 25 46.00 48.12 57.81
CA MET D 25 44.66 48.54 57.37
C MET D 25 43.53 47.83 58.13
N PRO D 26 42.40 48.52 58.35
CA PRO D 26 41.22 47.94 59.00
C PRO D 26 40.71 46.73 58.23
N ASP D 27 40.29 45.70 58.95
CA ASP D 27 39.82 44.48 58.29
C ASP D 27 38.69 44.74 57.30
N ALA D 28 37.74 45.60 57.65
CA ALA D 28 36.63 45.92 56.77
C ALA D 28 37.12 46.53 55.47
N TYR D 29 38.08 47.44 55.57
CA TYR D 29 38.70 48.09 54.43
C TYR D 29 39.32 47.04 53.52
N ARG D 30 40.11 46.14 54.10
CA ARG D 30 40.75 45.07 53.36
C ARG D 30 39.73 44.19 52.65
N LYS D 31 38.67 43.83 53.35
CA LYS D 31 37.67 42.93 52.79
C LYS D 31 36.83 43.61 51.71
N THR D 32 36.56 44.90 51.89
CA THR D 32 35.90 45.69 50.87
C THR D 32 36.73 45.78 49.57
N LEU D 33 38.03 46.05 49.70
CA LEU D 33 38.91 46.12 48.53
C LEU D 33 39.10 44.76 47.85
N ILE D 34 39.20 43.70 48.64
CA ILE D 34 39.32 42.36 48.09
C ILE D 34 38.07 42.09 47.25
N ARG D 35 36.91 42.44 47.79
CA ARG D 35 35.64 42.22 47.13
C ARG D 35 35.53 43.05 45.86
N GLN D 36 35.90 44.33 45.92
CA GLN D 36 35.81 45.18 44.73
C GLN D 36 36.80 44.81 43.61
N ILE D 37 38.08 44.72 43.93
CA ILE D 37 39.09 44.28 42.95
C ILE D 37 38.73 42.89 42.43
N GLY D 38 38.28 42.02 43.31
CA GLY D 38 37.92 40.65 42.94
C GLY D 38 36.77 40.58 41.97
N GLN D 39 35.75 41.39 42.21
CA GLN D 39 34.57 41.43 41.34
C GLN D 39 34.89 42.11 40.02
N HIS D 40 35.75 43.11 40.07
CA HIS D 40 36.29 43.73 38.88
C HIS D 40 37.07 42.73 38.03
N ALA D 41 37.86 41.87 38.66
CA ALA D 41 38.60 40.84 37.93
C ALA D 41 37.66 39.80 37.32
N HIS D 42 36.71 39.28 38.12
CA HIS D 42 35.68 38.37 37.64
C HIS D 42 34.95 38.94 36.40
N SER D 43 34.69 40.24 36.41
CA SER D 43 33.98 40.88 35.31
C SER D 43 34.76 40.82 34.00
N GLU D 44 36.07 41.05 34.06
CA GLU D 44 36.93 40.94 32.89
C GLU D 44 36.87 39.54 32.31
N ILE D 45 36.80 38.55 33.19
CA ILE D 45 36.81 37.16 32.78
C ILE D 45 35.46 36.74 32.20
N VAL D 46 34.38 37.05 32.92
CA VAL D 46 33.05 36.66 32.47
C VAL D 46 32.70 37.37 31.17
N GLY D 47 33.07 38.64 31.07
CA GLY D 47 32.80 39.45 29.88
C GLY D 47 33.36 38.90 28.57
N MET D 48 34.36 38.02 28.65
CA MET D 48 34.90 37.32 27.47
C MET D 48 33.84 36.49 26.75
N LEU D 49 32.82 36.03 27.48
CA LEU D 49 31.85 35.10 26.94
C LEU D 49 30.87 35.73 25.93
N PRO D 50 30.17 36.82 26.31
CA PRO D 50 29.23 37.43 25.38
C PRO D 50 29.92 37.94 24.11
N GLU D 51 31.13 38.44 24.27
CA GLU D 51 31.92 38.93 23.14
C GLU D 51 32.50 37.79 22.32
N GLY D 52 33.02 36.76 23.00
CA GLY D 52 33.59 35.59 22.32
C GLY D 52 32.55 34.80 21.56
N ASN D 53 31.29 34.91 21.96
CA ASN D 53 30.17 34.27 21.28
C ASN D 53 30.11 34.65 19.79
N TRP D 54 30.74 35.78 19.43
CA TRP D 54 30.68 36.29 18.07
C TRP D 54 31.98 36.25 17.28
N ILE D 55 33.07 35.81 17.92
CA ILE D 55 34.35 35.71 17.20
C ILE D 55 34.27 34.91 15.89
N THR D 56 33.66 33.73 15.95
CA THR D 56 33.65 32.86 14.78
C THR D 56 32.65 33.31 13.72
N ARG D 57 31.81 34.28 14.06
CA ARG D 57 30.77 34.78 13.15
C ARG D 57 30.95 36.22 12.67
N ALA D 58 31.97 36.91 13.18
CA ALA D 58 32.19 38.32 12.85
C ALA D 58 32.20 38.55 11.34
N PRO D 59 31.54 39.64 10.86
CA PRO D 59 31.31 39.89 9.44
C PRO D 59 32.54 40.13 8.55
N THR D 60 33.63 40.65 9.09
CA THR D 60 34.83 40.86 8.28
C THR D 60 36.07 40.45 9.05
N LEU D 61 37.13 40.13 8.33
CA LEU D 61 38.39 39.83 9.00
C LEU D 61 38.92 41.00 9.84
N ARG D 62 38.73 42.24 9.36
CA ARG D 62 39.10 43.41 10.17
C ARG D 62 38.40 43.35 11.54
N ARG D 63 37.08 43.20 11.52
CA ARG D 63 36.30 43.24 12.77
C ARG D 63 36.59 42.05 13.69
N LYS D 64 36.76 40.88 13.06
CA LYS D 64 37.13 39.68 13.77
C LYS D 64 38.48 39.84 14.50
N ALA D 65 39.47 40.43 13.82
CA ALA D 65 40.77 40.70 14.43
C ALA D 65 40.64 41.65 15.63
N ILE D 66 39.89 42.74 15.45
CA ILE D 66 39.66 43.70 16.52
C ILE D 66 38.99 43.01 17.72
N LEU D 67 38.02 42.14 17.44
CA LEU D 67 37.32 41.42 18.50
C LEU D 67 38.21 40.44 19.27
N LEU D 68 39.10 39.75 18.56
CA LEU D 68 40.08 38.88 19.19
C LEU D 68 41.07 39.67 20.03
N ALA D 69 41.55 40.80 19.50
CA ALA D 69 42.46 41.65 20.25
C ALA D 69 41.81 42.05 21.58
N LYS D 70 40.54 42.46 21.54
CA LYS D 70 39.85 42.96 22.71
C LYS D 70 39.67 41.88 23.78
N VAL D 71 39.36 40.69 23.34
CA VAL D 71 39.16 39.56 24.22
C VAL D 71 40.49 39.15 24.88
N GLN D 72 41.57 39.20 24.11
CA GLN D 72 42.91 38.96 24.62
C GLN D 72 43.26 39.99 25.73
N ASP D 73 42.91 41.25 25.50
CA ASP D 73 43.14 42.30 26.47
C ASP D 73 42.36 42.13 27.76
N GLU D 74 41.13 41.63 27.65
CA GLU D 74 40.30 41.38 28.82
C GLU D 74 40.90 40.30 29.71
N ALA D 75 41.40 39.23 29.09
CA ALA D 75 42.09 38.17 29.83
C ALA D 75 43.32 38.72 30.54
N GLY D 76 44.04 39.61 29.86
CA GLY D 76 45.23 40.26 30.41
C GLY D 76 44.90 41.14 31.59
N HIS D 77 43.81 41.90 31.47
CA HIS D 77 43.37 42.80 32.54
C HIS D 77 42.80 42.05 33.71
N GLY D 78 42.19 40.90 33.44
CA GLY D 78 41.77 39.97 34.47
C GLY D 78 42.97 39.56 35.31
N LEU D 79 44.07 39.21 34.64
CA LEU D 79 45.30 38.81 35.31
C LEU D 79 45.92 39.91 36.18
N TYR D 80 45.98 41.15 35.69
CA TYR D 80 46.50 42.28 36.47
C TYR D 80 45.69 42.46 37.74
N LEU D 81 44.37 42.34 37.62
CA LEU D 81 43.49 42.59 38.74
C LEU D 81 43.52 41.49 39.78
N TYR D 82 43.71 40.24 39.33
CA TYR D 82 43.95 39.16 40.29
C TYR D 82 45.27 39.33 41.02
N SER D 83 46.32 39.76 40.31
CA SER D 83 47.61 40.10 40.94
C SER D 83 47.39 41.14 42.02
N ALA D 84 46.71 42.20 41.63
CA ALA D 84 46.41 43.30 42.53
C ALA D 84 45.55 42.88 43.71
N ALA D 85 44.67 41.90 43.51
CA ALA D 85 43.87 41.39 44.61
C ALA D 85 44.73 40.67 45.64
N GLU D 86 45.68 39.88 45.13
CA GLU D 86 46.53 39.04 45.96
C GLU D 86 47.50 39.81 46.85
N THR D 87 47.81 41.05 46.48
CA THR D 87 48.65 41.89 47.31
C THR D 87 47.96 42.27 48.62
N LEU D 88 46.72 41.81 48.77
CA LEU D 88 45.93 42.05 49.98
C LEU D 88 45.75 40.77 50.81
N GLY D 89 46.31 39.65 50.35
CA GLY D 89 46.37 38.44 51.15
C GLY D 89 45.47 37.30 50.72
N CYS D 90 44.52 37.59 49.82
CA CYS D 90 43.64 36.55 49.29
C CYS D 90 44.36 35.75 48.21
N ALA D 91 43.81 34.57 47.89
CA ALA D 91 44.34 33.73 46.82
C ALA D 91 43.38 33.72 45.64
N ARG D 92 43.92 33.82 44.43
CA ARG D 92 43.09 33.98 43.24
C ARG D 92 42.17 32.79 42.97
N GLU D 93 42.63 31.56 43.23
CA GLU D 93 41.78 30.37 43.01
C GLU D 93 40.68 30.30 44.03
N ASP D 94 40.88 30.98 45.15
CA ASP D 94 39.93 31.01 46.23
C ASP D 94 38.73 31.91 45.90
N ILE D 95 39.00 33.16 45.49
CA ILE D 95 37.93 34.08 45.10
C ILE D 95 37.28 33.66 43.77
N TYR D 96 38.07 33.02 42.91
CA TYR D 96 37.55 32.47 41.67
C TYR D 96 36.46 31.45 41.95
N GLN D 97 36.71 30.56 42.91
CA GLN D 97 35.74 29.56 43.33
C GLN D 97 34.49 30.21 43.91
N LYS D 98 34.66 31.33 44.59
CA LYS D 98 33.53 32.08 45.13
C LYS D 98 32.70 32.67 44.02
N MET D 99 33.37 33.04 42.94
CA MET D 99 32.67 33.50 41.74
C MET D 99 31.85 32.37 41.12
N LEU D 100 32.45 31.18 41.03
CA LEU D 100 31.75 29.99 40.51
C LEU D 100 30.59 29.54 41.40
N ASP D 101 30.71 29.76 42.71
CA ASP D 101 29.66 29.40 43.68
C ASP D 101 28.51 30.40 43.70
N GLY D 102 28.76 31.62 43.25
CA GLY D 102 27.79 32.69 43.37
C GLY D 102 28.04 33.56 44.59
N ARG D 103 29.01 33.17 45.42
CA ARG D 103 29.39 33.92 46.62
C ARG D 103 30.01 35.27 46.29
N MET D 104 30.63 35.36 45.12
CA MET D 104 31.07 36.65 44.60
C MET D 104 30.42 36.91 43.25
N LYS D 105 30.22 38.19 42.96
CA LYS D 105 29.51 38.61 41.77
C LYS D 105 30.43 39.23 40.71
N TYR D 106 29.84 39.62 39.58
CA TYR D 106 30.54 40.25 38.48
C TYR D 106 29.57 41.24 37.86
N SER D 107 30.07 42.13 37.01
CA SER D 107 29.24 43.16 36.39
C SER D 107 27.97 42.58 35.75
N SER D 108 26.81 43.15 36.09
CA SER D 108 25.50 42.63 35.70
C SER D 108 25.28 42.62 34.21
N ILE D 109 25.99 43.50 33.51
CA ILE D 109 25.80 43.65 32.08
C ILE D 109 26.09 42.37 31.28
N PHE D 110 26.94 41.50 31.81
CA PHE D 110 27.38 40.32 31.09
C PHE D 110 26.39 39.17 31.18
N ASN D 111 25.26 39.42 31.83
CA ASN D 111 24.19 38.45 31.92
C ASN D 111 23.16 38.60 30.79
N TYR D 112 23.47 39.48 29.84
CA TYR D 112 22.59 39.68 28.70
C TYR D 112 23.18 39.00 27.46
N PRO D 113 22.32 38.49 26.59
CA PRO D 113 22.79 37.74 25.43
C PRO D 113 23.14 38.61 24.23
N THR D 114 24.10 38.15 23.43
CA THR D 114 24.46 38.82 22.21
C THR D 114 23.72 38.14 21.04
N LEU D 115 22.60 38.74 20.64
CA LEU D 115 21.72 38.13 19.66
C LEU D 115 21.97 38.59 18.22
N SER D 116 22.87 39.55 18.02
CA SER D 116 23.22 40.00 16.69
C SER D 116 24.62 40.57 16.72
N TRP D 117 25.18 40.82 15.53
CA TRP D 117 26.47 41.46 15.43
C TRP D 117 26.45 42.86 16.03
N ALA D 118 25.32 43.54 15.94
CA ALA D 118 25.23 44.89 16.42
C ALA D 118 25.46 44.94 17.92
N ASP D 119 25.02 43.90 18.63
CA ASP D 119 25.23 43.76 20.07
C ASP D 119 26.70 43.88 20.42
N ILE D 120 27.57 43.32 19.59
CA ILE D 120 29.01 43.41 19.83
C ILE D 120 29.47 44.87 19.72
N GLY D 121 29.05 45.54 18.66
CA GLY D 121 29.38 46.94 18.49
C GLY D 121 28.90 47.74 19.69
N VAL D 122 27.65 47.49 20.07
CA VAL D 122 27.02 48.22 21.17
C VAL D 122 27.68 47.95 22.53
N ILE D 123 28.02 46.70 22.81
CA ILE D 123 28.81 46.38 23.99
C ILE D 123 30.12 47.13 23.94
N GLY D 124 30.81 47.07 22.80
CA GLY D 124 32.08 47.75 22.63
C GLY D 124 31.97 49.24 22.86
N TRP D 125 30.84 49.82 22.44
CA TRP D 125 30.67 51.25 22.55
C TRP D 125 30.05 51.68 23.87
N LEU D 126 28.86 51.18 24.15
CA LEU D 126 28.12 51.58 25.32
C LEU D 126 28.70 50.96 26.58
N VAL D 127 28.78 49.65 26.61
CA VAL D 127 29.13 48.94 27.84
C VAL D 127 30.54 49.31 28.25
N ASP D 128 31.43 49.41 27.27
CA ASP D 128 32.78 49.84 27.55
C ASP D 128 32.89 51.33 27.80
N GLY D 129 31.99 52.11 27.23
CA GLY D 129 31.91 53.54 27.54
C GLY D 129 31.61 53.70 29.03
N ALA D 130 30.73 52.86 29.55
CA ALA D 130 30.31 52.92 30.95
C ALA D 130 31.45 52.47 31.86
N ALA D 131 32.15 51.42 31.42
CA ALA D 131 33.28 50.91 32.19
C ALA D 131 34.43 51.92 32.21
N ILE D 132 34.68 52.61 31.11
CA ILE D 132 35.73 53.65 31.09
C ILE D 132 35.44 54.82 32.05
N VAL D 133 34.17 55.23 32.14
CA VAL D 133 33.77 56.28 33.09
C VAL D 133 34.05 55.77 34.51
N ASN D 134 33.64 54.54 34.77
CA ASN D 134 33.82 53.95 36.09
C ASN D 134 35.30 53.80 36.47
N GLN D 135 36.13 53.45 35.50
CA GLN D 135 37.54 53.17 35.75
C GLN D 135 38.41 54.44 35.85
N VAL D 136 38.16 55.42 34.99
CA VAL D 136 38.82 56.70 35.11
C VAL D 136 38.54 57.28 36.51
N ALA D 137 37.33 57.05 37.00
CA ALA D 137 36.92 57.53 38.32
C ALA D 137 37.66 56.81 39.45
N LEU D 138 38.11 55.59 39.18
CA LEU D 138 38.84 54.82 40.18
C LEU D 138 40.35 55.04 40.11
N CYS D 139 40.79 55.89 39.19
CA CYS D 139 42.23 56.15 39.03
C CYS D 139 42.85 56.86 40.24
N ARG D 140 42.01 57.48 41.05
CA ARG D 140 42.49 58.12 42.28
C ARG D 140 41.94 57.41 43.52
N THR D 141 41.72 56.11 43.40
CA THR D 141 41.34 55.28 44.53
C THR D 141 42.53 55.20 45.48
N SER D 142 42.25 54.99 46.77
CA SER D 142 43.26 55.13 47.82
C SER D 142 44.32 54.00 47.87
N TYR D 143 43.96 52.82 47.40
CA TYR D 143 44.91 51.70 47.38
C TYR D 143 45.78 51.72 46.12
N GLY D 144 47.07 52.00 46.33
CA GLY D 144 48.05 52.18 45.25
C GLY D 144 48.10 51.14 44.14
N PRO D 145 48.16 49.83 44.49
CA PRO D 145 48.19 48.84 43.42
C PRO D 145 46.94 48.86 42.53
N TYR D 146 45.78 49.21 43.11
CA TYR D 146 44.52 49.27 42.38
C TYR D 146 44.48 50.48 41.43
N ALA D 147 44.87 51.64 41.96
CA ALA D 147 44.90 52.87 41.17
C ALA D 147 45.85 52.76 39.98
N ARG D 148 47.03 52.18 40.21
CA ARG D 148 48.02 52.02 39.16
C ARG D 148 47.53 51.07 38.08
N ALA D 149 46.85 50.00 38.52
CA ALA D 149 46.18 49.09 37.60
C ALA D 149 45.14 49.83 36.76
N MET D 150 44.35 50.68 37.40
CA MET D 150 43.32 51.45 36.70
C MET D 150 43.89 52.35 35.62
N VAL D 151 44.97 53.05 35.92
CA VAL D 151 45.69 53.83 34.90
C VAL D 151 46.16 52.97 33.71
N LYS D 152 46.87 51.88 33.99
CA LYS D 152 47.30 50.95 32.94
C LYS D 152 46.14 50.45 32.07
N ILE D 153 45.07 49.98 32.71
CA ILE D 153 43.91 49.44 32.00
C ILE D 153 43.23 50.51 31.13
N CYS D 154 43.05 51.72 31.69
CA CYS D 154 42.35 52.80 30.99
C CYS D 154 43.02 53.23 29.69
N LYS D 155 44.34 53.29 29.68
CA LYS D 155 45.07 53.64 28.47
C LYS D 155 44.70 52.71 27.31
N GLU D 156 44.72 51.40 27.60
CA GLU D 156 44.40 50.38 26.60
C GLU D 156 42.90 50.31 26.28
N GLU D 157 42.06 50.15 27.31
CA GLU D 157 40.62 49.92 27.11
C GLU D 157 39.84 50.97 26.28
N SER D 158 40.17 52.26 26.47
CA SER D 158 39.52 53.35 25.72
C SER D 158 39.71 53.20 24.20
N PHE D 159 40.90 52.75 23.80
CA PHE D 159 41.19 52.45 22.40
C PHE D 159 40.15 51.47 21.81
N HIS D 160 39.89 50.37 22.51
CA HIS D 160 38.93 49.35 22.08
C HIS D 160 37.50 49.88 22.04
N GLN D 161 37.18 50.73 23.01
CA GLN D 161 35.87 51.40 23.06
C GLN D 161 35.67 52.30 21.83
N ARG D 162 36.74 52.89 21.31
CA ARG D 162 36.63 53.67 20.10
C ARG D 162 36.30 52.77 18.90
N GLN D 163 36.88 51.57 18.86
CA GLN D 163 36.65 50.60 17.78
C GLN D 163 35.19 50.16 17.83
N GLY D 164 34.68 50.00 19.05
CA GLY D 164 33.29 49.63 19.25
C GLY D 164 32.39 50.63 18.60
N PHE D 165 32.66 51.92 18.87
CA PHE D 165 31.91 52.99 18.25
C PHE D 165 32.06 53.02 16.72
N GLU D 166 33.28 52.80 16.23
CA GLU D 166 33.49 52.78 14.78
C GLU D 166 32.69 51.70 14.08
N ALA D 167 32.58 50.52 14.70
CA ALA D 167 31.75 49.44 14.19
C ALA D 167 30.28 49.81 14.16
N CYS D 168 29.84 50.56 15.16
CA CYS D 168 28.47 51.07 15.19
C CYS D 168 28.23 52.12 14.11
N MET D 169 29.22 53.00 13.92
CA MET D 169 29.17 53.99 12.85
C MET D 169 29.01 53.32 11.50
N ALA D 170 29.66 52.18 11.32
CA ALA D 170 29.60 51.48 10.04
C ALA D 170 28.16 51.04 9.77
N LEU D 171 27.49 50.59 10.82
CA LEU D 171 26.10 50.17 10.73
C LEU D 171 25.16 51.34 10.54
N ALA D 172 25.46 52.46 11.19
CA ALA D 172 24.61 53.64 11.15
C ALA D 172 24.65 54.32 9.77
N GLN D 173 25.79 54.17 9.09
CA GLN D 173 26.01 54.72 7.74
C GLN D 173 25.74 53.70 6.61
N GLY D 174 25.22 52.53 6.97
CA GLY D 174 25.09 51.46 6.00
C GLY D 174 23.69 51.25 5.50
N SER D 175 23.39 50.01 5.13
CA SER D 175 22.11 49.63 4.58
C SER D 175 21.02 49.79 5.62
N GLU D 176 19.77 49.75 5.18
CA GLU D 176 18.65 49.95 6.07
C GLU D 176 18.58 48.83 7.12
N ALA D 177 18.83 47.59 6.69
CA ALA D 177 18.90 46.44 7.60
C ALA D 177 19.98 46.62 8.69
N GLN D 178 21.16 47.12 8.30
CA GLN D 178 22.23 47.43 9.25
C GLN D 178 21.78 48.47 10.27
N LYS D 179 21.08 49.51 9.82
CA LYS D 179 20.61 50.56 10.73
C LYS D 179 19.61 50.02 11.74
N GLN D 180 18.74 49.12 11.29
CA GLN D 180 17.75 48.52 12.17
C GLN D 180 18.38 47.58 13.21
N MET D 181 19.41 46.87 12.78
CA MET D 181 20.17 46.00 13.63
C MET D 181 20.74 46.83 14.78
N LEU D 182 21.33 47.97 14.44
CA LEU D 182 21.89 48.86 15.44
C LEU D 182 20.82 49.35 16.42
N GLN D 183 19.69 49.80 15.90
CA GLN D 183 18.67 50.37 16.76
C GLN D 183 18.18 49.31 17.75
N ASP D 184 18.00 48.09 17.27
CA ASP D 184 17.54 47.00 18.11
C ASP D 184 18.54 46.65 19.23
N ALA D 185 19.83 46.69 18.91
CA ALA D 185 20.84 46.40 19.89
C ALA D 185 20.78 47.46 20.98
N ILE D 186 20.77 48.73 20.57
CA ILE D 186 20.66 49.86 21.48
C ILE D 186 19.43 49.70 22.37
N ASN D 187 18.30 49.33 21.78
CA ASN D 187 17.07 49.17 22.56
C ASN D 187 17.20 48.14 23.67
N ARG D 188 17.98 47.09 23.41
CA ARG D 188 18.17 46.01 24.37
C ARG D 188 19.28 46.26 25.39
N PHE D 189 20.21 47.16 25.10
CA PHE D 189 21.37 47.35 25.97
C PHE D 189 21.44 48.67 26.72
N TRP D 190 20.57 49.62 26.36
CA TRP D 190 20.64 50.95 26.94
C TRP D 190 20.42 50.93 28.45
N TRP D 191 19.32 50.34 28.88
CA TRP D 191 19.03 50.31 30.32
C TRP D 191 20.00 49.44 31.10
N PRO D 192 20.31 48.20 30.60
CA PRO D 192 21.30 47.41 31.29
C PRO D 192 22.64 48.14 31.46
N ALA D 193 23.00 48.94 30.47
CA ALA D 193 24.20 49.77 30.56
C ALA D 193 24.10 50.77 31.70
N LEU D 194 22.93 51.37 31.89
CA LEU D 194 22.74 52.36 32.96
C LEU D 194 22.77 51.72 34.33
N MET D 195 22.35 50.46 34.40
CA MET D 195 22.36 49.74 35.67
C MET D 195 23.76 49.36 36.14
N MET D 196 24.72 49.31 35.22
CA MET D 196 26.10 48.94 35.53
C MET D 196 26.69 49.73 36.68
N PHE D 197 26.30 50.99 36.78
CA PHE D 197 26.84 51.89 37.80
C PHE D 197 26.34 51.58 39.21
N GLY D 198 25.28 50.79 39.30
CA GLY D 198 24.72 50.38 40.58
C GLY D 198 23.56 51.24 41.04
N PRO D 199 22.89 50.83 42.14
CA PRO D 199 21.74 51.52 42.73
C PRO D 199 22.06 52.92 43.27
N ASN D 200 21.00 53.66 43.60
CA ASN D 200 21.09 55.09 43.96
C ASN D 200 21.93 55.41 45.22
N ASN D 206 28.41 50.57 53.45
CA ASN D 206 29.01 50.56 52.11
C ASN D 206 29.54 51.92 51.70
N SER D 207 28.74 52.66 50.92
CA SER D 207 29.11 53.96 50.36
C SER D 207 29.64 54.93 51.41
N ALA D 208 29.08 54.83 52.62
CA ALA D 208 29.56 55.62 53.75
C ALA D 208 31.06 55.45 53.90
N ARG D 209 31.49 54.21 54.15
CA ARG D 209 32.90 53.90 54.40
C ARG D 209 33.77 54.03 53.16
N SER D 210 33.26 53.57 52.02
CA SER D 210 33.99 53.61 50.75
C SER D 210 34.38 55.01 50.31
N LEU D 211 33.46 55.97 50.43
CA LEU D 211 33.74 57.34 50.04
C LEU D 211 34.69 58.00 51.02
N THR D 212 34.45 57.74 52.31
CA THR D 212 35.34 58.24 53.38
C THR D 212 36.74 57.68 53.21
N TRP D 213 36.83 56.38 52.90
CA TRP D 213 38.11 55.74 52.64
C TRP D 213 38.71 56.04 51.27
N LYS D 214 37.95 56.72 50.42
CA LYS D 214 38.38 57.09 49.06
C LYS D 214 38.72 55.86 48.21
N ILE D 215 37.99 54.79 48.44
CA ILE D 215 37.97 53.63 47.56
C ILE D 215 37.14 54.00 46.33
N LYS D 216 35.91 54.44 46.59
CA LYS D 216 35.08 55.09 45.60
C LYS D 216 35.25 56.61 45.75
N ARG D 217 35.31 57.35 44.64
CA ARG D 217 35.48 58.80 44.72
C ARG D 217 34.21 59.54 44.31
N PHE D 218 33.36 58.89 43.52
CA PHE D 218 32.13 59.47 43.04
C PHE D 218 30.98 58.54 43.39
N THR D 219 29.78 59.09 43.53
CA THR D 219 28.59 58.28 43.77
C THR D 219 28.15 57.62 42.48
N ASN D 220 27.39 56.53 42.60
CA ASN D 220 26.80 55.86 41.44
C ASN D 220 25.99 56.82 40.55
N ASP D 221 25.14 57.65 41.17
CA ASP D 221 24.31 58.60 40.45
C ASP D 221 25.17 59.61 39.69
N GLU D 222 26.23 60.09 40.34
CA GLU D 222 27.15 61.03 39.72
C GLU D 222 27.76 60.46 38.43
N LEU D 223 28.18 59.20 38.50
CA LEU D 223 28.85 58.55 37.40
C LEU D 223 27.92 58.22 36.26
N ARG D 224 26.74 57.72 36.60
CA ARG D 224 25.67 57.51 35.65
C ARG D 224 25.33 58.81 34.91
N GLN D 225 25.11 59.89 35.65
CA GLN D 225 24.81 61.18 35.06
C GLN D 225 25.84 61.57 33.98
N ARG D 226 27.10 61.31 34.27
CA ARG D 226 28.23 61.67 33.46
C ARG D 226 28.41 60.80 32.25
N PHE D 227 27.95 59.57 32.36
CA PHE D 227 27.79 58.64 31.26
C PHE D 227 26.70 59.07 30.29
N VAL D 228 25.51 59.35 30.82
CA VAL D 228 24.40 59.81 29.99
C VAL D 228 24.75 61.13 29.28
N ASP D 229 25.29 62.11 30.01
CA ASP D 229 25.62 63.42 29.43
C ASP D 229 26.58 63.28 28.25
N ASN D 230 27.46 62.28 28.33
CA ASN D 230 28.47 62.04 27.31
C ASN D 230 28.06 61.05 26.23
N THR D 231 27.02 60.27 26.49
CA THR D 231 26.61 59.23 25.54
C THR D 231 25.52 59.71 24.60
N VAL D 232 24.49 60.37 25.13
CA VAL D 232 23.40 60.93 24.31
C VAL D 232 23.90 61.62 23.00
N PRO D 233 24.93 62.47 23.10
CA PRO D 233 25.40 63.07 21.85
C PRO D 233 25.92 62.06 20.83
N GLN D 234 26.54 61.00 21.31
CA GLN D 234 27.04 59.93 20.44
C GLN D 234 25.92 59.13 19.80
N VAL D 235 24.83 58.92 20.55
CA VAL D 235 23.61 58.30 20.01
C VAL D 235 23.05 59.15 18.85
N GLU D 236 23.07 60.46 19.04
CA GLU D 236 22.56 61.39 18.04
C GLU D 236 23.45 61.39 16.78
N MET D 237 24.75 61.25 16.99
CA MET D 237 25.72 61.18 15.89
C MET D 237 25.46 60.02 14.95
N LEU D 238 24.89 58.96 15.50
CA LEU D 238 24.58 57.75 14.74
C LEU D 238 23.19 57.79 14.10
N GLY D 239 22.43 58.86 14.33
CA GLY D 239 21.05 58.95 13.87
C GLY D 239 20.14 57.90 14.49
N MET D 240 20.37 57.60 15.77
CA MET D 240 19.61 56.58 16.47
C MET D 240 18.83 57.19 17.63
N THR D 241 17.91 56.43 18.20
CA THR D 241 17.13 56.90 19.33
C THR D 241 17.46 56.07 20.56
N VAL D 242 17.21 56.66 21.73
CA VAL D 242 17.34 56.03 23.03
C VAL D 242 15.96 55.59 23.48
N PRO D 243 15.80 54.33 23.91
CA PRO D 243 14.48 53.83 24.32
C PRO D 243 14.04 54.39 25.68
N ASP D 244 13.96 55.71 25.80
CA ASP D 244 13.50 56.36 27.03
C ASP D 244 12.59 57.55 26.73
N PRO D 245 11.26 57.36 26.88
CA PRO D 245 10.33 58.46 26.64
C PRO D 245 10.62 59.69 27.51
N ASP D 246 11.14 59.49 28.71
CA ASP D 246 11.31 60.57 29.70
C ASP D 246 12.68 61.25 29.64
N LEU D 247 13.43 60.99 28.57
CA LEU D 247 14.77 61.55 28.45
C LEU D 247 14.76 62.96 27.84
N HIS D 248 15.46 63.90 28.51
CA HIS D 248 15.56 65.30 28.07
C HIS D 248 16.74 66.05 28.70
N PHE D 249 17.18 67.14 28.06
CA PHE D 249 18.20 68.02 28.64
C PHE D 249 17.59 68.98 29.66
N ASP D 250 18.35 69.30 30.70
CA ASP D 250 17.89 70.23 31.73
C ASP D 250 18.85 71.41 31.83
N THR D 251 18.46 72.53 31.20
CA THR D 251 19.29 73.74 31.17
C THR D 251 19.61 74.27 32.58
N GLU D 252 18.62 74.18 33.46
CA GLU D 252 18.69 74.68 34.81
C GLU D 252 19.90 74.13 35.57
N SER D 253 20.25 72.87 35.31
CA SER D 253 21.41 72.22 35.97
C SER D 253 22.58 71.97 35.01
N GLY D 254 22.28 71.68 33.75
CA GLY D 254 23.31 71.45 32.74
C GLY D 254 23.61 69.98 32.48
N HIS D 255 22.63 69.12 32.74
CA HIS D 255 22.78 67.69 32.53
C HIS D 255 21.55 67.16 31.83
N TYR D 256 21.74 66.10 31.06
CA TYR D 256 20.65 65.31 30.53
C TYR D 256 20.00 64.55 31.69
N ARG D 257 18.69 64.74 31.91
CA ARG D 257 17.97 63.90 32.87
C ARG D 257 17.35 62.72 32.12
N PHE D 258 17.23 61.59 32.81
CA PHE D 258 16.70 60.39 32.20
C PHE D 258 15.59 59.81 33.05
N GLY D 259 14.86 58.86 32.47
CA GLY D 259 13.74 58.20 33.12
C GLY D 259 14.12 57.33 34.32
N GLU D 260 13.09 56.85 35.01
CA GLU D 260 13.27 56.06 36.21
C GLU D 260 13.72 54.65 35.82
N ILE D 261 14.92 54.28 36.28
CA ILE D 261 15.46 52.93 36.13
C ILE D 261 14.66 51.94 36.98
N ASP D 262 14.37 50.77 36.41
CA ASP D 262 13.71 49.70 37.15
C ASP D 262 14.75 48.90 37.94
N TRP D 263 14.85 49.17 39.24
CA TRP D 263 15.82 48.55 40.09
C TRP D 263 15.43 47.16 40.51
N GLN D 264 14.18 46.80 40.26
CA GLN D 264 13.73 45.46 40.49
C GLN D 264 14.35 44.51 39.47
N GLU D 265 14.42 44.90 38.20
CA GLU D 265 15.08 44.07 37.17
C GLU D 265 16.52 43.78 37.61
N PHE D 266 17.24 44.85 37.94
CA PHE D 266 18.62 44.80 38.42
C PHE D 266 18.80 43.80 39.55
N ASN D 267 17.83 43.72 40.44
CA ASN D 267 17.90 42.83 41.58
C ASN D 267 17.83 41.37 41.20
N GLU D 268 16.94 41.05 40.26
CA GLU D 268 16.86 39.71 39.69
C GLU D 268 18.17 39.32 39.01
N VAL D 269 18.77 40.24 38.26
CA VAL D 269 19.99 39.96 37.52
C VAL D 269 21.19 39.63 38.40
N ILE D 270 21.47 40.46 39.40
CA ILE D 270 22.62 40.22 40.29
C ILE D 270 22.37 39.04 41.25
N ASN D 271 21.13 38.57 41.34
CA ASN D 271 20.79 37.42 42.16
C ASN D 271 20.67 36.15 41.36
N GLY D 272 21.25 36.17 40.15
CA GLY D 272 21.37 34.99 39.30
C GLY D 272 20.13 34.63 38.51
N ARG D 273 19.17 35.55 38.45
CA ARG D 273 17.91 35.29 37.74
C ARG D 273 17.72 36.16 36.49
N GLY D 274 18.84 36.58 35.90
CA GLY D 274 18.80 37.29 34.61
C GLY D 274 18.77 36.32 33.44
N ILE D 275 18.99 36.84 32.24
CA ILE D 275 18.84 36.06 31.02
C ILE D 275 19.92 34.99 30.84
N CYS D 276 21.18 35.33 31.09
CA CYS D 276 22.31 34.40 30.85
C CYS D 276 23.11 33.99 32.09
N ASN D 277 22.66 34.35 33.29
CA ASN D 277 23.40 34.02 34.53
C ASN D 277 23.84 32.55 34.58
N GLN D 278 22.87 31.65 34.40
CA GLN D 278 23.15 30.22 34.46
C GLN D 278 24.17 29.81 33.40
N GLU D 279 24.02 30.34 32.19
CA GLU D 279 24.88 29.95 31.07
C GLU D 279 26.30 30.43 31.23
N ARG D 280 26.47 31.59 31.89
CA ARG D 280 27.79 32.18 32.11
C ARG D 280 28.59 31.41 33.15
N LEU D 281 27.95 31.13 34.30
CA LEU D 281 28.57 30.32 35.34
C LEU D 281 28.75 28.87 34.91
N ASP D 282 27.77 28.30 34.20
CA ASP D 282 27.93 26.94 33.67
C ASP D 282 29.14 26.83 32.76
N ALA D 283 29.35 27.84 31.93
CA ALA D 283 30.48 27.88 31.00
C ALA D 283 31.83 27.98 31.72
N LYS D 284 31.93 28.83 32.74
CA LYS D 284 33.16 28.93 33.52
C LYS D 284 33.45 27.68 34.37
N ARG D 285 32.40 27.14 35.01
CA ARG D 285 32.50 25.90 35.78
C ARG D 285 32.96 24.74 34.92
N LYS D 286 32.28 24.52 33.79
CA LYS D 286 32.62 23.47 32.84
C LYS D 286 34.07 23.65 32.36
N ALA D 287 34.46 24.89 32.08
CA ALA D 287 35.82 25.17 31.67
C ALA D 287 36.81 24.79 32.77
N TRP D 288 36.46 25.12 34.00
CA TRP D 288 37.30 24.83 35.16
C TRP D 288 37.38 23.33 35.45
N GLU D 289 36.23 22.67 35.58
CA GLU D 289 36.14 21.23 35.86
C GLU D 289 36.85 20.40 34.81
N GLU D 290 36.49 20.58 33.54
CA GLU D 290 37.08 19.83 32.44
C GLU D 290 38.54 20.19 32.20
N GLY D 291 39.02 21.26 32.82
CA GLY D 291 40.41 21.66 32.69
C GLY D 291 41.32 21.12 33.78
N THR D 292 40.73 20.46 34.78
CA THR D 292 41.48 19.95 35.94
C THR D 292 42.66 19.07 35.52
N TRP D 293 42.41 18.10 34.66
CA TRP D 293 43.47 17.20 34.23
C TRP D 293 44.64 17.96 33.59
N VAL D 294 44.34 19.12 33.00
CA VAL D 294 45.37 19.93 32.37
C VAL D 294 46.22 20.64 33.40
N ARG D 295 45.57 21.21 34.41
CA ARG D 295 46.27 21.94 35.48
C ARG D 295 47.12 20.99 36.33
N GLU D 296 46.55 19.82 36.65
CA GLU D 296 47.29 18.74 37.31
C GLU D 296 48.52 18.31 36.52
N ALA D 297 48.36 18.15 35.21
CA ALA D 297 49.47 17.76 34.35
C ALA D 297 50.63 18.76 34.45
N ALA D 298 50.30 20.06 34.43
CA ALA D 298 51.31 21.10 34.48
C ALA D 298 52.04 21.11 35.83
N LEU D 299 51.29 20.77 36.89
CA LEU D 299 51.81 20.67 38.24
C LEU D 299 52.80 19.51 38.33
N ALA D 300 52.35 18.32 37.95
CA ALA D 300 53.17 17.11 37.93
C ALA D 300 54.45 17.24 37.11
N HIS D 301 54.35 17.89 35.95
CA HIS D 301 55.50 18.07 35.06
C HIS D 301 56.55 19.01 35.66
N ALA D 302 56.09 20.01 36.43
CA ALA D 302 56.99 20.96 37.10
C ALA D 302 57.78 20.26 38.20
N GLN D 303 57.11 19.36 38.92
CA GLN D 303 57.73 18.59 40.01
C GLN D 303 58.78 17.59 39.53
N LYS D 304 58.83 17.36 38.22
CA LYS D 304 59.91 16.58 37.61
C LYS D 304 60.92 17.57 37.03
N SER E 12 -10.04 -59.03 -1.09
CA SER E 12 -10.64 -57.77 -0.59
C SER E 12 -11.86 -57.35 -1.45
N ASN E 13 -12.03 -58.04 -2.58
CA ASN E 13 -13.10 -57.75 -3.56
C ASN E 13 -14.49 -57.98 -3.03
N GLN E 14 -14.67 -59.11 -2.37
CA GLN E 14 -15.96 -59.51 -1.81
C GLN E 14 -16.38 -58.57 -0.68
N LEU E 15 -15.41 -58.09 0.08
CA LEU E 15 -15.66 -57.12 1.14
C LEU E 15 -16.16 -55.80 0.56
N THR E 16 -15.56 -55.37 -0.54
CA THR E 16 -15.96 -54.17 -1.24
C THR E 16 -17.42 -54.25 -1.69
N ALA E 17 -17.78 -55.35 -2.34
CA ALA E 17 -19.13 -55.55 -2.85
C ALA E 17 -20.15 -55.61 -1.71
N TYR E 18 -19.76 -56.19 -0.58
CA TYR E 18 -20.66 -56.32 0.55
C TYR E 18 -20.96 -54.95 1.16
N THR E 19 -19.92 -54.12 1.30
CA THR E 19 -20.07 -52.76 1.85
C THR E 19 -20.87 -51.88 0.88
N LEU E 20 -20.61 -52.06 -0.40
CA LEU E 20 -21.28 -51.30 -1.44
C LEU E 20 -22.78 -51.57 -1.43
N ARG E 21 -23.15 -52.83 -1.24
CA ARG E 21 -24.56 -53.21 -1.18
C ARG E 21 -25.29 -52.49 -0.07
N LEU E 22 -24.69 -52.50 1.11
CA LEU E 22 -25.29 -51.86 2.27
C LEU E 22 -25.42 -50.36 2.02
N GLY E 23 -24.37 -49.76 1.45
CA GLY E 23 -24.45 -48.37 1.03
C GLY E 23 -25.54 -48.10 0.01
N ASP E 24 -25.67 -48.97 -0.98
CA ASP E 24 -26.67 -48.84 -2.03
C ASP E 24 -28.09 -48.93 -1.50
N ASN E 25 -28.35 -49.84 -0.57
CA ASN E 25 -29.66 -49.94 0.08
C ASN E 25 -30.07 -48.60 0.70
N CYS E 26 -29.14 -48.03 1.45
CA CYS E 26 -29.39 -46.81 2.20
C CYS E 26 -29.50 -45.62 1.26
N LEU E 27 -28.64 -45.59 0.24
CA LEU E 27 -28.67 -44.51 -0.73
C LEU E 27 -30.02 -44.44 -1.46
N VAL E 28 -30.44 -45.55 -2.06
CA VAL E 28 -31.65 -45.60 -2.85
C VAL E 28 -32.89 -45.31 -2.01
N LEU E 29 -32.94 -45.84 -0.80
CA LEU E 29 -34.10 -45.60 0.07
C LEU E 29 -34.20 -44.12 0.42
N SER E 30 -33.05 -43.54 0.73
CA SER E 30 -32.91 -42.11 0.94
C SER E 30 -33.51 -41.29 -0.21
N GLN E 31 -33.24 -41.68 -1.46
CA GLN E 31 -33.77 -40.98 -2.63
C GLN E 31 -35.26 -40.97 -2.60
N ARG E 32 -35.85 -42.14 -2.34
CA ARG E 32 -37.29 -42.27 -2.28
C ARG E 32 -37.89 -41.36 -1.22
N LEU E 33 -37.27 -41.34 -0.05
CA LEU E 33 -37.79 -40.53 1.05
C LEU E 33 -37.69 -39.04 0.76
N GLY E 34 -36.69 -38.67 -0.04
CA GLY E 34 -36.53 -37.29 -0.48
C GLY E 34 -37.71 -36.77 -1.29
N GLU E 35 -38.37 -37.66 -2.05
CA GLU E 35 -39.51 -37.25 -2.88
C GLU E 35 -40.71 -36.81 -2.03
N TRP E 36 -40.69 -37.17 -0.74
CA TRP E 36 -41.81 -36.91 0.16
C TRP E 36 -41.81 -35.49 0.71
N CYS E 37 -40.70 -34.79 0.50
CA CYS E 37 -40.44 -33.53 1.16
C CYS E 37 -41.48 -32.46 0.81
N GLY E 38 -42.23 -32.02 1.80
CA GLY E 38 -43.31 -31.05 1.62
C GLY E 38 -44.64 -31.62 1.15
N HIS E 39 -44.73 -32.95 1.06
CA HIS E 39 -45.92 -33.62 0.56
C HIS E 39 -46.54 -34.61 1.55
N ALA E 40 -46.12 -34.58 2.81
CA ALA E 40 -46.63 -35.50 3.84
C ALA E 40 -48.03 -35.09 4.33
N PRO E 41 -48.78 -36.02 4.96
CA PRO E 41 -50.09 -35.72 5.54
C PRO E 41 -50.05 -34.74 6.73
N GLU E 42 -48.93 -34.68 7.43
CA GLU E 42 -48.75 -33.76 8.56
C GLU E 42 -47.33 -33.21 8.53
N LEU E 43 -47.15 -32.03 9.12
CA LEU E 43 -45.83 -31.46 9.29
C LEU E 43 -44.92 -32.39 10.10
N GLU E 44 -45.46 -33.00 11.17
CA GLU E 44 -44.70 -33.89 12.04
C GLU E 44 -44.14 -35.07 11.24
N ILE E 45 -44.93 -35.55 10.28
CA ILE E 45 -44.51 -36.65 9.41
C ILE E 45 -43.45 -36.20 8.41
N ASP E 46 -43.63 -35.01 7.85
CA ASP E 46 -42.61 -34.40 6.97
C ASP E 46 -41.26 -34.38 7.66
N LEU E 47 -41.24 -33.89 8.89
CA LEU E 47 -40.03 -33.83 9.69
C LEU E 47 -39.41 -35.21 9.92
N ALA E 48 -40.23 -36.20 10.27
CA ALA E 48 -39.72 -37.55 10.51
C ALA E 48 -39.12 -38.19 9.25
N LEU E 49 -39.84 -38.08 8.13
CA LEU E 49 -39.35 -38.62 6.86
C LEU E 49 -38.05 -37.95 6.45
N ALA E 50 -37.96 -36.64 6.59
CA ALA E 50 -36.73 -35.93 6.27
C ALA E 50 -35.61 -36.39 7.21
N ASN E 51 -35.96 -36.64 8.45
CA ASN E 51 -34.98 -37.13 9.42
C ASN E 51 -34.45 -38.53 9.10
N ILE E 52 -35.36 -39.45 8.78
CA ILE E 52 -34.99 -40.83 8.44
C ILE E 52 -34.16 -40.87 7.17
N GLY E 53 -34.58 -40.10 6.17
CA GLY E 53 -33.84 -39.97 4.92
C GLY E 53 -32.43 -39.46 5.17
N LEU E 54 -32.31 -38.53 6.11
CA LEU E 54 -31.01 -37.95 6.43
C LEU E 54 -30.11 -38.97 7.12
N ASP E 55 -30.67 -39.71 8.07
CA ASP E 55 -29.95 -40.79 8.73
C ASP E 55 -29.39 -41.76 7.69
N LEU E 56 -30.27 -42.29 6.84
CA LEU E 56 -29.94 -43.26 5.81
C LEU E 56 -28.89 -42.73 4.85
N LEU E 57 -29.03 -41.46 4.45
CA LEU E 57 -28.01 -40.86 3.63
C LEU E 57 -26.64 -40.90 4.34
N GLY E 58 -26.63 -40.60 5.64
CA GLY E 58 -25.41 -40.71 6.46
C GLY E 58 -24.78 -42.09 6.43
N GLN E 59 -25.59 -43.13 6.59
CA GLN E 59 -25.10 -44.51 6.50
C GLN E 59 -24.55 -44.82 5.10
N ALA E 60 -25.24 -44.36 4.06
CA ALA E 60 -24.81 -44.55 2.68
C ALA E 60 -23.45 -43.94 2.47
N ARG E 61 -23.25 -42.73 2.98
CA ARG E 61 -21.95 -42.06 2.83
C ARG E 61 -20.85 -42.82 3.55
N ASN E 62 -21.18 -43.38 4.71
CA ASN E 62 -20.20 -44.17 5.47
C ASN E 62 -19.84 -45.45 4.73
N PHE E 63 -20.85 -46.20 4.29
CA PHE E 63 -20.60 -47.43 3.55
C PHE E 63 -19.93 -47.17 2.20
N LEU E 64 -20.37 -46.13 1.48
CA LEU E 64 -19.81 -45.85 0.17
C LEU E 64 -18.35 -45.38 0.27
N SER E 65 -18.07 -44.57 1.29
CA SER E 65 -16.71 -44.08 1.51
C SER E 65 -15.78 -45.25 1.81
N TYR E 66 -16.26 -46.18 2.62
CA TYR E 66 -15.47 -47.33 2.95
C TYR E 66 -15.23 -48.19 1.71
N ALA E 67 -16.28 -48.40 0.93
CA ALA E 67 -16.19 -49.14 -0.32
C ALA E 67 -15.14 -48.56 -1.26
N ALA E 68 -15.10 -47.23 -1.36
CA ALA E 68 -14.11 -46.53 -2.20
C ALA E 68 -12.70 -46.74 -1.67
N GLU E 69 -12.57 -46.69 -0.34
CA GLU E 69 -11.28 -46.88 0.32
C GLU E 69 -10.78 -48.28 0.00
N LEU E 70 -11.66 -49.27 0.19
CA LEU E 70 -11.34 -50.65 -0.09
C LEU E 70 -10.90 -50.91 -1.55
N ALA E 71 -11.53 -50.21 -2.49
CA ALA E 71 -11.24 -50.42 -3.90
C ALA E 71 -9.97 -49.68 -4.32
N GLY E 72 -9.55 -48.72 -3.51
CA GLY E 72 -8.38 -47.90 -3.80
C GLY E 72 -8.59 -46.83 -4.85
N GLU E 73 -9.84 -46.51 -5.17
CA GLU E 73 -10.15 -45.43 -6.12
C GLU E 73 -11.57 -44.90 -5.94
N GLY E 74 -11.76 -43.63 -6.30
CA GLY E 74 -13.06 -42.99 -6.24
C GLY E 74 -13.47 -42.56 -4.85
N ASP E 75 -14.70 -42.10 -4.72
CA ASP E 75 -15.27 -41.73 -3.43
C ASP E 75 -16.78 -42.02 -3.42
N GLU E 76 -17.46 -41.55 -2.37
CA GLU E 76 -18.91 -41.60 -2.29
C GLU E 76 -19.57 -41.03 -3.55
N ASP E 77 -19.04 -39.93 -4.08
CA ASP E 77 -19.64 -39.29 -5.23
C ASP E 77 -19.47 -40.05 -6.56
N THR E 78 -18.30 -40.65 -6.80
CA THR E 78 -18.10 -41.40 -8.04
C THR E 78 -18.94 -42.67 -8.01
N LEU E 79 -19.11 -43.22 -6.82
CA LEU E 79 -19.88 -44.43 -6.66
C LEU E 79 -21.37 -44.15 -6.79
N ALA E 80 -21.81 -42.98 -6.33
CA ALA E 80 -23.23 -42.67 -6.37
C ALA E 80 -23.65 -42.21 -7.75
N PHE E 81 -22.80 -41.40 -8.38
CA PHE E 81 -23.20 -40.64 -9.58
C PHE E 81 -22.65 -41.12 -10.92
N THR E 82 -21.74 -42.10 -10.91
CA THR E 82 -21.13 -42.53 -12.17
C THR E 82 -21.31 -44.01 -12.52
N ARG E 83 -21.91 -44.77 -11.62
CA ARG E 83 -22.33 -46.13 -11.93
C ARG E 83 -23.72 -46.10 -12.58
N ASP E 84 -24.05 -47.11 -13.38
CA ASP E 84 -25.36 -47.16 -13.99
C ASP E 84 -26.20 -48.24 -13.34
N GLU E 85 -27.45 -48.41 -13.77
CA GLU E 85 -28.33 -49.31 -13.03
C GLU E 85 -27.80 -50.74 -12.89
N ARG E 86 -27.08 -51.22 -13.90
CA ARG E 86 -26.56 -52.59 -13.88
C ARG E 86 -25.39 -52.76 -12.90
N GLN E 87 -24.88 -51.64 -12.39
CA GLN E 87 -23.82 -51.68 -11.39
C GLN E 87 -24.31 -51.41 -9.96
N PHE E 88 -25.57 -51.02 -9.81
CA PHE E 88 -26.14 -50.79 -8.49
C PHE E 88 -26.54 -52.10 -7.86
N SER E 89 -26.39 -52.19 -6.55
CA SER E 89 -26.56 -53.46 -5.87
C SER E 89 -27.54 -53.42 -4.68
N ASN E 90 -28.41 -52.42 -4.67
CA ASN E 90 -29.40 -52.25 -3.60
C ASN E 90 -30.45 -53.34 -3.70
N LEU E 91 -31.08 -53.66 -2.57
CA LEU E 91 -32.22 -54.57 -2.54
C LEU E 91 -33.36 -54.00 -3.41
N LEU E 92 -34.15 -54.89 -4.03
CA LEU E 92 -35.28 -54.47 -4.86
C LEU E 92 -36.34 -53.68 -4.07
N LEU E 93 -36.43 -53.97 -2.78
CA LEU E 93 -37.41 -53.38 -1.90
C LEU E 93 -37.29 -51.86 -1.84
N VAL E 94 -36.05 -51.37 -1.78
CA VAL E 94 -35.82 -49.93 -1.56
C VAL E 94 -36.08 -49.09 -2.79
N GLU E 95 -36.21 -49.70 -3.95
CA GLU E 95 -36.41 -48.94 -5.19
C GLU E 95 -37.88 -48.83 -5.58
N GLN E 96 -38.75 -49.48 -4.81
CA GLN E 96 -40.18 -49.46 -5.08
C GLN E 96 -40.75 -48.06 -4.94
N PRO E 97 -41.75 -47.72 -5.76
CA PRO E 97 -42.23 -46.33 -5.71
C PRO E 97 -42.87 -46.03 -4.35
N ASN E 98 -42.96 -44.75 -4.02
CA ASN E 98 -43.54 -44.30 -2.78
C ASN E 98 -45.01 -44.67 -2.62
N GLY E 99 -45.75 -44.71 -3.74
CA GLY E 99 -47.19 -44.90 -3.74
C GLY E 99 -47.83 -43.94 -2.73
N ASN E 100 -48.83 -44.44 -2.01
CA ASN E 100 -49.42 -43.67 -0.92
C ASN E 100 -48.64 -43.92 0.36
N PHE E 101 -49.07 -43.28 1.44
CA PHE E 101 -48.36 -43.32 2.70
C PHE E 101 -48.24 -44.73 3.29
N ALA E 102 -49.21 -45.59 3.02
CA ALA E 102 -49.14 -46.95 3.51
C ALA E 102 -48.02 -47.71 2.79
N ASP E 103 -47.95 -47.52 1.47
CA ASP E 103 -46.90 -48.14 0.65
C ASP E 103 -45.51 -47.78 1.20
N THR E 104 -45.37 -46.50 1.58
CA THR E 104 -44.10 -45.99 2.06
C THR E 104 -43.79 -46.53 3.46
N ILE E 105 -44.81 -46.60 4.32
CA ILE E 105 -44.68 -47.17 5.64
C ILE E 105 -44.35 -48.66 5.60
N ALA E 106 -45.05 -49.42 4.76
CA ALA E 106 -44.76 -50.86 4.64
C ALA E 106 -43.29 -51.08 4.31
N ARG E 107 -42.80 -50.38 3.28
CA ARG E 107 -41.43 -50.49 2.81
C ARG E 107 -40.45 -50.12 3.91
N GLN E 108 -40.78 -49.04 4.62
CA GLN E 108 -39.91 -48.57 5.70
C GLN E 108 -39.80 -49.63 6.78
N TYR E 109 -40.95 -50.19 7.16
CA TYR E 109 -41.04 -51.19 8.21
C TYR E 109 -40.19 -52.43 7.91
N PHE E 110 -40.41 -53.01 6.73
CA PHE E 110 -39.67 -54.20 6.31
C PHE E 110 -38.16 -53.95 6.34
N ILE E 111 -37.74 -52.77 5.90
CA ILE E 111 -36.34 -52.41 5.87
C ILE E 111 -35.78 -52.12 7.27
N ASP E 112 -36.59 -51.49 8.11
CA ASP E 112 -36.16 -51.18 9.48
C ASP E 112 -35.96 -52.44 10.30
N ALA E 113 -36.95 -53.34 10.28
CA ALA E 113 -36.85 -54.63 10.95
C ALA E 113 -35.56 -55.32 10.55
N TRP E 114 -35.31 -55.34 9.25
CA TRP E 114 -34.10 -55.94 8.68
C TRP E 114 -32.83 -55.24 9.15
N HIS E 115 -32.83 -53.91 9.10
CA HIS E 115 -31.66 -53.14 9.52
C HIS E 115 -31.30 -53.38 10.98
N VAL E 116 -32.31 -53.41 11.84
CA VAL E 116 -32.10 -53.67 13.25
C VAL E 116 -31.49 -55.06 13.45
N ALA E 117 -32.11 -56.08 12.85
CA ALA E 117 -31.58 -57.44 12.93
C ALA E 117 -30.14 -57.51 12.41
N LEU E 118 -29.87 -56.81 11.31
CA LEU E 118 -28.54 -56.86 10.68
C LEU E 118 -27.47 -56.15 11.47
N PHE E 119 -27.74 -54.89 11.82
CA PHE E 119 -26.73 -54.07 12.47
C PHE E 119 -26.44 -54.49 13.91
N THR E 120 -27.43 -55.07 14.58
CA THR E 120 -27.24 -55.63 15.92
C THR E 120 -26.09 -56.64 15.88
N ARG E 121 -26.11 -57.49 14.86
CA ARG E 121 -25.10 -58.53 14.69
C ARG E 121 -23.83 -58.02 14.01
N LEU E 122 -23.99 -57.01 13.15
CA LEU E 122 -22.88 -56.56 12.33
C LEU E 122 -21.92 -55.65 13.10
N MET E 123 -22.34 -55.14 14.25
CA MET E 123 -21.43 -54.37 15.09
C MET E 123 -20.42 -55.26 15.83
N GLU E 124 -20.63 -56.58 15.75
CA GLU E 124 -19.70 -57.56 16.30
C GLU E 124 -18.81 -58.16 15.21
N SER E 125 -18.78 -57.51 14.05
CA SER E 125 -17.97 -57.95 12.92
C SER E 125 -16.47 -57.89 13.26
N ARG E 126 -15.70 -58.82 12.69
CA ARG E 126 -14.25 -58.86 12.88
C ARG E 126 -13.55 -57.76 12.08
N ASP E 127 -14.30 -57.06 11.23
CA ASP E 127 -13.75 -55.90 10.51
C ASP E 127 -14.10 -54.62 11.28
N PRO E 128 -13.08 -53.96 11.84
CA PRO E 128 -13.30 -52.81 12.74
C PRO E 128 -14.17 -51.72 12.13
N GLN E 129 -13.87 -51.30 10.91
CA GLN E 129 -14.61 -50.23 10.23
C GLN E 129 -16.08 -50.56 9.97
N LEU E 130 -16.36 -51.81 9.64
CA LEU E 130 -17.73 -52.30 9.48
C LEU E 130 -18.49 -52.35 10.79
N ALA E 131 -17.77 -52.75 11.85
CA ALA E 131 -18.33 -52.79 13.20
C ALA E 131 -18.69 -51.38 13.66
N ALA E 132 -17.76 -50.45 13.43
CA ALA E 132 -17.95 -49.05 13.83
C ALA E 132 -19.15 -48.41 13.13
N ILE E 133 -19.22 -48.57 11.81
CA ILE E 133 -20.35 -48.05 11.02
C ILE E 133 -21.68 -48.63 11.53
N SER E 134 -21.72 -49.95 11.74
CA SER E 134 -22.91 -50.62 12.27
C SER E 134 -23.31 -50.10 13.65
N ALA E 135 -22.31 -49.73 14.46
CA ALA E 135 -22.57 -49.21 15.81
C ALA E 135 -23.31 -47.86 15.77
N LYS E 136 -22.97 -47.01 14.81
CA LYS E 136 -23.73 -45.77 14.57
C LYS E 136 -25.11 -46.11 13.98
N ALA E 137 -25.12 -46.96 12.96
CA ALA E 137 -26.33 -47.29 12.23
C ALA E 137 -27.45 -47.83 13.12
N ILE E 138 -27.12 -48.77 14.00
CA ILE E 138 -28.13 -49.44 14.84
C ILE E 138 -28.98 -48.46 15.69
N LYS E 139 -28.33 -47.46 16.27
CA LYS E 139 -29.00 -46.44 17.06
C LYS E 139 -30.05 -45.73 16.25
N GLU E 140 -29.71 -45.39 15.01
CA GLU E 140 -30.66 -44.76 14.07
C GLU E 140 -31.77 -45.71 13.65
N ALA E 141 -31.39 -46.94 13.33
CA ALA E 141 -32.35 -47.96 12.86
C ALA E 141 -33.47 -48.22 13.89
N ARG E 142 -33.12 -48.17 15.18
CA ARG E 142 -34.09 -48.39 16.25
C ARG E 142 -35.18 -47.33 16.28
N TYR E 143 -34.79 -46.07 16.05
CA TYR E 143 -35.73 -44.98 15.91
C TYR E 143 -36.62 -45.17 14.68
N HIS E 144 -36.02 -45.66 13.59
CA HIS E 144 -36.75 -45.87 12.35
C HIS E 144 -37.82 -46.92 12.54
N LEU E 145 -37.45 -48.03 13.18
CA LEU E 145 -38.37 -49.13 13.45
C LEU E 145 -39.55 -48.68 14.32
N ARG E 146 -39.27 -47.86 15.33
CA ARG E 146 -40.33 -47.27 16.15
C ARG E 146 -41.30 -46.44 15.34
N PHE E 147 -40.77 -45.60 14.46
CA PHE E 147 -41.61 -44.76 13.61
C PHE E 147 -42.48 -45.61 12.68
N SER E 148 -41.85 -46.52 11.96
CA SER E 148 -42.52 -47.34 10.96
C SER E 148 -43.49 -48.35 11.58
N ARG E 149 -43.08 -48.99 12.68
CA ARG E 149 -43.96 -49.88 13.42
C ARG E 149 -45.13 -49.09 13.98
N GLY E 150 -44.82 -47.93 14.56
CA GLY E 150 -45.85 -47.00 15.03
C GLY E 150 -46.94 -46.76 14.00
N TRP E 151 -46.54 -46.40 12.79
CA TRP E 151 -47.54 -46.09 11.76
C TRP E 151 -48.22 -47.32 11.19
N LEU E 152 -47.51 -48.44 11.16
CA LEU E 152 -48.13 -49.71 10.81
C LEU E 152 -49.33 -49.98 11.73
N GLU E 153 -49.10 -49.86 13.04
CA GLU E 153 -50.19 -49.97 14.02
C GLU E 153 -51.31 -48.95 13.80
N ARG E 154 -50.94 -47.67 13.68
CA ARG E 154 -51.95 -46.62 13.50
C ARG E 154 -52.78 -46.79 12.24
N LEU E 155 -52.17 -47.28 11.15
CA LEU E 155 -52.90 -47.42 9.89
C LEU E 155 -53.71 -48.70 9.79
N GLY E 156 -53.09 -49.82 10.16
CA GLY E 156 -53.80 -51.11 10.18
C GLY E 156 -54.93 -51.12 11.19
N ASN E 157 -54.62 -50.66 12.40
CA ASN E 157 -55.61 -50.56 13.45
C ASN E 157 -56.14 -49.13 13.58
N GLY E 158 -56.71 -48.62 12.50
CA GLY E 158 -57.21 -47.26 12.46
C GLY E 158 -58.67 -47.24 12.09
N THR E 159 -58.95 -46.82 10.86
CA THR E 159 -60.29 -46.89 10.28
C THR E 159 -60.38 -48.13 9.39
N ASP E 160 -61.56 -48.36 8.84
CA ASP E 160 -61.75 -49.42 7.86
C ASP E 160 -60.90 -49.14 6.63
N VAL E 161 -61.03 -47.91 6.11
CA VAL E 161 -60.29 -47.45 4.93
C VAL E 161 -58.76 -47.60 5.09
N SER E 162 -58.23 -47.15 6.21
CA SER E 162 -56.79 -47.14 6.43
C SER E 162 -56.19 -48.54 6.58
N GLY E 163 -56.86 -49.40 7.36
CA GLY E 163 -56.45 -50.80 7.52
C GLY E 163 -56.40 -51.55 6.20
N GLN E 164 -57.35 -51.23 5.33
CA GLN E 164 -57.43 -51.83 4.00
C GLN E 164 -56.28 -51.37 3.09
N LYS E 165 -55.90 -50.11 3.21
CA LYS E 165 -54.79 -49.59 2.43
C LYS E 165 -53.49 -50.14 2.93
N MET E 166 -53.38 -50.29 4.25
CA MET E 166 -52.18 -50.83 4.87
C MET E 166 -51.96 -52.29 4.48
N GLN E 167 -53.07 -53.03 4.30
CA GLN E 167 -52.99 -54.44 3.88
C GLN E 167 -52.58 -54.53 2.43
N GLN E 168 -53.21 -53.72 1.58
CA GLN E 168 -52.85 -53.67 0.16
C GLN E 168 -51.39 -53.33 -0.04
N ALA E 169 -50.87 -52.46 0.83
CA ALA E 169 -49.46 -52.07 0.80
C ALA E 169 -48.52 -53.24 1.13
N ILE E 170 -48.86 -53.97 2.19
CA ILE E 170 -48.10 -55.17 2.57
C ILE E 170 -48.13 -56.21 1.46
N ASN E 171 -49.29 -56.40 0.84
CA ASN E 171 -49.41 -57.38 -0.24
C ASN E 171 -48.58 -56.99 -1.45
N LYS E 172 -48.63 -55.70 -1.79
CA LYS E 172 -47.90 -55.14 -2.92
C LYS E 172 -46.39 -55.35 -2.82
N LEU E 173 -45.84 -55.24 -1.61
CA LEU E 173 -44.39 -55.32 -1.41
C LEU E 173 -43.88 -56.71 -1.09
N TRP E 174 -44.79 -57.59 -0.68
CA TRP E 174 -44.40 -58.83 -0.03
C TRP E 174 -43.38 -59.66 -0.79
N ARG E 175 -43.57 -59.78 -2.10
CA ARG E 175 -42.70 -60.64 -2.92
C ARG E 175 -41.25 -60.21 -2.91
N PHE E 176 -40.96 -58.98 -2.51
CA PHE E 176 -39.59 -58.47 -2.53
C PHE E 176 -38.82 -58.82 -1.27
N THR E 177 -39.53 -59.38 -0.28
CA THR E 177 -38.92 -59.69 1.03
C THR E 177 -37.96 -60.89 0.96
N ALA E 178 -38.10 -61.73 -0.06
CA ALA E 178 -37.26 -62.90 -0.23
C ALA E 178 -35.80 -62.52 -0.30
N GLU E 179 -35.51 -61.41 -0.99
CA GLU E 179 -34.12 -60.96 -1.18
C GLU E 179 -33.43 -60.62 0.15
N LEU E 180 -34.21 -60.34 1.19
CA LEU E 180 -33.67 -60.02 2.51
C LEU E 180 -32.85 -61.17 3.12
N PHE E 181 -33.14 -62.39 2.66
CA PHE E 181 -32.57 -63.60 3.26
C PHE E 181 -31.86 -64.46 2.20
N ASP E 182 -31.66 -63.86 1.04
CA ASP E 182 -30.94 -64.49 -0.03
C ASP E 182 -29.45 -64.30 0.24
N ALA E 183 -28.68 -65.38 0.12
CA ALA E 183 -27.24 -65.32 0.33
C ALA E 183 -26.52 -65.82 -0.91
N ASP E 184 -25.50 -65.10 -1.34
CA ASP E 184 -24.69 -65.55 -2.47
C ASP E 184 -23.22 -65.79 -2.04
N GLU E 185 -22.34 -66.01 -3.02
CA GLU E 185 -20.93 -66.33 -2.73
C GLU E 185 -20.24 -65.32 -1.82
N ILE E 186 -20.55 -64.04 -2.03
CA ILE E 186 -19.98 -62.94 -1.24
C ILE E 186 -20.40 -63.00 0.23
N ASP E 187 -21.70 -63.20 0.47
CA ASP E 187 -22.20 -63.27 1.85
C ASP E 187 -21.59 -64.45 2.59
N ILE E 188 -21.63 -65.61 1.95
CA ILE E 188 -21.15 -66.87 2.55
C ILE E 188 -19.66 -66.80 2.94
N ALA E 189 -18.80 -66.48 1.98
CA ALA E 189 -17.37 -66.38 2.23
C ALA E 189 -17.06 -65.48 3.42
N LEU E 190 -17.71 -64.33 3.48
CA LEU E 190 -17.42 -63.34 4.51
C LEU E 190 -18.02 -63.68 5.87
N SER E 191 -19.12 -64.42 5.87
CA SER E 191 -19.72 -64.85 7.13
C SER E 191 -18.88 -65.98 7.74
N GLU E 192 -18.27 -66.80 6.88
CA GLU E 192 -17.35 -67.85 7.30
C GLU E 192 -16.06 -67.28 7.89
N GLU E 193 -15.75 -66.02 7.56
CA GLU E 193 -14.61 -65.32 8.14
C GLU E 193 -15.02 -64.46 9.34
N GLY E 194 -16.29 -64.55 9.73
CA GLY E 194 -16.84 -63.75 10.84
C GLY E 194 -16.91 -62.25 10.56
N ILE E 195 -16.75 -61.88 9.29
CA ILE E 195 -16.82 -60.47 8.86
C ILE E 195 -18.25 -60.01 8.56
N ALA E 196 -19.02 -60.85 7.87
CA ALA E 196 -20.38 -60.50 7.49
C ALA E 196 -21.40 -61.34 8.22
N VAL E 197 -22.68 -61.00 8.05
CA VAL E 197 -23.79 -61.79 8.56
C VAL E 197 -24.36 -62.57 7.39
N ASP E 198 -24.61 -63.86 7.60
CA ASP E 198 -25.28 -64.66 6.57
C ASP E 198 -26.76 -64.30 6.58
N PRO E 199 -27.24 -63.65 5.49
CA PRO E 199 -28.62 -63.16 5.43
C PRO E 199 -29.68 -64.20 5.79
N ARG E 200 -29.42 -65.48 5.47
CA ARG E 200 -30.35 -66.58 5.77
C ARG E 200 -30.66 -66.69 7.26
N THR E 201 -29.68 -66.30 8.07
CA THR E 201 -29.81 -66.40 9.52
C THR E 201 -30.52 -65.19 10.11
N LEU E 202 -30.91 -64.24 9.26
CA LEU E 202 -31.66 -63.06 9.69
C LEU E 202 -33.17 -63.27 9.68
N ARG E 203 -33.60 -64.36 9.03
CA ARG E 203 -35.02 -64.63 8.84
C ARG E 203 -35.81 -64.77 10.14
N ALA E 204 -35.26 -65.51 11.11
CA ALA E 204 -35.96 -65.76 12.36
C ALA E 204 -36.26 -64.44 13.07
N ALA E 205 -35.22 -63.65 13.30
CA ALA E 205 -35.36 -62.35 13.99
C ALA E 205 -36.32 -61.41 13.25
N TRP E 206 -36.21 -61.36 11.92
CA TRP E 206 -37.05 -60.51 11.08
C TRP E 206 -38.52 -60.92 11.15
N GLU E 207 -38.78 -62.19 10.87
CA GLU E 207 -40.14 -62.75 10.92
C GLU E 207 -40.75 -62.62 12.32
N ALA E 208 -39.93 -62.77 13.35
CA ALA E 208 -40.38 -62.61 14.73
C ALA E 208 -40.96 -61.21 14.96
N GLU E 209 -40.26 -60.19 14.47
CA GLU E 209 -40.69 -58.81 14.59
C GLU E 209 -41.88 -58.46 13.68
N VAL E 210 -41.75 -58.80 12.40
CA VAL E 210 -42.68 -58.38 11.36
C VAL E 210 -44.03 -59.12 11.47
N PHE E 211 -43.97 -60.45 11.65
CA PHE E 211 -45.18 -61.24 11.86
C PHE E 211 -45.96 -60.71 13.07
N ALA E 212 -45.24 -60.36 14.13
CA ALA E 212 -45.85 -59.81 15.34
C ALA E 212 -46.51 -58.46 15.04
N GLY E 213 -45.74 -57.53 14.47
CA GLY E 213 -46.24 -56.21 14.13
C GLY E 213 -47.47 -56.23 13.24
N ILE E 214 -47.45 -57.07 12.22
CA ILE E 214 -48.59 -57.23 11.31
C ILE E 214 -49.83 -57.73 12.06
N ASN E 215 -49.61 -58.71 12.93
CA ASN E 215 -50.68 -59.28 13.77
C ASN E 215 -51.24 -58.22 14.73
N GLU E 216 -50.35 -57.52 15.41
CA GLU E 216 -50.74 -56.48 16.35
C GLU E 216 -51.51 -55.34 15.68
N ALA E 217 -51.34 -55.19 14.37
CA ALA E 217 -52.04 -54.15 13.62
C ALA E 217 -53.36 -54.63 13.03
N THR E 218 -53.77 -55.84 13.45
CA THR E 218 -54.99 -56.53 12.97
C THR E 218 -54.96 -56.84 11.47
N LEU E 219 -53.78 -57.12 10.96
CA LEU E 219 -53.61 -57.43 9.53
C LEU E 219 -53.14 -58.86 9.32
N ASN E 220 -53.13 -59.30 8.07
CA ASN E 220 -52.71 -60.64 7.74
C ASN E 220 -51.33 -60.66 7.10
N VAL E 221 -50.48 -61.57 7.57
CA VAL E 221 -49.25 -61.90 6.85
C VAL E 221 -49.66 -62.59 5.56
N PRO E 222 -49.18 -62.08 4.40
CA PRO E 222 -49.59 -62.68 3.13
C PRO E 222 -49.14 -64.14 3.00
N GLN E 223 -49.92 -64.92 2.28
CA GLN E 223 -49.68 -66.36 2.16
C GLN E 223 -48.79 -66.67 0.95
N GLU E 224 -48.75 -65.73 0.00
CA GLU E 224 -47.84 -65.80 -1.14
C GLU E 224 -46.42 -66.01 -0.64
N GLN E 225 -45.71 -66.98 -1.23
CA GLN E 225 -44.30 -67.16 -0.92
C GLN E 225 -43.48 -66.17 -1.74
N ALA E 226 -42.70 -65.34 -1.05
CA ALA E 226 -41.91 -64.30 -1.71
C ALA E 226 -40.91 -64.92 -2.67
N TYR E 227 -40.79 -64.34 -3.86
CA TYR E 227 -39.99 -64.96 -4.92
C TYR E 227 -39.04 -64.04 -5.69
N ARG E 228 -39.02 -62.75 -5.36
CA ARG E 228 -38.25 -61.78 -6.16
C ARG E 228 -36.87 -61.45 -5.59
N THR E 229 -35.84 -61.70 -6.39
CA THR E 229 -34.46 -61.33 -6.05
C THR E 229 -33.83 -60.74 -7.31
N GLY E 230 -32.59 -60.25 -7.18
CA GLY E 230 -31.85 -59.76 -8.33
C GLY E 230 -31.10 -58.48 -8.09
N GLY E 231 -31.62 -57.64 -7.18
CA GLY E 231 -31.03 -56.34 -6.92
C GLY E 231 -29.54 -56.40 -6.67
N LYS E 232 -29.16 -57.33 -5.79
CA LYS E 232 -27.78 -57.49 -5.34
C LYS E 232 -26.79 -57.78 -6.46
N LYS E 233 -27.27 -58.40 -7.54
CA LYS E 233 -26.44 -58.72 -8.69
C LYS E 233 -26.61 -57.71 -9.83
N GLY E 234 -27.30 -56.61 -9.56
CA GLY E 234 -27.48 -55.55 -10.55
C GLY E 234 -28.64 -55.78 -11.48
N LEU E 235 -29.54 -56.70 -11.11
CA LEU E 235 -30.76 -56.97 -11.90
C LEU E 235 -31.97 -56.37 -11.22
N HIS E 236 -32.36 -55.19 -11.67
CA HIS E 236 -33.38 -54.42 -10.97
C HIS E 236 -34.76 -54.44 -11.63
N THR E 237 -35.76 -53.91 -10.91
CA THR E 237 -37.04 -53.57 -11.51
C THR E 237 -36.85 -52.38 -12.46
N GLU E 238 -37.87 -52.08 -13.25
CA GLU E 238 -37.81 -50.94 -14.18
C GLU E 238 -37.87 -49.59 -13.45
N HIS E 239 -37.96 -49.62 -12.13
CA HIS E 239 -38.01 -48.38 -11.34
C HIS E 239 -36.66 -47.70 -11.19
N LEU E 240 -35.59 -48.49 -11.07
CA LEU E 240 -34.30 -47.91 -10.72
C LEU E 240 -33.77 -46.94 -11.76
N GLY E 241 -33.84 -47.32 -13.03
CA GLY E 241 -33.34 -46.51 -14.14
C GLY E 241 -33.79 -45.05 -14.09
N PRO E 242 -35.12 -44.80 -14.08
CA PRO E 242 -35.60 -43.42 -13.98
C PRO E 242 -35.15 -42.71 -12.71
N MET E 243 -34.97 -43.43 -11.60
CA MET E 243 -34.42 -42.80 -10.40
C MET E 243 -33.01 -42.28 -10.63
N LEU E 244 -32.15 -43.11 -11.21
CA LEU E 244 -30.77 -42.69 -11.45
C LEU E 244 -30.68 -41.54 -12.44
N ALA E 245 -31.56 -41.55 -13.44
CA ALA E 245 -31.59 -40.43 -14.39
C ALA E 245 -31.77 -39.08 -13.67
N GLU E 246 -32.69 -39.04 -12.70
CA GLU E 246 -32.93 -37.83 -11.94
C GLU E 246 -31.73 -37.55 -11.02
N MET E 247 -31.36 -38.55 -10.23
CA MET E 247 -30.28 -38.39 -9.28
C MET E 247 -28.93 -37.97 -9.91
N GLN E 248 -28.58 -38.54 -11.06
CA GLN E 248 -27.26 -38.35 -11.61
C GLN E 248 -27.15 -37.23 -12.66
N TYR E 249 -28.29 -36.65 -13.03
CA TYR E 249 -28.33 -35.70 -14.12
C TYR E 249 -27.18 -34.71 -14.11
N LEU E 250 -27.08 -33.95 -13.03
CA LEU E 250 -26.14 -32.84 -12.93
C LEU E 250 -24.68 -33.31 -13.02
N GLN E 251 -24.37 -34.42 -12.36
CA GLN E 251 -23.04 -35.00 -12.43
C GLN E 251 -22.69 -35.52 -13.83
N ARG E 252 -23.69 -35.95 -14.59
CA ARG E 252 -23.46 -36.45 -15.93
C ARG E 252 -23.29 -35.29 -16.91
N VAL E 253 -24.03 -34.20 -16.70
CA VAL E 253 -23.94 -33.03 -17.56
C VAL E 253 -22.59 -32.35 -17.37
N LEU E 254 -22.17 -32.17 -16.12
CA LEU E 254 -20.88 -31.54 -15.80
C LEU E 254 -20.00 -32.44 -14.93
N PRO E 255 -19.37 -33.48 -15.54
CA PRO E 255 -18.58 -34.47 -14.77
C PRO E 255 -17.33 -33.88 -14.07
N GLY E 256 -16.67 -34.69 -13.23
CA GLY E 256 -15.43 -34.31 -12.51
C GLY E 256 -15.27 -32.96 -11.86
N GLN E 257 -16.36 -32.41 -11.30
CA GLN E 257 -16.39 -31.03 -10.82
C GLN E 257 -16.49 -31.01 -9.29
N GLN E 258 -16.30 -29.85 -8.67
CA GLN E 258 -16.44 -29.71 -7.21
C GLN E 258 -17.68 -28.88 -6.92
N TRP E 259 -18.43 -29.27 -5.90
CA TRP E 259 -19.73 -28.65 -5.62
C TRP E 259 -19.87 -28.24 -4.15
N SER F 3 -57.14 5.83 30.09
CA SER F 3 -56.43 4.72 29.50
C SER F 3 -56.34 3.60 30.52
N THR F 4 -55.44 3.77 31.47
CA THR F 4 -55.32 2.95 32.67
C THR F 4 -54.53 1.66 32.59
N GLN F 5 -54.98 0.73 31.77
CA GLN F 5 -54.31 -0.56 31.66
C GLN F 5 -53.50 -0.50 30.41
N GLU F 6 -54.02 0.23 29.47
CA GLU F 6 -53.30 0.46 28.27
C GLU F 6 -52.07 1.26 28.64
N GLU F 7 -52.21 2.14 29.59
CA GLU F 7 -51.08 3.00 29.93
C GLU F 7 -49.92 2.22 30.59
N ARG F 8 -50.24 1.40 31.59
CA ARG F 8 -49.26 0.52 32.24
C ARG F 8 -48.66 -0.43 31.22
N PHE F 9 -49.45 -0.78 30.21
CA PHE F 9 -49.03 -1.59 29.08
C PHE F 9 -47.92 -0.88 28.27
N GLU F 10 -48.17 0.38 27.87
CA GLU F 10 -47.20 1.14 27.07
C GLU F 10 -45.90 1.40 27.83
N GLN F 11 -45.99 1.38 29.16
CA GLN F 11 -44.83 1.64 30.03
C GLN F 11 -43.86 0.47 30.03
N ARG F 12 -44.37 -0.73 29.81
CA ARG F 12 -43.55 -1.92 29.68
C ARG F 12 -42.99 -1.97 28.25
N ILE F 13 -43.87 -1.70 27.28
CA ILE F 13 -43.43 -1.48 25.91
C ILE F 13 -42.22 -0.56 25.92
N ALA F 14 -42.37 0.62 26.52
CA ALA F 14 -41.34 1.66 26.52
C ALA F 14 -40.07 1.30 27.32
N GLN F 15 -40.24 0.53 28.39
CA GLN F 15 -39.11 0.03 29.16
C GLN F 15 -38.66 -1.34 28.67
N GLU F 16 -39.08 -1.69 27.45
CA GLU F 16 -38.68 -2.92 26.75
C GLU F 16 -38.81 -4.19 27.63
N THR F 17 -39.89 -4.24 28.40
CA THR F 17 -40.27 -5.40 29.21
C THR F 17 -41.20 -6.25 28.36
N ALA F 18 -41.07 -7.57 28.49
CA ALA F 18 -41.84 -8.56 27.72
C ALA F 18 -43.35 -8.35 27.76
N ILE F 19 -44.09 -9.04 26.90
CA ILE F 19 -45.55 -8.99 26.90
C ILE F 19 -46.12 -10.41 26.83
N GLU F 20 -46.07 -11.13 27.93
CA GLU F 20 -46.41 -12.53 27.92
C GLU F 20 -47.83 -12.77 27.51
N PRO F 21 -48.24 -14.03 27.48
CA PRO F 21 -49.54 -14.38 26.94
C PRO F 21 -50.62 -14.20 27.97
N GLN F 22 -50.25 -14.18 29.25
CA GLN F 22 -51.17 -13.72 30.27
C GLN F 22 -51.58 -12.27 30.37
N ASP F 23 -50.57 -11.40 30.23
CA ASP F 23 -50.69 -9.96 30.15
C ASP F 23 -51.80 -9.40 29.34
N TRP F 24 -52.33 -8.26 29.77
CA TRP F 24 -53.42 -7.64 29.05
C TRP F 24 -52.85 -7.08 27.78
N MET F 25 -53.58 -7.15 26.69
CA MET F 25 -53.11 -6.53 25.49
C MET F 25 -54.30 -6.31 24.66
N PRO F 26 -54.16 -5.40 23.72
CA PRO F 26 -55.31 -4.92 22.98
C PRO F 26 -55.68 -6.02 22.01
N ASP F 27 -56.50 -5.72 21.02
CA ASP F 27 -57.16 -6.74 20.21
C ASP F 27 -56.87 -6.46 18.78
N ALA F 28 -56.29 -5.29 18.56
CA ALA F 28 -55.67 -4.98 17.27
C ALA F 28 -54.21 -5.39 17.37
N TYR F 29 -53.65 -5.32 18.57
CA TYR F 29 -52.30 -5.77 18.83
C TYR F 29 -52.22 -7.28 18.65
N ARG F 30 -53.26 -7.98 19.10
CA ARG F 30 -53.23 -9.43 19.02
C ARG F 30 -53.59 -9.99 17.64
N LYS F 31 -54.66 -9.49 17.03
CA LYS F 31 -55.08 -9.94 15.68
C LYS F 31 -53.98 -9.78 14.61
N THR F 32 -53.04 -8.87 14.88
CA THR F 32 -51.99 -8.48 13.95
C THR F 32 -50.70 -9.28 14.23
N LEU F 33 -50.53 -9.72 15.48
CA LEU F 33 -49.47 -10.67 15.84
C LEU F 33 -49.83 -12.06 15.34
N ILE F 34 -51.10 -12.41 15.43
CA ILE F 34 -51.57 -13.69 14.91
C ILE F 34 -51.26 -13.75 13.42
N ARG F 35 -51.49 -12.64 12.72
CA ARG F 35 -51.26 -12.57 11.28
C ARG F 35 -49.76 -12.66 10.96
N GLN F 36 -48.93 -11.95 11.70
CA GLN F 36 -47.49 -11.95 11.43
C GLN F 36 -46.82 -13.29 11.76
N ILE F 37 -47.01 -13.78 12.98
CA ILE F 37 -46.48 -15.09 13.38
C ILE F 37 -47.03 -16.19 12.46
N GLY F 38 -48.30 -16.08 12.10
CA GLY F 38 -48.94 -17.08 11.26
C GLY F 38 -48.41 -17.09 9.84
N GLN F 39 -48.12 -15.91 9.30
CA GLN F 39 -47.55 -15.82 7.95
C GLN F 39 -46.09 -16.21 7.97
N HIS F 40 -45.41 -15.93 9.07
CA HIS F 40 -44.05 -16.39 9.28
C HIS F 40 -44.02 -17.92 9.31
N ALA F 41 -45.01 -18.53 9.97
CA ALA F 41 -45.08 -20.00 10.06
C ALA F 41 -45.37 -20.62 8.68
N HIS F 42 -46.35 -20.07 7.99
CA HIS F 42 -46.69 -20.52 6.64
C HIS F 42 -45.47 -20.48 5.72
N SER F 43 -44.65 -19.45 5.87
CA SER F 43 -43.46 -19.26 5.06
C SER F 43 -42.45 -20.40 5.24
N GLU F 44 -42.26 -20.83 6.48
CA GLU F 44 -41.35 -21.94 6.77
C GLU F 44 -41.83 -23.18 6.06
N ILE F 45 -43.14 -23.36 6.01
CA ILE F 45 -43.75 -24.56 5.47
C ILE F 45 -43.74 -24.54 3.95
N VAL F 46 -44.13 -23.41 3.36
CA VAL F 46 -44.16 -23.30 1.89
C VAL F 46 -42.75 -23.34 1.31
N GLY F 47 -41.81 -22.68 1.99
CA GLY F 47 -40.40 -22.68 1.59
C GLY F 47 -39.73 -24.04 1.41
N MET F 48 -40.28 -25.07 2.07
CA MET F 48 -39.79 -26.44 1.88
C MET F 48 -39.90 -26.91 0.44
N LEU F 49 -40.87 -26.36 -0.29
CA LEU F 49 -41.14 -26.83 -1.66
C LEU F 49 -40.09 -26.48 -2.72
N PRO F 50 -39.69 -25.19 -2.85
CA PRO F 50 -38.66 -24.86 -3.83
C PRO F 50 -37.33 -25.53 -3.52
N GLU F 51 -37.00 -25.66 -2.24
CA GLU F 51 -35.76 -26.29 -1.81
C GLU F 51 -35.84 -27.79 -1.91
N GLY F 52 -36.98 -28.37 -1.53
CA GLY F 52 -37.21 -29.81 -1.65
C GLY F 52 -37.23 -30.32 -3.08
N ASN F 53 -37.56 -29.43 -4.02
CA ASN F 53 -37.57 -29.72 -5.45
C ASN F 53 -36.21 -30.22 -5.95
N TRP F 54 -35.14 -29.95 -5.19
CA TRP F 54 -33.79 -30.34 -5.60
C TRP F 54 -33.12 -31.41 -4.75
N ILE F 55 -33.79 -31.89 -3.73
CA ILE F 55 -33.21 -32.91 -2.88
C ILE F 55 -32.76 -34.13 -3.68
N THR F 56 -33.61 -34.63 -4.56
CA THR F 56 -33.31 -35.88 -5.24
C THR F 56 -32.29 -35.70 -6.35
N ARG F 57 -31.96 -34.44 -6.66
CA ARG F 57 -31.08 -34.10 -7.77
C ARG F 57 -29.77 -33.44 -7.36
N ALA F 58 -29.60 -33.21 -6.06
CA ALA F 58 -28.41 -32.50 -5.57
C ALA F 58 -27.12 -33.18 -6.07
N PRO F 59 -26.12 -32.38 -6.49
CA PRO F 59 -24.90 -32.89 -7.13
C PRO F 59 -23.98 -33.79 -6.31
N THR F 60 -23.92 -33.64 -4.98
CA THR F 60 -23.05 -34.51 -4.17
C THR F 60 -23.78 -34.92 -2.93
N LEU F 61 -23.35 -36.02 -2.32
CA LEU F 61 -23.99 -36.49 -1.10
C LEU F 61 -23.83 -35.46 0.04
N ARG F 62 -22.67 -34.81 0.09
CA ARG F 62 -22.46 -33.72 1.07
C ARG F 62 -23.58 -32.68 0.95
N ARG F 63 -23.79 -32.13 -0.25
CA ARG F 63 -24.79 -31.07 -0.46
C ARG F 63 -26.21 -31.54 -0.27
N LYS F 64 -26.50 -32.74 -0.73
CA LYS F 64 -27.77 -33.39 -0.49
C LYS F 64 -28.07 -33.48 1.02
N ALA F 65 -27.08 -33.87 1.81
CA ALA F 65 -27.26 -34.01 3.27
C ALA F 65 -27.54 -32.65 3.90
N ILE F 66 -26.79 -31.63 3.46
CA ILE F 66 -26.97 -30.29 3.97
C ILE F 66 -28.38 -29.81 3.66
N LEU F 67 -28.83 -30.07 2.42
CA LEU F 67 -30.15 -29.64 1.98
C LEU F 67 -31.29 -30.29 2.77
N LEU F 68 -31.15 -31.58 3.06
CA LEU F 68 -32.12 -32.30 3.88
C LEU F 68 -32.13 -31.79 5.32
N ALA F 69 -30.96 -31.49 5.87
CA ALA F 69 -30.88 -30.94 7.22
C ALA F 69 -31.62 -29.61 7.30
N LYS F 70 -31.44 -28.78 6.27
CA LYS F 70 -32.06 -27.47 6.20
C LYS F 70 -33.59 -27.58 6.12
N VAL F 71 -34.07 -28.50 5.30
CA VAL F 71 -35.50 -28.69 5.12
C VAL F 71 -36.17 -29.24 6.39
N GLN F 72 -35.45 -30.10 7.10
CA GLN F 72 -35.89 -30.63 8.38
C GLN F 72 -36.01 -29.49 9.41
N ASP F 73 -35.05 -28.58 9.41
CA ASP F 73 -35.06 -27.43 10.29
C ASP F 73 -36.21 -26.50 10.02
N GLU F 74 -36.54 -26.30 8.75
CA GLU F 74 -37.66 -25.46 8.35
C GLU F 74 -38.99 -26.00 8.90
N ALA F 75 -39.17 -27.31 8.81
CA ALA F 75 -40.37 -27.95 9.34
C ALA F 75 -40.44 -27.76 10.85
N GLY F 76 -39.29 -27.89 11.51
CA GLY F 76 -39.19 -27.67 12.95
C GLY F 76 -39.52 -26.24 13.36
N HIS F 77 -38.98 -25.26 12.62
CA HIS F 77 -39.26 -23.85 12.86
C HIS F 77 -40.69 -23.46 12.54
N GLY F 78 -41.30 -24.16 11.58
CA GLY F 78 -42.72 -24.01 11.32
C GLY F 78 -43.52 -24.37 12.55
N LEU F 79 -43.15 -25.50 13.17
CA LEU F 79 -43.80 -25.98 14.38
C LEU F 79 -43.66 -25.05 15.59
N TYR F 80 -42.47 -24.49 15.81
CA TYR F 80 -42.28 -23.52 16.90
C TYR F 80 -43.19 -22.32 16.72
N LEU F 81 -43.30 -21.84 15.48
CA LEU F 81 -44.06 -20.64 15.20
C LEU F 81 -45.55 -20.85 15.28
N TYR F 82 -46.04 -22.03 14.88
CA TYR F 82 -47.43 -22.37 15.10
C TYR F 82 -47.74 -22.47 16.61
N SER F 83 -46.83 -23.06 17.38
CA SER F 83 -46.96 -23.10 18.84
C SER F 83 -47.10 -21.69 19.38
N ALA F 84 -46.17 -20.82 18.97
CA ALA F 84 -46.14 -19.42 19.37
C ALA F 84 -47.42 -18.69 18.97
N ALA F 85 -47.97 -19.03 17.81
CA ALA F 85 -49.20 -18.39 17.33
C ALA F 85 -50.37 -18.75 18.25
N GLU F 86 -50.44 -20.02 18.65
CA GLU F 86 -51.55 -20.55 19.44
C GLU F 86 -51.64 -19.98 20.86
N THR F 87 -50.51 -19.51 21.39
CA THR F 87 -50.48 -18.85 22.69
C THR F 87 -51.28 -17.53 22.66
N LEU F 88 -51.82 -17.19 21.49
CA LEU F 88 -52.63 -15.99 21.31
C LEU F 88 -54.11 -16.32 21.09
N GLY F 89 -54.45 -17.61 21.06
CA GLY F 89 -55.84 -18.03 21.04
C GLY F 89 -56.33 -18.62 19.74
N CYS F 90 -55.56 -18.46 18.67
CA CYS F 90 -55.90 -19.06 17.37
C CYS F 90 -55.55 -20.55 17.38
N ALA F 91 -56.13 -21.28 16.42
CA ALA F 91 -55.83 -22.70 16.24
C ALA F 91 -55.05 -22.91 14.94
N ARG F 92 -54.01 -23.75 15.00
CA ARG F 92 -53.11 -23.93 13.86
C ARG F 92 -53.77 -24.46 12.59
N GLU F 93 -54.71 -25.40 12.72
CA GLU F 93 -55.40 -25.93 11.52
C GLU F 93 -56.33 -24.90 10.90
N ASP F 94 -56.68 -23.90 11.71
CA ASP F 94 -57.58 -22.84 11.28
C ASP F 94 -56.85 -21.86 10.37
N ILE F 95 -55.73 -21.32 10.86
CA ILE F 95 -54.91 -20.40 10.06
C ILE F 95 -54.24 -21.12 8.89
N TYR F 96 -53.93 -22.40 9.08
CA TYR F 96 -53.41 -23.22 8.00
C TYR F 96 -54.37 -23.26 6.82
N GLN F 97 -55.66 -23.45 7.14
CA GLN F 97 -56.70 -23.47 6.12
C GLN F 97 -56.84 -22.13 5.40
N LYS F 98 -56.61 -21.05 6.14
CA LYS F 98 -56.63 -19.70 5.59
C LYS F 98 -55.47 -19.52 4.61
N MET F 99 -54.34 -20.13 4.93
CA MET F 99 -53.21 -20.16 4.02
C MET F 99 -53.56 -20.90 2.73
N LEU F 100 -54.21 -22.06 2.86
CA LEU F 100 -54.63 -22.84 1.70
C LEU F 100 -55.71 -22.14 0.87
N ASP F 101 -56.53 -21.31 1.53
CA ASP F 101 -57.60 -20.55 0.87
C ASP F 101 -57.08 -19.32 0.14
N GLY F 102 -55.94 -18.81 0.61
CA GLY F 102 -55.40 -17.55 0.09
C GLY F 102 -55.74 -16.39 1.02
N ARG F 103 -56.52 -16.67 2.07
CA ARG F 103 -56.89 -15.67 3.06
C ARG F 103 -55.70 -15.20 3.88
N MET F 104 -54.71 -16.07 4.03
CA MET F 104 -53.43 -15.70 4.62
C MET F 104 -52.30 -15.96 3.64
N LYS F 105 -51.26 -15.15 3.75
CA LYS F 105 -50.16 -15.16 2.81
C LYS F 105 -48.90 -15.75 3.43
N TYR F 106 -47.85 -15.82 2.61
CA TYR F 106 -46.53 -16.31 3.03
C TYR F 106 -45.52 -15.49 2.26
N SER F 107 -44.25 -15.53 2.69
CA SER F 107 -43.17 -14.79 2.02
C SER F 107 -43.20 -14.97 0.50
N SER F 108 -43.19 -13.86 -0.23
CA SER F 108 -43.36 -13.83 -1.69
C SER F 108 -42.26 -14.58 -2.45
N ILE F 109 -41.09 -14.66 -1.82
CA ILE F 109 -39.93 -15.28 -2.44
C ILE F 109 -40.15 -16.72 -2.87
N PHE F 110 -41.05 -17.41 -2.18
CA PHE F 110 -41.28 -18.83 -2.43
C PHE F 110 -42.18 -19.10 -3.64
N ASN F 111 -42.55 -18.04 -4.33
CA ASN F 111 -43.34 -18.16 -5.55
C ASN F 111 -42.47 -18.20 -6.80
N TYR F 112 -41.16 -18.25 -6.60
CA TYR F 112 -40.23 -18.33 -7.73
C TYR F 112 -39.68 -19.75 -7.87
N PRO F 113 -39.44 -20.18 -9.11
CA PRO F 113 -39.04 -21.56 -9.33
C PRO F 113 -37.56 -21.76 -9.19
N THR F 114 -37.17 -22.96 -8.75
CA THR F 114 -35.76 -23.35 -8.72
C THR F 114 -35.41 -24.12 -9.99
N LEU F 115 -34.80 -23.40 -10.94
CA LEU F 115 -34.54 -23.92 -12.28
C LEU F 115 -33.12 -24.47 -12.45
N SER F 116 -32.29 -24.36 -11.43
CA SER F 116 -30.97 -24.99 -11.46
C SER F 116 -30.47 -25.23 -10.05
N TRP F 117 -29.42 -26.02 -9.93
CA TRP F 117 -28.80 -26.22 -8.64
C TRP F 117 -28.31 -24.92 -8.02
N ALA F 118 -27.89 -23.99 -8.85
CA ALA F 118 -27.38 -22.74 -8.30
C ALA F 118 -28.48 -22.02 -7.53
N ASP F 119 -29.71 -22.09 -8.02
CA ASP F 119 -30.87 -21.52 -7.34
C ASP F 119 -30.94 -21.92 -5.87
N ILE F 120 -30.57 -23.17 -5.56
CA ILE F 120 -30.56 -23.64 -4.18
C ILE F 120 -29.47 -22.97 -3.37
N GLY F 121 -28.27 -22.92 -3.92
CA GLY F 121 -27.20 -22.17 -3.31
C GLY F 121 -27.62 -20.74 -3.06
N VAL F 122 -28.26 -20.12 -4.06
CA VAL F 122 -28.61 -18.70 -3.99
C VAL F 122 -29.74 -18.48 -2.99
N ILE F 123 -30.70 -19.38 -2.95
CA ILE F 123 -31.74 -19.31 -1.94
C ILE F 123 -31.12 -19.40 -0.56
N GLY F 124 -30.26 -20.40 -0.39
CA GLY F 124 -29.55 -20.57 0.86
C GLY F 124 -28.78 -19.35 1.28
N TRP F 125 -28.15 -18.67 0.33
CA TRP F 125 -27.29 -17.54 0.63
C TRP F 125 -28.07 -16.22 0.68
N LEU F 126 -28.70 -15.85 -0.43
CA LEU F 126 -29.41 -14.57 -0.54
C LEU F 126 -30.72 -14.53 0.21
N VAL F 127 -31.61 -15.47 -0.09
CA VAL F 127 -32.95 -15.47 0.47
C VAL F 127 -32.89 -15.65 1.98
N ASP F 128 -32.03 -16.56 2.44
CA ASP F 128 -31.86 -16.75 3.85
C ASP F 128 -31.08 -15.61 4.49
N GLY F 129 -30.22 -14.95 3.70
CA GLY F 129 -29.52 -13.76 4.18
C GLY F 129 -30.54 -12.69 4.52
N ALA F 130 -31.53 -12.54 3.66
CA ALA F 130 -32.62 -11.57 3.85
C ALA F 130 -33.51 -11.92 5.03
N ALA F 131 -33.81 -13.21 5.21
CA ALA F 131 -34.61 -13.69 6.32
C ALA F 131 -33.90 -13.50 7.67
N ILE F 132 -32.59 -13.72 7.69
CA ILE F 132 -31.78 -13.52 8.89
C ILE F 132 -31.79 -12.07 9.35
N VAL F 133 -31.65 -11.15 8.40
CA VAL F 133 -31.70 -9.73 8.71
C VAL F 133 -33.06 -9.40 9.33
N ASN F 134 -34.12 -9.88 8.69
CA ASN F 134 -35.46 -9.66 9.18
C ASN F 134 -35.71 -10.27 10.57
N GLN F 135 -35.15 -11.46 10.80
CA GLN F 135 -35.38 -12.18 12.05
C GLN F 135 -34.57 -11.64 13.23
N VAL F 136 -33.29 -11.36 13.01
CA VAL F 136 -32.48 -10.72 14.04
C VAL F 136 -33.17 -9.42 14.48
N ALA F 137 -33.76 -8.71 13.52
CA ALA F 137 -34.50 -7.48 13.79
C ALA F 137 -35.73 -7.71 14.65
N LEU F 138 -36.32 -8.90 14.57
CA LEU F 138 -37.51 -9.21 15.33
C LEU F 138 -37.17 -9.84 16.69
N CYS F 139 -35.88 -9.92 17.02
CA CYS F 139 -35.47 -10.53 18.28
C CYS F 139 -35.85 -9.70 19.49
N ARG F 140 -36.10 -8.41 19.29
CA ARG F 140 -36.57 -7.55 20.37
C ARG F 140 -37.99 -7.09 20.14
N THR F 141 -38.79 -7.94 19.48
CA THR F 141 -40.21 -7.70 19.32
C THR F 141 -40.87 -7.77 20.70
N SER F 142 -41.99 -7.08 20.87
CA SER F 142 -42.58 -6.90 22.20
C SER F 142 -43.21 -8.18 22.77
N TYR F 143 -43.71 -9.06 21.92
CA TYR F 143 -44.37 -10.29 22.38
C TYR F 143 -43.37 -11.39 22.70
N GLY F 144 -43.17 -11.63 24.00
CA GLY F 144 -42.21 -12.61 24.53
C GLY F 144 -42.08 -13.94 23.81
N PRO F 145 -43.19 -14.67 23.60
CA PRO F 145 -43.04 -15.97 22.93
C PRO F 145 -42.45 -15.84 21.51
N TYR F 146 -42.78 -14.74 20.82
CA TYR F 146 -42.28 -14.51 19.47
C TYR F 146 -40.80 -14.18 19.48
N ALA F 147 -40.40 -13.27 20.35
CA ALA F 147 -39.00 -12.88 20.46
C ALA F 147 -38.10 -14.06 20.80
N ARG F 148 -38.53 -14.87 21.75
CA ARG F 148 -37.75 -16.03 22.19
C ARG F 148 -37.61 -17.04 21.04
N ALA F 149 -38.70 -17.24 20.29
CA ALA F 149 -38.68 -18.06 19.10
C ALA F 149 -37.66 -17.53 18.09
N MET F 150 -37.67 -16.22 17.85
CA MET F 150 -36.73 -15.59 16.95
C MET F 150 -35.28 -15.82 17.33
N VAL F 151 -34.97 -15.74 18.62
CA VAL F 151 -33.62 -16.04 19.09
C VAL F 151 -33.25 -17.49 18.77
N LYS F 152 -34.12 -18.43 19.14
CA LYS F 152 -33.90 -19.86 18.88
C LYS F 152 -33.68 -20.16 17.40
N ILE F 153 -34.54 -19.59 16.56
CA ILE F 153 -34.48 -19.80 15.12
C ILE F 153 -33.21 -19.21 14.49
N CYS F 154 -32.83 -18.01 14.93
CA CYS F 154 -31.65 -17.32 14.39
C CYS F 154 -30.34 -18.04 14.63
N LYS F 155 -30.18 -18.64 15.81
CA LYS F 155 -28.96 -19.40 16.13
C LYS F 155 -28.76 -20.53 15.11
N GLU F 156 -29.83 -21.24 14.81
CA GLU F 156 -29.78 -22.37 13.87
C GLU F 156 -29.72 -21.92 12.41
N GLU F 157 -30.63 -21.03 12.01
CA GLU F 157 -30.74 -20.62 10.60
C GLU F 157 -29.50 -20.00 9.97
N SER F 158 -28.76 -19.19 10.72
CA SER F 158 -27.55 -18.54 10.21
C SER F 158 -26.49 -19.56 9.79
N PHE F 159 -26.44 -20.67 10.50
CA PHE F 159 -25.55 -21.76 10.15
C PHE F 159 -25.82 -22.28 8.74
N HIS F 160 -27.10 -22.54 8.44
CA HIS F 160 -27.53 -23.00 7.11
C HIS F 160 -27.27 -21.97 6.02
N GLN F 161 -27.44 -20.69 6.37
CA GLN F 161 -27.15 -19.63 5.42
C GLN F 161 -25.68 -19.61 5.04
N ARG F 162 -24.80 -19.99 5.96
CA ARG F 162 -23.37 -20.05 5.65
C ARG F 162 -23.08 -21.20 4.69
N GLN F 163 -23.77 -22.32 4.86
CA GLN F 163 -23.66 -23.45 3.95
C GLN F 163 -24.11 -23.07 2.55
N GLY F 164 -25.17 -22.28 2.48
CA GLY F 164 -25.68 -21.74 1.23
C GLY F 164 -24.58 -20.99 0.51
N PHE F 165 -23.91 -20.10 1.25
CA PHE F 165 -22.84 -19.31 0.69
C PHE F 165 -21.66 -20.18 0.25
N GLU F 166 -21.32 -21.20 1.05
CA GLU F 166 -20.22 -22.09 0.69
C GLU F 166 -20.50 -22.86 -0.61
N ALA F 167 -21.75 -23.24 -0.83
CA ALA F 167 -22.18 -23.90 -2.07
C ALA F 167 -22.02 -22.98 -3.28
N CYS F 168 -22.31 -21.70 -3.07
CA CYS F 168 -22.11 -20.66 -4.06
C CYS F 168 -20.62 -20.42 -4.37
N MET F 169 -19.80 -20.42 -3.32
CA MET F 169 -18.36 -20.27 -3.44
C MET F 169 -17.76 -21.41 -4.27
N ALA F 170 -18.27 -22.63 -4.07
CA ALA F 170 -17.83 -23.76 -4.86
C ALA F 170 -18.09 -23.54 -6.33
N LEU F 171 -19.24 -22.94 -6.67
CA LEU F 171 -19.57 -22.64 -8.05
C LEU F 171 -18.73 -21.49 -8.58
N ALA F 172 -18.46 -20.50 -7.73
CA ALA F 172 -17.71 -19.30 -8.13
C ALA F 172 -16.25 -19.61 -8.41
N GLN F 173 -15.73 -20.65 -7.74
CA GLN F 173 -14.35 -21.08 -7.89
C GLN F 173 -14.19 -22.27 -8.85
N GLY F 174 -15.28 -22.64 -9.52
CA GLY F 174 -15.28 -23.87 -10.31
C GLY F 174 -15.12 -23.65 -11.79
N SER F 175 -15.69 -24.56 -12.57
CA SER F 175 -15.64 -24.49 -14.02
C SER F 175 -16.42 -23.28 -14.53
N GLU F 176 -16.23 -22.98 -15.79
CA GLU F 176 -16.88 -21.83 -16.40
C GLU F 176 -18.41 -21.98 -16.41
N ALA F 177 -18.89 -23.20 -16.71
CA ALA F 177 -20.33 -23.50 -16.68
C ALA F 177 -20.90 -23.26 -15.27
N GLN F 178 -20.19 -23.72 -14.24
CA GLN F 178 -20.58 -23.49 -12.87
C GLN F 178 -20.69 -22.01 -12.54
N LYS F 179 -19.75 -21.21 -13.03
CA LYS F 179 -19.80 -19.77 -12.79
C LYS F 179 -21.01 -19.13 -13.43
N GLN F 180 -21.35 -19.57 -14.64
CA GLN F 180 -22.48 -19.01 -15.37
C GLN F 180 -23.80 -19.42 -14.72
N MET F 181 -23.84 -20.66 -14.24
CA MET F 181 -24.98 -21.15 -13.48
C MET F 181 -25.27 -20.22 -12.30
N LEU F 182 -24.21 -19.87 -11.55
CA LEU F 182 -24.33 -18.98 -10.42
C LEU F 182 -24.83 -17.60 -10.83
N GLN F 183 -24.21 -17.02 -11.84
CA GLN F 183 -24.61 -15.68 -12.29
C GLN F 183 -26.10 -15.66 -12.67
N ASP F 184 -26.54 -16.71 -13.35
CA ASP F 184 -27.93 -16.78 -13.78
C ASP F 184 -28.92 -16.84 -12.61
N ALA F 185 -28.56 -17.63 -11.59
CA ALA F 185 -29.37 -17.74 -10.40
C ALA F 185 -29.48 -16.39 -9.72
N ILE F 186 -28.35 -15.70 -9.58
CA ILE F 186 -28.33 -14.36 -8.98
C ILE F 186 -29.22 -13.43 -9.79
N ASN F 187 -29.12 -13.49 -11.11
CA ASN F 187 -29.91 -12.59 -11.94
C ASN F 187 -31.41 -12.75 -11.73
N ARG F 188 -31.85 -13.98 -11.45
CA ARG F 188 -33.27 -14.27 -11.28
C ARG F 188 -33.78 -14.05 -9.84
N PHE F 189 -32.87 -14.04 -8.86
CA PHE F 189 -33.27 -13.97 -7.46
C PHE F 189 -32.98 -12.68 -6.72
N TRP F 190 -32.10 -11.84 -7.28
CA TRP F 190 -31.67 -10.60 -6.63
C TRP F 190 -32.85 -9.68 -6.27
N TRP F 191 -33.64 -9.32 -7.27
CA TRP F 191 -34.80 -8.44 -7.04
C TRP F 191 -35.87 -9.08 -6.16
N PRO F 192 -36.28 -10.34 -6.47
CA PRO F 192 -37.24 -10.98 -5.56
C PRO F 192 -36.76 -11.02 -4.12
N ALA F 193 -35.46 -11.17 -3.91
CA ALA F 193 -34.90 -11.10 -2.56
C ALA F 193 -35.11 -9.72 -1.92
N LEU F 194 -34.91 -8.65 -2.70
CA LEU F 194 -35.10 -7.29 -2.17
C LEU F 194 -36.56 -7.00 -1.82
N MET F 195 -37.47 -7.65 -2.54
CA MET F 195 -38.89 -7.46 -2.30
C MET F 195 -39.38 -8.12 -1.01
N MET F 196 -38.58 -9.06 -0.48
CA MET F 196 -38.96 -9.83 0.71
C MET F 196 -39.26 -8.92 1.88
N PHE F 197 -38.54 -7.80 1.94
CA PHE F 197 -38.67 -6.86 3.04
C PHE F 197 -39.98 -6.08 3.02
N GLY F 198 -40.68 -6.11 1.89
CA GLY F 198 -41.95 -5.42 1.77
C GLY F 198 -41.83 -4.01 1.19
N PRO F 199 -42.99 -3.40 0.87
CA PRO F 199 -43.06 -2.06 0.27
C PRO F 199 -42.50 -0.95 1.16
N ASN F 200 -42.37 0.26 0.59
CA ASN F 200 -41.69 1.40 1.24
C ASN F 200 -42.31 1.95 2.52
N SER F 207 -47.84 -0.08 9.83
CA SER F 207 -46.53 0.34 10.32
C SER F 207 -46.63 1.35 11.45
N ALA F 208 -47.66 2.20 11.40
CA ALA F 208 -47.93 3.15 12.47
C ALA F 208 -48.05 2.40 13.80
N ARG F 209 -49.03 1.50 13.88
CA ARG F 209 -49.30 0.76 15.11
C ARG F 209 -48.18 -0.23 15.47
N SER F 210 -47.66 -0.91 14.44
CA SER F 210 -46.63 -1.94 14.62
C SER F 210 -45.33 -1.42 15.24
N LEU F 211 -44.87 -0.27 14.77
CA LEU F 211 -43.64 0.33 15.30
C LEU F 211 -43.86 0.88 16.71
N THR F 212 -45.00 1.55 16.91
CA THR F 212 -45.39 2.06 18.22
C THR F 212 -45.51 0.91 19.21
N TRP F 213 -46.14 -0.19 18.77
CA TRP F 213 -46.27 -1.38 19.62
C TRP F 213 -44.98 -2.19 19.77
N LYS F 214 -43.96 -1.84 18.97
CA LYS F 214 -42.68 -2.55 18.93
C LYS F 214 -42.81 -4.02 18.52
N ILE F 215 -43.76 -4.28 17.63
CA ILE F 215 -43.86 -5.57 16.95
C ILE F 215 -42.76 -5.60 15.91
N LYS F 216 -42.78 -4.57 15.06
CA LYS F 216 -41.71 -4.27 14.11
C LYS F 216 -40.81 -3.25 14.80
N ARG F 217 -39.48 -3.39 14.67
CA ARG F 217 -38.55 -2.41 15.28
C ARG F 217 -37.85 -1.52 14.25
N PHE F 218 -37.77 -2.00 13.01
CA PHE F 218 -37.14 -1.25 11.94
C PHE F 218 -38.11 -1.16 10.78
N THR F 219 -37.97 -0.14 9.95
CA THR F 219 -38.80 -0.01 8.74
C THR F 219 -38.29 -0.96 7.66
N ASN F 220 -39.16 -1.29 6.72
CA ASN F 220 -38.79 -2.12 5.58
C ASN F 220 -37.57 -1.58 4.84
N ASP F 221 -37.58 -0.27 4.56
CA ASP F 221 -36.47 0.38 3.85
C ASP F 221 -35.16 0.29 4.62
N GLU F 222 -35.22 0.49 5.94
CA GLU F 222 -34.06 0.35 6.79
C GLU F 222 -33.42 -1.03 6.70
N LEU F 223 -34.26 -2.07 6.71
CA LEU F 223 -33.79 -3.44 6.73
C LEU F 223 -33.23 -3.82 5.36
N ARG F 224 -33.93 -3.40 4.31
CA ARG F 224 -33.48 -3.60 2.94
C ARG F 224 -32.10 -2.98 2.76
N GLN F 225 -31.96 -1.72 3.16
CA GLN F 225 -30.69 -1.00 3.08
C GLN F 225 -29.56 -1.80 3.72
N ARG F 226 -29.78 -2.36 4.87
CA ARG F 226 -28.74 -3.09 5.55
C ARG F 226 -28.45 -4.42 4.90
N PHE F 227 -29.44 -5.03 4.28
CA PHE F 227 -29.22 -6.24 3.51
C PHE F 227 -28.28 -5.93 2.35
N VAL F 228 -28.63 -4.92 1.56
CA VAL F 228 -27.81 -4.52 0.41
C VAL F 228 -26.38 -4.13 0.82
N ASP F 229 -26.26 -3.31 1.86
CA ASP F 229 -24.94 -2.92 2.37
C ASP F 229 -24.07 -4.12 2.72
N ASN F 230 -24.68 -5.18 3.25
CA ASN F 230 -23.96 -6.36 3.68
C ASN F 230 -23.80 -7.41 2.58
N THR F 231 -24.65 -7.35 1.57
CA THR F 231 -24.68 -8.41 0.55
C THR F 231 -23.78 -8.12 -0.65
N VAL F 232 -23.83 -6.89 -1.14
CA VAL F 232 -22.94 -6.46 -2.23
C VAL F 232 -21.48 -6.93 -2.07
N PRO F 233 -20.87 -6.70 -0.89
CA PRO F 233 -19.49 -7.21 -0.75
C PRO F 233 -19.36 -8.72 -0.97
N GLN F 234 -20.36 -9.49 -0.55
CA GLN F 234 -20.35 -10.94 -0.73
C GLN F 234 -20.48 -11.32 -2.21
N VAL F 235 -21.29 -10.57 -2.95
CA VAL F 235 -21.41 -10.75 -4.39
C VAL F 235 -20.06 -10.53 -5.08
N GLU F 236 -19.34 -9.49 -4.64
CA GLU F 236 -18.01 -9.20 -5.16
C GLU F 236 -17.02 -10.30 -4.82
N MET F 237 -17.10 -10.86 -3.62
CA MET F 237 -16.23 -11.96 -3.21
C MET F 237 -16.32 -13.17 -4.14
N LEU F 238 -17.49 -13.34 -4.77
CA LEU F 238 -17.75 -14.45 -5.65
C LEU F 238 -17.37 -14.15 -7.10
N GLY F 239 -16.95 -12.91 -7.37
CA GLY F 239 -16.62 -12.49 -8.72
C GLY F 239 -17.85 -12.43 -9.60
N MET F 240 -18.98 -12.03 -9.01
CA MET F 240 -20.26 -11.99 -9.73
C MET F 240 -20.78 -10.57 -9.77
N THR F 241 -21.80 -10.35 -10.58
CA THR F 241 -22.39 -9.03 -10.70
C THR F 241 -23.83 -9.05 -10.20
N VAL F 242 -24.33 -7.88 -9.84
CA VAL F 242 -25.71 -7.67 -9.45
C VAL F 242 -26.47 -7.09 -10.63
N PRO F 243 -27.63 -7.67 -10.98
CA PRO F 243 -28.36 -7.18 -12.14
C PRO F 243 -29.07 -5.85 -11.92
N ASP F 244 -28.31 -4.83 -11.54
CA ASP F 244 -28.85 -3.50 -11.30
C ASP F 244 -27.91 -2.42 -11.83
N PRO F 245 -28.26 -1.84 -13.00
CA PRO F 245 -27.45 -0.76 -13.58
C PRO F 245 -27.30 0.46 -12.67
N ASP F 246 -28.30 0.73 -11.83
CA ASP F 246 -28.30 1.93 -10.98
C ASP F 246 -27.67 1.71 -9.61
N LEU F 247 -27.00 0.58 -9.42
CA LEU F 247 -26.38 0.30 -8.14
C LEU F 247 -25.01 0.98 -8.09
N HIS F 248 -24.84 1.95 -7.20
CA HIS F 248 -23.55 2.61 -7.07
C HIS F 248 -23.37 2.99 -5.62
N PHE F 249 -22.12 3.12 -5.19
CA PHE F 249 -21.87 3.62 -3.85
C PHE F 249 -22.07 5.12 -3.81
N ASP F 250 -22.67 5.58 -2.71
CA ASP F 250 -22.87 6.99 -2.47
C ASP F 250 -22.15 7.34 -1.17
N THR F 251 -20.92 7.85 -1.28
CA THR F 251 -20.07 8.13 -0.10
C THR F 251 -20.60 9.31 0.71
N GLU F 252 -21.34 10.18 0.03
CA GLU F 252 -22.11 11.25 0.67
C GLU F 252 -22.94 10.66 1.81
N SER F 253 -23.89 9.80 1.45
CA SER F 253 -24.77 9.14 2.43
C SER F 253 -24.09 7.98 3.16
N GLY F 254 -23.06 7.41 2.56
CA GLY F 254 -22.34 6.27 3.15
C GLY F 254 -22.97 4.89 2.92
N HIS F 255 -24.00 4.84 2.07
CA HIS F 255 -24.68 3.60 1.72
C HIS F 255 -24.56 3.29 0.21
N TYR F 256 -25.04 2.10 -0.18
CA TYR F 256 -25.22 1.75 -1.58
C TYR F 256 -26.63 2.17 -2.03
N ARG F 257 -26.73 2.82 -3.17
CA ARG F 257 -28.05 3.16 -3.72
C ARG F 257 -28.35 2.24 -4.88
N PHE F 258 -29.59 1.76 -4.94
CA PHE F 258 -29.98 0.77 -5.93
C PHE F 258 -31.16 1.22 -6.78
N GLY F 259 -31.46 0.46 -7.84
CA GLY F 259 -32.49 0.83 -8.80
C GLY F 259 -33.90 0.75 -8.25
N GLU F 260 -34.88 0.99 -9.12
CA GLU F 260 -36.26 0.98 -8.67
C GLU F 260 -36.87 -0.43 -8.73
N ILE F 261 -37.48 -0.83 -7.62
CA ILE F 261 -38.12 -2.13 -7.47
C ILE F 261 -39.41 -2.17 -8.27
N ASP F 262 -39.70 -3.29 -8.92
CA ASP F 262 -40.95 -3.43 -9.68
C ASP F 262 -42.09 -3.84 -8.74
N TRP F 263 -42.74 -2.85 -8.13
CA TRP F 263 -43.83 -3.07 -7.18
C TRP F 263 -45.10 -3.54 -7.85
N GLN F 264 -45.21 -3.29 -9.15
CA GLN F 264 -46.24 -3.89 -9.98
C GLN F 264 -46.12 -5.42 -9.96
N GLU F 265 -44.89 -5.94 -10.01
CA GLU F 265 -44.64 -7.37 -9.92
C GLU F 265 -44.92 -7.87 -8.50
N PHE F 266 -44.33 -7.22 -7.50
CA PHE F 266 -44.55 -7.59 -6.11
C PHE F 266 -46.04 -7.75 -5.82
N ASN F 267 -46.85 -6.87 -6.39
CA ASN F 267 -48.28 -6.89 -6.16
C ASN F 267 -48.95 -8.08 -6.83
N GLU F 268 -48.54 -8.38 -8.06
CA GLU F 268 -49.01 -9.60 -8.71
C GLU F 268 -48.64 -10.85 -7.89
N VAL F 269 -47.40 -10.90 -7.39
CA VAL F 269 -46.90 -12.08 -6.69
C VAL F 269 -47.71 -12.38 -5.42
N ILE F 270 -47.89 -11.37 -4.57
CA ILE F 270 -48.61 -11.58 -3.31
C ILE F 270 -50.12 -11.74 -3.50
N ASN F 271 -50.61 -11.41 -4.68
CA ASN F 271 -52.01 -11.65 -5.02
C ASN F 271 -52.26 -12.93 -5.81
N GLY F 272 -51.27 -13.84 -5.77
CA GLY F 272 -51.41 -15.18 -6.34
C GLY F 272 -51.16 -15.28 -7.82
N ARG F 273 -50.61 -14.23 -8.41
CA ARG F 273 -50.33 -14.21 -9.85
C ARG F 273 -48.83 -14.19 -10.21
N GLY F 274 -48.00 -14.72 -9.33
CA GLY F 274 -46.58 -14.92 -9.62
C GLY F 274 -46.34 -16.20 -10.39
N ILE F 275 -45.08 -16.61 -10.48
CA ILE F 275 -44.69 -17.76 -11.29
C ILE F 275 -45.17 -19.10 -10.72
N CYS F 276 -45.02 -19.33 -9.42
CA CYS F 276 -45.33 -20.63 -8.81
C CYS F 276 -46.47 -20.66 -7.78
N ASN F 277 -47.20 -19.55 -7.60
CA ASN F 277 -48.26 -19.45 -6.58
C ASN F 277 -49.26 -20.61 -6.64
N GLN F 278 -49.84 -20.85 -7.82
CA GLN F 278 -50.74 -21.95 -8.03
C GLN F 278 -50.13 -23.30 -7.66
N GLU F 279 -48.88 -23.53 -8.04
CA GLU F 279 -48.24 -24.82 -7.84
C GLU F 279 -47.94 -25.05 -6.36
N ARG F 280 -47.62 -23.98 -5.64
CA ARG F 280 -47.29 -24.09 -4.23
C ARG F 280 -48.52 -24.44 -3.39
N LEU F 281 -49.61 -23.71 -3.60
CA LEU F 281 -50.85 -23.98 -2.91
C LEU F 281 -51.48 -25.31 -3.35
N ASP F 282 -51.42 -25.63 -4.64
CA ASP F 282 -51.91 -26.93 -5.11
C ASP F 282 -51.17 -28.08 -4.39
N ALA F 283 -49.86 -27.91 -4.19
CA ALA F 283 -49.06 -28.94 -3.58
C ALA F 283 -49.45 -29.12 -2.11
N LYS F 284 -49.60 -28.00 -1.37
CA LYS F 284 -50.00 -28.07 0.04
C LYS F 284 -51.44 -28.60 0.22
N ARG F 285 -52.35 -28.14 -0.64
CA ARG F 285 -53.73 -28.64 -0.66
C ARG F 285 -53.80 -30.14 -0.92
N LYS F 286 -53.15 -30.58 -2.00
CA LYS F 286 -53.10 -31.99 -2.37
C LYS F 286 -52.48 -32.82 -1.25
N ALA F 287 -51.41 -32.30 -0.64
CA ALA F 287 -50.83 -32.96 0.51
C ALA F 287 -51.84 -33.10 1.65
N TRP F 288 -52.59 -32.03 1.91
CA TRP F 288 -53.56 -32.00 3.00
C TRP F 288 -54.76 -32.92 2.70
N GLU F 289 -55.36 -32.74 1.53
CA GLU F 289 -56.53 -33.52 1.15
C GLU F 289 -56.23 -35.01 1.15
N GLU F 290 -55.22 -35.42 0.40
CA GLU F 290 -54.81 -36.82 0.30
C GLU F 290 -54.22 -37.38 1.59
N GLY F 291 -53.99 -36.52 2.58
CA GLY F 291 -53.51 -36.95 3.87
C GLY F 291 -54.59 -37.15 4.91
N THR F 292 -55.83 -36.81 4.57
CA THR F 292 -56.97 -36.87 5.50
C THR F 292 -57.15 -38.26 6.12
N TRP F 293 -57.19 -39.30 5.28
CA TRP F 293 -57.33 -40.65 5.76
C TRP F 293 -56.23 -41.04 6.77
N VAL F 294 -55.04 -40.46 6.62
CA VAL F 294 -53.96 -40.71 7.56
C VAL F 294 -54.19 -40.03 8.92
N ARG F 295 -54.68 -38.79 8.89
CA ARG F 295 -54.91 -38.02 10.11
C ARG F 295 -56.08 -38.62 10.89
N GLU F 296 -57.13 -39.00 10.15
CA GLU F 296 -58.28 -39.70 10.70
C GLU F 296 -57.87 -41.01 11.38
N ALA F 297 -57.02 -41.78 10.71
CA ALA F 297 -56.50 -43.04 11.25
C ALA F 297 -55.82 -42.84 12.59
N ALA F 298 -54.97 -41.81 12.68
CA ALA F 298 -54.25 -41.53 13.92
C ALA F 298 -55.21 -41.12 15.05
N LEU F 299 -56.27 -40.40 14.68
CA LEU F 299 -57.31 -39.97 15.62
C LEU F 299 -58.04 -41.20 16.19
N ALA F 300 -58.59 -42.01 15.28
CA ALA F 300 -59.30 -43.25 15.63
C ALA F 300 -58.48 -44.19 16.50
N HIS F 301 -57.20 -44.35 16.17
CA HIS F 301 -56.31 -45.26 16.89
C HIS F 301 -56.02 -44.76 18.32
N ALA F 302 -56.00 -43.45 18.51
CA ALA F 302 -55.81 -42.88 19.83
C ALA F 302 -57.04 -43.13 20.73
N GLN F 303 -58.23 -43.04 20.14
CA GLN F 303 -59.48 -43.25 20.84
C GLN F 303 -59.69 -44.69 21.28
N LYS F 304 -58.87 -45.60 20.75
CA LYS F 304 -58.80 -46.97 21.23
C LYS F 304 -57.59 -47.15 22.16
N GLN F 305 -56.58 -46.32 21.99
CA GLN F 305 -55.34 -46.41 22.78
C GLN F 305 -55.56 -45.97 24.24
N HIS F 306 -56.33 -44.90 24.42
CA HIS F 306 -56.70 -44.41 25.75
C HIS F 306 -58.12 -44.90 26.11
N ALA F 307 -58.43 -46.10 25.65
CA ALA F 307 -59.65 -46.84 26.05
C ALA F 307 -59.28 -48.32 26.27
N ARG F 308 -57.99 -48.61 26.11
CA ARG F 308 -57.42 -49.93 26.40
C ARG F 308 -57.03 -50.06 27.88
N LYS F 309 -56.95 -48.92 28.57
CA LYS F 309 -56.69 -48.87 30.03
C LYS F 309 -57.12 -47.54 30.63
N SER G 12 -30.14 -13.43 -39.16
CA SER G 12 -30.61 -14.85 -39.26
C SER G 12 -30.83 -15.47 -37.86
N ASN G 13 -30.39 -14.76 -36.82
CA ASN G 13 -30.52 -15.20 -35.43
C ASN G 13 -31.97 -15.35 -34.95
N GLN G 14 -32.79 -14.35 -35.25
CA GLN G 14 -34.18 -14.33 -34.81
C GLN G 14 -34.97 -15.48 -35.46
N LEU G 15 -34.65 -15.76 -36.72
CA LEU G 15 -35.28 -16.86 -37.46
C LEU G 15 -34.94 -18.19 -36.82
N THR G 16 -33.69 -18.34 -36.39
CA THR G 16 -33.25 -19.55 -35.70
C THR G 16 -34.06 -19.77 -34.42
N ALA G 17 -34.13 -18.73 -33.59
CA ALA G 17 -34.87 -18.80 -32.34
C ALA G 17 -36.36 -19.11 -32.57
N TYR G 18 -36.94 -18.53 -33.62
CA TYR G 18 -38.36 -18.76 -33.94
C TYR G 18 -38.65 -20.20 -34.34
N THR G 19 -37.75 -20.80 -35.14
CA THR G 19 -37.88 -22.18 -35.59
C THR G 19 -37.64 -23.13 -34.42
N LEU G 20 -36.69 -22.77 -33.57
CA LEU G 20 -36.35 -23.56 -32.41
C LEU G 20 -37.53 -23.67 -31.44
N ARG G 21 -38.22 -22.56 -31.21
CA ARG G 21 -39.39 -22.54 -30.35
C ARG G 21 -40.49 -23.49 -30.82
N LEU G 22 -40.78 -23.45 -32.10
CA LEU G 22 -41.80 -24.31 -32.67
C LEU G 22 -41.37 -25.78 -32.51
N GLY G 23 -40.09 -26.06 -32.76
CA GLY G 23 -39.56 -27.39 -32.53
C GLY G 23 -39.66 -27.82 -31.08
N ASP G 24 -39.36 -26.90 -30.17
CA ASP G 24 -39.37 -27.18 -28.74
C ASP G 24 -40.76 -27.47 -28.20
N ASN G 25 -41.76 -26.74 -28.69
CA ASN G 25 -43.16 -27.02 -28.38
C ASN G 25 -43.49 -28.46 -28.71
N CYS G 26 -43.15 -28.86 -29.94
CA CYS G 26 -43.52 -30.16 -30.45
C CYS G 26 -42.73 -31.27 -29.76
N LEU G 27 -41.46 -31.00 -29.48
CA LEU G 27 -40.61 -31.98 -28.82
C LEU G 27 -41.09 -32.30 -27.40
N VAL G 28 -41.32 -31.26 -26.60
CA VAL G 28 -41.73 -31.43 -25.22
C VAL G 28 -43.12 -32.06 -25.09
N LEU G 29 -44.05 -31.69 -25.97
CA LEU G 29 -45.39 -32.28 -25.93
C LEU G 29 -45.33 -33.77 -26.27
N SER G 30 -44.53 -34.09 -27.28
CA SER G 30 -44.18 -35.46 -27.65
C SER G 30 -43.70 -36.30 -26.46
N GLN G 31 -42.79 -35.74 -25.67
CA GLN G 31 -42.31 -36.41 -24.46
C GLN G 31 -43.47 -36.76 -23.53
N ARG G 32 -44.33 -35.79 -23.27
CA ARG G 32 -45.47 -36.03 -22.41
C ARG G 32 -46.34 -37.17 -22.94
N LEU G 33 -46.62 -37.15 -24.22
CA LEU G 33 -47.50 -38.16 -24.81
C LEU G 33 -46.87 -39.55 -24.76
N GLY G 34 -45.55 -39.59 -24.79
CA GLY G 34 -44.83 -40.85 -24.68
C GLY G 34 -45.06 -41.55 -23.35
N GLU G 35 -45.31 -40.78 -22.28
CA GLU G 35 -45.51 -41.39 -20.97
C GLU G 35 -46.83 -42.16 -20.88
N TRP G 36 -47.71 -41.93 -21.86
CA TRP G 36 -49.04 -42.54 -21.89
C TRP G 36 -49.07 -43.95 -22.47
N CYS G 37 -47.94 -44.34 -23.05
CA CYS G 37 -47.86 -45.58 -23.82
C CYS G 37 -48.14 -46.83 -22.95
N GLY G 38 -49.19 -47.57 -23.33
CA GLY G 38 -49.67 -48.72 -22.57
C GLY G 38 -50.50 -48.42 -21.33
N HIS G 39 -50.79 -47.14 -21.09
CA HIS G 39 -51.53 -46.72 -19.90
C HIS G 39 -52.87 -46.02 -20.18
N ALA G 40 -53.34 -46.08 -21.43
CA ALA G 40 -54.58 -45.38 -21.80
C ALA G 40 -55.83 -46.16 -21.38
N PRO G 41 -56.99 -45.47 -21.27
CA PRO G 41 -58.25 -46.14 -20.92
C PRO G 41 -58.74 -47.19 -21.91
N GLU G 42 -58.33 -47.04 -23.17
CA GLU G 42 -58.69 -47.98 -24.24
C GLU G 42 -57.50 -48.18 -25.16
N LEU G 43 -57.45 -49.33 -25.81
CA LEU G 43 -56.45 -49.59 -26.83
C LEU G 43 -56.50 -48.55 -27.95
N GLU G 44 -57.70 -48.20 -28.38
CA GLU G 44 -57.91 -47.22 -29.46
C GLU G 44 -57.28 -45.88 -29.09
N ILE G 45 -57.40 -45.50 -27.82
CA ILE G 45 -56.80 -44.25 -27.33
C ILE G 45 -55.29 -44.35 -27.27
N ASP G 46 -54.76 -45.47 -26.79
CA ASP G 46 -53.32 -45.72 -26.82
C ASP G 46 -52.76 -45.48 -28.20
N LEU G 47 -53.41 -46.06 -29.21
CA LEU G 47 -53.01 -45.93 -30.61
C LEU G 47 -53.04 -44.48 -31.07
N ALA G 48 -54.10 -43.76 -30.75
CA ALA G 48 -54.21 -42.35 -31.11
C ALA G 48 -53.11 -41.49 -30.47
N LEU G 49 -52.90 -41.67 -29.17
CA LEU G 49 -51.87 -40.92 -28.44
C LEU G 49 -50.48 -41.20 -28.99
N ALA G 50 -50.19 -42.46 -29.29
CA ALA G 50 -48.90 -42.80 -29.88
C ALA G 50 -48.77 -42.14 -31.26
N ASN G 51 -49.87 -42.09 -32.00
CA ASN G 51 -49.87 -41.49 -33.33
C ASN G 51 -49.64 -39.98 -33.29
N ILE G 52 -50.34 -39.30 -32.38
CA ILE G 52 -50.18 -37.85 -32.23
C ILE G 52 -48.78 -37.49 -31.75
N GLY G 53 -48.25 -38.27 -30.81
CA GLY G 53 -46.90 -38.09 -30.31
C GLY G 53 -45.90 -38.28 -31.43
N LEU G 54 -46.20 -39.21 -32.33
CA LEU G 54 -45.29 -39.52 -33.43
C LEU G 54 -45.30 -38.38 -34.44
N ASP G 55 -46.50 -37.85 -34.71
CA ASP G 55 -46.63 -36.73 -35.62
C ASP G 55 -45.80 -35.55 -35.11
N LEU G 56 -46.00 -35.24 -33.83
CA LEU G 56 -45.38 -34.11 -33.17
C LEU G 56 -43.86 -34.26 -33.14
N LEU G 57 -43.39 -35.47 -32.90
CA LEU G 57 -41.98 -35.73 -32.94
C LEU G 57 -41.44 -35.42 -34.32
N GLY G 58 -42.16 -35.86 -35.37
CA GLY G 58 -41.82 -35.52 -36.76
C GLY G 58 -41.66 -34.02 -37.01
N GLN G 59 -42.61 -33.24 -36.53
CA GLN G 59 -42.53 -31.79 -36.66
C GLN G 59 -41.33 -31.22 -35.91
N ALA G 60 -41.06 -31.77 -34.73
CA ALA G 60 -39.92 -31.34 -33.91
C ALA G 60 -38.63 -31.55 -34.66
N ARG G 61 -38.48 -32.73 -35.27
CA ARG G 61 -37.30 -33.06 -36.02
C ARG G 61 -37.12 -32.08 -37.19
N ASN G 62 -38.23 -31.76 -37.86
CA ASN G 62 -38.19 -30.85 -38.99
C ASN G 62 -37.77 -29.46 -38.54
N PHE G 63 -38.40 -28.96 -37.48
CA PHE G 63 -38.06 -27.63 -36.97
C PHE G 63 -36.65 -27.58 -36.38
N LEU G 64 -36.27 -28.62 -35.63
CA LEU G 64 -34.96 -28.65 -35.01
C LEU G 64 -33.84 -28.76 -36.06
N SER G 65 -34.04 -29.62 -37.07
CA SER G 65 -33.08 -29.74 -38.15
C SER G 65 -32.87 -28.42 -38.89
N TYR G 66 -33.96 -27.70 -39.13
CA TYR G 66 -33.87 -26.42 -39.79
C TYR G 66 -33.14 -25.41 -38.91
N ALA G 67 -33.45 -25.43 -37.62
CA ALA G 67 -32.76 -24.55 -36.67
C ALA G 67 -31.26 -24.78 -36.69
N ALA G 68 -30.84 -26.05 -36.71
CA ALA G 68 -29.42 -26.40 -36.74
C ALA G 68 -28.76 -25.92 -38.04
N GLU G 69 -29.47 -26.08 -39.16
CA GLU G 69 -29.00 -25.64 -40.45
C GLU G 69 -28.77 -24.13 -40.42
N LEU G 70 -29.76 -23.39 -39.91
CA LEU G 70 -29.69 -21.93 -39.80
C LEU G 70 -28.54 -21.45 -38.92
N ALA G 71 -28.23 -22.21 -37.88
CA ALA G 71 -27.18 -21.82 -36.94
C ALA G 71 -25.80 -22.20 -37.47
N GLY G 72 -25.78 -23.11 -38.44
CA GLY G 72 -24.54 -23.58 -39.04
C GLY G 72 -23.76 -24.59 -38.21
N GLU G 73 -24.40 -25.13 -37.16
CA GLU G 73 -23.77 -26.17 -36.32
C GLU G 73 -24.79 -27.04 -35.60
N GLY G 74 -24.39 -28.24 -35.25
CA GLY G 74 -25.22 -29.13 -34.51
C GLY G 74 -26.28 -29.77 -35.33
N ASP G 75 -27.24 -30.36 -34.68
CA ASP G 75 -28.33 -30.97 -35.38
C ASP G 75 -29.46 -31.11 -34.43
N GLU G 76 -30.40 -31.96 -34.76
CA GLU G 76 -31.60 -32.15 -33.98
C GLU G 76 -31.27 -32.81 -32.69
N ASP G 77 -30.24 -33.61 -32.69
CA ASP G 77 -29.88 -34.33 -31.50
C ASP G 77 -29.07 -33.51 -30.56
N THR G 78 -28.16 -32.72 -31.06
CA THR G 78 -27.44 -31.81 -30.15
C THR G 78 -28.39 -30.76 -29.57
N LEU G 79 -29.40 -30.36 -30.35
CA LEU G 79 -30.36 -29.39 -29.86
C LEU G 79 -31.30 -30.01 -28.82
N ALA G 80 -31.63 -31.29 -28.98
CA ALA G 80 -32.57 -31.94 -28.08
C ALA G 80 -31.90 -32.35 -26.79
N PHE G 81 -30.69 -32.86 -26.89
CA PHE G 81 -30.08 -33.60 -25.79
C PHE G 81 -28.92 -32.90 -25.05
N THR G 82 -28.47 -31.74 -25.55
CA THR G 82 -27.32 -31.04 -24.94
C THR G 82 -27.62 -29.63 -24.46
N ARG G 83 -28.83 -29.14 -24.72
CA ARG G 83 -29.29 -27.90 -24.11
C ARG G 83 -29.87 -28.22 -22.74
N ASP G 84 -29.82 -27.27 -21.82
CA ASP G 84 -30.43 -27.44 -20.51
C ASP G 84 -31.73 -26.63 -20.40
N GLU G 85 -32.42 -26.71 -19.27
CA GLU G 85 -33.77 -26.12 -19.20
C GLU G 85 -33.83 -24.63 -19.50
N ARG G 86 -32.77 -23.91 -19.14
CA ARG G 86 -32.72 -22.47 -19.37
C ARG G 86 -32.53 -22.12 -20.86
N GLN G 87 -32.25 -23.13 -21.68
CA GLN G 87 -32.06 -22.89 -23.11
C GLN G 87 -33.24 -23.40 -23.92
N PHE G 88 -34.13 -24.15 -23.30
CA PHE G 88 -35.37 -24.60 -23.95
C PHE G 88 -36.38 -23.49 -24.05
N SER G 89 -37.14 -23.49 -25.14
CA SER G 89 -37.98 -22.35 -25.47
C SER G 89 -39.43 -22.72 -25.79
N ASN G 90 -39.86 -23.89 -25.33
CA ASN G 90 -41.23 -24.37 -25.52
C ASN G 90 -42.21 -23.56 -24.71
N LEU G 91 -43.47 -23.55 -25.14
CA LEU G 91 -44.55 -22.94 -24.36
C LEU G 91 -44.70 -23.67 -23.02
N LEU G 92 -45.02 -22.94 -21.96
CA LEU G 92 -45.25 -23.54 -20.65
C LEU G 92 -46.35 -24.61 -20.66
N LEU G 93 -47.33 -24.46 -21.54
CA LEU G 93 -48.44 -25.37 -21.70
C LEU G 93 -48.02 -26.83 -21.96
N VAL G 94 -47.03 -27.02 -22.81
CA VAL G 94 -46.65 -28.37 -23.23
C VAL G 94 -45.82 -29.14 -22.19
N GLU G 95 -45.34 -28.47 -21.15
CA GLU G 95 -44.54 -29.15 -20.12
C GLU G 95 -45.38 -29.54 -18.91
N GLN G 96 -46.66 -29.20 -18.93
CA GLN G 96 -47.57 -29.54 -17.84
C GLN G 96 -47.69 -31.05 -17.69
N PRO G 97 -47.86 -31.54 -16.45
CA PRO G 97 -47.94 -33.00 -16.27
C PRO G 97 -49.19 -33.55 -16.92
N ASN G 98 -49.12 -34.82 -17.30
CA ASN G 98 -50.21 -35.51 -17.91
C ASN G 98 -51.49 -35.52 -17.09
N GLY G 99 -51.34 -35.59 -15.77
CA GLY G 99 -52.47 -35.75 -14.84
C GLY G 99 -53.34 -36.90 -15.28
N ASN G 100 -54.66 -36.72 -15.18
CA ASN G 100 -55.59 -37.72 -15.68
C ASN G 100 -55.89 -37.41 -17.13
N PHE G 101 -56.71 -38.24 -17.76
CA PHE G 101 -56.99 -38.13 -19.19
C PHE G 101 -57.61 -36.78 -19.60
N ALA G 102 -58.37 -36.15 -18.69
CA ALA G 102 -58.96 -34.86 -19.01
C ALA G 102 -57.89 -33.77 -19.05
N ASP G 103 -56.97 -33.81 -18.08
CA ASP G 103 -55.80 -32.91 -18.09
C ASP G 103 -55.05 -32.99 -19.41
N THR G 104 -54.89 -34.21 -19.91
CA THR G 104 -54.14 -34.44 -21.12
C THR G 104 -54.91 -33.95 -22.33
N ILE G 105 -56.23 -34.20 -22.33
CA ILE G 105 -57.09 -33.74 -23.42
C ILE G 105 -57.20 -32.23 -23.47
N ALA G 106 -57.39 -31.59 -22.33
CA ALA G 106 -57.42 -30.14 -22.30
C ALA G 106 -56.16 -29.56 -22.96
N ARG G 107 -54.99 -29.98 -22.47
CA ARG G 107 -53.70 -29.54 -23.01
C ARG G 107 -53.58 -29.75 -24.51
N GLN G 108 -54.00 -30.94 -24.98
CA GLN G 108 -53.95 -31.26 -26.40
C GLN G 108 -54.83 -30.34 -27.19
N TYR G 109 -56.01 -30.06 -26.66
CA TYR G 109 -57.01 -29.25 -27.36
C TYR G 109 -56.52 -27.83 -27.56
N PHE G 110 -56.07 -27.21 -26.47
CA PHE G 110 -55.52 -25.85 -26.53
C PHE G 110 -54.37 -25.75 -27.54
N ILE G 111 -53.47 -26.74 -27.52
CA ILE G 111 -52.33 -26.77 -28.44
C ILE G 111 -52.75 -27.02 -29.89
N ASP G 112 -53.70 -27.92 -30.10
CA ASP G 112 -54.16 -28.23 -31.44
C ASP G 112 -54.87 -27.04 -32.11
N ALA G 113 -55.78 -26.41 -31.38
CA ALA G 113 -56.44 -25.19 -31.89
C ALA G 113 -55.40 -24.17 -32.34
N TRP G 114 -54.39 -23.98 -31.49
CA TRP G 114 -53.30 -23.05 -31.75
C TRP G 114 -52.49 -23.46 -32.96
N HIS G 115 -52.15 -24.75 -33.04
CA HIS G 115 -51.38 -25.25 -34.15
C HIS G 115 -52.09 -25.04 -35.47
N VAL G 116 -53.39 -25.33 -35.48
CA VAL G 116 -54.18 -25.19 -36.70
C VAL G 116 -54.20 -23.72 -37.13
N ALA G 117 -54.53 -22.83 -36.20
CA ALA G 117 -54.50 -21.40 -36.47
C ALA G 117 -53.13 -20.93 -36.98
N LEU G 118 -52.05 -21.41 -36.33
CA LEU G 118 -50.69 -20.99 -36.69
C LEU G 118 -50.25 -21.53 -38.05
N PHE G 119 -50.36 -22.83 -38.25
CA PHE G 119 -49.82 -23.46 -39.45
C PHE G 119 -50.60 -23.12 -40.71
N THR G 120 -51.89 -22.84 -40.56
CA THR G 120 -52.72 -22.38 -41.68
C THR G 120 -52.11 -21.12 -42.28
N ARG G 121 -51.69 -20.21 -41.41
CA ARG G 121 -51.08 -18.96 -41.84
C ARG G 121 -49.59 -19.12 -42.17
N LEU G 122 -48.94 -20.02 -41.46
CA LEU G 122 -47.49 -20.13 -41.58
C LEU G 122 -47.04 -20.83 -42.86
N MET G 123 -47.97 -21.53 -43.51
CA MET G 123 -47.65 -22.14 -44.80
C MET G 123 -47.61 -21.11 -45.95
N GLU G 124 -47.98 -19.87 -45.64
CA GLU G 124 -47.88 -18.75 -46.58
C GLU G 124 -46.69 -17.87 -46.23
N SER G 125 -45.77 -18.40 -45.43
CA SER G 125 -44.57 -17.68 -45.03
C SER G 125 -43.65 -17.42 -46.23
N ARG G 126 -42.95 -16.28 -46.20
CA ARG G 126 -42.03 -15.91 -47.27
C ARG G 126 -40.73 -16.71 -47.20
N ASP G 127 -40.54 -17.46 -46.11
CA ASP G 127 -39.43 -18.41 -45.99
C ASP G 127 -39.85 -19.81 -46.47
N PRO G 128 -39.30 -20.24 -47.61
CA PRO G 128 -39.76 -21.48 -48.26
C PRO G 128 -39.77 -22.69 -47.34
N GLN G 129 -38.67 -22.91 -46.61
CA GLN G 129 -38.54 -24.07 -45.72
C GLN G 129 -39.56 -24.07 -44.57
N LEU G 130 -39.84 -22.90 -44.02
CA LEU G 130 -40.86 -22.75 -42.98
C LEU G 130 -42.27 -23.01 -43.50
N ALA G 131 -42.51 -22.55 -44.73
CA ALA G 131 -43.78 -22.79 -45.43
C ALA G 131 -43.99 -24.27 -45.68
N ALA G 132 -42.95 -24.93 -46.17
CA ALA G 132 -43.00 -26.35 -46.47
C ALA G 132 -43.23 -27.20 -45.22
N ILE G 133 -42.53 -26.88 -44.13
CA ILE G 133 -42.73 -27.58 -42.88
C ILE G 133 -44.17 -27.40 -42.39
N SER G 134 -44.65 -26.16 -42.43
CA SER G 134 -46.02 -25.85 -42.01
C SER G 134 -47.06 -26.59 -42.85
N ALA G 135 -46.78 -26.76 -44.14
CA ALA G 135 -47.69 -27.44 -45.04
C ALA G 135 -47.89 -28.91 -44.65
N LYS G 136 -46.82 -29.56 -44.16
CA LYS G 136 -46.92 -30.92 -43.64
C LYS G 136 -47.62 -30.91 -42.29
N ALA G 137 -47.21 -29.97 -41.44
CA ALA G 137 -47.72 -29.86 -40.07
C ALA G 137 -49.23 -29.69 -39.98
N ILE G 138 -49.77 -28.76 -40.79
CA ILE G 138 -51.21 -28.48 -40.77
C ILE G 138 -52.11 -29.71 -40.97
N LYS G 139 -51.74 -30.57 -41.91
CA LYS G 139 -52.49 -31.80 -42.20
C LYS G 139 -52.63 -32.66 -40.96
N GLU G 140 -51.53 -32.76 -40.21
CA GLU G 140 -51.48 -33.55 -38.98
C GLU G 140 -52.25 -32.84 -37.88
N ALA G 141 -52.06 -31.54 -37.77
CA ALA G 141 -52.72 -30.73 -36.73
C ALA G 141 -54.24 -30.82 -36.77
N ARG G 142 -54.80 -30.89 -37.99
CA ARG G 142 -56.24 -31.03 -38.19
C ARG G 142 -56.79 -32.32 -37.61
N TYR G 143 -56.07 -33.43 -37.81
CA TYR G 143 -56.41 -34.72 -37.18
C TYR G 143 -56.33 -34.62 -35.66
N HIS G 144 -55.34 -33.88 -35.17
CA HIS G 144 -55.14 -33.76 -33.74
C HIS G 144 -56.31 -33.03 -33.10
N LEU G 145 -56.71 -31.93 -33.72
CA LEU G 145 -57.81 -31.11 -33.24
C LEU G 145 -59.11 -31.91 -33.23
N ARG G 146 -59.33 -32.74 -34.24
CA ARG G 146 -60.50 -33.61 -34.25
C ARG G 146 -60.53 -34.57 -33.08
N PHE G 147 -59.37 -35.16 -32.77
CA PHE G 147 -59.26 -36.12 -31.69
C PHE G 147 -59.52 -35.42 -30.36
N SER G 148 -58.79 -34.33 -30.12
CA SER G 148 -58.86 -33.61 -28.87
C SER G 148 -60.21 -32.89 -28.65
N ARG G 149 -60.75 -32.28 -29.71
CA ARG G 149 -62.08 -31.70 -29.63
C ARG G 149 -63.12 -32.82 -29.39
N GLY G 150 -62.98 -33.92 -30.12
CA GLY G 150 -63.83 -35.09 -29.92
C GLY G 150 -63.95 -35.45 -28.45
N TRP G 151 -62.80 -35.61 -27.78
CA TRP G 151 -62.80 -36.07 -26.40
C TRP G 151 -63.26 -34.98 -25.46
N LEU G 152 -62.96 -33.73 -25.79
CA LEU G 152 -63.50 -32.62 -25.01
C LEU G 152 -65.04 -32.72 -24.94
N GLU G 153 -65.68 -32.91 -26.09
CA GLU G 153 -67.12 -33.14 -26.17
C GLU G 153 -67.59 -34.37 -25.39
N ARG G 154 -67.00 -35.53 -25.61
CA ARG G 154 -67.40 -36.69 -24.86
C ARG G 154 -67.22 -36.58 -23.39
N LEU G 155 -66.22 -35.90 -22.90
CA LEU G 155 -66.02 -35.91 -21.46
C LEU G 155 -66.74 -34.83 -20.75
N GLY G 156 -66.80 -33.65 -21.36
CA GLY G 156 -67.61 -32.57 -20.82
C GLY G 156 -69.11 -32.87 -20.91
N ASN G 157 -69.52 -33.39 -22.06
CA ASN G 157 -70.90 -33.82 -22.27
C ASN G 157 -71.00 -35.34 -22.16
N GLY G 158 -70.65 -35.87 -20.99
CA GLY G 158 -70.68 -37.30 -20.77
C GLY G 158 -71.50 -37.64 -19.54
N THR G 159 -70.81 -37.96 -18.45
CA THR G 159 -71.47 -38.21 -17.17
C THR G 159 -71.30 -36.96 -16.33
N ASP G 160 -71.85 -36.98 -15.12
CA ASP G 160 -71.62 -35.91 -14.17
C ASP G 160 -70.13 -35.87 -13.79
N VAL G 161 -69.59 -37.04 -13.44
CA VAL G 161 -68.20 -37.18 -13.02
C VAL G 161 -67.19 -36.70 -14.08
N SER G 162 -67.41 -37.11 -15.33
CA SER G 162 -66.49 -36.79 -16.40
C SER G 162 -66.50 -35.30 -16.79
N GLY G 163 -67.69 -34.71 -16.88
CA GLY G 163 -67.82 -33.29 -17.13
C GLY G 163 -67.13 -32.43 -16.08
N GLN G 164 -67.18 -32.89 -14.84
CA GLN G 164 -66.58 -32.18 -13.72
C GLN G 164 -65.05 -32.28 -13.77
N LYS G 165 -64.54 -33.41 -14.27
CA LYS G 165 -63.11 -33.60 -14.39
C LYS G 165 -62.58 -32.77 -15.54
N MET G 166 -63.38 -32.69 -16.61
CA MET G 166 -63.02 -31.93 -17.79
C MET G 166 -62.99 -30.44 -17.49
N GLN G 167 -63.84 -30.00 -16.56
CA GLN G 167 -63.88 -28.59 -16.20
C GLN G 167 -62.69 -28.25 -15.32
N GLN G 168 -62.40 -29.12 -14.35
CA GLN G 168 -61.22 -28.97 -13.50
C GLN G 168 -59.93 -28.92 -14.32
N ALA G 169 -59.90 -29.71 -15.40
CA ALA G 169 -58.75 -29.77 -16.28
C ALA G 169 -58.53 -28.45 -17.02
N ILE G 170 -59.61 -27.91 -17.58
CA ILE G 170 -59.59 -26.61 -18.24
C ILE G 170 -59.17 -25.50 -17.28
N ASN G 171 -59.72 -25.51 -16.07
CA ASN G 171 -59.33 -24.53 -15.06
C ASN G 171 -57.86 -24.59 -14.70
N LYS G 172 -57.35 -25.82 -14.57
CA LYS G 172 -55.98 -26.07 -14.14
C LYS G 172 -54.96 -25.52 -15.14
N LEU G 173 -55.28 -25.61 -16.43
CA LEU G 173 -54.37 -25.21 -17.49
C LEU G 173 -54.54 -23.77 -17.96
N TRP G 174 -55.69 -23.17 -17.64
CA TRP G 174 -56.11 -21.94 -18.28
C TRP G 174 -55.05 -20.83 -18.26
N ARG G 175 -54.42 -20.62 -17.11
CA ARG G 175 -53.46 -19.53 -16.95
C ARG G 175 -52.29 -19.56 -17.94
N PHE G 176 -52.04 -20.74 -18.50
CA PHE G 176 -50.90 -20.91 -19.40
C PHE G 176 -51.23 -20.50 -20.83
N THR G 177 -52.50 -20.22 -21.09
CA THR G 177 -52.93 -19.88 -22.46
C THR G 177 -52.50 -18.48 -22.92
N ALA G 178 -52.18 -17.61 -21.97
CA ALA G 178 -51.70 -16.26 -22.28
C ALA G 178 -50.46 -16.28 -23.18
N GLU G 179 -49.56 -17.23 -22.93
CA GLU G 179 -48.32 -17.33 -23.70
C GLU G 179 -48.56 -17.59 -25.18
N LEU G 180 -49.72 -18.18 -25.51
CA LEU G 180 -50.09 -18.47 -26.90
C LEU G 180 -50.18 -17.21 -27.78
N PHE G 181 -50.35 -16.06 -27.14
CA PHE G 181 -50.61 -14.80 -27.84
C PHE G 181 -49.64 -13.71 -27.40
N ASP G 182 -48.60 -14.12 -26.69
CA ASP G 182 -47.55 -13.25 -26.26
C ASP G 182 -46.56 -13.10 -27.43
N ALA G 183 -46.18 -11.87 -27.72
CA ALA G 183 -45.24 -11.59 -28.81
C ALA G 183 -44.03 -10.86 -28.25
N ASP G 184 -42.84 -11.27 -28.64
CA ASP G 184 -41.63 -10.54 -28.28
C ASP G 184 -40.89 -10.02 -29.52
N GLU G 185 -39.70 -9.48 -29.33
CA GLU G 185 -38.92 -8.86 -30.41
C GLU G 185 -38.74 -9.78 -31.62
N ILE G 186 -38.54 -11.06 -31.36
CA ILE G 186 -38.33 -12.06 -32.42
C ILE G 186 -39.58 -12.25 -33.30
N ASP G 187 -40.75 -12.42 -32.66
CA ASP G 187 -42.03 -12.54 -33.39
C ASP G 187 -42.34 -11.30 -34.23
N ILE G 188 -42.19 -10.13 -33.62
CA ILE G 188 -42.54 -8.86 -34.28
C ILE G 188 -41.69 -8.59 -35.51
N ALA G 189 -40.36 -8.60 -35.34
CA ALA G 189 -39.43 -8.38 -36.46
C ALA G 189 -39.70 -9.31 -37.66
N LEU G 190 -39.98 -10.58 -37.37
CA LEU G 190 -40.16 -11.56 -38.43
C LEU G 190 -41.54 -11.50 -39.07
N SER G 191 -42.54 -11.07 -38.32
CA SER G 191 -43.87 -10.88 -38.89
C SER G 191 -43.89 -9.65 -39.79
N GLU G 192 -43.11 -8.63 -39.42
CA GLU G 192 -42.95 -7.44 -40.23
C GLU G 192 -42.24 -7.73 -41.56
N GLU G 193 -41.51 -8.84 -41.62
CA GLU G 193 -40.86 -9.29 -42.85
C GLU G 193 -41.71 -10.32 -43.59
N GLY G 194 -42.90 -10.61 -43.06
CA GLY G 194 -43.81 -11.59 -43.66
C GLY G 194 -43.35 -13.03 -43.49
N ILE G 195 -42.37 -13.25 -42.61
CA ILE G 195 -41.80 -14.58 -42.40
C ILE G 195 -42.57 -15.34 -41.33
N ALA G 196 -42.90 -14.65 -40.24
CA ALA G 196 -43.55 -15.29 -39.11
C ALA G 196 -44.97 -14.76 -38.93
N VAL G 197 -45.72 -15.41 -38.05
CA VAL G 197 -47.04 -14.96 -37.65
C VAL G 197 -46.92 -14.23 -36.32
N ASP G 198 -47.53 -13.06 -36.21
CA ASP G 198 -47.58 -12.34 -34.93
C ASP G 198 -48.59 -13.04 -34.02
N PRO G 199 -48.11 -13.68 -32.94
CA PRO G 199 -48.95 -14.48 -32.06
C PRO G 199 -50.21 -13.76 -31.57
N ARG G 200 -50.11 -12.45 -31.33
CA ARG G 200 -51.28 -11.64 -30.92
C ARG G 200 -52.47 -11.77 -31.89
N THR G 201 -52.16 -11.94 -33.17
CA THR G 201 -53.18 -12.00 -34.20
C THR G 201 -53.79 -13.40 -34.30
N LEU G 202 -53.33 -14.31 -33.45
CA LEU G 202 -53.86 -15.68 -33.45
C LEU G 202 -55.01 -15.84 -32.47
N ARG G 203 -55.18 -14.85 -31.58
CA ARG G 203 -56.17 -14.90 -30.51
C ARG G 203 -57.61 -15.06 -31.01
N ALA G 204 -57.97 -14.31 -32.06
CA ALA G 204 -59.35 -14.34 -32.57
C ALA G 204 -59.70 -15.75 -33.04
N ALA G 205 -58.87 -16.31 -33.91
CA ALA G 205 -59.12 -17.64 -34.47
C ALA G 205 -59.14 -18.71 -33.38
N TRP G 206 -58.19 -18.62 -32.43
CA TRP G 206 -58.08 -19.56 -31.32
C TRP G 206 -59.31 -19.52 -30.41
N GLU G 207 -59.64 -18.32 -29.92
CA GLU G 207 -60.81 -18.11 -29.07
C GLU G 207 -62.13 -18.51 -29.75
N ALA G 208 -62.23 -18.21 -31.05
CA ALA G 208 -63.39 -18.65 -31.85
C ALA G 208 -63.60 -20.17 -31.77
N GLU G 209 -62.53 -20.93 -31.92
CA GLU G 209 -62.61 -22.41 -31.88
C GLU G 209 -62.80 -22.94 -30.46
N VAL G 210 -62.00 -22.43 -29.54
CA VAL G 210 -61.93 -22.97 -28.18
C VAL G 210 -63.17 -22.60 -27.37
N PHE G 211 -63.53 -21.32 -27.39
CA PHE G 211 -64.77 -20.86 -26.73
C PHE G 211 -65.98 -21.66 -27.22
N ALA G 212 -66.03 -21.91 -28.53
CA ALA G 212 -67.11 -22.70 -29.12
C ALA G 212 -67.10 -24.12 -28.56
N GLY G 213 -65.97 -24.82 -28.71
CA GLY G 213 -65.79 -26.20 -28.26
C GLY G 213 -66.10 -26.39 -26.78
N ILE G 214 -65.65 -25.47 -25.94
CA ILE G 214 -65.95 -25.50 -24.51
C ILE G 214 -67.47 -25.37 -24.24
N ASN G 215 -68.11 -24.45 -24.96
CA ASN G 215 -69.55 -24.25 -24.87
C ASN G 215 -70.33 -25.48 -25.37
N GLU G 216 -69.92 -26.02 -26.52
CA GLU G 216 -70.54 -27.21 -27.09
C GLU G 216 -70.42 -28.45 -26.20
N ALA G 217 -69.45 -28.43 -25.28
CA ALA G 217 -69.24 -29.55 -24.35
C ALA G 217 -69.95 -29.33 -23.02
N THR G 218 -70.80 -28.29 -22.98
CA THR G 218 -71.55 -27.86 -21.78
C THR G 218 -70.67 -27.42 -20.62
N LEU G 219 -69.52 -26.83 -20.95
CA LEU G 219 -68.59 -26.35 -19.92
C LEU G 219 -68.45 -24.84 -19.96
N ASN G 220 -67.80 -24.30 -18.94
CA ASN G 220 -67.58 -22.87 -18.86
C ASN G 220 -66.15 -22.47 -19.22
N VAL G 221 -66.03 -21.43 -20.06
CA VAL G 221 -64.76 -20.76 -20.26
C VAL G 221 -64.41 -20.07 -18.95
N PRO G 222 -63.21 -20.35 -18.38
CA PRO G 222 -62.85 -19.74 -17.10
C PRO G 222 -62.82 -18.23 -17.18
N GLN G 223 -63.11 -17.59 -16.05
CA GLN G 223 -63.22 -16.13 -15.99
C GLN G 223 -61.88 -15.50 -15.63
N GLU G 224 -61.03 -16.28 -14.96
CA GLU G 224 -59.66 -15.89 -14.63
C GLU G 224 -58.96 -15.39 -15.91
N GLN G 225 -58.33 -14.23 -15.84
CA GLN G 225 -57.52 -13.76 -16.96
C GLN G 225 -56.16 -14.48 -16.92
N ALA G 226 -55.83 -15.20 -17.98
CA ALA G 226 -54.57 -15.94 -18.08
C ALA G 226 -53.37 -15.00 -17.92
N TYR G 227 -52.38 -15.40 -17.14
CA TYR G 227 -51.28 -14.52 -16.77
C TYR G 227 -49.86 -15.11 -16.86
N ARG G 228 -49.74 -16.38 -17.24
CA ARG G 228 -48.44 -17.07 -17.18
C ARG G 228 -47.70 -17.15 -18.52
N THR G 229 -46.51 -16.55 -18.56
CA THR G 229 -45.59 -16.61 -19.70
C THR G 229 -44.17 -16.90 -19.20
N GLY G 230 -43.23 -17.10 -20.12
CA GLY G 230 -41.83 -17.30 -19.75
C GLY G 230 -41.09 -18.41 -20.50
N GLY G 231 -41.83 -19.45 -20.90
CA GLY G 231 -41.23 -20.57 -21.58
C GLY G 231 -40.35 -20.15 -22.75
N LYS G 232 -40.84 -19.23 -23.56
CA LYS G 232 -40.16 -18.80 -24.77
C LYS G 232 -38.77 -18.19 -24.50
N LYS G 233 -38.62 -17.57 -23.33
CA LYS G 233 -37.33 -16.97 -22.95
C LYS G 233 -36.51 -17.88 -22.01
N GLY G 234 -36.93 -19.14 -21.89
CA GLY G 234 -36.19 -20.13 -21.10
C GLY G 234 -36.53 -20.10 -19.62
N LEU G 235 -37.66 -19.48 -19.30
CA LEU G 235 -38.14 -19.42 -17.92
C LEU G 235 -39.34 -20.33 -17.74
N HIS G 236 -39.09 -21.51 -17.21
CA HIS G 236 -40.08 -22.57 -17.16
C HIS G 236 -40.63 -22.84 -15.77
N THR G 237 -41.69 -23.65 -15.71
CA THR G 237 -42.17 -24.21 -14.46
C THR G 237 -41.13 -25.22 -13.97
N GLU G 238 -41.29 -25.69 -12.74
CA GLU G 238 -40.43 -26.74 -12.18
C GLU G 238 -40.64 -28.13 -12.80
N HIS G 239 -41.50 -28.22 -13.80
CA HIS G 239 -41.74 -29.50 -14.44
C HIS G 239 -40.69 -29.87 -15.49
N LEU G 240 -40.18 -28.88 -16.21
CA LEU G 240 -39.29 -29.14 -17.34
C LEU G 240 -37.99 -29.85 -16.96
N GLY G 241 -37.33 -29.37 -15.91
CA GLY G 241 -36.07 -29.95 -15.45
C GLY G 241 -36.12 -31.48 -15.32
N PRO G 242 -37.06 -31.99 -14.49
CA PRO G 242 -37.12 -33.45 -14.38
C PRO G 242 -37.37 -34.16 -15.69
N MET G 243 -38.12 -33.53 -16.60
CA MET G 243 -38.34 -34.12 -17.93
C MET G 243 -37.03 -34.29 -18.70
N LEU G 244 -36.22 -33.23 -18.70
CA LEU G 244 -34.94 -33.25 -19.41
C LEU G 244 -33.97 -34.26 -18.84
N ALA G 245 -33.98 -34.42 -17.52
CA ALA G 245 -33.12 -35.41 -16.88
C ALA G 245 -33.41 -36.81 -17.43
N GLU G 246 -34.68 -37.17 -17.55
CA GLU G 246 -35.06 -38.46 -18.10
C GLU G 246 -34.70 -38.53 -19.58
N MET G 247 -35.12 -37.52 -20.33
CA MET G 247 -34.91 -37.50 -21.76
C MET G 247 -33.43 -37.51 -22.17
N GLN G 248 -32.58 -36.81 -21.42
CA GLN G 248 -31.20 -36.61 -21.85
C GLN G 248 -30.22 -37.58 -21.23
N TYR G 249 -30.69 -38.37 -20.27
CA TYR G 249 -29.79 -39.22 -19.49
C TYR G 249 -28.72 -39.92 -20.32
N LEU G 250 -29.15 -40.74 -21.27
CA LEU G 250 -28.23 -41.56 -22.03
C LEU G 250 -27.22 -40.75 -22.85
N GLN G 251 -27.66 -39.67 -23.47
CA GLN G 251 -26.76 -38.79 -24.20
C GLN G 251 -25.76 -38.07 -23.29
N ARG G 252 -26.13 -37.87 -22.02
CA ARG G 252 -25.23 -37.20 -21.11
C ARG G 252 -24.20 -38.17 -20.55
N VAL G 253 -24.64 -39.40 -20.29
CA VAL G 253 -23.76 -40.46 -19.81
C VAL G 253 -22.70 -40.82 -20.89
N LEU G 254 -23.13 -40.98 -22.11
CA LEU G 254 -22.25 -41.30 -23.20
C LEU G 254 -22.40 -40.31 -24.30
N PRO G 255 -21.75 -39.18 -24.16
CA PRO G 255 -21.81 -38.12 -25.14
C PRO G 255 -21.13 -38.38 -26.47
N GLY G 256 -21.56 -37.65 -27.48
CA GLY G 256 -21.04 -37.72 -28.82
C GLY G 256 -20.92 -39.06 -29.49
N GLN G 257 -21.95 -39.86 -29.46
CA GLN G 257 -21.88 -41.18 -29.98
C GLN G 257 -22.89 -41.36 -31.07
N GLN G 258 -22.98 -42.53 -31.66
CA GLN G 258 -23.94 -42.77 -32.70
C GLN G 258 -24.83 -43.87 -32.27
N TRP G 259 -26.10 -43.82 -32.62
CA TRP G 259 -27.07 -44.75 -32.08
C TRP G 259 -27.98 -45.34 -33.13
N THR H 4 -71.64 -85.35 -40.24
CA THR H 4 -71.06 -85.38 -41.62
C THR H 4 -70.46 -84.03 -41.99
N GLN H 5 -70.89 -82.98 -41.30
CA GLN H 5 -70.31 -81.65 -41.42
C GLN H 5 -68.81 -81.70 -41.18
N GLU H 6 -68.41 -82.53 -40.20
CA GLU H 6 -67.02 -82.78 -39.84
C GLU H 6 -66.20 -83.28 -41.04
N GLU H 7 -66.84 -84.05 -41.91
CA GLU H 7 -66.18 -84.61 -43.08
C GLU H 7 -65.81 -83.53 -44.09
N ARG H 8 -66.78 -82.71 -44.47
CA ARG H 8 -66.57 -81.62 -45.41
C ARG H 8 -65.44 -80.71 -44.93
N PHE H 9 -65.45 -80.46 -43.63
CA PHE H 9 -64.48 -79.60 -42.96
C PHE H 9 -63.06 -80.18 -43.02
N GLU H 10 -62.91 -81.46 -42.69
CA GLU H 10 -61.61 -82.12 -42.61
C GLU H 10 -60.90 -82.15 -43.96
N GLN H 11 -61.69 -82.27 -45.02
CA GLN H 11 -61.16 -82.30 -46.39
C GLN H 11 -61.14 -80.90 -47.05
N ARG H 12 -61.80 -79.93 -46.44
CA ARG H 12 -61.54 -78.50 -46.70
C ARG H 12 -60.15 -78.13 -46.18
N ILE H 13 -59.85 -78.60 -44.97
CA ILE H 13 -58.55 -78.43 -44.32
C ILE H 13 -57.41 -79.05 -45.14
N ALA H 14 -57.58 -80.31 -45.53
CA ALA H 14 -56.57 -81.04 -46.28
C ALA H 14 -56.39 -80.50 -47.70
N GLN H 15 -57.36 -79.74 -48.21
CA GLN H 15 -57.24 -79.11 -49.52
C GLN H 15 -56.73 -77.67 -49.39
N GLU H 16 -56.50 -77.24 -48.14
CA GLU H 16 -55.93 -75.93 -47.84
C GLU H 16 -56.87 -74.76 -48.18
N THR H 17 -58.17 -75.04 -48.19
CA THR H 17 -59.22 -74.04 -48.46
C THR H 17 -59.55 -73.37 -47.15
N ALA H 18 -59.38 -72.05 -47.08
CA ALA H 18 -59.50 -71.34 -45.81
C ALA H 18 -60.87 -71.50 -45.17
N ILE H 19 -60.87 -71.68 -43.85
CA ILE H 19 -62.11 -71.74 -43.07
C ILE H 19 -62.52 -70.32 -42.74
N GLU H 20 -63.81 -70.03 -42.92
CA GLU H 20 -64.32 -68.69 -42.65
C GLU H 20 -65.33 -68.73 -41.49
N PRO H 21 -65.63 -67.55 -40.89
CA PRO H 21 -66.49 -67.52 -39.70
C PRO H 21 -67.88 -68.17 -39.89
N GLN H 22 -68.44 -68.07 -41.09
CA GLN H 22 -69.77 -68.63 -41.37
C GLN H 22 -69.75 -70.16 -41.51
N ASP H 23 -68.58 -70.73 -41.74
CA ASP H 23 -68.44 -72.16 -41.98
C ASP H 23 -68.60 -72.98 -40.70
N TRP H 24 -68.95 -74.25 -40.89
CA TRP H 24 -69.00 -75.22 -39.80
C TRP H 24 -67.56 -75.56 -39.41
N MET H 25 -67.33 -75.68 -38.10
CA MET H 25 -66.01 -76.06 -37.59
C MET H 25 -66.14 -76.79 -36.25
N PRO H 26 -65.25 -77.76 -35.98
CA PRO H 26 -65.35 -78.49 -34.71
C PRO H 26 -65.33 -77.55 -33.53
N ASP H 27 -66.04 -77.94 -32.47
CA ASP H 27 -66.08 -77.16 -31.24
C ASP H 27 -64.68 -76.91 -30.65
N ALA H 28 -63.90 -77.97 -30.49
CA ALA H 28 -62.57 -77.83 -29.87
C ALA H 28 -61.64 -77.02 -30.77
N TYR H 29 -62.01 -76.90 -32.04
CA TYR H 29 -61.24 -76.11 -33.00
C TYR H 29 -61.55 -74.61 -32.86
N ARG H 30 -62.80 -74.28 -32.57
CA ARG H 30 -63.15 -72.92 -32.23
C ARG H 30 -62.43 -72.49 -30.95
N LYS H 31 -62.59 -73.28 -29.90
CA LYS H 31 -62.06 -72.97 -28.58
C LYS H 31 -60.54 -72.82 -28.58
N THR H 32 -59.86 -73.72 -29.28
CA THR H 32 -58.42 -73.71 -29.36
C THR H 32 -57.94 -72.43 -30.07
N LEU H 33 -58.70 -71.99 -31.08
CA LEU H 33 -58.39 -70.80 -31.86
C LEU H 33 -58.68 -69.51 -31.11
N ILE H 34 -59.76 -69.49 -30.35
CA ILE H 34 -60.07 -68.32 -29.51
C ILE H 34 -58.91 -68.08 -28.54
N ARG H 35 -58.41 -69.15 -27.93
CA ARG H 35 -57.29 -69.08 -27.01
C ARG H 35 -56.01 -68.60 -27.69
N GLN H 36 -55.68 -69.17 -28.85
CA GLN H 36 -54.44 -68.78 -29.53
C GLN H 36 -54.46 -67.35 -30.08
N ILE H 37 -55.49 -67.01 -30.85
CA ILE H 37 -55.64 -65.65 -31.37
C ILE H 37 -55.72 -64.65 -30.20
N GLY H 38 -56.44 -65.04 -29.15
CA GLY H 38 -56.61 -64.21 -27.97
C GLY H 38 -55.31 -63.93 -27.23
N GLN H 39 -54.49 -64.97 -27.07
CA GLN H 39 -53.19 -64.81 -26.43
C GLN H 39 -52.22 -64.04 -27.30
N HIS H 40 -52.30 -64.26 -28.61
CA HIS H 40 -51.53 -63.49 -29.57
C HIS H 40 -51.89 -62.01 -29.46
N ALA H 41 -53.17 -61.69 -29.35
CA ALA H 41 -53.65 -60.33 -29.19
C ALA H 41 -53.16 -59.69 -27.89
N HIS H 42 -53.31 -60.42 -26.78
CA HIS H 42 -52.80 -59.99 -25.48
C HIS H 42 -51.32 -59.67 -25.51
N SER H 43 -50.56 -60.47 -26.24
CA SER H 43 -49.11 -60.30 -26.37
C SER H 43 -48.78 -58.95 -27.01
N GLU H 44 -49.51 -58.60 -28.07
CA GLU H 44 -49.27 -57.33 -28.75
C GLU H 44 -49.48 -56.19 -27.78
N ILE H 45 -50.47 -56.33 -26.93
CA ILE H 45 -50.84 -55.28 -25.99
C ILE H 45 -49.86 -55.18 -24.84
N VAL H 46 -49.54 -56.31 -24.20
CA VAL H 46 -48.59 -56.33 -23.08
C VAL H 46 -47.17 -55.90 -23.51
N GLY H 47 -46.73 -56.35 -24.68
CA GLY H 47 -45.43 -55.98 -25.24
C GLY H 47 -45.16 -54.49 -25.42
N MET H 48 -46.21 -53.68 -25.46
CA MET H 48 -46.06 -52.24 -25.52
C MET H 48 -45.32 -51.70 -24.28
N LEU H 49 -45.43 -52.42 -23.16
CA LEU H 49 -44.90 -51.93 -21.89
C LEU H 49 -43.37 -51.93 -21.77
N PRO H 50 -42.71 -53.09 -22.03
CA PRO H 50 -41.25 -53.09 -21.97
C PRO H 50 -40.61 -52.13 -22.97
N GLU H 51 -41.19 -52.02 -24.15
CA GLU H 51 -40.71 -51.10 -25.18
C GLU H 51 -41.07 -49.65 -24.88
N GLY H 52 -42.30 -49.41 -24.43
CA GLY H 52 -42.72 -48.07 -24.03
C GLY H 52 -41.94 -47.50 -22.85
N ASN H 53 -41.43 -48.39 -22.00
CA ASN H 53 -40.56 -48.01 -20.88
C ASN H 53 -39.36 -47.15 -21.32
N TRP H 54 -38.99 -47.22 -22.61
CA TRP H 54 -37.83 -46.48 -23.11
C TRP H 54 -38.10 -45.34 -24.07
N ILE H 55 -39.37 -45.11 -24.42
CA ILE H 55 -39.71 -44.02 -25.34
C ILE H 55 -39.17 -42.68 -24.87
N THR H 56 -39.39 -42.33 -23.59
CA THR H 56 -38.99 -41.02 -23.11
C THR H 56 -37.47 -40.88 -22.92
N ARG H 57 -36.75 -42.00 -22.99
CA ARG H 57 -35.33 -42.03 -22.72
C ARG H 57 -34.44 -42.36 -23.92
N ALA H 58 -35.06 -42.66 -25.05
CA ALA H 58 -34.33 -43.07 -26.25
C ALA H 58 -33.23 -42.06 -26.62
N PRO H 59 -32.07 -42.56 -27.08
CA PRO H 59 -30.87 -41.73 -27.25
C PRO H 59 -30.90 -40.70 -28.37
N THR H 60 -31.65 -40.96 -29.43
CA THR H 60 -31.74 -39.96 -30.51
C THR H 60 -33.19 -39.81 -30.95
N LEU H 61 -33.49 -38.67 -31.56
CA LEU H 61 -34.85 -38.44 -32.08
C LEU H 61 -35.19 -39.45 -33.18
N ARG H 62 -34.20 -39.83 -34.00
CA ARG H 62 -34.43 -40.90 -35.00
C ARG H 62 -34.94 -42.18 -34.32
N ARG H 63 -34.21 -42.66 -33.31
CA ARG H 63 -34.55 -43.93 -32.66
C ARG H 63 -35.84 -43.84 -31.87
N LYS H 64 -36.05 -42.71 -31.22
CA LYS H 64 -37.30 -42.43 -30.50
C LYS H 64 -38.49 -42.51 -31.48
N ALA H 65 -38.37 -41.90 -32.65
CA ALA H 65 -39.43 -41.96 -33.67
C ALA H 65 -39.71 -43.38 -34.13
N ILE H 66 -38.66 -44.15 -34.35
CA ILE H 66 -38.79 -45.54 -34.75
C ILE H 66 -39.49 -46.35 -33.68
N LEU H 67 -39.15 -46.09 -32.42
CA LEU H 67 -39.74 -46.80 -31.29
C LEU H 67 -41.22 -46.48 -31.11
N LEU H 68 -41.59 -45.22 -31.28
CA LEU H 68 -43.00 -44.82 -31.25
C LEU H 68 -43.78 -45.46 -32.40
N ALA H 69 -43.18 -45.50 -33.59
CA ALA H 69 -43.86 -46.07 -34.74
C ALA H 69 -44.16 -47.54 -34.47
N LYS H 70 -43.20 -48.25 -33.88
CA LYS H 70 -43.32 -49.66 -33.60
C LYS H 70 -44.41 -49.94 -32.56
N VAL H 71 -44.47 -49.09 -31.54
CA VAL H 71 -45.45 -49.23 -30.48
C VAL H 71 -46.86 -48.97 -30.99
N GLN H 72 -46.97 -47.99 -31.88
CA GLN H 72 -48.24 -47.68 -32.55
C GLN H 72 -48.71 -48.88 -33.35
N ASP H 73 -47.77 -49.53 -34.04
CA ASP H 73 -48.08 -50.70 -34.85
C ASP H 73 -48.55 -51.88 -34.04
N GLU H 74 -47.96 -52.05 -32.85
CA GLU H 74 -48.34 -53.13 -31.94
C GLU H 74 -49.77 -52.97 -31.46
N ALA H 75 -50.16 -51.75 -31.11
CA ALA H 75 -51.54 -51.45 -30.74
C ALA H 75 -52.49 -51.78 -31.89
N GLY H 76 -52.09 -51.40 -33.11
CA GLY H 76 -52.87 -51.69 -34.31
C GLY H 76 -53.04 -53.16 -34.56
N HIS H 77 -51.95 -53.92 -34.40
CA HIS H 77 -51.98 -55.36 -34.60
C HIS H 77 -52.79 -56.07 -33.51
N GLY H 78 -52.75 -55.52 -32.30
CA GLY H 78 -53.61 -55.96 -31.22
C GLY H 78 -55.06 -55.87 -31.63
N LEU H 79 -55.43 -54.73 -32.22
CA LEU H 79 -56.80 -54.51 -32.70
C LEU H 79 -57.25 -55.46 -33.82
N TYR H 80 -56.37 -55.74 -34.78
CA TYR H 80 -56.69 -56.69 -35.84
C TYR H 80 -56.95 -58.08 -35.27
N LEU H 81 -56.16 -58.46 -34.27
CA LEU H 81 -56.25 -59.80 -33.71
C LEU H 81 -57.45 -59.97 -32.80
N TYR H 82 -57.86 -58.89 -32.13
CA TYR H 82 -59.13 -58.93 -31.38
C TYR H 82 -60.33 -59.01 -32.32
N SER H 83 -60.27 -58.30 -33.44
CA SER H 83 -61.30 -58.39 -34.48
C SER H 83 -61.41 -59.82 -34.96
N ALA H 84 -60.26 -60.40 -35.27
CA ALA H 84 -60.18 -61.77 -35.76
C ALA H 84 -60.68 -62.78 -34.73
N ALA H 85 -60.44 -62.50 -33.45
CA ALA H 85 -60.92 -63.38 -32.38
C ALA H 85 -62.44 -63.37 -32.29
N GLU H 86 -63.03 -62.19 -32.46
CA GLU H 86 -64.47 -62.01 -32.33
C GLU H 86 -65.29 -62.68 -33.44
N THR H 87 -64.66 -62.94 -34.57
CA THR H 87 -65.32 -63.64 -35.68
C THR H 87 -65.62 -65.10 -35.31
N LEU H 88 -65.14 -65.50 -34.13
CA LEU H 88 -65.38 -66.84 -33.60
C LEU H 88 -66.43 -66.85 -32.48
N GLY H 89 -66.95 -65.69 -32.11
CA GLY H 89 -68.06 -65.62 -31.15
C GLY H 89 -67.75 -65.08 -29.78
N CYS H 90 -66.47 -64.95 -29.44
CA CYS H 90 -66.07 -64.36 -28.17
C CYS H 90 -66.16 -62.84 -28.22
N ALA H 91 -66.14 -62.21 -27.06
CA ALA H 91 -66.13 -60.75 -26.95
C ALA H 91 -64.77 -60.28 -26.45
N ARG H 92 -64.27 -59.19 -27.02
CA ARG H 92 -62.91 -58.73 -26.72
C ARG H 92 -62.72 -58.30 -25.26
N GLU H 93 -63.72 -57.63 -24.67
CA GLU H 93 -63.61 -57.20 -23.25
C GLU H 93 -63.64 -58.39 -22.29
N ASP H 94 -64.22 -59.48 -22.77
CA ASP H 94 -64.35 -60.70 -22.00
C ASP H 94 -63.01 -61.43 -21.88
N ILE H 95 -62.35 -61.71 -23.01
CA ILE H 95 -61.02 -62.32 -23.00
C ILE H 95 -59.94 -61.38 -22.44
N TYR H 96 -60.15 -60.07 -22.61
CA TYR H 96 -59.26 -59.07 -22.04
C TYR H 96 -59.24 -59.19 -20.50
N GLN H 97 -60.42 -59.32 -19.93
CA GLN H 97 -60.58 -59.51 -18.48
C GLN H 97 -59.92 -60.80 -18.00
N LYS H 98 -59.96 -61.84 -18.83
CA LYS H 98 -59.31 -63.11 -18.53
C LYS H 98 -57.81 -62.93 -18.50
N MET H 99 -57.30 -62.07 -19.39
CA MET H 99 -55.88 -61.71 -19.39
C MET H 99 -55.51 -60.98 -18.10
N LEU H 100 -56.35 -60.06 -17.66
CA LEU H 100 -56.14 -59.32 -16.42
C LEU H 100 -56.24 -60.21 -15.18
N ASP H 101 -57.07 -61.25 -15.25
CA ASP H 101 -57.25 -62.22 -14.17
C ASP H 101 -56.13 -63.23 -14.08
N GLY H 102 -55.43 -63.44 -15.19
CA GLY H 102 -54.43 -64.50 -15.28
C GLY H 102 -55.00 -65.78 -15.87
N ARG H 103 -56.30 -65.77 -16.17
CA ARG H 103 -56.98 -66.90 -16.82
C ARG H 103 -56.50 -67.12 -18.26
N MET H 104 -56.08 -66.06 -18.92
CA MET H 104 -55.42 -66.17 -20.21
C MET H 104 -54.01 -65.58 -20.11
N LYS H 105 -53.11 -66.12 -20.93
CA LYS H 105 -51.70 -65.75 -20.89
C LYS H 105 -51.28 -64.89 -22.08
N TYR H 106 -50.02 -64.51 -22.09
CA TYR H 106 -49.43 -63.74 -23.18
C TYR H 106 -47.98 -64.22 -23.32
N SER H 107 -47.33 -63.88 -24.42
CA SER H 107 -45.95 -64.31 -24.65
C SER H 107 -45.05 -64.06 -23.44
N SER H 108 -44.37 -65.11 -22.99
CA SER H 108 -43.52 -65.06 -21.79
C SER H 108 -42.43 -64.00 -21.84
N ILE H 109 -41.99 -63.65 -23.04
CA ILE H 109 -40.85 -62.75 -23.22
C ILE H 109 -41.10 -61.37 -22.59
N PHE H 110 -42.35 -60.98 -22.52
CA PHE H 110 -42.68 -59.65 -22.04
C PHE H 110 -42.64 -59.50 -20.52
N ASN H 111 -42.26 -60.57 -19.83
CA ASN H 111 -42.12 -60.51 -18.38
C ASN H 111 -40.71 -60.17 -17.97
N TYR H 112 -39.86 -59.84 -18.93
CA TYR H 112 -38.47 -59.49 -18.65
C TYR H 112 -38.29 -57.97 -18.72
N PRO H 113 -37.42 -57.42 -17.85
CA PRO H 113 -37.30 -55.98 -17.79
C PRO H 113 -36.34 -55.42 -18.84
N THR H 114 -36.57 -54.16 -19.21
CA THR H 114 -35.69 -53.45 -20.12
C THR H 114 -34.79 -52.54 -19.29
N LEU H 115 -33.60 -53.05 -18.98
CA LEU H 115 -32.66 -52.37 -18.07
C LEU H 115 -31.67 -51.46 -18.77
N SER H 116 -31.64 -51.48 -20.10
CA SER H 116 -30.78 -50.57 -20.86
C SER H 116 -31.34 -50.30 -22.24
N TRP H 117 -30.81 -49.29 -22.91
CA TRP H 117 -31.22 -49.02 -24.27
C TRP H 117 -30.96 -50.19 -25.21
N ALA H 118 -29.91 -50.95 -24.94
CA ALA H 118 -29.58 -52.07 -25.79
C ALA H 118 -30.71 -53.10 -25.76
N ASP H 119 -31.36 -53.23 -24.61
CA ASP H 119 -32.50 -54.14 -24.47
C ASP H 119 -33.56 -53.88 -25.53
N ILE H 120 -33.77 -52.62 -25.88
CA ILE H 120 -34.76 -52.26 -26.88
C ILE H 120 -34.32 -52.72 -28.27
N GLY H 121 -33.07 -52.38 -28.63
CA GLY H 121 -32.44 -52.94 -29.82
C GLY H 121 -32.55 -54.46 -29.89
N VAL H 122 -32.30 -55.12 -28.78
CA VAL H 122 -32.29 -56.59 -28.76
C VAL H 122 -33.69 -57.18 -28.84
N ILE H 123 -34.64 -56.55 -28.14
CA ILE H 123 -36.03 -56.94 -28.29
C ILE H 123 -36.42 -56.80 -29.77
N GLY H 124 -36.11 -55.64 -30.35
CA GLY H 124 -36.44 -55.35 -31.73
C GLY H 124 -35.85 -56.35 -32.70
N TRP H 125 -34.63 -56.79 -32.41
CA TRP H 125 -33.93 -57.70 -33.28
C TRP H 125 -34.21 -59.19 -32.96
N LEU H 126 -33.93 -59.61 -31.73
CA LEU H 126 -34.09 -61.00 -31.35
C LEU H 126 -35.50 -61.44 -31.09
N VAL H 127 -36.21 -60.71 -30.24
CA VAL H 127 -37.55 -61.09 -29.83
C VAL H 127 -38.49 -61.03 -31.02
N ASP H 128 -38.36 -59.97 -31.81
CA ASP H 128 -39.18 -59.82 -33.01
C ASP H 128 -38.75 -60.76 -34.11
N GLY H 129 -37.47 -61.11 -34.13
CA GLY H 129 -36.96 -62.13 -35.05
C GLY H 129 -37.68 -63.45 -34.79
N ALA H 130 -37.83 -63.78 -33.50
CA ALA H 130 -38.52 -64.99 -33.08
C ALA H 130 -40.01 -64.93 -33.41
N ALA H 131 -40.61 -63.76 -33.20
CA ALA H 131 -42.03 -63.60 -33.47
C ALA H 131 -42.31 -63.71 -34.98
N ILE H 132 -41.43 -63.14 -35.80
CA ILE H 132 -41.53 -63.23 -37.26
C ILE H 132 -41.48 -64.67 -37.77
N VAL H 133 -40.57 -65.47 -37.22
CA VAL H 133 -40.49 -66.90 -37.57
C VAL H 133 -41.81 -67.56 -37.22
N ASN H 134 -42.30 -67.31 -36.01
CA ASN H 134 -43.56 -67.91 -35.56
C ASN H 134 -44.75 -67.47 -36.41
N GLN H 135 -44.76 -66.21 -36.83
CA GLN H 135 -45.87 -65.65 -37.58
C GLN H 135 -45.90 -66.03 -39.05
N VAL H 136 -44.75 -65.98 -39.70
CA VAL H 136 -44.65 -66.48 -41.07
C VAL H 136 -45.16 -67.92 -41.14
N ALA H 137 -44.82 -68.71 -40.12
CA ALA H 137 -45.27 -70.09 -39.97
C ALA H 137 -46.79 -70.20 -39.85
N LEU H 138 -47.41 -69.19 -39.28
CA LEU H 138 -48.86 -69.20 -39.09
C LEU H 138 -49.62 -68.59 -40.26
N CYS H 139 -48.89 -68.18 -41.30
CA CYS H 139 -49.53 -67.63 -42.50
C CYS H 139 -50.38 -68.63 -43.28
N ARG H 140 -50.11 -69.93 -43.10
CA ARG H 140 -50.92 -70.97 -43.74
C ARG H 140 -51.75 -71.75 -42.72
N THR H 141 -52.11 -71.06 -41.63
CA THR H 141 -53.03 -71.61 -40.63
C THR H 141 -54.42 -71.79 -41.28
N SER H 142 -55.17 -72.80 -40.82
CA SER H 142 -56.42 -73.19 -41.47
C SER H 142 -57.54 -72.15 -41.38
N TYR H 143 -57.55 -71.33 -40.34
CA TYR H 143 -58.63 -70.35 -40.16
C TYR H 143 -58.33 -69.06 -40.93
N GLY H 144 -59.11 -68.83 -41.98
CA GLY H 144 -58.92 -67.70 -42.90
C GLY H 144 -58.69 -66.32 -42.31
N PRO H 145 -59.55 -65.88 -41.37
CA PRO H 145 -59.31 -64.55 -40.80
C PRO H 145 -57.99 -64.44 -40.04
N TYR H 146 -57.53 -65.55 -39.45
CA TYR H 146 -56.27 -65.57 -38.74
C TYR H 146 -55.10 -65.52 -39.70
N ALA H 147 -55.13 -66.37 -40.73
CA ALA H 147 -54.07 -66.42 -41.73
C ALA H 147 -53.87 -65.07 -42.41
N ARG H 148 -54.97 -64.44 -42.82
CA ARG H 148 -54.94 -63.16 -43.54
C ARG H 148 -54.36 -62.08 -42.63
N ALA H 149 -54.71 -62.12 -41.35
CA ALA H 149 -54.14 -61.22 -40.35
C ALA H 149 -52.64 -61.40 -40.23
N MET H 150 -52.19 -62.65 -40.18
CA MET H 150 -50.76 -62.97 -40.14
C MET H 150 -50.00 -62.41 -41.33
N VAL H 151 -50.57 -62.50 -42.54
CA VAL H 151 -49.92 -61.95 -43.72
C VAL H 151 -49.78 -60.43 -43.54
N LYS H 152 -50.88 -59.76 -43.20
CA LYS H 152 -50.87 -58.31 -43.02
C LYS H 152 -49.86 -57.88 -41.96
N ILE H 153 -49.85 -58.57 -40.83
CA ILE H 153 -48.93 -58.27 -39.73
C ILE H 153 -47.46 -58.49 -40.10
N CYS H 154 -47.16 -59.60 -40.78
CA CYS H 154 -45.78 -59.92 -41.17
C CYS H 154 -45.13 -58.90 -42.09
N LYS H 155 -45.86 -58.41 -43.09
CA LYS H 155 -45.35 -57.40 -44.01
C LYS H 155 -44.82 -56.21 -43.21
N GLU H 156 -45.60 -55.74 -42.23
CA GLU H 156 -45.24 -54.56 -41.43
C GLU H 156 -44.17 -54.88 -40.37
N GLU H 157 -44.36 -55.95 -39.62
CA GLU H 157 -43.47 -56.26 -38.49
C GLU H 157 -42.02 -56.53 -38.83
N SER H 158 -41.77 -57.23 -39.95
CA SER H 158 -40.40 -57.50 -40.39
C SER H 158 -39.58 -56.22 -40.65
N PHE H 159 -40.27 -55.16 -41.09
CA PHE H 159 -39.65 -53.86 -41.28
C PHE H 159 -39.08 -53.31 -39.98
N HIS H 160 -39.88 -53.37 -38.91
CA HIS H 160 -39.47 -52.93 -37.57
C HIS H 160 -38.35 -53.78 -37.00
N GLN H 161 -38.39 -55.06 -37.29
CA GLN H 161 -37.34 -55.97 -36.84
C GLN H 161 -35.99 -55.61 -37.47
N ARG H 162 -36.02 -55.09 -38.69
CA ARG H 162 -34.80 -54.66 -39.38
C ARG H 162 -34.23 -53.42 -38.71
N GLN H 163 -35.10 -52.51 -38.30
CA GLN H 163 -34.72 -51.33 -37.53
C GLN H 163 -34.07 -51.72 -36.20
N GLY H 164 -34.67 -52.72 -35.53
CA GLY H 164 -34.10 -53.29 -34.33
C GLY H 164 -32.66 -53.71 -34.54
N PHE H 165 -32.42 -54.44 -35.62
CA PHE H 165 -31.09 -54.90 -35.94
C PHE H 165 -30.14 -53.75 -36.26
N GLU H 166 -30.63 -52.74 -36.98
CA GLU H 166 -29.79 -51.59 -37.29
C GLU H 166 -29.36 -50.79 -36.04
N ALA H 167 -30.24 -50.72 -35.04
CA ALA H 167 -29.91 -50.11 -33.75
C ALA H 167 -28.82 -50.89 -33.01
N CYS H 168 -28.86 -52.21 -33.17
CA CYS H 168 -27.85 -53.11 -32.59
C CYS H 168 -26.53 -52.99 -33.32
N MET H 169 -26.60 -52.82 -34.63
CA MET H 169 -25.43 -52.61 -35.45
C MET H 169 -24.74 -51.30 -35.05
N ALA H 170 -25.53 -50.28 -34.74
CA ALA H 170 -24.95 -49.02 -34.30
C ALA H 170 -24.14 -49.20 -33.01
N LEU H 171 -24.66 -50.02 -32.10
CA LEU H 171 -23.95 -50.31 -30.86
C LEU H 171 -22.71 -51.17 -31.09
N ALA H 172 -22.80 -52.10 -32.04
CA ALA H 172 -21.71 -53.05 -32.28
C ALA H 172 -20.54 -52.37 -32.97
N GLN H 173 -20.83 -51.30 -33.69
CA GLN H 173 -19.81 -50.53 -34.43
C GLN H 173 -19.38 -49.27 -33.67
N GLY H 174 -19.81 -49.14 -32.42
CA GLY H 174 -19.60 -47.90 -31.69
C GLY H 174 -18.48 -47.94 -30.67
N SER H 175 -18.63 -47.13 -29.63
CA SER H 175 -17.70 -47.10 -28.51
C SER H 175 -17.67 -48.43 -27.78
N GLU H 176 -16.65 -48.61 -26.96
CA GLU H 176 -16.50 -49.83 -26.20
C GLU H 176 -17.67 -50.02 -25.23
N ALA H 177 -18.12 -48.93 -24.61
CA ALA H 177 -19.24 -49.00 -23.67
C ALA H 177 -20.51 -49.49 -24.39
N GLN H 178 -20.76 -48.95 -25.58
CA GLN H 178 -21.88 -49.38 -26.43
C GLN H 178 -21.81 -50.87 -26.75
N LYS H 179 -20.62 -51.37 -27.07
CA LYS H 179 -20.47 -52.79 -27.35
C LYS H 179 -20.80 -53.66 -26.16
N GLN H 180 -20.41 -53.23 -24.96
CA GLN H 180 -20.65 -54.00 -23.74
C GLN H 180 -22.13 -53.99 -23.39
N MET H 181 -22.76 -52.84 -23.62
CA MET H 181 -24.18 -52.69 -23.42
C MET H 181 -24.93 -53.72 -24.27
N LEU H 182 -24.52 -53.83 -25.54
CA LEU H 182 -25.11 -54.81 -26.44
C LEU H 182 -24.91 -56.24 -25.93
N GLN H 183 -23.66 -56.58 -25.58
CA GLN H 183 -23.37 -57.94 -25.15
C GLN H 183 -24.22 -58.33 -23.94
N ASP H 184 -24.37 -57.39 -23.00
CA ASP H 184 -25.15 -57.63 -21.79
C ASP H 184 -26.62 -57.89 -22.08
N ALA H 185 -27.19 -57.09 -22.98
CA ALA H 185 -28.58 -57.25 -23.39
C ALA H 185 -28.79 -58.62 -24.01
N ILE H 186 -27.91 -59.01 -24.93
CA ILE H 186 -27.91 -60.36 -25.52
C ILE H 186 -27.83 -61.43 -24.45
N ASN H 187 -26.92 -61.28 -23.49
CA ASN H 187 -26.80 -62.28 -22.43
C ASN H 187 -28.09 -62.49 -21.63
N ARG H 188 -28.86 -61.42 -21.46
CA ARG H 188 -30.10 -61.48 -20.68
C ARG H 188 -31.33 -61.90 -21.49
N PHE H 189 -31.27 -61.78 -22.81
CA PHE H 189 -32.46 -62.05 -23.65
C PHE H 189 -32.40 -63.30 -24.52
N TRP H 190 -31.20 -63.84 -24.71
CA TRP H 190 -31.01 -64.99 -25.59
C TRP H 190 -31.87 -66.20 -25.25
N TRP H 191 -31.75 -66.69 -24.02
CA TRP H 191 -32.55 -67.83 -23.58
C TRP H 191 -34.05 -67.52 -23.51
N PRO H 192 -34.45 -66.39 -22.88
CA PRO H 192 -35.89 -66.09 -22.91
C PRO H 192 -36.43 -66.02 -24.33
N ALA H 193 -35.63 -65.58 -25.28
CA ALA H 193 -36.05 -65.58 -26.70
C ALA H 193 -36.32 -67.00 -27.20
N LEU H 194 -35.44 -67.94 -26.86
CA LEU H 194 -35.59 -69.33 -27.26
C LEU H 194 -36.81 -69.98 -26.64
N MET H 195 -37.18 -69.54 -25.44
CA MET H 195 -38.35 -70.09 -24.77
C MET H 195 -39.68 -69.64 -25.39
N MET H 196 -39.66 -68.56 -26.15
CA MET H 196 -40.85 -68.02 -26.81
C MET H 196 -41.61 -69.05 -27.65
N PHE H 197 -40.86 -69.97 -28.26
CA PHE H 197 -41.44 -70.97 -29.13
C PHE H 197 -42.19 -72.06 -28.37
N GLY H 198 -41.98 -72.14 -27.06
CA GLY H 198 -42.70 -73.08 -26.22
C GLY H 198 -41.92 -74.37 -25.98
N PRO H 199 -42.42 -75.22 -25.06
CA PRO H 199 -41.80 -76.49 -24.70
C PRO H 199 -41.71 -77.50 -25.86
N ASN H 200 -40.98 -78.60 -25.63
CA ASN H 200 -40.61 -79.56 -26.68
C ASN H 200 -41.77 -80.32 -27.36
N SER H 207 -50.97 -80.23 -29.31
CA SER H 207 -50.19 -80.35 -30.55
C SER H 207 -50.75 -81.42 -31.48
N ALA H 208 -51.26 -82.50 -30.87
CA ALA H 208 -51.93 -83.56 -31.62
C ALA H 208 -53.00 -82.95 -32.51
N ARG H 209 -54.00 -82.33 -31.88
CA ARG H 209 -55.14 -81.76 -32.59
C ARG H 209 -54.78 -80.54 -33.45
N SER H 210 -53.88 -79.70 -32.93
CA SER H 210 -53.49 -78.45 -33.60
C SER H 210 -52.80 -78.69 -34.94
N LEU H 211 -51.90 -79.65 -34.99
CA LEU H 211 -51.18 -79.98 -36.22
C LEU H 211 -52.11 -80.66 -37.22
N THR H 212 -52.92 -81.60 -36.74
CA THR H 212 -53.92 -82.28 -37.56
C THR H 212 -54.90 -81.26 -38.13
N TRP H 213 -55.33 -80.31 -37.29
CA TRP H 213 -56.24 -79.27 -37.74
C TRP H 213 -55.56 -78.15 -38.56
N LYS H 214 -54.24 -78.20 -38.64
CA LYS H 214 -53.44 -77.19 -39.34
C LYS H 214 -53.64 -75.76 -38.80
N ILE H 215 -53.85 -75.67 -37.49
CA ILE H 215 -53.78 -74.41 -36.78
C ILE H 215 -52.30 -74.06 -36.66
N LYS H 216 -51.53 -75.00 -36.12
CA LYS H 216 -50.07 -74.95 -36.08
C LYS H 216 -49.59 -75.79 -37.27
N ARG H 217 -48.55 -75.31 -37.96
CA ARG H 217 -48.02 -76.05 -39.11
C ARG H 217 -46.64 -76.65 -38.85
N PHE H 218 -45.91 -76.11 -37.89
CA PHE H 218 -44.60 -76.61 -37.51
C PHE H 218 -44.58 -76.89 -36.02
N THR H 219 -43.71 -77.79 -35.58
CA THR H 219 -43.53 -78.03 -34.14
C THR H 219 -42.69 -76.92 -33.51
N ASN H 220 -42.80 -76.76 -32.21
CA ASN H 220 -42.02 -75.78 -31.47
C ASN H 220 -40.53 -75.95 -31.71
N ASP H 221 -40.05 -77.19 -31.63
CA ASP H 221 -38.65 -77.50 -31.85
C ASP H 221 -38.19 -77.13 -33.26
N GLU H 222 -39.02 -77.43 -34.25
CA GLU H 222 -38.73 -77.07 -35.63
C GLU H 222 -38.50 -75.57 -35.80
N LEU H 223 -39.39 -74.78 -35.20
CA LEU H 223 -39.36 -73.33 -35.35
C LEU H 223 -38.17 -72.71 -34.61
N ARG H 224 -37.93 -73.20 -33.40
CA ARG H 224 -36.76 -72.82 -32.62
C ARG H 224 -35.47 -73.08 -33.42
N GLN H 225 -35.36 -74.30 -33.95
CA GLN H 225 -34.20 -74.69 -34.73
C GLN H 225 -33.94 -73.67 -35.85
N ARG H 226 -34.98 -73.29 -36.57
CA ARG H 226 -34.87 -72.35 -37.69
C ARG H 226 -34.44 -70.95 -37.21
N PHE H 227 -34.98 -70.53 -36.07
CA PHE H 227 -34.59 -69.28 -35.45
C PHE H 227 -33.09 -69.27 -35.14
N VAL H 228 -32.61 -70.29 -34.43
CA VAL H 228 -31.19 -70.40 -34.10
C VAL H 228 -30.31 -70.45 -35.36
N ASP H 229 -30.66 -71.30 -36.33
CA ASP H 229 -29.91 -71.39 -37.58
C ASP H 229 -29.77 -70.05 -38.29
N ASN H 230 -30.81 -69.22 -38.23
CA ASN H 230 -30.81 -67.91 -38.89
C ASN H 230 -30.22 -66.78 -38.03
N THR H 231 -30.22 -66.96 -36.72
CA THR H 231 -29.84 -65.88 -35.80
C THR H 231 -28.34 -65.87 -35.50
N VAL H 232 -27.78 -67.03 -35.17
CA VAL H 232 -26.34 -67.15 -34.90
C VAL H 232 -25.46 -66.38 -35.90
N PRO H 233 -25.71 -66.52 -37.22
CA PRO H 233 -24.90 -65.71 -38.12
C PRO H 233 -25.02 -64.21 -37.88
N GLN H 234 -26.22 -63.76 -37.48
CA GLN H 234 -26.43 -62.33 -37.23
C GLN H 234 -25.64 -61.89 -36.00
N VAL H 235 -25.63 -62.74 -34.98
CA VAL H 235 -24.83 -62.51 -33.78
C VAL H 235 -23.35 -62.35 -34.11
N GLU H 236 -22.86 -63.21 -35.00
CA GLU H 236 -21.49 -63.13 -35.49
C GLU H 236 -21.19 -61.85 -36.27
N MET H 237 -22.16 -61.40 -37.06
CA MET H 237 -22.02 -60.15 -37.82
C MET H 237 -21.76 -58.95 -36.92
N LEU H 238 -22.30 -59.02 -35.70
CA LEU H 238 -22.19 -57.94 -34.72
C LEU H 238 -20.91 -58.02 -33.88
N GLY H 239 -20.16 -59.11 -34.03
CA GLY H 239 -18.96 -59.34 -33.23
C GLY H 239 -19.32 -59.65 -31.79
N MET H 240 -20.42 -60.36 -31.58
CA MET H 240 -20.91 -60.65 -30.25
C MET H 240 -20.92 -62.15 -30.02
N THR H 241 -21.14 -62.57 -28.79
CA THR H 241 -21.21 -63.98 -28.45
C THR H 241 -22.57 -64.33 -27.93
N VAL H 242 -22.90 -65.62 -27.99
CA VAL H 242 -24.13 -66.18 -27.48
C VAL H 242 -23.82 -66.86 -26.14
N PRO H 243 -24.58 -66.56 -25.08
CA PRO H 243 -24.24 -67.11 -23.76
C PRO H 243 -24.61 -68.59 -23.63
N ASP H 244 -24.07 -69.42 -24.50
CA ASP H 244 -24.34 -70.87 -24.49
C ASP H 244 -23.06 -71.64 -24.80
N PRO H 245 -22.43 -72.22 -23.75
CA PRO H 245 -21.21 -73.02 -23.91
C PRO H 245 -21.38 -74.22 -24.85
N ASP H 246 -22.59 -74.79 -24.89
CA ASP H 246 -22.86 -76.00 -25.68
C ASP H 246 -23.34 -75.73 -27.11
N LEU H 247 -23.24 -74.48 -27.55
CA LEU H 247 -23.66 -74.14 -28.90
C LEU H 247 -22.55 -74.56 -29.87
N HIS H 248 -22.86 -75.58 -30.67
CA HIS H 248 -21.96 -76.13 -31.68
C HIS H 248 -22.77 -76.53 -32.91
N PHE H 249 -22.14 -76.47 -34.07
CA PHE H 249 -22.74 -76.93 -35.28
C PHE H 249 -22.61 -78.42 -35.33
N ASP H 250 -23.61 -79.09 -35.86
CA ASP H 250 -23.60 -80.52 -35.85
C ASP H 250 -23.74 -80.98 -37.26
N THR H 251 -22.64 -81.14 -37.94
CA THR H 251 -22.67 -81.67 -39.27
C THR H 251 -23.07 -83.11 -39.10
N GLU H 252 -24.23 -83.43 -39.61
CA GLU H 252 -24.87 -84.69 -39.41
C GLU H 252 -26.29 -84.28 -39.60
N SER H 253 -26.86 -83.60 -38.61
CA SER H 253 -28.13 -82.95 -38.77
C SER H 253 -28.03 -81.82 -39.74
N GLY H 254 -26.94 -81.09 -39.69
CA GLY H 254 -26.81 -79.95 -40.57
C GLY H 254 -27.42 -78.76 -39.90
N HIS H 255 -27.58 -78.88 -38.60
CA HIS H 255 -28.12 -77.82 -37.76
C HIS H 255 -27.21 -77.55 -36.56
N TYR H 256 -27.37 -76.35 -35.99
CA TYR H 256 -26.76 -76.04 -34.71
C TYR H 256 -27.46 -76.84 -33.63
N ARG H 257 -26.70 -77.26 -32.63
CA ARG H 257 -27.30 -77.85 -31.44
C ARG H 257 -26.99 -76.96 -30.25
N PHE H 258 -27.97 -76.78 -29.38
CA PHE H 258 -27.84 -75.83 -28.29
C PHE H 258 -28.02 -76.52 -26.96
N GLY H 259 -27.41 -75.96 -25.92
CA GLY H 259 -27.51 -76.48 -24.55
C GLY H 259 -28.94 -76.58 -24.04
N GLU H 260 -29.09 -77.18 -22.87
CA GLU H 260 -30.42 -77.48 -22.35
C GLU H 260 -31.15 -76.22 -21.89
N ILE H 261 -32.33 -75.98 -22.48
CA ILE H 261 -33.20 -74.87 -22.07
C ILE H 261 -33.79 -75.17 -20.70
N ASP H 262 -33.77 -74.16 -19.83
CA ASP H 262 -34.29 -74.29 -18.47
C ASP H 262 -35.79 -74.06 -18.46
N TRP H 263 -36.54 -75.11 -18.78
CA TRP H 263 -38.00 -75.06 -18.84
C TRP H 263 -38.64 -74.76 -17.49
N GLN H 264 -37.87 -74.99 -16.44
CA GLN H 264 -38.32 -74.66 -15.09
C GLN H 264 -38.53 -73.15 -14.92
N GLU H 265 -37.54 -72.36 -15.36
CA GLU H 265 -37.66 -70.90 -15.44
C GLU H 265 -38.85 -70.52 -16.30
N PHE H 266 -39.02 -71.22 -17.42
CA PHE H 266 -40.18 -71.02 -18.29
C PHE H 266 -41.49 -71.26 -17.55
N ASN H 267 -41.53 -72.30 -16.71
CA ASN H 267 -42.74 -72.64 -15.99
C ASN H 267 -43.10 -71.61 -14.93
N GLU H 268 -42.09 -71.09 -14.24
CA GLU H 268 -42.28 -69.99 -13.29
C GLU H 268 -42.82 -68.75 -14.01
N VAL H 269 -42.23 -68.41 -15.14
CA VAL H 269 -42.60 -67.19 -15.88
C VAL H 269 -44.06 -67.22 -16.35
N ILE H 270 -44.50 -68.30 -17.00
CA ILE H 270 -45.89 -68.36 -17.49
C ILE H 270 -46.92 -68.52 -16.37
N ASN H 271 -46.45 -68.87 -15.18
CA ASN H 271 -47.34 -68.99 -14.02
C ASN H 271 -47.30 -67.76 -13.12
N GLY H 272 -46.86 -66.63 -13.69
CA GLY H 272 -46.90 -65.35 -13.00
C GLY H 272 -45.77 -65.10 -12.02
N ARG H 273 -44.73 -65.93 -12.02
CA ARG H 273 -43.62 -65.77 -11.07
C ARG H 273 -42.30 -65.35 -11.72
N GLY H 274 -42.39 -64.73 -12.88
CA GLY H 274 -41.21 -64.16 -13.55
C GLY H 274 -40.85 -62.79 -13.00
N ILE H 275 -39.93 -62.10 -13.67
CA ILE H 275 -39.38 -60.84 -13.16
C ILE H 275 -40.38 -59.67 -13.15
N CYS H 276 -41.17 -59.52 -14.22
CA CYS H 276 -42.10 -58.40 -14.34
C CYS H 276 -43.59 -58.77 -14.44
N ASN H 277 -43.95 -60.03 -14.20
CA ASN H 277 -45.36 -60.44 -14.34
C ASN H 277 -46.31 -59.54 -13.58
N GLN H 278 -46.02 -59.31 -12.30
CA GLN H 278 -46.87 -58.49 -11.47
C GLN H 278 -46.97 -57.08 -12.02
N GLU H 279 -45.84 -56.53 -12.45
CA GLU H 279 -45.81 -55.13 -12.88
C GLU H 279 -46.55 -54.93 -14.19
N ARG H 280 -46.54 -55.96 -15.04
CA ARG H 280 -47.22 -55.88 -16.32
C ARG H 280 -48.74 -55.90 -16.16
N LEU H 281 -49.25 -56.85 -15.38
CA LEU H 281 -50.68 -56.94 -15.15
C LEU H 281 -51.18 -55.78 -14.26
N ASP H 282 -50.39 -55.36 -13.29
CA ASP H 282 -50.75 -54.20 -12.47
C ASP H 282 -50.92 -52.96 -13.36
N ALA H 283 -50.03 -52.81 -14.33
CA ALA H 283 -50.08 -51.68 -15.26
C ALA H 283 -51.34 -51.71 -16.11
N LYS H 284 -51.67 -52.87 -16.68
CA LYS H 284 -52.85 -53.00 -17.51
C LYS H 284 -54.15 -52.84 -16.70
N ARG H 285 -54.17 -53.44 -15.51
CA ARG H 285 -55.30 -53.32 -14.58
C ARG H 285 -55.55 -51.87 -14.18
N LYS H 286 -54.48 -51.21 -13.74
CA LYS H 286 -54.53 -49.81 -13.32
C LYS H 286 -55.01 -48.96 -14.49
N ALA H 287 -54.50 -49.24 -15.68
CA ALA H 287 -54.91 -48.53 -16.88
C ALA H 287 -56.41 -48.71 -17.11
N TRP H 288 -56.88 -49.94 -16.93
CA TRP H 288 -58.28 -50.28 -17.19
C TRP H 288 -59.20 -49.67 -16.13
N GLU H 289 -58.87 -49.88 -14.85
CA GLU H 289 -59.66 -49.39 -13.74
C GLU H 289 -59.78 -47.87 -13.77
N GLU H 290 -58.65 -47.18 -13.79
CA GLU H 290 -58.61 -45.71 -13.83
C GLU H 290 -59.13 -45.13 -15.13
N GLY H 291 -59.38 -45.99 -16.12
CA GLY H 291 -59.93 -45.53 -17.39
C GLY H 291 -61.44 -45.68 -17.49
N THR H 292 -62.05 -46.28 -16.46
CA THR H 292 -63.49 -46.56 -16.47
C THR H 292 -64.33 -45.31 -16.71
N TRP H 293 -64.06 -44.25 -15.94
CA TRP H 293 -64.81 -43.02 -16.09
C TRP H 293 -64.74 -42.46 -17.51
N VAL H 294 -63.63 -42.69 -18.19
CA VAL H 294 -63.46 -42.27 -19.58
C VAL H 294 -64.33 -43.08 -20.56
N ARG H 295 -64.38 -44.41 -20.38
CA ARG H 295 -65.16 -45.28 -21.25
C ARG H 295 -66.67 -45.05 -21.05
N GLU H 296 -67.07 -44.91 -19.79
CA GLU H 296 -68.42 -44.53 -19.42
C GLU H 296 -68.84 -43.20 -20.08
N ALA H 297 -67.95 -42.22 -20.00
CA ALA H 297 -68.21 -40.91 -20.60
C ALA H 297 -68.50 -41.03 -22.09
N ALA H 298 -67.70 -41.84 -22.78
CA ALA H 298 -67.88 -42.01 -24.22
C ALA H 298 -69.22 -42.69 -24.54
N LEU H 299 -69.63 -43.60 -23.65
CA LEU H 299 -70.87 -44.34 -23.78
C LEU H 299 -72.05 -43.38 -23.63
N ALA H 300 -72.07 -42.66 -22.50
CA ALA H 300 -73.12 -41.68 -22.21
C ALA H 300 -73.26 -40.60 -23.29
N HIS H 301 -72.14 -40.15 -23.85
CA HIS H 301 -72.15 -39.10 -24.87
C HIS H 301 -72.75 -39.60 -26.19
N ALA H 302 -72.52 -40.89 -26.49
CA ALA H 302 -73.09 -41.51 -27.68
C ALA H 302 -74.61 -41.62 -27.58
N GLN H 303 -75.09 -41.95 -26.38
CA GLN H 303 -76.51 -42.11 -26.12
C GLN H 303 -77.28 -40.78 -26.18
N LYS H 304 -76.56 -39.67 -26.23
CA LYS H 304 -77.15 -38.36 -26.49
C LYS H 304 -76.91 -38.02 -27.95
N SER I 12 35.92 -3.10 -42.91
CA SER I 12 34.49 -3.25 -43.32
C SER I 12 33.54 -3.28 -42.12
N ASN I 13 34.07 -3.59 -40.94
CA ASN I 13 33.34 -3.41 -39.68
C ASN I 13 33.52 -1.97 -39.14
N GLN I 14 34.71 -1.41 -39.34
CA GLN I 14 35.00 -0.02 -38.97
C GLN I 14 34.41 0.95 -39.99
N LEU I 15 34.41 0.55 -41.26
CA LEU I 15 33.87 1.38 -42.33
C LEU I 15 32.39 1.65 -42.14
N THR I 16 31.68 0.61 -41.71
CA THR I 16 30.26 0.71 -41.43
C THR I 16 29.99 1.82 -40.43
N ALA I 17 30.75 1.83 -39.34
CA ALA I 17 30.59 2.82 -38.28
C ALA I 17 30.82 4.26 -38.77
N TYR I 18 31.80 4.45 -39.64
CA TYR I 18 32.11 5.77 -40.20
C TYR I 18 30.95 6.30 -41.04
N THR I 19 30.40 5.45 -41.88
CA THR I 19 29.32 5.84 -42.78
C THR I 19 28.08 6.21 -41.98
N LEU I 20 27.80 5.40 -40.96
CA LEU I 20 26.65 5.57 -40.10
C LEU I 20 26.61 6.93 -39.40
N ARG I 21 27.76 7.36 -38.85
CA ARG I 21 27.85 8.67 -38.17
C ARG I 21 27.47 9.81 -39.09
N LEU I 22 27.97 9.79 -40.31
CA LEU I 22 27.77 10.87 -41.26
C LEU I 22 26.31 10.99 -41.64
N GLY I 23 25.66 9.83 -41.76
CA GLY I 23 24.21 9.78 -41.94
C GLY I 23 23.49 10.34 -40.74
N ASP I 24 23.94 9.97 -39.55
CA ASP I 24 23.35 10.43 -38.29
C ASP I 24 23.35 11.94 -38.14
N ASN I 25 24.49 12.56 -38.47
CA ASN I 25 24.62 14.01 -38.47
C ASN I 25 23.53 14.64 -39.32
N CYS I 26 23.43 14.17 -40.56
CA CYS I 26 22.49 14.70 -41.55
C CYS I 26 21.03 14.44 -41.16
N LEU I 27 20.77 13.25 -40.64
CA LEU I 27 19.42 12.84 -40.25
C LEU I 27 18.86 13.68 -39.10
N VAL I 28 19.68 13.85 -38.05
CA VAL I 28 19.28 14.59 -36.86
C VAL I 28 19.03 16.05 -37.22
N LEU I 29 19.94 16.63 -37.99
CA LEU I 29 19.83 18.01 -38.38
C LEU I 29 18.62 18.24 -39.27
N SER I 30 18.34 17.29 -40.16
CA SER I 30 17.18 17.38 -41.04
C SER I 30 15.87 17.38 -40.22
N GLN I 31 15.83 16.55 -39.17
CA GLN I 31 14.70 16.54 -38.24
C GLN I 31 14.51 17.87 -37.53
N ARG I 32 15.62 18.45 -37.08
CA ARG I 32 15.59 19.77 -36.43
C ARG I 32 15.02 20.85 -37.34
N LEU I 33 15.54 20.94 -38.57
CA LEU I 33 15.03 21.92 -39.53
C LEU I 33 13.57 21.70 -39.91
N GLY I 34 13.15 20.44 -39.93
CA GLY I 34 11.76 20.08 -40.12
C GLY I 34 10.80 20.68 -39.09
N GLU I 35 11.26 20.81 -37.86
CA GLU I 35 10.45 21.40 -36.79
C GLU I 35 10.15 22.88 -37.00
N TRP I 36 10.90 23.53 -37.88
CA TRP I 36 10.66 24.94 -38.18
C TRP I 36 9.44 25.17 -39.06
N CYS I 37 9.05 24.13 -39.80
CA CYS I 37 8.04 24.23 -40.84
C CYS I 37 6.78 24.97 -40.39
N GLY I 38 6.61 26.19 -40.90
CA GLY I 38 5.43 26.98 -40.59
C GLY I 38 5.66 28.25 -39.79
N HIS I 39 6.57 28.20 -38.82
CA HIS I 39 6.81 29.36 -37.97
C HIS I 39 8.23 29.93 -38.08
N ALA I 40 8.75 30.02 -39.31
CA ALA I 40 9.96 30.78 -39.54
C ALA I 40 9.56 32.26 -39.56
N PRO I 41 10.51 33.17 -39.33
CA PRO I 41 10.22 34.63 -39.34
C PRO I 41 9.71 35.19 -40.67
N GLU I 42 10.06 34.53 -41.78
CA GLU I 42 9.63 34.94 -43.11
C GLU I 42 9.31 33.72 -43.97
N LEU I 43 8.52 33.94 -45.03
CA LEU I 43 8.22 32.89 -45.99
C LEU I 43 9.49 32.38 -46.67
N GLU I 44 10.33 33.30 -47.17
CA GLU I 44 11.62 32.94 -47.79
C GLU I 44 12.34 31.92 -46.93
N ILE I 45 12.51 32.27 -45.66
CA ILE I 45 13.28 31.51 -44.70
C ILE I 45 12.63 30.15 -44.50
N ASP I 46 11.33 30.16 -44.42
CA ASP I 46 10.57 28.94 -44.25
C ASP I 46 10.81 27.93 -45.34
N LEU I 47 10.76 28.37 -46.56
CA LEU I 47 11.04 27.52 -47.72
C LEU I 47 12.49 27.10 -47.81
N ALA I 48 13.40 28.01 -47.50
CA ALA I 48 14.83 27.74 -47.55
C ALA I 48 15.22 26.66 -46.54
N LEU I 49 14.74 26.78 -45.31
CA LEU I 49 15.03 25.83 -44.23
C LEU I 49 14.47 24.43 -44.52
N ALA I 50 13.24 24.38 -45.02
CA ALA I 50 12.65 23.11 -45.46
C ALA I 50 13.53 22.45 -46.52
N ASN I 51 13.99 23.25 -47.48
CA ASN I 51 14.81 22.77 -48.58
C ASN I 51 16.16 22.25 -48.12
N ILE I 52 16.83 22.98 -47.22
CA ILE I 52 18.04 22.49 -46.58
C ILE I 52 17.79 21.17 -45.82
N GLY I 53 16.68 21.14 -45.09
CA GLY I 53 16.26 19.92 -44.38
C GLY I 53 16.20 18.73 -45.32
N LEU I 54 15.46 18.90 -46.42
CA LEU I 54 15.37 17.88 -47.47
C LEU I 54 16.72 17.48 -48.08
N ASP I 55 17.62 18.43 -48.34
CA ASP I 55 18.96 18.09 -48.82
C ASP I 55 19.64 17.11 -47.84
N LEU I 56 19.62 17.47 -46.56
CA LEU I 56 20.25 16.65 -45.53
C LEU I 56 19.59 15.28 -45.37
N LEU I 57 18.26 15.24 -45.51
CA LEU I 57 17.53 13.98 -45.50
C LEU I 57 18.04 13.04 -46.60
N GLY I 58 18.06 13.56 -47.83
CA GLY I 58 18.62 12.84 -48.97
C GLY I 58 20.03 12.36 -48.72
N GLN I 59 20.89 13.22 -48.19
CA GLN I 59 22.25 12.84 -47.81
C GLN I 59 22.24 11.69 -46.80
N ALA I 60 21.38 11.80 -45.80
CA ALA I 60 21.29 10.80 -44.74
C ALA I 60 20.85 9.46 -45.32
N ARG I 61 19.88 9.50 -46.22
CA ARG I 61 19.41 8.30 -46.91
C ARG I 61 20.54 7.60 -47.66
N ASN I 62 21.43 8.38 -48.26
CA ASN I 62 22.56 7.82 -48.98
C ASN I 62 23.52 7.07 -48.06
N PHE I 63 23.95 7.73 -46.99
CA PHE I 63 24.87 7.13 -46.02
C PHE I 63 24.25 5.91 -45.33
N LEU I 64 23.00 6.04 -44.92
CA LEU I 64 22.33 4.96 -44.21
C LEU I 64 22.14 3.74 -45.09
N SER I 65 21.70 3.96 -46.33
CA SER I 65 21.60 2.88 -47.34
C SER I 65 22.90 2.14 -47.54
N TYR I 66 24.00 2.89 -47.69
CA TYR I 66 25.32 2.30 -47.84
C TYR I 66 25.80 1.60 -46.56
N ALA I 67 25.50 2.20 -45.41
CA ALA I 67 25.84 1.59 -44.12
C ALA I 67 25.11 0.26 -43.92
N ALA I 68 23.85 0.19 -44.35
CA ALA I 68 23.04 -1.03 -44.22
C ALA I 68 23.58 -2.18 -45.07
N GLU I 69 23.98 -1.85 -46.30
CA GLU I 69 24.57 -2.78 -47.23
C GLU I 69 25.89 -3.36 -46.69
N LEU I 70 26.67 -2.52 -46.03
CA LEU I 70 27.95 -2.92 -45.44
C LEU I 70 27.77 -3.90 -44.26
N ALA I 71 26.73 -3.68 -43.47
CA ALA I 71 26.43 -4.55 -42.32
C ALA I 71 25.82 -5.88 -42.77
N GLY I 72 25.20 -5.87 -43.96
CA GLY I 72 24.59 -7.05 -44.53
C GLY I 72 23.17 -7.31 -44.05
N GLU I 73 22.64 -6.39 -43.26
CA GLU I 73 21.27 -6.51 -42.74
C GLU I 73 20.58 -5.15 -42.60
N GLY I 74 19.25 -5.17 -42.63
CA GLY I 74 18.42 -3.97 -42.49
C GLY I 74 18.55 -3.01 -43.67
N ASP I 75 17.92 -1.85 -43.54
CA ASP I 75 17.99 -0.79 -44.55
C ASP I 75 17.96 0.60 -43.89
N GLU I 76 17.80 1.64 -44.71
CA GLU I 76 17.71 3.01 -44.21
C GLU I 76 16.57 3.22 -43.19
N ASP I 77 15.50 2.43 -43.31
CA ASP I 77 14.34 2.55 -42.43
C ASP I 77 14.57 1.95 -41.06
N THR I 78 15.20 0.78 -40.99
CA THR I 78 15.52 0.17 -39.71
C THR I 78 16.49 1.06 -38.94
N LEU I 79 17.48 1.57 -39.66
CA LEU I 79 18.49 2.46 -39.09
C LEU I 79 17.87 3.76 -38.60
N ALA I 80 16.95 4.32 -39.36
CA ALA I 80 16.31 5.58 -38.99
C ALA I 80 15.37 5.45 -37.81
N PHE I 81 14.57 4.38 -37.78
CA PHE I 81 13.42 4.29 -36.88
C PHE I 81 13.44 3.21 -35.81
N THR I 82 14.43 2.32 -35.82
CA THR I 82 14.49 1.23 -34.81
C THR I 82 15.71 1.29 -33.87
N ARG I 83 16.51 2.35 -33.99
CA ARG I 83 17.65 2.58 -33.07
C ARG I 83 17.26 3.59 -32.01
N ASP I 84 17.75 3.41 -30.79
CA ASP I 84 17.63 4.44 -29.77
C ASP I 84 18.92 5.26 -29.66
N GLU I 85 18.90 6.26 -28.77
CA GLU I 85 19.93 7.30 -28.73
C GLU I 85 21.37 6.79 -28.62
N ARG I 86 21.60 5.74 -27.84
CA ARG I 86 22.95 5.21 -27.66
C ARG I 86 23.50 4.54 -28.91
N GLN I 87 22.60 4.19 -29.81
CA GLN I 87 23.00 3.62 -31.10
C GLN I 87 23.20 4.71 -32.15
N PHE I 88 22.71 5.91 -31.87
CA PHE I 88 22.99 7.09 -32.68
C PHE I 88 24.36 7.65 -32.34
N SER I 89 25.06 8.14 -33.36
CA SER I 89 26.40 8.66 -33.15
C SER I 89 26.66 9.98 -33.88
N ASN I 90 25.62 10.77 -34.00
CA ASN I 90 25.72 12.13 -34.52
C ASN I 90 26.57 13.00 -33.59
N LEU I 91 27.08 14.09 -34.14
CA LEU I 91 27.79 15.11 -33.36
C LEU I 91 26.79 15.87 -32.48
N LEU I 92 27.21 16.22 -31.28
CA LEU I 92 26.34 16.90 -30.31
C LEU I 92 25.74 18.19 -30.84
N LEU I 93 26.45 18.84 -31.76
CA LEU I 93 26.04 20.11 -32.32
C LEU I 93 24.72 20.05 -33.09
N VAL I 94 24.48 18.93 -33.79
CA VAL I 94 23.27 18.80 -34.61
C VAL I 94 22.00 18.50 -33.83
N GLU I 95 22.13 18.05 -32.58
CA GLU I 95 20.97 17.70 -31.76
C GLU I 95 20.49 18.85 -30.87
N GLN I 96 21.22 19.97 -30.85
CA GLN I 96 20.87 21.15 -30.04
C GLN I 96 19.53 21.70 -30.46
N PRO I 97 18.74 22.25 -29.51
CA PRO I 97 17.40 22.70 -29.91
C PRO I 97 17.46 23.85 -30.89
N ASN I 98 16.40 24.03 -31.66
CA ASN I 98 16.32 25.12 -32.62
C ASN I 98 16.51 26.48 -31.95
N GLY I 99 15.90 26.67 -30.78
CA GLY I 99 15.87 27.97 -30.11
C GLY I 99 15.29 29.01 -31.04
N ASN I 100 15.88 30.20 -31.06
CA ASN I 100 15.45 31.26 -31.97
C ASN I 100 16.17 31.15 -33.29
N PHE I 101 15.76 31.96 -34.26
CA PHE I 101 16.34 31.89 -35.60
C PHE I 101 17.86 32.03 -35.60
N ALA I 102 18.38 32.90 -34.74
CA ALA I 102 19.83 33.08 -34.60
C ALA I 102 20.55 31.78 -34.19
N ASP I 103 20.00 31.10 -33.17
CA ASP I 103 20.53 29.81 -32.69
C ASP I 103 20.61 28.78 -33.82
N THR I 104 19.55 28.74 -34.63
CA THR I 104 19.49 27.87 -35.80
C THR I 104 20.56 28.21 -36.83
N ILE I 105 20.74 29.50 -37.13
CA ILE I 105 21.75 29.94 -38.08
C ILE I 105 23.17 29.61 -37.64
N ALA I 106 23.50 29.90 -36.39
CA ALA I 106 24.82 29.58 -35.84
C ALA I 106 25.12 28.09 -36.00
N ARG I 107 24.15 27.25 -35.61
CA ARG I 107 24.27 25.79 -35.73
C ARG I 107 24.46 25.41 -37.19
N GLN I 108 23.64 25.98 -38.06
CA GLN I 108 23.75 25.72 -39.49
C GLN I 108 25.11 26.12 -40.02
N TYR I 109 25.56 27.33 -39.68
CA TYR I 109 26.85 27.84 -40.17
C TYR I 109 28.01 26.93 -39.79
N PHE I 110 28.11 26.58 -38.51
CA PHE I 110 29.23 25.76 -38.05
C PHE I 110 29.24 24.44 -38.78
N ILE I 111 28.06 23.85 -38.93
CA ILE I 111 27.91 22.55 -39.59
C ILE I 111 28.19 22.61 -41.09
N ASP I 112 27.69 23.66 -41.76
CA ASP I 112 27.91 23.85 -43.19
C ASP I 112 29.39 23.98 -43.53
N ALA I 113 30.09 24.82 -42.79
CA ALA I 113 31.52 24.99 -42.95
C ALA I 113 32.23 23.64 -42.80
N TRP I 114 31.82 22.87 -41.80
CA TRP I 114 32.37 21.54 -41.57
C TRP I 114 32.04 20.61 -42.75
N HIS I 115 30.82 20.68 -43.25
CA HIS I 115 30.38 19.84 -44.36
C HIS I 115 31.17 20.10 -45.65
N VAL I 116 31.32 21.38 -45.99
CA VAL I 116 32.07 21.80 -47.17
C VAL I 116 33.51 21.31 -47.06
N ALA I 117 34.17 21.64 -45.95
CA ALA I 117 35.52 21.14 -45.68
C ALA I 117 35.63 19.62 -45.82
N LEU I 118 34.70 18.88 -45.24
CA LEU I 118 34.73 17.42 -45.24
C LEU I 118 34.48 16.79 -46.61
N PHE I 119 33.31 17.08 -47.19
CA PHE I 119 32.92 16.44 -48.44
C PHE I 119 33.86 16.75 -49.60
N THR I 120 34.40 17.97 -49.63
CA THR I 120 35.41 18.35 -50.61
C THR I 120 36.52 17.27 -50.68
N ARG I 121 37.05 16.93 -49.51
CA ARG I 121 38.10 15.93 -49.44
C ARG I 121 37.63 14.49 -49.54
N LEU I 122 36.40 14.23 -49.13
CA LEU I 122 35.90 12.85 -49.10
C LEU I 122 35.45 12.33 -50.47
N MET I 123 35.29 13.21 -51.45
CA MET I 123 34.96 12.76 -52.82
C MET I 123 36.19 12.16 -53.53
N GLU I 124 37.37 12.49 -53.02
CA GLU I 124 38.62 11.87 -53.45
C GLU I 124 38.98 10.70 -52.53
N SER I 125 38.03 9.80 -52.33
CA SER I 125 38.19 8.65 -51.43
C SER I 125 38.32 7.32 -52.17
N ARG I 126 39.22 6.49 -51.66
CA ARG I 126 39.47 5.16 -52.23
C ARG I 126 38.27 4.22 -52.19
N ASP I 127 37.23 4.60 -51.44
CA ASP I 127 35.94 3.91 -51.48
C ASP I 127 35.03 4.66 -52.46
N PRO I 128 34.70 4.03 -53.60
CA PRO I 128 33.93 4.67 -54.67
C PRO I 128 32.52 5.12 -54.26
N GLN I 129 31.86 4.37 -53.37
CA GLN I 129 30.53 4.74 -52.87
C GLN I 129 30.57 6.01 -52.03
N LEU I 130 31.54 6.09 -51.12
CA LEU I 130 31.76 7.29 -50.31
C LEU I 130 32.11 8.48 -51.20
N ALA I 131 33.01 8.25 -52.15
CA ALA I 131 33.35 9.23 -53.17
C ALA I 131 32.11 9.75 -53.88
N ALA I 132 31.27 8.82 -54.34
CA ALA I 132 30.03 9.16 -55.05
C ALA I 132 29.05 9.99 -54.20
N ILE I 133 28.85 9.56 -52.94
CA ILE I 133 27.93 10.24 -52.03
C ILE I 133 28.40 11.66 -51.71
N SER I 134 29.69 11.79 -51.40
CA SER I 134 30.29 13.10 -51.14
C SER I 134 30.16 14.03 -52.33
N ALA I 135 30.26 13.45 -53.54
CA ALA I 135 30.17 14.20 -54.79
C ALA I 135 28.81 14.86 -54.98
N LYS I 136 27.73 14.11 -54.76
CA LYS I 136 26.37 14.66 -54.79
C LYS I 136 26.16 15.68 -53.66
N ALA I 137 26.73 15.38 -52.48
CA ALA I 137 26.48 16.14 -51.26
C ALA I 137 27.17 17.51 -51.22
N ILE I 138 28.38 17.59 -51.77
CA ILE I 138 29.18 18.83 -51.72
C ILE I 138 28.45 20.00 -52.40
N LYS I 139 27.67 19.68 -53.45
CA LYS I 139 26.93 20.67 -54.21
C LYS I 139 25.87 21.36 -53.35
N GLU I 140 25.10 20.55 -52.61
CA GLU I 140 24.11 21.05 -51.68
C GLU I 140 24.77 21.83 -50.53
N ALA I 141 25.82 21.26 -49.97
CA ALA I 141 26.56 21.86 -48.85
C ALA I 141 26.97 23.32 -49.12
N ARG I 142 27.41 23.57 -50.36
CA ARG I 142 27.80 24.91 -50.80
C ARG I 142 26.67 25.93 -50.71
N TYR I 143 25.46 25.53 -51.11
CA TYR I 143 24.27 26.38 -51.00
C TYR I 143 23.96 26.70 -49.55
N HIS I 144 24.02 25.67 -48.70
CA HIS I 144 23.76 25.81 -47.28
C HIS I 144 24.71 26.81 -46.67
N LEU I 145 25.99 26.65 -46.97
CA LEU I 145 27.02 27.54 -46.47
C LEU I 145 26.75 28.97 -46.90
N ARG I 146 26.38 29.15 -48.16
CA ARG I 146 26.01 30.45 -48.69
C ARG I 146 24.85 31.04 -47.90
N PHE I 147 23.83 30.22 -47.66
CA PHE I 147 22.62 30.64 -46.95
C PHE I 147 22.88 31.00 -45.49
N SER I 148 23.60 30.13 -44.79
CA SER I 148 23.84 30.32 -43.37
C SER I 148 24.87 31.42 -43.12
N ARG I 149 25.89 31.51 -43.98
CA ARG I 149 26.88 32.58 -43.90
C ARG I 149 26.20 33.93 -44.15
N GLY I 150 25.34 33.96 -45.16
CA GLY I 150 24.55 35.15 -45.51
C GLY I 150 23.70 35.66 -44.37
N TRP I 151 23.00 34.76 -43.69
CA TRP I 151 22.16 35.14 -42.57
C TRP I 151 22.95 35.49 -41.32
N LEU I 152 24.14 34.90 -41.18
CA LEU I 152 25.04 35.27 -40.10
C LEU I 152 25.39 36.75 -40.23
N GLU I 153 25.76 37.17 -41.44
CA GLU I 153 26.04 38.59 -41.74
C GLU I 153 24.83 39.49 -41.52
N ARG I 154 23.74 39.21 -42.22
CA ARG I 154 22.50 40.01 -42.07
C ARG I 154 22.12 40.26 -40.62
N LEU I 155 22.32 39.25 -39.76
CA LEU I 155 21.88 39.35 -38.37
C LEU I 155 22.82 40.13 -37.45
N GLY I 156 24.12 39.92 -37.60
CA GLY I 156 25.14 40.63 -36.81
C GLY I 156 25.32 42.08 -37.25
N ASN I 157 25.12 42.32 -38.54
CA ASN I 157 25.18 43.65 -39.12
C ASN I 157 23.85 44.40 -39.07
N GLY I 158 22.80 43.73 -38.58
CA GLY I 158 21.47 44.32 -38.54
C GLY I 158 21.30 45.23 -37.34
N THR I 159 20.17 45.08 -36.65
CA THR I 159 19.87 45.88 -35.47
C THR I 159 20.76 45.46 -34.29
N ASP I 160 20.55 46.09 -33.14
CA ASP I 160 21.27 45.74 -31.91
C ASP I 160 20.71 44.48 -31.26
N VAL I 161 19.38 44.36 -31.27
CA VAL I 161 18.69 43.17 -30.76
C VAL I 161 19.23 41.91 -31.43
N SER I 162 19.19 41.89 -32.76
CA SER I 162 19.61 40.71 -33.53
C SER I 162 21.10 40.41 -33.41
N GLY I 163 21.92 41.46 -33.37
CA GLY I 163 23.37 41.32 -33.20
C GLY I 163 23.76 40.76 -31.83
N GLN I 164 22.94 41.05 -30.83
CA GLN I 164 23.14 40.52 -29.49
C GLN I 164 22.71 39.05 -29.44
N LYS I 165 21.54 38.76 -30.00
CA LYS I 165 21.00 37.40 -30.12
C LYS I 165 21.95 36.49 -30.90
N MET I 166 22.56 37.03 -31.94
CA MET I 166 23.47 36.27 -32.81
C MET I 166 24.80 35.95 -32.10
N GLN I 167 25.31 36.92 -31.33
CA GLN I 167 26.50 36.69 -30.52
C GLN I 167 26.22 35.61 -29.48
N GLN I 168 25.09 35.73 -28.80
CA GLN I 168 24.65 34.76 -27.79
C GLN I 168 24.58 33.33 -28.34
N ALA I 169 24.03 33.20 -29.56
CA ALA I 169 23.92 31.92 -30.25
C ALA I 169 25.29 31.28 -30.45
N ILE I 170 26.25 32.06 -30.95
CA ILE I 170 27.61 31.60 -31.17
C ILE I 170 28.27 31.16 -29.86
N ASN I 171 28.03 31.90 -28.78
CA ASN I 171 28.59 31.57 -27.46
C ASN I 171 27.98 30.29 -26.90
N LYS I 172 26.65 30.23 -26.93
CA LYS I 172 25.86 29.06 -26.56
C LYS I 172 26.41 27.78 -27.15
N LEU I 173 26.76 27.85 -28.44
CA LEU I 173 27.05 26.66 -29.24
C LEU I 173 28.52 26.35 -29.46
N TRP I 174 29.40 27.23 -28.99
CA TRP I 174 30.83 27.07 -29.22
C TRP I 174 31.40 25.80 -28.60
N ARG I 175 30.86 25.39 -27.46
CA ARG I 175 31.36 24.21 -26.75
C ARG I 175 31.21 22.90 -27.54
N PHE I 176 30.40 22.91 -28.59
CA PHE I 176 30.21 21.72 -29.41
C PHE I 176 31.08 21.70 -30.67
N THR I 177 31.92 22.72 -30.83
CA THR I 177 32.74 22.84 -32.05
C THR I 177 34.03 22.03 -32.04
N ALA I 178 34.59 21.79 -30.85
CA ALA I 178 35.82 21.00 -30.75
C ALA I 178 35.63 19.55 -31.20
N GLU I 179 34.41 19.02 -31.05
CA GLU I 179 34.12 17.64 -31.44
C GLU I 179 34.26 17.42 -32.94
N LEU I 180 34.11 18.50 -33.71
CA LEU I 180 34.27 18.47 -35.16
C LEU I 180 35.64 17.97 -35.63
N PHE I 181 36.65 18.15 -34.78
CA PHE I 181 38.02 17.84 -35.17
C PHE I 181 38.63 16.74 -34.31
N ASP I 182 37.82 16.22 -33.40
CA ASP I 182 38.19 15.07 -32.59
C ASP I 182 38.33 13.86 -33.50
N ALA I 183 39.37 13.06 -33.28
CA ALA I 183 39.62 11.87 -34.08
C ALA I 183 39.81 10.65 -33.20
N ASP I 184 39.07 9.58 -33.49
CA ASP I 184 39.17 8.32 -32.74
C ASP I 184 39.80 7.21 -33.57
N GLU I 185 39.96 6.03 -32.95
CA GLU I 185 40.65 4.92 -33.61
C GLU I 185 40.01 4.52 -34.95
N ILE I 186 38.70 4.70 -35.06
CA ILE I 186 37.97 4.48 -36.31
C ILE I 186 38.40 5.47 -37.39
N ASP I 187 38.43 6.76 -37.03
CA ASP I 187 38.87 7.83 -37.93
C ASP I 187 40.27 7.59 -38.45
N ILE I 188 41.21 7.40 -37.53
CA ILE I 188 42.63 7.21 -37.85
C ILE I 188 42.87 6.02 -38.76
N ALA I 189 42.37 4.84 -38.36
CA ALA I 189 42.54 3.61 -39.14
C ALA I 189 42.09 3.74 -40.60
N LEU I 190 40.89 4.29 -40.81
CA LEU I 190 40.35 4.46 -42.16
C LEU I 190 41.00 5.61 -42.91
N SER I 191 41.56 6.56 -42.16
CA SER I 191 42.30 7.69 -42.72
C SER I 191 43.64 7.23 -43.35
N GLU I 192 44.34 6.34 -42.64
CA GLU I 192 45.59 5.75 -43.12
C GLU I 192 45.41 4.86 -44.35
N GLU I 193 44.24 4.24 -44.47
CA GLU I 193 43.89 3.43 -45.63
C GLU I 193 43.38 4.30 -46.79
N GLY I 194 43.33 5.61 -46.57
CA GLY I 194 42.89 6.57 -47.58
C GLY I 194 41.40 6.55 -47.89
N ILE I 195 40.62 5.92 -47.01
CA ILE I 195 39.17 5.80 -47.19
C ILE I 195 38.41 6.97 -46.53
N ALA I 196 38.89 7.39 -45.36
CA ALA I 196 38.26 8.45 -44.58
C ALA I 196 39.12 9.69 -44.46
N VAL I 197 38.48 10.80 -44.10
CA VAL I 197 39.17 12.05 -43.78
C VAL I 197 39.41 12.09 -42.27
N ASP I 198 40.65 12.38 -41.89
CA ASP I 198 41.02 12.61 -40.50
C ASP I 198 40.50 14.00 -40.09
N PRO I 199 39.53 14.04 -39.14
CA PRO I 199 38.86 15.29 -38.76
C PRO I 199 39.81 16.38 -38.25
N ARG I 200 40.93 15.97 -37.65
CA ARG I 200 41.93 16.91 -37.14
C ARG I 200 42.51 17.77 -38.26
N THR I 201 42.55 17.22 -39.47
CA THR I 201 43.07 17.93 -40.64
C THR I 201 42.06 18.93 -41.19
N LEU I 202 40.79 18.79 -40.80
CA LEU I 202 39.73 19.70 -41.22
C LEU I 202 39.70 21.02 -40.45
N ARG I 203 40.49 21.10 -39.38
CA ARG I 203 40.49 22.27 -38.49
C ARG I 203 40.83 23.57 -39.21
N ALA I 204 41.93 23.57 -39.96
CA ALA I 204 42.41 24.76 -40.66
C ALA I 204 41.35 25.34 -41.62
N ALA I 205 40.83 24.51 -42.52
CA ALA I 205 39.82 24.94 -43.47
C ALA I 205 38.57 25.48 -42.77
N TRP I 206 38.12 24.80 -41.70
CA TRP I 206 36.96 25.23 -40.94
C TRP I 206 37.18 26.57 -40.24
N GLU I 207 38.33 26.72 -39.60
CA GLU I 207 38.67 27.95 -38.89
C GLU I 207 38.90 29.12 -39.86
N ALA I 208 39.47 28.83 -41.02
CA ALA I 208 39.63 29.82 -42.06
C ALA I 208 38.29 30.43 -42.43
N GLU I 209 37.29 29.56 -42.58
CA GLU I 209 35.95 29.97 -43.01
C GLU I 209 35.14 30.64 -41.89
N VAL I 210 35.12 30.01 -40.72
CA VAL I 210 34.23 30.42 -39.63
C VAL I 210 34.70 31.71 -38.95
N PHE I 211 35.99 31.78 -38.65
CA PHE I 211 36.61 32.97 -38.09
C PHE I 211 36.36 34.17 -39.00
N ALA I 212 36.58 33.99 -40.31
CA ALA I 212 36.30 35.02 -41.30
C ALA I 212 34.83 35.44 -41.29
N GLY I 213 33.92 34.46 -41.23
CA GLY I 213 32.48 34.72 -41.24
C GLY I 213 31.98 35.48 -40.03
N ILE I 214 32.36 35.01 -38.84
CA ILE I 214 32.03 35.68 -37.59
C ILE I 214 32.51 37.13 -37.59
N ASN I 215 33.76 37.33 -38.02
CA ASN I 215 34.39 38.64 -38.16
C ASN I 215 33.63 39.59 -39.08
N GLU I 216 33.29 39.11 -40.28
CA GLU I 216 32.57 39.91 -41.27
C GLU I 216 31.20 40.34 -40.77
N ALA I 217 30.58 39.50 -39.94
CA ALA I 217 29.29 39.82 -39.31
C ALA I 217 29.45 40.82 -38.17
N THR I 218 30.68 41.30 -37.96
CA THR I 218 31.06 42.21 -36.86
C THR I 218 30.81 41.61 -35.45
N LEU I 219 31.30 40.41 -35.23
CA LEU I 219 31.11 39.72 -33.96
C LEU I 219 32.40 39.08 -33.47
N ASN I 220 32.39 38.55 -32.25
CA ASN I 220 33.59 38.00 -31.64
C ASN I 220 33.65 36.48 -31.60
N VAL I 221 34.67 35.94 -32.22
CA VAL I 221 35.06 34.53 -32.05
C VAL I 221 35.33 34.32 -30.56
N PRO I 222 34.49 33.51 -29.95
CA PRO I 222 34.59 33.17 -28.55
C PRO I 222 35.92 32.56 -28.35
N GLN I 223 36.33 32.43 -27.12
CA GLN I 223 37.64 31.94 -26.81
C GLN I 223 37.66 31.65 -25.36
N GLU I 224 37.59 30.39 -24.97
CA GLU I 224 37.48 29.24 -25.87
C GLU I 224 37.33 28.10 -24.93
N GLN I 225 36.32 28.22 -24.08
CA GLN I 225 36.18 27.45 -22.88
C GLN I 225 36.21 25.92 -22.94
N ALA I 226 35.31 25.36 -22.15
CA ALA I 226 35.20 23.94 -21.95
C ALA I 226 34.49 23.36 -23.11
N TYR I 227 34.81 22.13 -23.42
CA TYR I 227 34.29 21.52 -24.63
C TYR I 227 33.51 20.26 -24.35
N ARG I 228 32.38 20.11 -25.03
CA ARG I 228 31.53 18.95 -24.91
C ARG I 228 31.75 18.01 -26.10
N THR I 229 32.20 16.78 -25.83
CA THR I 229 32.22 15.73 -26.85
C THR I 229 31.40 14.54 -26.37
N GLY I 230 31.39 13.45 -27.15
CA GLY I 230 30.74 12.22 -26.75
C GLY I 230 29.70 11.66 -27.72
N GLY I 231 29.18 12.53 -28.60
CA GLY I 231 28.19 12.14 -29.60
C GLY I 231 28.57 10.92 -30.42
N LYS I 232 29.80 10.93 -30.95
CA LYS I 232 30.33 9.81 -31.76
C LYS I 232 30.49 8.51 -30.96
N LYS I 233 30.50 8.64 -29.64
CA LYS I 233 30.61 7.49 -28.73
C LYS I 233 29.25 6.95 -28.27
N GLY I 234 28.18 7.63 -28.67
CA GLY I 234 26.83 7.25 -28.29
C GLY I 234 26.33 7.95 -27.04
N LEU I 235 27.02 9.03 -26.64
CA LEU I 235 26.67 9.80 -25.45
C LEU I 235 26.09 11.12 -25.88
N HIS I 236 24.88 11.43 -25.40
CA HIS I 236 24.19 12.60 -25.90
C HIS I 236 23.73 13.57 -24.81
N THR I 237 23.26 14.73 -25.23
CA THR I 237 22.68 15.69 -24.31
C THR I 237 21.22 15.31 -24.02
N GLU I 238 20.55 16.11 -23.20
CA GLU I 238 19.13 15.94 -22.88
C GLU I 238 18.23 15.90 -24.12
N HIS I 239 18.76 16.38 -25.24
CA HIS I 239 17.93 16.76 -26.37
C HIS I 239 17.61 15.69 -27.42
N LEU I 240 18.53 14.73 -27.61
CA LEU I 240 18.33 13.72 -28.64
C LEU I 240 17.17 12.79 -28.33
N GLY I 241 17.13 12.28 -27.09
CA GLY I 241 16.07 11.38 -26.63
C GLY I 241 14.67 11.74 -27.12
N PRO I 242 14.14 12.91 -26.71
CA PRO I 242 12.83 13.40 -27.10
C PRO I 242 12.62 13.52 -28.62
N MET I 243 13.68 13.83 -29.35
CA MET I 243 13.63 13.90 -30.81
C MET I 243 13.30 12.56 -31.41
N LEU I 244 14.06 11.53 -31.02
CA LEU I 244 13.89 10.18 -31.53
C LEU I 244 12.54 9.60 -31.15
N ALA I 245 12.08 9.92 -29.93
CA ALA I 245 10.75 9.55 -29.47
C ALA I 245 9.68 10.05 -30.44
N GLU I 246 9.69 11.34 -30.76
CA GLU I 246 8.70 11.93 -31.66
C GLU I 246 8.92 11.58 -33.15
N MET I 247 10.15 11.28 -33.51
CA MET I 247 10.42 10.82 -34.84
C MET I 247 9.83 9.45 -34.87
N GLN I 248 10.40 8.57 -34.06
CA GLN I 248 9.93 7.20 -34.04
C GLN I 248 8.44 7.02 -34.27
N TYR I 249 7.59 7.92 -33.80
CA TYR I 249 6.20 7.73 -34.12
C TYR I 249 6.08 7.13 -35.50
N SER J 12 -17.81 21.16 -9.11
CA SER J 12 -17.80 21.59 -7.67
C SER J 12 -17.73 20.37 -6.73
N ASN J 13 -18.86 19.65 -6.63
CA ASN J 13 -18.94 18.40 -5.87
C ASN J 13 -18.54 17.21 -6.73
N GLN J 14 -18.79 17.32 -8.02
CA GLN J 14 -18.45 16.27 -9.00
C GLN J 14 -16.99 16.29 -9.42
N LEU J 15 -16.38 17.47 -9.37
CA LEU J 15 -14.97 17.67 -9.74
C LEU J 15 -14.02 16.82 -8.88
N THR J 16 -14.39 16.66 -7.62
CA THR J 16 -13.62 15.87 -6.66
C THR J 16 -13.65 14.39 -7.05
N ALA J 17 -14.83 13.89 -7.40
CA ALA J 17 -15.03 12.49 -7.76
C ALA J 17 -14.24 12.08 -9.01
N TYR J 18 -14.18 12.96 -10.00
CA TYR J 18 -13.40 12.72 -11.22
C TYR J 18 -11.90 12.55 -10.93
N THR J 19 -11.36 13.44 -10.10
CA THR J 19 -9.94 13.45 -9.76
C THR J 19 -9.57 12.17 -9.01
N LEU J 20 -10.42 11.80 -8.06
CA LEU J 20 -10.22 10.64 -7.21
C LEU J 20 -10.11 9.33 -8.01
N ARG J 21 -10.94 9.17 -9.04
CA ARG J 21 -10.93 7.96 -9.87
C ARG J 21 -9.60 7.78 -10.56
N LEU J 22 -9.09 8.86 -11.11
CA LEU J 22 -7.87 8.82 -11.90
C LEU J 22 -6.66 8.46 -11.04
N GLY J 23 -6.66 8.99 -9.82
CA GLY J 23 -5.71 8.56 -8.79
C GLY J 23 -5.85 7.09 -8.47
N ASP J 24 -7.09 6.65 -8.28
CA ASP J 24 -7.40 5.26 -7.96
C ASP J 24 -6.87 4.28 -8.98
N ASN J 25 -7.07 4.58 -10.27
CA ASN J 25 -6.52 3.77 -11.35
C ASN J 25 -5.01 3.58 -11.19
N CYS J 26 -4.31 4.70 -11.04
CA CYS J 26 -2.85 4.73 -10.92
C CYS J 26 -2.36 4.04 -9.66
N LEU J 27 -3.04 4.30 -8.54
CA LEU J 27 -2.67 3.72 -7.25
C LEU J 27 -2.76 2.20 -7.25
N VAL J 28 -3.90 1.67 -7.71
CA VAL J 28 -4.14 0.23 -7.72
C VAL J 28 -3.14 -0.45 -8.64
N LEU J 29 -2.95 0.12 -9.83
CA LEU J 29 -1.97 -0.44 -10.76
C LEU J 29 -0.53 -0.41 -10.22
N SER J 30 -0.19 0.67 -9.52
CA SER J 30 1.14 0.79 -8.95
C SER J 30 1.37 -0.31 -7.92
N GLN J 31 0.34 -0.58 -7.09
CA GLN J 31 0.39 -1.66 -6.11
C GLN J 31 0.63 -3.02 -6.77
N ARG J 32 -0.10 -3.28 -7.86
CA ARG J 32 0.03 -4.52 -8.62
C ARG J 32 1.46 -4.72 -9.14
N LEU J 33 2.01 -3.68 -9.75
CA LEU J 33 3.37 -3.78 -10.29
C LEU J 33 4.40 -3.93 -9.18
N GLY J 34 4.15 -3.31 -8.04
CA GLY J 34 4.95 -3.50 -6.84
C GLY J 34 5.09 -4.96 -6.41
N GLU J 35 4.04 -5.76 -6.61
CA GLU J 35 4.06 -7.18 -6.21
C GLU J 35 5.06 -8.00 -7.02
N TRP J 36 5.47 -7.48 -8.17
CA TRP J 36 6.40 -8.20 -9.05
C TRP J 36 7.83 -8.17 -8.52
N CYS J 37 8.10 -7.18 -7.68
CA CYS J 37 9.44 -6.88 -7.24
C CYS J 37 10.21 -8.12 -6.77
N GLY J 38 11.16 -8.57 -7.58
CA GLY J 38 12.00 -9.68 -7.22
C GLY J 38 11.89 -10.90 -8.12
N HIS J 39 10.67 -11.20 -8.56
CA HIS J 39 10.45 -12.39 -9.39
C HIS J 39 9.94 -12.12 -10.80
N ALA J 40 10.47 -11.08 -11.43
CA ALA J 40 10.23 -10.89 -12.86
C ALA J 40 11.12 -11.89 -13.61
N PRO J 41 10.78 -12.20 -14.87
CA PRO J 41 11.56 -13.20 -15.64
C PRO J 41 13.01 -12.78 -15.93
N GLU J 42 13.27 -11.47 -15.92
CA GLU J 42 14.61 -10.92 -16.14
C GLU J 42 14.84 -9.72 -15.23
N LEU J 43 16.11 -9.39 -15.03
CA LEU J 43 16.50 -8.19 -14.31
C LEU J 43 15.99 -6.91 -14.97
N GLU J 44 16.21 -6.78 -16.29
CA GLU J 44 15.69 -5.64 -17.04
C GLU J 44 14.24 -5.37 -16.68
N ILE J 45 13.44 -6.42 -16.83
CA ILE J 45 12.00 -6.36 -16.66
C ILE J 45 11.68 -5.96 -15.22
N ASP J 46 12.38 -6.56 -14.31
CA ASP J 46 12.21 -6.29 -12.92
C ASP J 46 12.41 -4.86 -12.53
N LEU J 47 13.40 -4.20 -13.12
CA LEU J 47 13.68 -2.78 -12.94
C LEU J 47 12.71 -1.88 -13.66
N ALA J 48 12.30 -2.30 -14.84
CA ALA J 48 11.38 -1.53 -15.65
C ALA J 48 9.99 -1.48 -15.01
N LEU J 49 9.51 -2.63 -14.53
CA LEU J 49 8.21 -2.71 -13.87
C LEU J 49 8.15 -1.90 -12.57
N ALA J 50 9.20 -2.00 -11.77
CA ALA J 50 9.32 -1.17 -10.57
C ALA J 50 9.22 0.30 -10.93
N ASN J 51 9.91 0.68 -12.00
CA ASN J 51 9.96 2.06 -12.45
C ASN J 51 8.60 2.59 -12.92
N ILE J 52 7.92 1.80 -13.74
CA ILE J 52 6.52 2.08 -14.13
C ILE J 52 5.60 2.20 -12.90
N GLY J 53 5.74 1.26 -11.96
CA GLY J 53 5.01 1.32 -10.71
C GLY J 53 5.21 2.67 -10.04
N LEU J 54 6.47 3.07 -9.89
CA LEU J 54 6.78 4.36 -9.26
C LEU J 54 6.21 5.58 -10.03
N ASP J 55 6.25 5.53 -11.36
CA ASP J 55 5.61 6.59 -12.16
C ASP J 55 4.15 6.76 -11.78
N LEU J 56 3.41 5.64 -11.79
CA LEU J 56 1.99 5.61 -11.44
C LEU J 56 1.72 6.03 -10.01
N LEU J 57 2.59 5.63 -9.09
CA LEU J 57 2.48 6.07 -7.69
C LEU J 57 2.52 7.59 -7.63
N GLY J 58 3.54 8.20 -8.24
CA GLY J 58 3.66 9.65 -8.33
C GLY J 58 2.43 10.32 -8.93
N GLN J 59 1.95 9.76 -10.04
CA GLN J 59 0.71 10.23 -10.66
C GLN J 59 -0.46 10.17 -9.67
N ALA J 60 -0.58 9.06 -8.94
CA ALA J 60 -1.65 8.87 -7.98
C ALA J 60 -1.58 9.90 -6.87
N ARG J 61 -0.37 10.13 -6.38
CA ARG J 61 -0.14 11.12 -5.32
C ARG J 61 -0.58 12.52 -5.77
N ASN J 62 -0.39 12.83 -7.05
CA ASN J 62 -0.82 14.10 -7.59
C ASN J 62 -2.35 14.26 -7.57
N PHE J 63 -3.05 13.29 -8.14
CA PHE J 63 -4.51 13.31 -8.17
C PHE J 63 -5.12 13.29 -6.78
N LEU J 64 -4.61 12.42 -5.92
CA LEU J 64 -5.13 12.30 -4.56
C LEU J 64 -4.94 13.57 -3.75
N SER J 65 -3.75 14.17 -3.84
CA SER J 65 -3.47 15.46 -3.19
C SER J 65 -4.44 16.55 -3.65
N TYR J 66 -4.65 16.64 -4.96
CA TYR J 66 -5.60 17.58 -5.52
C TYR J 66 -7.05 17.26 -5.11
N ALA J 67 -7.41 15.97 -5.11
CA ALA J 67 -8.74 15.54 -4.67
C ALA J 67 -9.01 15.90 -3.20
N ALA J 68 -8.00 15.75 -2.36
CA ALA J 68 -8.10 16.06 -0.92
C ALA J 68 -8.35 17.55 -0.67
N GLU J 69 -7.64 18.38 -1.43
CA GLU J 69 -7.77 19.84 -1.35
C GLU J 69 -9.17 20.29 -1.77
N LEU J 70 -9.72 19.63 -2.79
CA LEU J 70 -11.07 19.93 -3.29
C LEU J 70 -12.17 19.59 -2.28
N ALA J 71 -11.98 18.49 -1.55
CA ALA J 71 -12.93 18.07 -0.52
C ALA J 71 -12.82 18.94 0.73
N GLY J 72 -11.65 19.52 0.94
CA GLY J 72 -11.40 20.40 2.08
C GLY J 72 -10.98 19.66 3.35
N GLU J 73 -10.78 18.35 3.23
CA GLU J 73 -10.34 17.54 4.36
C GLU J 73 -9.45 16.36 3.93
N GLY J 74 -8.66 15.85 4.87
CA GLY J 74 -7.77 14.73 4.63
C GLY J 74 -6.62 15.08 3.69
N ASP J 75 -5.83 14.06 3.36
CA ASP J 75 -4.75 14.20 2.37
C ASP J 75 -4.59 12.91 1.56
N GLU J 76 -3.50 12.82 0.80
CA GLU J 76 -3.19 11.62 0.00
C GLU J 76 -3.10 10.34 0.86
N ASP J 77 -2.72 10.49 2.12
CA ASP J 77 -2.55 9.35 3.03
C ASP J 77 -3.87 8.80 3.54
N THR J 78 -4.79 9.67 3.91
CA THR J 78 -6.12 9.24 4.35
C THR J 78 -6.84 8.56 3.20
N LEU J 79 -6.73 9.16 2.00
CA LEU J 79 -7.36 8.62 0.81
C LEU J 79 -6.77 7.26 0.42
N ALA J 80 -5.44 7.12 0.55
CA ALA J 80 -4.78 5.87 0.19
C ALA J 80 -5.07 4.75 1.19
N PHE J 81 -5.06 5.06 2.48
CA PHE J 81 -5.00 4.02 3.50
C PHE J 81 -6.20 3.89 4.45
N THR J 82 -7.17 4.80 4.36
CA THR J 82 -8.35 4.74 5.25
C THR J 82 -9.69 4.50 4.52
N ARG J 83 -9.64 4.28 3.21
CA ARG J 83 -10.83 3.94 2.44
C ARG J 83 -10.90 2.43 2.19
N ASP J 84 -12.10 1.87 2.21
CA ASP J 84 -12.28 0.48 1.78
C ASP J 84 -12.78 0.40 0.32
N GLU J 85 -12.93 -0.83 -0.18
CA GLU J 85 -13.14 -1.06 -1.62
C GLU J 85 -14.29 -0.30 -2.26
N ARG J 86 -15.41 -0.18 -1.56
CA ARG J 86 -16.57 0.54 -2.11
C ARG J 86 -16.34 2.03 -2.26
N GLN J 87 -15.35 2.54 -1.53
CA GLN J 87 -14.95 3.94 -1.64
C GLN J 87 -13.91 4.15 -2.74
N PHE J 88 -13.26 3.06 -3.16
CA PHE J 88 -12.40 3.07 -4.33
C PHE J 88 -13.23 3.04 -5.61
N SER J 89 -12.76 3.72 -6.64
CA SER J 89 -13.48 3.78 -7.92
C SER J 89 -12.58 3.63 -9.13
N ASN J 90 -11.53 2.84 -8.97
CA ASN J 90 -10.65 2.45 -10.07
C ASN J 90 -11.40 1.63 -11.10
N LEU J 91 -10.86 1.55 -12.30
CA LEU J 91 -11.38 0.70 -13.36
C LEU J 91 -11.06 -0.76 -13.05
N LEU J 92 -11.98 -1.66 -13.37
CA LEU J 92 -11.82 -3.07 -13.04
C LEU J 92 -10.57 -3.69 -13.62
N LEU J 93 -10.08 -3.11 -14.72
CA LEU J 93 -8.90 -3.63 -15.40
C LEU J 93 -7.61 -3.55 -14.55
N VAL J 94 -7.47 -2.49 -13.75
CA VAL J 94 -6.24 -2.30 -12.99
C VAL J 94 -6.13 -3.19 -11.76
N GLU J 95 -7.24 -3.76 -11.28
CA GLU J 95 -7.24 -4.59 -10.08
C GLU J 95 -7.04 -6.08 -10.38
N GLN J 96 -7.03 -6.45 -11.66
CA GLN J 96 -6.87 -7.84 -12.06
C GLN J 96 -5.54 -8.41 -11.59
N PRO J 97 -5.49 -9.71 -11.25
CA PRO J 97 -4.23 -10.20 -10.68
C PRO J 97 -3.08 -10.13 -11.70
N ASN J 98 -1.86 -10.15 -11.21
CA ASN J 98 -0.70 -10.10 -12.09
C ASN J 98 -0.65 -11.30 -13.04
N GLY J 99 -1.02 -12.47 -12.52
CA GLY J 99 -0.90 -13.72 -13.27
C GLY J 99 0.53 -13.89 -13.76
N ASN J 100 0.69 -14.37 -14.99
CA ASN J 100 2.01 -14.49 -15.59
C ASN J 100 2.41 -13.18 -16.26
N PHE J 101 3.65 -13.12 -16.73
CA PHE J 101 4.17 -11.90 -17.34
C PHE J 101 3.32 -11.41 -18.51
N ALA J 102 2.78 -12.34 -19.28
CA ALA J 102 1.90 -11.99 -20.40
C ALA J 102 0.64 -11.24 -19.92
N ASP J 103 -0.02 -11.79 -18.91
CA ASP J 103 -1.20 -11.16 -18.29
C ASP J 103 -0.92 -9.73 -17.85
N THR J 104 0.25 -9.54 -17.24
CA THR J 104 0.70 -8.23 -16.83
C THR J 104 0.87 -7.26 -18.00
N ILE J 105 1.52 -7.73 -19.07
CA ILE J 105 1.74 -6.90 -20.25
C ILE J 105 0.43 -6.48 -20.90
N ALA J 106 -0.47 -7.44 -21.12
CA ALA J 106 -1.78 -7.14 -21.70
C ALA J 106 -2.48 -6.03 -20.92
N ARG J 107 -2.50 -6.17 -19.59
CA ARG J 107 -3.12 -5.20 -18.71
C ARG J 107 -2.41 -3.86 -18.86
N GLN J 108 -1.08 -3.89 -18.86
CA GLN J 108 -0.29 -2.68 -19.02
C GLN J 108 -0.61 -1.98 -20.36
N TYR J 109 -0.56 -2.77 -21.44
CA TYR J 109 -0.81 -2.22 -22.77
C TYR J 109 -2.14 -1.48 -22.86
N PHE J 110 -3.23 -2.17 -22.51
CA PHE J 110 -4.57 -1.61 -22.60
C PHE J 110 -4.64 -0.32 -21.80
N ILE J 111 -4.05 -0.33 -20.62
CA ILE J 111 -4.09 0.83 -19.75
C ILE J 111 -3.22 1.98 -20.26
N ASP J 112 -2.04 1.65 -20.78
CA ASP J 112 -1.12 2.65 -21.32
C ASP J 112 -1.73 3.41 -22.48
N ALA J 113 -2.25 2.65 -23.44
CA ALA J 113 -2.96 3.21 -24.59
C ALA J 113 -4.04 4.18 -24.10
N TRP J 114 -4.81 3.75 -23.10
CA TRP J 114 -5.87 4.58 -22.53
C TRP J 114 -5.29 5.84 -21.88
N HIS J 115 -4.19 5.69 -21.16
CA HIS J 115 -3.52 6.81 -20.49
C HIS J 115 -3.01 7.86 -21.47
N VAL J 116 -2.33 7.41 -22.52
CA VAL J 116 -1.80 8.30 -23.54
C VAL J 116 -2.96 9.08 -24.18
N ALA J 117 -3.96 8.35 -24.68
CA ALA J 117 -5.17 8.96 -25.23
C ALA J 117 -5.77 10.01 -24.28
N LEU J 118 -5.92 9.63 -23.01
CA LEU J 118 -6.59 10.50 -22.04
C LEU J 118 -5.77 11.76 -21.69
N PHE J 119 -4.56 11.56 -21.18
CA PHE J 119 -3.74 12.67 -20.68
C PHE J 119 -3.40 13.68 -21.77
N THR J 120 -3.17 13.19 -22.99
CA THR J 120 -2.97 14.06 -24.15
C THR J 120 -4.04 15.15 -24.17
N ARG J 121 -5.30 14.74 -24.10
CA ARG J 121 -6.40 15.68 -24.13
C ARG J 121 -6.65 16.42 -22.82
N LEU J 122 -6.31 15.78 -21.71
CA LEU J 122 -6.61 16.37 -20.40
C LEU J 122 -5.66 17.52 -19.99
N MET J 123 -4.52 17.64 -20.66
CA MET J 123 -3.59 18.75 -20.37
C MET J 123 -4.11 20.07 -20.95
N GLU J 124 -5.02 19.98 -21.92
CA GLU J 124 -5.73 21.15 -22.45
C GLU J 124 -7.06 21.32 -21.71
N SER J 125 -7.00 21.33 -20.39
CA SER J 125 -8.21 21.40 -19.55
C SER J 125 -8.37 22.76 -18.88
N ARG J 126 -9.61 23.24 -18.83
CA ARG J 126 -9.97 24.52 -18.20
C ARG J 126 -9.68 24.58 -16.69
N ASP J 127 -9.38 23.42 -16.09
CA ASP J 127 -8.87 23.35 -14.72
C ASP J 127 -7.35 23.24 -14.79
N PRO J 128 -6.65 24.29 -14.31
CA PRO J 128 -5.18 24.39 -14.43
C PRO J 128 -4.41 23.29 -13.68
N GLN J 129 -4.92 22.86 -12.53
CA GLN J 129 -4.30 21.76 -11.77
C GLN J 129 -4.36 20.44 -12.53
N LEU J 130 -5.53 20.13 -13.09
CA LEU J 130 -5.69 18.93 -13.92
C LEU J 130 -4.80 19.00 -15.14
N ALA J 131 -4.79 20.17 -15.79
CA ALA J 131 -3.91 20.45 -16.90
C ALA J 131 -2.46 20.17 -16.50
N ALA J 132 -2.04 20.72 -15.36
CA ALA J 132 -0.67 20.55 -14.86
C ALA J 132 -0.30 19.09 -14.59
N ILE J 133 -1.20 18.36 -13.91
CA ILE J 133 -0.97 16.94 -13.56
C ILE J 133 -0.87 16.06 -14.82
N SER J 134 -1.80 16.27 -15.77
CA SER J 134 -1.77 15.54 -17.03
C SER J 134 -0.50 15.80 -17.81
N ALA J 135 0.02 17.03 -17.69
CA ALA J 135 1.24 17.46 -18.37
C ALA J 135 2.47 16.67 -17.94
N LYS J 136 2.66 16.55 -16.63
CA LYS J 136 3.73 15.72 -16.06
C LYS J 136 3.53 14.25 -16.44
N ALA J 137 2.27 13.80 -16.36
CA ALA J 137 1.93 12.39 -16.51
C ALA J 137 2.04 11.84 -17.92
N ILE J 138 1.73 12.66 -18.92
CA ILE J 138 1.75 12.20 -20.32
C ILE J 138 3.14 11.71 -20.76
N LYS J 139 4.17 12.34 -20.19
CA LYS J 139 5.56 12.01 -20.51
C LYS J 139 5.89 10.58 -20.09
N GLU J 140 5.54 10.23 -18.86
CA GLU J 140 5.72 8.88 -18.32
C GLU J 140 4.88 7.88 -19.11
N ALA J 141 3.61 8.22 -19.32
CA ALA J 141 2.69 7.34 -20.04
C ALA J 141 3.25 6.85 -21.37
N ARG J 142 3.91 7.76 -22.09
CA ARG J 142 4.54 7.45 -23.38
C ARG J 142 5.59 6.34 -23.29
N TYR J 143 6.44 6.40 -22.26
CA TYR J 143 7.42 5.35 -21.98
C TYR J 143 6.75 4.01 -21.72
N HIS J 144 5.72 4.02 -20.88
CA HIS J 144 4.99 2.81 -20.52
C HIS J 144 4.44 2.16 -21.77
N LEU J 145 3.81 2.99 -22.61
CA LEU J 145 3.22 2.51 -23.86
C LEU J 145 4.28 1.88 -24.75
N ARG J 146 5.45 2.53 -24.81
CA ARG J 146 6.58 2.02 -25.57
C ARG J 146 7.00 0.66 -25.02
N PHE J 147 7.08 0.58 -23.68
CA PHE J 147 7.50 -0.64 -23.00
C PHE J 147 6.52 -1.81 -23.15
N SER J 148 5.24 -1.53 -22.94
CA SER J 148 4.22 -2.57 -22.98
C SER J 148 3.92 -2.99 -24.42
N ARG J 149 3.91 -2.03 -25.33
CA ARG J 149 3.73 -2.32 -26.76
C ARG J 149 4.87 -3.20 -27.27
N GLY J 150 6.09 -2.82 -26.90
CA GLY J 150 7.31 -3.59 -27.22
C GLY J 150 7.24 -5.03 -26.76
N TRP J 151 6.83 -5.24 -25.50
CA TRP J 151 6.75 -6.60 -24.97
C TRP J 151 5.57 -7.37 -25.52
N LEU J 152 4.52 -6.66 -25.89
CA LEU J 152 3.42 -7.30 -26.61
C LEU J 152 3.92 -7.96 -27.90
N GLU J 153 4.68 -7.19 -28.69
CA GLU J 153 5.31 -7.70 -29.92
C GLU J 153 6.29 -8.84 -29.65
N ARG J 154 7.31 -8.59 -28.82
CA ARG J 154 8.28 -9.62 -28.47
C ARG J 154 7.63 -10.97 -28.11
N LEU J 155 6.51 -10.92 -27.40
CA LEU J 155 5.87 -12.14 -26.89
C LEU J 155 5.03 -12.90 -27.92
N GLY J 156 4.24 -12.16 -28.70
CA GLY J 156 3.42 -12.76 -29.76
C GLY J 156 4.21 -13.22 -30.98
N ASN J 157 5.32 -12.53 -31.24
CA ASN J 157 6.25 -12.86 -32.32
C ASN J 157 7.34 -13.85 -31.89
N GLY J 158 7.34 -14.20 -30.61
CA GLY J 158 8.35 -15.09 -30.05
C GLY J 158 8.04 -16.54 -30.34
N THR J 159 8.21 -17.37 -29.32
CA THR J 159 7.94 -18.81 -29.44
C THR J 159 6.43 -19.08 -29.54
N ASP J 160 6.05 -20.35 -29.63
CA ASP J 160 4.64 -20.73 -29.67
C ASP J 160 4.00 -20.67 -28.28
N VAL J 161 4.75 -21.11 -27.27
CA VAL J 161 4.33 -21.05 -25.87
C VAL J 161 3.91 -19.63 -25.50
N SER J 162 4.82 -18.68 -25.69
CA SER J 162 4.57 -17.29 -25.33
C SER J 162 3.47 -16.62 -26.15
N GLY J 163 3.39 -16.95 -27.44
CA GLY J 163 2.35 -16.43 -28.32
C GLY J 163 0.96 -16.92 -27.95
N GLN J 164 0.90 -18.12 -27.39
CA GLN J 164 -0.36 -18.69 -26.91
C GLN J 164 -0.77 -18.00 -25.60
N LYS J 165 0.19 -17.91 -24.67
CA LYS J 165 0.02 -17.24 -23.39
C LYS J 165 -0.41 -15.79 -23.56
N MET J 166 0.16 -15.12 -24.57
CA MET J 166 -0.13 -13.72 -24.83
C MET J 166 -1.54 -13.53 -25.41
N GLN J 167 -1.96 -14.44 -26.30
CA GLN J 167 -3.32 -14.44 -26.82
C GLN J 167 -4.31 -14.63 -25.66
N GLN J 168 -4.07 -15.66 -24.84
CA GLN J 168 -4.88 -15.97 -23.66
C GLN J 168 -5.07 -14.76 -22.73
N ALA J 169 -3.97 -14.04 -22.48
CA ALA J 169 -3.99 -12.85 -21.65
C ALA J 169 -4.94 -11.80 -22.21
N ILE J 170 -4.86 -11.56 -23.52
CA ILE J 170 -5.73 -10.59 -24.19
C ILE J 170 -7.19 -11.02 -24.09
N ASN J 171 -7.43 -12.31 -24.24
CA ASN J 171 -8.79 -12.85 -24.16
C ASN J 171 -9.36 -12.69 -22.75
N LYS J 172 -8.61 -13.19 -21.78
CA LYS J 172 -8.88 -13.07 -20.35
C LYS J 172 -9.33 -11.67 -19.95
N LEU J 173 -8.66 -10.66 -20.51
CA LEU J 173 -8.79 -9.28 -20.04
C LEU J 173 -9.67 -8.39 -20.90
N TRP J 174 -10.14 -8.92 -22.02
CA TRP J 174 -10.92 -8.10 -22.96
C TRP J 174 -12.21 -7.54 -22.37
N ARG J 175 -12.84 -8.35 -21.51
CA ARG J 175 -14.12 -7.95 -20.89
C ARG J 175 -14.06 -6.68 -20.03
N PHE J 176 -12.85 -6.25 -19.66
CA PHE J 176 -12.67 -5.03 -18.85
C PHE J 176 -12.38 -3.79 -19.69
N THR J 177 -12.33 -3.95 -21.02
CA THR J 177 -11.95 -2.84 -21.90
C THR J 177 -13.09 -1.84 -22.22
N ALA J 178 -14.33 -2.34 -22.26
CA ALA J 178 -15.48 -1.48 -22.56
C ALA J 178 -15.67 -0.39 -21.51
N GLU J 179 -15.28 -0.69 -20.27
CA GLU J 179 -15.43 0.28 -19.17
C GLU J 179 -14.61 1.55 -19.42
N LEU J 180 -13.54 1.41 -20.21
CA LEU J 180 -12.65 2.53 -20.53
C LEU J 180 -13.38 3.69 -21.21
N PHE J 181 -14.48 3.38 -21.90
CA PHE J 181 -15.18 4.36 -22.73
C PHE J 181 -16.60 4.64 -22.23
N ASP J 182 -16.94 3.96 -21.14
CA ASP J 182 -18.20 4.18 -20.45
C ASP J 182 -18.20 5.60 -19.86
N ALA J 183 -19.31 6.30 -20.02
CA ALA J 183 -19.43 7.67 -19.53
C ALA J 183 -20.67 7.83 -18.65
N ASP J 184 -20.48 8.38 -17.46
CA ASP J 184 -21.59 8.62 -16.53
C ASP J 184 -21.89 10.11 -16.37
N GLU J 185 -22.90 10.43 -15.56
CA GLU J 185 -23.34 11.82 -15.36
C GLU J 185 -22.23 12.77 -14.88
N ILE J 186 -21.28 12.23 -14.10
CA ILE J 186 -20.08 12.97 -13.68
C ILE J 186 -19.20 13.31 -14.88
N ASP J 187 -18.92 12.31 -15.71
CA ASP J 187 -18.10 12.49 -16.93
C ASP J 187 -18.70 13.55 -17.84
N ILE J 188 -19.97 13.35 -18.19
CA ILE J 188 -20.69 14.24 -19.12
C ILE J 188 -20.74 15.70 -18.63
N ALA J 189 -21.19 15.90 -17.39
CA ALA J 189 -21.30 17.24 -16.79
C ALA J 189 -19.99 18.04 -16.84
N LEU J 190 -18.89 17.42 -16.42
CA LEU J 190 -17.58 18.07 -16.42
C LEU J 190 -16.97 18.18 -17.83
N SER J 191 -17.40 17.29 -18.73
CA SER J 191 -16.98 17.33 -20.13
C SER J 191 -17.55 18.56 -20.86
N GLU J 192 -18.83 18.86 -20.60
CA GLU J 192 -19.52 20.03 -21.17
C GLU J 192 -18.97 21.37 -20.65
N GLU J 193 -18.44 21.35 -19.42
CA GLU J 193 -17.81 22.53 -18.85
C GLU J 193 -16.36 22.66 -19.31
N GLY J 194 -15.92 21.69 -20.13
CA GLY J 194 -14.55 21.67 -20.69
C GLY J 194 -13.45 21.31 -19.69
N ILE J 195 -13.84 20.75 -18.55
CA ILE J 195 -12.89 20.40 -17.48
C ILE J 195 -12.38 18.96 -17.62
N ALA J 196 -13.26 18.07 -18.03
CA ALA J 196 -12.95 16.65 -18.17
C ALA J 196 -13.02 16.17 -19.62
N VAL J 197 -12.41 15.02 -19.87
CA VAL J 197 -12.52 14.34 -21.15
C VAL J 197 -13.67 13.34 -21.05
N ASP J 198 -14.56 13.39 -22.05
CA ASP J 198 -15.60 12.39 -22.22
C ASP J 198 -14.94 11.09 -22.72
N PRO J 199 -14.99 10.01 -21.89
CA PRO J 199 -14.31 8.75 -22.22
C PRO J 199 -14.77 8.11 -23.53
N ARG J 200 -16.01 8.36 -23.93
CA ARG J 200 -16.57 7.80 -25.16
C ARG J 200 -15.81 8.31 -26.38
N THR J 201 -15.28 9.53 -26.25
CA THR J 201 -14.51 10.15 -27.33
C THR J 201 -13.09 9.56 -27.44
N LEU J 202 -12.64 8.88 -26.38
CA LEU J 202 -11.32 8.25 -26.36
C LEU J 202 -11.26 6.92 -27.11
N ARG J 203 -12.43 6.41 -27.52
CA ARG J 203 -12.53 5.10 -28.14
C ARG J 203 -11.68 4.98 -29.41
N ALA J 204 -11.85 5.95 -30.31
CA ALA J 204 -11.16 5.93 -31.60
C ALA J 204 -9.63 5.86 -31.47
N ALA J 205 -9.06 6.80 -30.71
CA ALA J 205 -7.62 6.83 -30.43
C ALA J 205 -7.09 5.53 -29.78
N TRP J 206 -7.86 4.98 -28.84
CA TRP J 206 -7.48 3.74 -28.15
C TRP J 206 -7.51 2.56 -29.12
N GLU J 207 -8.58 2.46 -29.90
CA GLU J 207 -8.73 1.37 -30.85
C GLU J 207 -7.72 1.46 -32.00
N ALA J 208 -7.40 2.69 -32.39
CA ALA J 208 -6.37 2.93 -33.41
C ALA J 208 -5.04 2.31 -32.96
N GLU J 209 -4.71 2.55 -31.69
CA GLU J 209 -3.45 2.09 -31.11
C GLU J 209 -3.44 0.58 -30.80
N VAL J 210 -4.49 0.11 -30.13
CA VAL J 210 -4.51 -1.26 -29.60
C VAL J 210 -4.69 -2.30 -30.70
N PHE J 211 -5.65 -2.05 -31.58
CA PHE J 211 -5.89 -2.91 -32.74
C PHE J 211 -4.60 -3.05 -33.55
N ALA J 212 -3.93 -1.93 -33.81
CA ALA J 212 -2.65 -1.95 -34.52
C ALA J 212 -1.59 -2.79 -33.78
N GLY J 213 -1.51 -2.60 -32.46
CA GLY J 213 -0.54 -3.32 -31.62
C GLY J 213 -0.75 -4.82 -31.61
N ILE J 214 -1.99 -5.24 -31.35
CA ILE J 214 -2.33 -6.66 -31.30
C ILE J 214 -2.00 -7.32 -32.63
N ASN J 215 -2.38 -6.63 -33.71
CA ASN J 215 -2.07 -7.01 -35.09
C ASN J 215 -0.58 -7.23 -35.37
N GLU J 216 0.22 -6.22 -35.03
CA GLU J 216 1.66 -6.28 -35.27
C GLU J 216 2.32 -7.44 -34.53
N ALA J 217 1.78 -7.77 -33.36
CA ALA J 217 2.26 -8.90 -32.56
C ALA J 217 1.80 -10.25 -33.15
N THR J 218 1.11 -10.18 -34.29
CA THR J 218 0.55 -11.34 -34.99
C THR J 218 -0.48 -12.09 -34.14
N LEU J 219 -1.44 -11.34 -33.59
CA LEU J 219 -2.48 -11.93 -32.76
C LEU J 219 -3.86 -11.40 -33.13
N ASN J 220 -4.89 -12.00 -32.53
CA ASN J 220 -6.28 -11.69 -32.87
C ASN J 220 -7.00 -10.80 -31.85
N VAL J 221 -7.47 -9.65 -32.29
CA VAL J 221 -8.31 -8.81 -31.48
C VAL J 221 -9.52 -9.64 -31.24
N PRO J 222 -9.83 -9.92 -30.00
CA PRO J 222 -11.00 -10.74 -29.70
C PRO J 222 -12.24 -9.93 -30.02
N GLN J 223 -13.38 -10.56 -30.26
CA GLN J 223 -14.57 -9.80 -30.58
C GLN J 223 -15.86 -10.55 -30.22
N GLU J 224 -16.68 -10.00 -29.33
CA GLU J 224 -16.40 -8.83 -28.50
C GLU J 224 -17.33 -9.00 -27.33
N GLN J 225 -17.26 -10.14 -26.71
CA GLN J 225 -18.28 -10.68 -25.83
C GLN J 225 -18.87 -9.76 -24.77
N ALA J 226 -19.17 -10.38 -23.64
CA ALA J 226 -19.79 -9.76 -22.48
C ALA J 226 -18.79 -8.95 -21.71
N TYR J 227 -19.21 -7.76 -21.32
CA TYR J 227 -18.34 -6.79 -20.71
C TYR J 227 -18.67 -6.55 -19.26
N ARG J 228 -17.64 -6.39 -18.47
CA ARG J 228 -17.70 -6.11 -17.03
C ARG J 228 -17.43 -4.63 -16.77
N THR J 229 -18.41 -3.93 -16.20
CA THR J 229 -18.19 -2.58 -15.67
C THR J 229 -18.54 -2.55 -14.18
N GLY J 230 -18.47 -1.36 -13.58
CA GLY J 230 -18.87 -1.18 -12.18
C GLY J 230 -17.83 -0.55 -11.28
N GLY J 231 -16.55 -0.66 -11.67
CA GLY J 231 -15.45 -0.09 -10.89
C GLY J 231 -15.63 1.36 -10.46
N LYS J 232 -16.02 2.20 -11.42
CA LYS J 232 -16.27 3.62 -11.18
C LYS J 232 -17.46 3.88 -10.25
N LYS J 233 -18.29 2.86 -10.08
CA LYS J 233 -19.47 2.95 -9.21
C LYS J 233 -19.19 2.40 -7.80
N GLY J 234 -17.99 1.86 -7.60
CA GLY J 234 -17.61 1.28 -6.31
C GLY J 234 -17.87 -0.21 -6.23
N LEU J 235 -18.06 -0.85 -7.38
CA LEU J 235 -18.33 -2.28 -7.45
C LEU J 235 -17.13 -2.98 -8.04
N HIS J 236 -16.58 -3.94 -7.32
CA HIS J 236 -15.32 -4.53 -7.74
C HIS J 236 -15.36 -6.05 -7.87
N THR J 237 -14.31 -6.62 -8.41
CA THR J 237 -14.17 -8.05 -8.50
C THR J 237 -13.67 -8.59 -7.16
N GLU J 238 -13.49 -9.90 -7.09
CA GLU J 238 -12.91 -10.58 -5.94
C GLU J 238 -11.56 -10.01 -5.50
N HIS J 239 -10.91 -9.27 -6.39
CA HIS J 239 -9.46 -9.02 -6.29
C HIS J 239 -9.04 -7.76 -5.54
N LEU J 240 -9.86 -6.72 -5.56
CA LEU J 240 -9.51 -5.48 -4.90
C LEU J 240 -9.41 -5.61 -3.40
N GLY J 241 -10.43 -6.20 -2.78
CA GLY J 241 -10.49 -6.43 -1.33
C GLY J 241 -9.17 -6.81 -0.71
N PRO J 242 -8.64 -8.00 -1.06
CA PRO J 242 -7.35 -8.51 -0.54
C PRO J 242 -6.16 -7.58 -0.76
N MET J 243 -6.17 -6.83 -1.86
CA MET J 243 -5.11 -5.85 -2.15
C MET J 243 -5.08 -4.75 -1.11
N LEU J 244 -6.23 -4.13 -0.88
CA LEU J 244 -6.38 -3.06 0.09
C LEU J 244 -6.05 -3.53 1.50
N ALA J 245 -6.47 -4.75 1.84
CA ALA J 245 -6.13 -5.38 3.10
C ALA J 245 -4.61 -5.38 3.33
N GLU J 246 -3.85 -5.93 2.38
CA GLU J 246 -2.39 -6.00 2.49
C GLU J 246 -1.68 -4.66 2.30
N MET J 247 -2.30 -3.76 1.57
CA MET J 247 -1.63 -2.55 1.25
C MET J 247 -1.90 -1.65 2.39
N GLN J 248 -2.91 -1.98 3.15
CA GLN J 248 -3.32 -1.08 4.19
C GLN J 248 -2.54 -1.27 5.45
N TYR J 249 -2.14 -2.48 5.76
CA TYR J 249 -1.13 -2.59 6.78
C TYR J 249 0.00 -1.80 6.15
N THR K 16 52.61 62.48 0.42
CA THR K 16 52.88 61.58 1.58
C THR K 16 53.32 62.39 2.80
N ALA K 17 54.26 63.31 2.57
CA ALA K 17 54.83 64.15 3.63
C ALA K 17 53.76 65.04 4.28
N TYR K 18 52.84 65.57 3.47
CA TYR K 18 51.75 66.42 3.96
C TYR K 18 50.81 65.66 4.89
N THR K 19 50.46 64.44 4.49
CA THR K 19 49.52 63.60 5.25
C THR K 19 50.15 63.22 6.58
N LEU K 20 51.44 62.88 6.53
CA LEU K 20 52.18 62.44 7.72
C LEU K 20 52.22 63.49 8.82
N ARG K 21 52.47 64.75 8.46
CA ARG K 21 52.53 65.86 9.44
C ARG K 21 51.23 66.00 10.21
N LEU K 22 50.11 65.98 9.49
CA LEU K 22 48.80 66.17 10.10
C LEU K 22 48.48 65.05 11.08
N GLY K 23 48.86 63.82 10.72
CA GLY K 23 48.80 62.70 11.66
C GLY K 23 49.68 62.95 12.89
N ASP K 24 50.91 63.41 12.63
CA ASP K 24 51.86 63.70 13.71
C ASP K 24 51.33 64.70 14.73
N ASN K 25 50.75 65.80 14.24
CA ASN K 25 50.12 66.77 15.12
C ASN K 25 49.13 66.10 16.07
N CYS K 26 48.20 65.36 15.48
CA CYS K 26 47.12 64.68 16.22
C CYS K 26 47.66 63.62 17.17
N LEU K 27 48.63 62.83 16.69
CA LEU K 27 49.20 61.77 17.49
C LEU K 27 49.90 62.30 18.76
N VAL K 28 50.78 63.27 18.57
CA VAL K 28 51.54 63.85 19.68
C VAL K 28 50.60 64.48 20.71
N LEU K 29 49.61 65.23 20.23
CA LEU K 29 48.68 65.87 21.13
C LEU K 29 47.84 64.85 21.89
N SER K 30 47.45 63.79 21.18
CA SER K 30 46.67 62.71 21.82
C SER K 30 47.45 62.06 22.96
N GLN K 31 48.76 61.87 22.74
CA GLN K 31 49.64 61.35 23.79
C GLN K 31 49.71 62.27 25.00
N ARG K 32 49.82 63.57 24.73
CA ARG K 32 49.88 64.58 25.78
C ARG K 32 48.63 64.57 26.65
N LEU K 33 47.45 64.55 26.01
CA LEU K 33 46.20 64.54 26.77
C LEU K 33 46.03 63.24 27.54
N GLY K 34 46.51 62.14 26.95
CA GLY K 34 46.57 60.84 27.64
C GLY K 34 47.26 60.89 28.99
N GLU K 35 48.31 61.71 29.11
CA GLU K 35 49.06 61.83 30.38
C GLU K 35 48.23 62.42 31.52
N TRP K 36 47.08 62.99 31.23
CA TRP K 36 46.32 63.63 32.30
C TRP K 36 45.48 62.67 33.11
N CYS K 37 45.23 61.50 32.57
CA CYS K 37 44.37 60.53 33.20
C CYS K 37 44.41 60.56 34.71
N GLY K 38 43.25 60.72 35.32
CA GLY K 38 43.16 60.54 36.73
C GLY K 38 43.31 61.79 37.54
N HIS K 39 44.30 62.58 37.22
CA HIS K 39 44.55 63.76 38.02
C HIS K 39 44.19 65.09 37.38
N ALA K 40 43.17 65.13 36.54
CA ALA K 40 42.56 66.38 36.12
C ALA K 40 41.91 67.02 37.36
N PRO K 41 41.70 68.36 37.35
CA PRO K 41 41.10 69.05 38.51
C PRO K 41 39.68 68.61 38.87
N GLU K 42 38.96 68.06 37.89
CA GLU K 42 37.59 67.56 38.09
C GLU K 42 37.36 66.32 37.26
N LEU K 43 36.34 65.56 37.65
CA LEU K 43 35.93 64.38 36.88
C LEU K 43 35.49 64.74 35.47
N GLU K 44 34.63 65.77 35.35
CA GLU K 44 34.17 66.26 34.04
C GLU K 44 35.33 66.41 33.10
N ILE K 45 36.30 67.19 33.57
CA ILE K 45 37.48 67.55 32.81
C ILE K 45 38.28 66.31 32.43
N ASP K 46 38.44 65.41 33.37
CA ASP K 46 39.15 64.18 33.12
C ASP K 46 38.54 63.46 31.95
N LEU K 47 37.25 63.24 32.00
CA LEU K 47 36.56 62.48 30.95
C LEU K 47 36.60 63.21 29.60
N ALA K 48 36.47 64.53 29.65
CA ALA K 48 36.45 65.35 28.45
C ALA K 48 37.82 65.31 27.74
N LEU K 49 38.89 65.46 28.52
CA LEU K 49 40.26 65.41 28.00
C LEU K 49 40.61 64.05 27.40
N ALA K 50 40.25 62.99 28.10
CA ALA K 50 40.40 61.63 27.57
C ALA K 50 39.69 61.52 26.22
N ASN K 51 38.46 62.02 26.17
CA ASN K 51 37.64 61.94 24.98
C ASN K 51 38.23 62.71 23.79
N ILE K 52 38.71 63.93 24.03
CA ILE K 52 39.44 64.71 23.00
C ILE K 52 40.69 63.96 22.53
N GLY K 53 41.43 63.38 23.49
CA GLY K 53 42.60 62.56 23.17
C GLY K 53 42.24 61.46 22.19
N LEU K 54 41.19 60.72 22.52
CA LEU K 54 40.71 59.67 21.65
C LEU K 54 40.26 60.16 20.28
N ASP K 55 39.61 61.31 20.21
CA ASP K 55 39.27 61.89 18.90
C ASP K 55 40.52 62.07 18.04
N LEU K 56 41.54 62.70 18.63
CA LEU K 56 42.79 62.99 17.94
C LEU K 56 43.55 61.71 17.55
N LEU K 57 43.49 60.70 18.43
CA LEU K 57 44.07 59.40 18.13
C LEU K 57 43.47 58.85 16.86
N GLY K 58 42.13 58.78 16.83
CA GLY K 58 41.39 58.33 15.64
C GLY K 58 41.78 59.11 14.41
N GLN K 59 41.83 60.44 14.51
CA GLN K 59 42.26 61.30 13.41
C GLN K 59 43.66 60.90 12.93
N ALA K 60 44.56 60.69 13.88
CA ALA K 60 45.95 60.34 13.58
C ALA K 60 46.01 59.03 12.83
N ARG K 61 45.27 58.04 13.34
CA ARG K 61 45.17 56.74 12.67
C ARG K 61 44.74 56.87 11.21
N ASN K 62 43.80 57.78 10.94
CA ASN K 62 43.35 58.02 9.57
C ASN K 62 44.46 58.55 8.64
N PHE K 63 45.12 59.62 9.08
CA PHE K 63 46.21 60.21 8.30
C PHE K 63 47.39 59.24 8.13
N LEU K 64 47.76 58.58 9.22
CA LEU K 64 48.88 57.63 9.18
C LEU K 64 48.61 56.44 8.25
N SER K 65 47.41 55.85 8.36
CA SER K 65 46.98 54.78 7.45
C SER K 65 47.07 55.20 6.00
N TYR K 66 46.56 56.39 5.69
CA TYR K 66 46.63 56.92 4.33
C TYR K 66 48.07 57.24 3.89
N ALA K 67 48.88 57.76 4.81
CA ALA K 67 50.28 58.06 4.54
C ALA K 67 51.07 56.80 4.22
N ALA K 68 50.78 55.73 4.96
CA ALA K 68 51.43 54.42 4.76
C ALA K 68 51.13 53.84 3.37
N GLU K 69 49.86 53.93 2.96
CA GLU K 69 49.40 53.43 1.67
C GLU K 69 50.06 54.19 0.52
N LEU K 70 50.27 55.49 0.72
CA LEU K 70 50.92 56.33 -0.29
C LEU K 70 52.40 55.98 -0.48
N ALA K 71 53.08 55.64 0.61
CA ALA K 71 54.50 55.27 0.58
C ALA K 71 54.67 53.86 0.00
N GLY K 72 53.64 53.04 0.16
CA GLY K 72 53.65 51.68 -0.36
C GLY K 72 54.25 50.67 0.59
N GLU K 73 54.61 51.12 1.79
CA GLU K 73 55.16 50.23 2.82
C GLU K 73 54.75 50.63 4.23
N GLY K 74 54.80 49.67 5.15
CA GLY K 74 54.43 49.87 6.55
C GLY K 74 52.96 50.16 6.76
N ASP K 75 52.60 50.47 8.00
CA ASP K 75 51.24 50.87 8.35
C ASP K 75 51.24 51.94 9.45
N GLU K 76 50.07 52.20 10.04
CA GLU K 76 49.92 53.14 11.14
C GLU K 76 50.80 52.78 12.36
N ASP K 77 51.08 51.49 12.54
CA ASP K 77 51.87 51.03 13.68
C ASP K 77 53.37 51.27 13.53
N THR K 78 53.90 51.02 12.33
CA THR K 78 55.30 51.28 12.06
C THR K 78 55.58 52.78 12.15
N LEU K 79 54.65 53.57 11.61
CA LEU K 79 54.77 55.02 11.65
C LEU K 79 54.67 55.57 13.08
N ALA K 80 53.79 55.00 13.88
CA ALA K 80 53.62 55.45 15.27
C ALA K 80 54.78 55.07 16.17
N PHE K 81 55.29 53.85 16.02
CA PHE K 81 56.19 53.26 17.03
C PHE K 81 57.63 52.96 16.61
N THR K 82 57.96 53.11 15.33
CA THR K 82 59.32 52.81 14.85
C THR K 82 60.11 54.01 14.30
N ARG K 83 59.51 55.20 14.40
CA ARG K 83 60.16 56.44 14.00
C ARG K 83 60.71 57.17 15.24
N ASP K 84 61.87 57.82 15.09
CA ASP K 84 62.35 58.70 16.15
C ASP K 84 62.05 60.17 15.82
N GLU K 85 62.44 61.06 16.73
CA GLU K 85 61.99 62.46 16.70
C GLU K 85 62.24 63.20 15.40
N ARG K 86 63.38 62.96 14.78
CA ARG K 86 63.72 63.66 13.54
C ARG K 86 62.84 63.22 12.37
N GLN K 87 62.21 62.06 12.53
CA GLN K 87 61.29 61.55 11.52
C GLN K 87 59.86 62.04 11.78
N PHE K 88 59.62 62.54 12.99
CA PHE K 88 58.37 63.21 13.33
C PHE K 88 58.38 64.64 12.82
N SER K 89 57.23 65.11 12.37
CA SER K 89 57.13 66.46 11.83
C SER K 89 55.89 67.22 12.33
N ASN K 90 55.51 66.92 13.56
CA ASN K 90 54.47 67.66 14.24
C ASN K 90 54.88 69.11 14.47
N LEU K 91 53.89 69.99 14.65
CA LEU K 91 54.13 71.38 15.04
C LEU K 91 54.63 71.43 16.48
N LEU K 92 55.54 72.35 16.76
CA LEU K 92 56.18 72.48 18.07
C LEU K 92 55.18 72.70 19.19
N LEU K 93 54.04 73.31 18.86
CA LEU K 93 53.00 73.59 19.84
C LEU K 93 52.42 72.34 20.51
N VAL K 94 52.27 71.26 19.75
CA VAL K 94 51.60 70.05 20.28
C VAL K 94 52.48 69.21 21.21
N GLU K 95 53.81 69.44 21.18
CA GLU K 95 54.75 68.64 22.01
C GLU K 95 55.07 69.31 23.34
N GLN K 96 54.60 70.54 23.53
CA GLN K 96 54.84 71.28 24.77
C GLN K 96 54.29 70.52 25.97
N PRO K 97 54.95 70.62 27.14
CA PRO K 97 54.45 69.83 28.28
C PRO K 97 53.06 70.27 28.72
N ASN K 98 52.32 69.36 29.36
CA ASN K 98 51.00 69.68 29.88
C ASN K 98 51.03 70.88 30.82
N GLY K 99 52.04 70.93 31.69
CA GLY K 99 52.09 71.96 32.75
C GLY K 99 50.80 71.89 33.57
N ASN K 100 50.29 73.06 33.96
CA ASN K 100 49.02 73.09 34.68
C ASN K 100 47.84 73.13 33.70
N PHE K 101 46.64 72.99 34.26
CA PHE K 101 45.43 72.91 33.44
C PHE K 101 45.31 74.07 32.46
N ALA K 102 45.70 75.27 32.91
CA ALA K 102 45.67 76.46 32.07
C ALA K 102 46.56 76.30 30.83
N ASP K 103 47.80 75.85 31.05
CA ASP K 103 48.76 75.58 29.96
C ASP K 103 48.17 74.63 28.93
N THR K 104 47.50 73.59 29.44
CA THR K 104 46.80 72.61 28.59
C THR K 104 45.71 73.26 27.76
N ILE K 105 44.88 74.08 28.40
CA ILE K 105 43.79 74.76 27.71
C ILE K 105 44.27 75.70 26.60
N ALA K 106 45.26 76.53 26.92
CA ALA K 106 45.85 77.43 25.93
C ALA K 106 46.32 76.66 24.72
N ARG K 107 47.07 75.57 24.96
CA ARG K 107 47.57 74.73 23.88
C ARG K 107 46.41 74.16 23.09
N GLN K 108 45.39 73.67 23.81
CA GLN K 108 44.21 73.10 23.16
C GLN K 108 43.50 74.14 22.29
N TYR K 109 43.24 75.32 22.86
CA TYR K 109 42.56 76.39 22.14
C TYR K 109 43.25 76.77 20.84
N PHE K 110 44.56 77.06 20.91
CA PHE K 110 45.29 77.49 19.71
C PHE K 110 45.21 76.44 18.62
N ILE K 111 45.36 75.18 19.03
CA ILE K 111 45.32 74.06 18.11
C ILE K 111 43.92 73.81 17.53
N ASP K 112 42.90 73.88 18.38
CA ASP K 112 41.51 73.69 17.96
C ASP K 112 41.08 74.69 16.91
N ALA K 113 41.36 75.96 17.19
CA ALA K 113 41.12 77.04 16.25
C ALA K 113 41.78 76.75 14.91
N TRP K 114 43.02 76.28 14.97
CA TRP K 114 43.76 75.94 13.77
C TRP K 114 43.12 74.75 13.04
N HIS K 115 42.66 73.76 13.80
CA HIS K 115 42.05 72.56 13.26
C HIS K 115 40.73 72.87 12.54
N VAL K 116 39.89 73.67 13.18
CA VAL K 116 38.62 74.07 12.60
C VAL K 116 38.87 74.83 11.28
N ALA K 117 39.72 75.86 11.33
CA ALA K 117 40.11 76.61 10.15
C ALA K 117 40.61 75.70 9.02
N LEU K 118 41.51 74.77 9.37
CA LEU K 118 42.12 73.89 8.37
C LEU K 118 41.16 72.85 7.78
N PHE K 119 40.57 72.01 8.62
CA PHE K 119 39.71 70.91 8.13
C PHE K 119 38.50 71.40 7.35
N THR K 120 37.92 72.52 7.76
CA THR K 120 36.83 73.16 7.01
C THR K 120 37.20 73.26 5.53
N ARG K 121 38.39 73.79 5.26
CA ARG K 121 38.82 73.96 3.88
C ARG K 121 39.36 72.69 3.24
N LEU K 122 39.89 71.79 4.06
CA LEU K 122 40.53 70.59 3.52
C LEU K 122 39.55 69.50 3.08
N MET K 123 38.29 69.61 3.49
CA MET K 123 37.26 68.65 3.05
C MET K 123 36.82 68.93 1.61
N GLU K 124 37.09 70.15 1.12
CA GLU K 124 36.89 70.49 -0.28
C GLU K 124 38.21 70.32 -1.04
N SER K 125 38.81 69.14 -0.92
CA SER K 125 40.12 68.85 -1.52
C SER K 125 40.01 67.90 -2.70
N ARG K 126 40.80 68.17 -3.74
CA ARG K 126 40.86 67.36 -4.96
C ARG K 126 41.33 65.91 -4.71
N ASP K 127 41.90 65.66 -3.52
CA ASP K 127 42.19 64.30 -3.08
C ASP K 127 41.04 63.80 -2.23
N PRO K 128 40.29 62.78 -2.72
CA PRO K 128 39.09 62.29 -2.04
C PRO K 128 39.34 61.71 -0.65
N GLN K 129 40.48 61.05 -0.43
CA GLN K 129 40.81 60.49 0.88
C GLN K 129 41.04 61.59 1.91
N LEU K 130 41.76 62.64 1.52
CA LEU K 130 41.99 63.80 2.38
C LEU K 130 40.68 64.49 2.68
N ALA K 131 39.87 64.68 1.63
CA ALA K 131 38.51 65.21 1.75
C ALA K 131 37.71 64.40 2.77
N ALA K 132 37.72 63.08 2.62
CA ALA K 132 37.00 62.17 3.50
C ALA K 132 37.45 62.27 4.96
N ILE K 133 38.77 62.28 5.17
CA ILE K 133 39.36 62.34 6.53
C ILE K 133 39.04 63.66 7.24
N SER K 134 39.20 64.78 6.52
CA SER K 134 38.85 66.10 7.03
C SER K 134 37.37 66.19 7.40
N ALA K 135 36.53 65.51 6.62
CA ALA K 135 35.08 65.50 6.81
C ALA K 135 34.67 64.90 8.15
N LYS K 136 35.26 63.74 8.49
CA LYS K 136 35.04 63.10 9.78
C LYS K 136 35.64 63.94 10.91
N ALA K 137 36.80 64.53 10.63
CA ALA K 137 37.59 65.24 11.63
C ALA K 137 37.02 66.59 12.07
N ILE K 138 36.45 67.33 11.12
CA ILE K 138 35.90 68.67 11.40
C ILE K 138 34.80 68.66 12.48
N LYS K 139 34.04 67.57 12.52
CA LYS K 139 32.97 67.40 13.49
C LYS K 139 33.49 67.35 14.91
N GLU K 140 34.52 66.55 15.13
CA GLU K 140 35.19 66.46 16.43
C GLU K 140 35.87 67.78 16.79
N ALA K 141 36.58 68.36 15.83
CA ALA K 141 37.30 69.61 16.03
C ALA K 141 36.42 70.71 16.62
N ARG K 142 35.19 70.80 16.13
CA ARG K 142 34.19 71.76 16.61
C ARG K 142 33.89 71.63 18.10
N TYR K 143 33.76 70.40 18.56
CA TYR K 143 33.55 70.12 19.99
C TYR K 143 34.75 70.55 20.83
N HIS K 144 35.95 70.21 20.36
CA HIS K 144 37.17 70.59 21.05
C HIS K 144 37.24 72.10 21.19
N LEU K 145 36.99 72.80 20.08
CA LEU K 145 37.00 74.26 20.07
C LEU K 145 36.02 74.83 21.08
N ARG K 146 34.81 74.26 21.11
CA ARG K 146 33.79 74.65 22.08
C ARG K 146 34.29 74.41 23.51
N PHE K 147 34.93 73.27 23.73
CA PHE K 147 35.44 72.91 25.06
C PHE K 147 36.61 73.78 25.53
N SER K 148 37.58 74.01 24.65
CA SER K 148 38.77 74.78 25.01
C SER K 148 38.48 76.27 25.09
N ARG K 149 37.62 76.76 24.19
CA ARG K 149 37.18 78.16 24.20
C ARG K 149 36.43 78.45 25.49
N GLY K 150 35.53 77.52 25.85
CA GLY K 150 34.75 77.60 27.08
C GLY K 150 35.60 77.68 28.33
N TRP K 151 36.64 76.84 28.41
CA TRP K 151 37.52 76.84 29.57
C TRP K 151 38.46 78.02 29.59
N LEU K 152 38.82 78.52 28.41
CA LEU K 152 39.56 79.77 28.32
C LEU K 152 38.80 80.90 29.01
N GLU K 153 37.50 81.03 28.69
CA GLU K 153 36.62 82.01 29.33
C GLU K 153 36.46 81.77 30.84
N ARG K 154 36.01 80.58 31.22
CA ARG K 154 35.85 80.25 32.64
C ARG K 154 37.07 80.61 33.49
N LEU K 155 38.26 80.39 32.94
CA LEU K 155 39.50 80.61 33.69
C LEU K 155 39.91 82.07 33.79
N GLY K 156 39.86 82.81 32.68
CA GLY K 156 40.22 84.22 32.66
C GLY K 156 39.20 85.12 33.35
N ASN K 157 37.95 84.69 33.33
CA ASN K 157 36.84 85.39 33.98
C ASN K 157 36.62 84.93 35.43
N GLY K 158 37.37 83.91 35.85
CA GLY K 158 37.24 83.35 37.19
C GLY K 158 37.96 84.18 38.24
N THR K 159 38.69 83.51 39.11
CA THR K 159 39.41 84.18 40.19
C THR K 159 40.63 84.92 39.64
N ASP K 160 41.39 85.57 40.52
CA ASP K 160 42.63 86.26 40.12
C ASP K 160 43.77 85.29 39.86
N VAL K 161 43.88 84.27 40.72
CA VAL K 161 44.87 83.20 40.56
C VAL K 161 44.78 82.58 39.17
N SER K 162 43.59 82.09 38.80
CA SER K 162 43.38 81.41 37.52
C SER K 162 43.55 82.33 36.31
N GLY K 163 43.09 83.59 36.43
CA GLY K 163 43.27 84.58 35.37
C GLY K 163 44.72 84.95 35.12
N GLN K 164 45.54 84.87 36.16
CA GLN K 164 46.97 85.13 36.06
C GLN K 164 47.65 83.93 35.39
N LYS K 165 47.32 82.73 35.88
CA LYS K 165 47.83 81.48 35.33
C LYS K 165 47.46 81.31 33.85
N MET K 166 46.27 81.76 33.48
CA MET K 166 45.78 81.66 32.10
C MET K 166 46.50 82.64 31.17
N GLN K 167 46.77 83.85 31.66
CA GLN K 167 47.54 84.82 30.90
C GLN K 167 48.95 84.29 30.66
N GLN K 168 49.56 83.76 31.73
CA GLN K 168 50.91 83.17 31.67
C GLN K 168 51.02 82.05 30.64
N ALA K 169 50.02 81.16 30.62
CA ALA K 169 49.94 80.08 29.65
C ALA K 169 49.95 80.59 28.22
N ILE K 170 49.13 81.60 27.94
CA ILE K 170 49.07 82.22 26.61
C ILE K 170 50.42 82.82 26.21
N ASN K 171 51.07 83.49 27.17
CA ASN K 171 52.38 84.11 26.95
C ASN K 171 53.46 83.06 26.68
N LYS K 172 53.53 82.09 27.58
CA LYS K 172 54.40 80.92 27.46
C LYS K 172 54.39 80.30 26.05
N LEU K 173 53.20 80.17 25.48
CA LEU K 173 52.98 79.37 24.28
C LEU K 173 52.88 80.16 22.98
N TRP K 174 52.88 81.49 23.08
CA TRP K 174 52.64 82.33 21.91
C TRP K 174 53.71 82.16 20.84
N ARG K 175 54.95 81.89 21.26
CA ARG K 175 56.06 81.75 20.33
C ARG K 175 55.91 80.58 19.35
N PHE K 176 55.00 79.65 19.64
CA PHE K 176 54.77 78.49 18.78
C PHE K 176 53.62 78.69 17.78
N THR K 177 52.97 79.86 17.83
CA THR K 177 51.80 80.11 17.00
C THR K 177 52.14 80.52 15.56
N ALA K 178 53.28 81.15 15.34
CA ALA K 178 53.65 81.59 13.99
C ALA K 178 53.86 80.40 13.04
N GLU K 179 54.26 79.26 13.60
CA GLU K 179 54.52 78.07 12.79
C GLU K 179 53.25 77.55 12.13
N LEU K 180 52.10 77.86 12.73
CA LEU K 180 50.80 77.48 12.19
C LEU K 180 50.54 77.98 10.78
N PHE K 181 51.17 79.09 10.41
CA PHE K 181 50.90 79.76 9.13
C PHE K 181 52.12 79.80 8.22
N ASP K 182 53.20 79.19 8.70
CA ASP K 182 54.41 79.00 7.94
C ASP K 182 54.11 78.04 6.78
N ALA K 183 54.61 78.38 5.60
CA ALA K 183 54.39 77.55 4.41
C ALA K 183 55.70 77.21 3.71
N ASP K 184 55.92 75.92 3.45
CA ASP K 184 57.14 75.48 2.76
C ASP K 184 56.83 74.97 1.35
N GLU K 185 57.87 74.55 0.64
CA GLU K 185 57.74 74.10 -0.76
C GLU K 185 56.74 72.95 -0.96
N ILE K 186 56.60 72.11 0.07
CA ILE K 186 55.59 71.04 0.08
C ILE K 186 54.17 71.64 0.12
N ASP K 187 53.95 72.56 1.06
CA ASP K 187 52.67 73.23 1.22
C ASP K 187 52.23 73.91 -0.08
N ILE K 188 53.11 74.77 -0.61
CA ILE K 188 52.83 75.57 -1.81
C ILE K 188 52.51 74.70 -3.03
N ALA K 189 53.38 73.72 -3.32
CA ALA K 189 53.21 72.82 -4.46
C ALA K 189 51.86 72.10 -4.46
N LEU K 190 51.48 71.51 -3.33
CA LEU K 190 50.20 70.80 -3.22
C LEU K 190 49.01 71.74 -3.12
N SER K 191 49.25 72.97 -2.68
CA SER K 191 48.23 74.02 -2.62
C SER K 191 47.81 74.46 -4.03
N GLU K 192 48.78 74.65 -4.91
CA GLU K 192 48.55 75.04 -6.31
C GLU K 192 47.84 73.95 -7.12
N GLU K 193 48.05 72.69 -6.73
CA GLU K 193 47.36 71.55 -7.34
C GLU K 193 45.97 71.37 -6.75
N GLY K 194 45.63 72.20 -5.76
CA GLY K 194 44.32 72.17 -5.09
C GLY K 194 44.11 70.99 -4.16
N ILE K 195 45.19 70.33 -3.79
CA ILE K 195 45.14 69.16 -2.90
C ILE K 195 45.25 69.58 -1.43
N ALA K 196 46.10 70.56 -1.16
CA ALA K 196 46.38 71.01 0.20
C ALA K 196 45.92 72.44 0.45
N VAL K 197 45.81 72.79 1.73
CA VAL K 197 45.55 74.16 2.15
C VAL K 197 46.87 74.85 2.43
N ASP K 198 47.05 76.03 1.83
CA ASP K 198 48.19 76.89 2.12
C ASP K 198 47.98 77.50 3.51
N PRO K 199 48.86 77.16 4.48
CA PRO K 199 48.70 77.59 5.89
C PRO K 199 48.68 79.10 6.07
N ARG K 200 49.34 79.85 5.19
CA ARG K 200 49.34 81.32 5.27
C ARG K 200 47.95 81.90 5.09
N THR K 201 47.10 81.19 4.35
CA THR K 201 45.72 81.62 4.13
C THR K 201 44.84 81.36 5.35
N LEU K 202 45.30 80.49 6.25
CA LEU K 202 44.58 80.16 7.48
C LEU K 202 44.72 81.22 8.58
N ARG K 203 45.59 82.19 8.36
CA ARG K 203 45.91 83.19 9.38
C ARG K 203 44.68 83.99 9.82
N ALA K 204 43.96 84.54 8.83
CA ALA K 204 42.79 85.40 9.08
C ALA K 204 41.73 84.70 9.94
N ALA K 205 41.29 83.53 9.50
CA ALA K 205 40.30 82.74 10.24
C ALA K 205 40.76 82.43 11.67
N TRP K 206 42.03 82.05 11.83
CA TRP K 206 42.59 81.71 13.14
C TRP K 206 42.63 82.92 14.06
N GLU K 207 43.12 84.05 13.53
CA GLU K 207 43.20 85.29 14.29
C GLU K 207 41.81 85.86 14.63
N ALA K 208 40.86 85.71 13.70
CA ALA K 208 39.48 86.11 13.95
C ALA K 208 38.94 85.40 15.20
N GLU K 209 39.21 84.10 15.30
CA GLU K 209 38.71 83.26 16.39
C GLU K 209 39.48 83.46 17.70
N VAL K 210 40.80 83.41 17.63
CA VAL K 210 41.65 83.42 18.84
C VAL K 210 41.68 84.78 19.52
N PHE K 211 41.88 85.85 18.74
CA PHE K 211 41.84 87.22 19.24
C PHE K 211 40.52 87.48 19.96
N ALA K 212 39.41 87.09 19.33
CA ALA K 212 38.07 87.21 19.94
C ALA K 212 37.97 86.43 21.26
N GLY K 213 38.48 85.20 21.25
CA GLY K 213 38.43 84.32 22.42
C GLY K 213 39.22 84.85 23.60
N ILE K 214 40.48 85.24 23.35
CA ILE K 214 41.35 85.82 24.38
C ILE K 214 40.70 87.06 24.99
N ASN K 215 40.16 87.90 24.12
CA ASN K 215 39.45 89.13 24.50
C ASN K 215 38.25 88.86 25.41
N GLU K 216 37.40 87.93 25.00
CA GLU K 216 36.19 87.59 25.75
C GLU K 216 36.51 87.06 27.14
N ALA K 217 37.65 86.36 27.26
CA ALA K 217 38.14 85.87 28.54
C ALA K 217 38.76 86.98 29.41
N THR K 218 38.69 88.21 28.91
CA THR K 218 39.27 89.42 29.54
C THR K 218 40.79 89.32 29.72
N LEU K 219 41.48 88.99 28.64
CA LEU K 219 42.94 88.83 28.68
C LEU K 219 43.60 89.51 27.47
N ASN K 220 44.94 89.57 27.50
CA ASN K 220 45.69 90.30 26.48
C ASN K 220 46.36 89.42 25.44
N VAL K 221 45.98 89.62 24.18
CA VAL K 221 46.71 89.07 23.05
C VAL K 221 48.14 89.62 23.12
N PRO K 222 49.15 88.74 23.35
CA PRO K 222 50.51 89.26 23.48
C PRO K 222 51.05 89.76 22.14
N GLN K 223 52.03 90.65 22.20
CA GLN K 223 52.60 91.24 21.00
C GLN K 223 54.09 91.55 21.22
N GLU K 224 55.02 90.80 20.59
CA GLU K 224 54.78 89.61 19.77
C GLU K 224 56.17 89.14 19.33
N GLN K 225 56.96 88.67 20.30
CA GLN K 225 58.41 88.55 20.14
C GLN K 225 58.93 87.41 19.23
N ALA K 226 59.98 86.74 19.69
CA ALA K 226 60.68 85.71 18.91
C ALA K 226 59.81 84.48 18.70
N TYR K 227 59.81 83.99 17.47
CA TYR K 227 59.01 82.84 17.10
C TYR K 227 59.84 81.59 16.91
N ARG K 228 59.32 80.49 17.41
CA ARG K 228 59.95 79.18 17.28
C ARG K 228 59.28 78.34 16.18
N THR K 229 60.03 78.00 15.13
CA THR K 229 59.56 77.04 14.12
C THR K 229 60.53 75.86 14.05
N GLY K 230 60.29 74.94 13.11
CA GLY K 230 61.20 73.83 12.90
C GLY K 230 60.60 72.44 12.99
N GLY K 231 59.47 72.33 13.69
CA GLY K 231 58.76 71.05 13.85
C GLY K 231 58.52 70.29 12.56
N LYS K 232 58.00 70.99 11.55
CA LYS K 232 57.73 70.41 10.23
C LYS K 232 58.99 69.96 9.49
N LYS K 233 60.14 70.48 9.93
CA LYS K 233 61.43 70.15 9.32
C LYS K 233 62.12 69.01 10.07
N GLY K 234 61.52 68.56 11.17
CA GLY K 234 62.09 67.49 11.98
C GLY K 234 62.94 67.98 13.14
N LEU K 235 62.82 69.27 13.46
CA LEU K 235 63.61 69.88 14.55
C LEU K 235 62.67 70.12 15.71
N HIS K 236 63.01 69.61 16.88
CA HIS K 236 62.08 69.68 18.00
C HIS K 236 62.70 70.27 19.26
N THR K 237 61.85 70.57 20.23
CA THR K 237 62.29 71.06 21.51
C THR K 237 62.77 69.89 22.37
N GLU K 238 63.22 70.18 23.59
CA GLU K 238 63.64 69.18 24.55
C GLU K 238 62.57 68.09 24.80
N HIS K 239 61.32 68.39 24.43
CA HIS K 239 60.18 67.65 24.97
C HIS K 239 59.71 66.43 24.19
N LEU K 240 59.87 66.46 22.87
CA LEU K 240 59.40 65.33 22.06
C LEU K 240 60.13 64.03 22.38
N GLY K 241 61.46 64.07 22.41
CA GLY K 241 62.31 62.90 22.69
C GLY K 241 61.77 61.96 23.75
N PRO K 242 61.68 62.45 25.01
CA PRO K 242 61.14 61.68 26.15
C PRO K 242 59.72 61.14 25.96
N MET K 243 58.88 61.86 25.22
CA MET K 243 57.54 61.39 24.89
C MET K 243 57.57 60.11 24.06
N LEU K 244 58.30 60.16 22.95
CA LEU K 244 58.45 59.02 22.04
C LEU K 244 59.10 57.84 22.76
N ALA K 245 60.07 58.11 23.61
CA ALA K 245 60.71 57.08 24.42
C ALA K 245 59.65 56.30 25.21
N GLU K 246 58.83 57.02 25.98
CA GLU K 246 57.79 56.39 26.82
C GLU K 246 56.60 55.82 26.02
N MET K 247 56.37 56.36 24.83
CA MET K 247 55.28 55.90 23.97
C MET K 247 55.67 54.64 23.19
N GLN K 248 56.70 54.76 22.36
CA GLN K 248 57.24 53.63 21.58
C GLN K 248 57.61 52.47 22.49
N TYR K 249 58.09 52.81 23.68
CA TYR K 249 58.45 51.81 24.70
C TYR K 249 57.42 50.66 24.81
N SER L 12 3.74 -38.03 15.43
CA SER L 12 2.38 -37.85 14.82
C SER L 12 1.28 -37.84 15.89
N ASN L 13 1.64 -38.19 17.12
CA ASN L 13 0.77 -37.95 18.27
C ASN L 13 0.78 -36.44 18.56
N GLN L 14 1.93 -35.81 18.29
CA GLN L 14 2.14 -34.39 18.52
C GLN L 14 1.46 -33.54 17.46
N LEU L 15 1.61 -33.93 16.20
CA LEU L 15 0.94 -33.25 15.10
C LEU L 15 -0.55 -33.20 15.38
N THR L 16 -1.09 -34.30 15.87
CA THR L 16 -2.50 -34.40 16.18
C THR L 16 -2.86 -33.40 17.27
N ALA L 17 -2.04 -33.34 18.31
CA ALA L 17 -2.29 -32.47 19.46
C ALA L 17 -2.29 -30.98 19.10
N TYR L 18 -1.35 -30.60 18.23
CA TYR L 18 -1.23 -29.23 17.75
C TYR L 18 -2.48 -28.77 16.97
N THR L 19 -2.95 -29.64 16.07
CA THR L 19 -4.10 -29.35 15.22
C THR L 19 -5.35 -29.19 16.06
N LEU L 20 -5.50 -30.08 17.04
CA LEU L 20 -6.64 -30.08 17.94
C LEU L 20 -6.80 -28.79 18.73
N ARG L 21 -5.70 -28.25 19.25
CA ARG L 21 -5.75 -27.02 20.04
C ARG L 21 -6.30 -25.87 19.22
N LEU L 22 -5.83 -25.74 17.99
CA LEU L 22 -6.19 -24.62 17.14
C LEU L 22 -7.69 -24.67 16.81
N GLY L 23 -8.19 -25.88 16.58
CA GLY L 23 -9.62 -26.11 16.45
C GLY L 23 -10.38 -25.71 17.71
N ASP L 24 -9.84 -26.12 18.86
CA ASP L 24 -10.43 -25.82 20.16
C ASP L 24 -10.58 -24.32 20.40
N ASN L 25 -9.52 -23.56 20.12
CA ASN L 25 -9.60 -22.10 20.21
C ASN L 25 -10.79 -21.55 19.43
N CYS L 26 -10.87 -21.93 18.16
CA CYS L 26 -11.90 -21.44 17.25
C CYS L 26 -13.28 -21.90 17.66
N LEU L 27 -13.36 -23.16 18.09
CA LEU L 27 -14.65 -23.76 18.46
C LEU L 27 -15.26 -23.05 19.67
N VAL L 28 -14.46 -22.87 20.71
CA VAL L 28 -14.94 -22.28 21.95
C VAL L 28 -15.37 -20.85 21.71
N LEU L 29 -14.55 -20.11 20.98
CA LEU L 29 -14.85 -18.70 20.69
C LEU L 29 -16.09 -18.56 19.82
N SER L 30 -16.26 -19.50 18.89
CA SER L 30 -17.45 -19.53 18.03
C SER L 30 -18.70 -19.71 18.88
N GLN L 31 -18.62 -20.61 19.87
CA GLN L 31 -19.73 -20.83 20.81
C GLN L 31 -20.06 -19.57 21.61
N ARG L 32 -19.03 -18.90 22.09
CA ARG L 32 -19.19 -17.64 22.82
C ARG L 32 -19.91 -16.58 22.01
N LEU L 33 -19.48 -16.36 20.77
CA LEU L 33 -20.11 -15.35 19.92
C LEU L 33 -21.54 -15.73 19.55
N GLY L 34 -21.79 -17.03 19.42
CA GLY L 34 -23.14 -17.55 19.23
C GLY L 34 -24.11 -17.13 20.32
N GLU L 35 -23.62 -17.02 21.55
CA GLU L 35 -24.48 -16.63 22.68
C GLU L 35 -25.01 -15.20 22.55
N TRP L 36 -24.36 -14.38 21.73
CA TRP L 36 -24.77 -12.98 21.53
C TRP L 36 -26.01 -12.85 20.67
N CYS L 37 -26.29 -13.89 19.89
CA CYS L 37 -27.34 -13.85 18.89
C CYS L 37 -28.66 -13.30 19.43
N GLY L 38 -29.00 -12.09 19.03
CA GLY L 38 -30.28 -11.48 19.40
C GLY L 38 -30.18 -10.24 20.28
N HIS L 39 -29.23 -10.23 21.22
CA HIS L 39 -29.10 -9.12 22.15
C HIS L 39 -27.78 -8.35 22.04
N ALA L 40 -27.31 -8.14 20.82
CA ALA L 40 -26.21 -7.21 20.59
C ALA L 40 -26.79 -5.79 20.66
N PRO L 41 -25.94 -4.77 20.96
CA PRO L 41 -26.40 -3.39 21.09
C PRO L 41 -27.03 -2.79 19.83
N GLU L 42 -26.65 -3.33 18.67
CA GLU L 42 -27.14 -2.88 17.36
C GLU L 42 -27.32 -4.06 16.43
N LEU L 43 -28.15 -3.86 15.39
CA LEU L 43 -28.35 -4.88 14.36
C LEU L 43 -27.06 -5.19 13.61
N GLU L 44 -26.35 -4.15 13.17
CA GLU L 44 -25.04 -4.32 12.52
C GLU L 44 -24.16 -5.30 13.28
N ILE L 45 -23.97 -4.98 14.56
CA ILE L 45 -23.12 -5.73 15.47
C ILE L 45 -23.61 -7.17 15.60
N ASP L 46 -24.90 -7.34 15.66
CA ASP L 46 -25.45 -8.66 15.81
C ASP L 46 -25.12 -9.52 14.62
N LEU L 47 -25.26 -8.97 13.43
CA LEU L 47 -24.95 -9.72 12.22
C LEU L 47 -23.47 -9.98 12.08
N ALA L 48 -22.67 -8.98 12.43
CA ALA L 48 -21.23 -9.08 12.33
C ALA L 48 -20.67 -10.16 13.24
N LEU L 49 -21.12 -10.18 14.50
CA LEU L 49 -20.68 -11.16 15.48
C LEU L 49 -21.08 -12.58 15.10
N ALA L 50 -22.33 -12.74 14.63
CA ALA L 50 -22.79 -14.03 14.12
C ALA L 50 -21.83 -14.51 13.01
N ASN L 51 -21.51 -13.60 12.09
CA ASN L 51 -20.68 -13.91 10.96
C ASN L 51 -19.26 -14.32 11.37
N ILE L 52 -18.66 -13.58 12.29
CA ILE L 52 -17.37 -13.96 12.86
C ILE L 52 -17.44 -15.33 13.52
N GLY L 53 -18.53 -15.57 14.27
CA GLY L 53 -18.76 -16.86 14.90
C GLY L 53 -18.72 -17.97 13.88
N LEU L 54 -19.50 -17.82 12.81
CA LEU L 54 -19.51 -18.79 11.72
C LEU L 54 -18.14 -18.99 11.05
N ASP L 55 -17.39 -17.90 10.83
CA ASP L 55 -16.03 -18.04 10.30
C ASP L 55 -15.22 -19.00 11.16
N LEU L 56 -15.22 -18.75 12.48
CA LEU L 56 -14.45 -19.55 13.45
C LEU L 56 -14.96 -21.00 13.54
N LEU L 57 -16.26 -21.20 13.44
CA LEU L 57 -16.83 -22.54 13.36
C LEU L 57 -16.24 -23.32 12.19
N GLY L 58 -16.28 -22.69 11.01
CA GLY L 58 -15.69 -23.25 9.79
C GLY L 58 -14.22 -23.59 9.97
N GLN L 59 -13.47 -22.67 10.56
CA GLN L 59 -12.07 -22.91 10.86
C GLN L 59 -11.91 -24.12 11.80
N ALA L 60 -12.77 -24.19 12.81
CA ALA L 60 -12.70 -25.26 13.79
C ALA L 60 -12.98 -26.60 13.13
N ARG L 61 -13.99 -26.62 12.26
CA ARG L 61 -14.34 -27.83 11.49
C ARG L 61 -13.18 -28.33 10.68
N ASN L 62 -12.39 -27.42 10.13
CA ASN L 62 -11.21 -27.78 9.34
C ASN L 62 -10.15 -28.47 10.17
N PHE L 63 -9.76 -27.83 11.28
CA PHE L 63 -8.75 -28.38 12.18
C PHE L 63 -9.19 -29.69 12.80
N LEU L 64 -10.43 -29.75 13.25
CA LEU L 64 -10.95 -30.94 13.87
C LEU L 64 -11.01 -32.13 12.90
N SER L 65 -11.51 -31.89 11.68
CA SER L 65 -11.54 -32.92 10.63
C SER L 65 -10.15 -33.48 10.36
N TYR L 66 -9.16 -32.58 10.25
CA TYR L 66 -7.78 -32.98 10.02
C TYR L 66 -7.21 -33.72 11.22
N ALA L 67 -7.53 -33.25 12.43
CA ALA L 67 -7.06 -33.89 13.66
C ALA L 67 -7.62 -35.30 13.80
N ALA L 68 -8.88 -35.49 13.41
CA ALA L 68 -9.54 -36.80 13.45
C ALA L 68 -8.89 -37.81 12.50
N GLU L 69 -8.55 -37.34 11.29
CA GLU L 69 -7.89 -38.15 10.28
C GLU L 69 -6.50 -38.60 10.75
N LEU L 70 -5.79 -37.71 11.43
CA LEU L 70 -4.46 -38.00 11.97
C LEU L 70 -4.48 -39.06 13.08
N ALA L 71 -5.52 -39.02 13.92
CA ALA L 71 -5.69 -40.01 15.00
C ALA L 71 -6.15 -41.36 14.46
N GLY L 72 -6.81 -41.34 13.31
CA GLY L 72 -7.29 -42.56 12.65
C GLY L 72 -8.65 -43.02 13.15
N GLU L 73 -9.28 -42.21 14.00
CA GLU L 73 -10.61 -42.53 14.53
C GLU L 73 -11.44 -41.27 14.80
N GLY L 74 -12.76 -41.46 14.82
CA GLY L 74 -13.71 -40.38 15.06
C GLY L 74 -13.77 -39.35 13.94
N ASP L 75 -14.52 -38.28 14.17
CA ASP L 75 -14.59 -37.16 13.24
C ASP L 75 -14.75 -35.84 13.99
N GLU L 76 -15.06 -34.77 13.27
CA GLU L 76 -15.30 -33.45 13.86
C GLU L 76 -16.41 -33.48 14.91
N ASP L 77 -17.39 -34.36 14.73
CA ASP L 77 -18.54 -34.45 15.65
C ASP L 77 -18.21 -35.11 16.98
N THR L 78 -17.42 -36.19 16.94
CA THR L 78 -17.00 -36.85 18.18
C THR L 78 -16.09 -35.92 18.98
N LEU L 79 -15.18 -35.23 18.28
CA LEU L 79 -14.29 -34.27 18.91
C LEU L 79 -15.03 -33.06 19.50
N ALA L 80 -16.04 -32.56 18.78
CA ALA L 80 -16.83 -31.43 19.26
C ALA L 80 -17.71 -31.77 20.46
N PHE L 81 -18.37 -32.93 20.40
CA PHE L 81 -19.49 -33.22 21.32
C PHE L 81 -19.31 -34.38 22.32
N THR L 82 -18.21 -35.12 22.22
CA THR L 82 -17.99 -36.25 23.15
C THR L 82 -16.77 -36.10 24.07
N ARG L 83 -16.10 -34.95 24.02
CA ARG L 83 -14.97 -34.65 24.91
C ARG L 83 -15.42 -33.75 26.05
N ASP L 84 -14.86 -33.96 27.24
CA ASP L 84 -15.11 -33.03 28.34
C ASP L 84 -13.94 -32.05 28.50
N GLU L 85 -14.05 -31.15 29.47
CA GLU L 85 -13.15 -29.99 29.56
C GLU L 85 -11.66 -30.29 29.64
N ARG L 86 -11.28 -31.35 30.34
CA ARG L 86 -9.89 -31.73 30.44
C ARG L 86 -9.29 -32.24 29.12
N GLN L 87 -10.17 -32.68 28.23
CA GLN L 87 -9.76 -33.10 26.89
C GLN L 87 -9.70 -31.91 25.92
N PHE L 88 -10.29 -30.79 26.32
CA PHE L 88 -10.20 -29.56 25.55
C PHE L 88 -8.89 -28.88 25.89
N SER L 89 -8.29 -28.23 24.89
CA SER L 89 -7.02 -27.55 25.08
C SER L 89 -6.97 -26.16 24.45
N ASN L 90 -8.11 -25.49 24.44
CA ASN L 90 -8.20 -24.10 24.02
C ASN L 90 -7.45 -23.19 24.98
N LEU L 91 -7.09 -22.00 24.51
CA LEU L 91 -6.46 -20.99 25.33
C LEU L 91 -7.51 -20.43 26.28
N LEU L 92 -7.09 -20.10 27.50
CA LEU L 92 -8.01 -19.59 28.53
C LEU L 92 -8.76 -18.33 28.10
N LEU L 93 -8.16 -17.55 27.21
CA LEU L 93 -8.75 -16.31 26.75
C LEU L 93 -10.10 -16.49 26.02
N VAL L 94 -10.23 -17.56 25.25
CA VAL L 94 -11.42 -17.78 24.43
C VAL L 94 -12.63 -18.28 25.21
N GLU L 95 -12.40 -18.83 26.41
CA GLU L 95 -13.50 -19.34 27.23
C GLU L 95 -14.09 -18.32 28.20
N GLN L 96 -13.48 -17.14 28.29
CA GLN L 96 -13.95 -16.07 29.18
C GLN L 96 -15.38 -15.63 28.84
N PRO L 97 -16.17 -15.24 29.85
CA PRO L 97 -17.56 -14.95 29.52
C PRO L 97 -17.67 -13.74 28.62
N ASN L 98 -18.76 -13.65 27.86
CA ASN L 98 -19.01 -12.51 27.00
C ASN L 98 -18.98 -11.19 27.76
N GLY L 99 -19.58 -11.16 28.95
CA GLY L 99 -19.73 -9.93 29.71
C GLY L 99 -20.46 -8.91 28.86
N ASN L 100 -20.06 -7.64 28.95
CA ASN L 100 -20.63 -6.60 28.10
C ASN L 100 -19.91 -6.55 26.76
N PHE L 101 -20.45 -5.75 25.84
CA PHE L 101 -19.89 -5.63 24.50
C PHE L 101 -18.40 -5.30 24.50
N ALA L 102 -17.97 -4.45 25.42
CA ALA L 102 -16.55 -4.09 25.52
C ALA L 102 -15.68 -5.31 25.81
N ASP L 103 -16.09 -6.11 26.81
CA ASP L 103 -15.39 -7.35 27.19
C ASP L 103 -15.22 -8.27 25.99
N THR L 104 -16.27 -8.37 25.19
CA THR L 104 -16.28 -9.18 23.98
C THR L 104 -15.27 -8.65 22.98
N ILE L 105 -15.24 -7.33 22.80
CA ILE L 105 -14.34 -6.71 21.82
C ILE L 105 -12.87 -6.91 22.18
N ALA L 106 -12.55 -6.65 23.45
CA ALA L 106 -11.20 -6.85 23.94
C ALA L 106 -10.75 -8.28 23.64
N ARG L 107 -11.61 -9.24 23.99
CA ARG L 107 -11.31 -10.66 23.77
C ARG L 107 -11.10 -10.92 22.30
N GLN L 108 -11.99 -10.37 21.48
CA GLN L 108 -11.91 -10.51 20.03
C GLN L 108 -10.60 -9.93 19.51
N TYR L 109 -10.31 -8.69 19.90
CA TYR L 109 -9.10 -8.02 19.44
C TYR L 109 -7.83 -8.83 19.73
N PHE L 110 -7.63 -9.21 20.99
CA PHE L 110 -6.43 -9.93 21.38
C PHE L 110 -6.29 -11.21 20.57
N ILE L 111 -7.40 -11.91 20.37
CA ILE L 111 -7.39 -13.16 19.63
C ILE L 111 -7.15 -12.96 18.13
N ASP L 112 -7.80 -11.94 17.56
CA ASP L 112 -7.66 -11.63 16.14
C ASP L 112 -6.23 -11.30 15.78
N ALA L 113 -5.61 -10.43 16.57
CA ALA L 113 -4.20 -10.10 16.39
C ALA L 113 -3.36 -11.37 16.40
N TRP L 114 -3.64 -12.24 17.35
CA TRP L 114 -2.92 -13.50 17.49
C TRP L 114 -3.15 -14.37 16.26
N HIS L 115 -4.39 -14.42 15.78
CA HIS L 115 -4.74 -15.24 14.63
C HIS L 115 -4.04 -14.78 13.35
N VAL L 116 -4.04 -13.46 13.12
CA VAL L 116 -3.40 -12.88 11.95
C VAL L 116 -1.90 -13.20 11.99
N ALA L 117 -1.26 -12.86 13.10
CA ALA L 117 0.15 -13.21 13.32
C ALA L 117 0.42 -14.70 13.05
N LEU L 118 -0.41 -15.58 13.60
CA LEU L 118 -0.18 -17.02 13.50
C LEU L 118 -0.40 -17.58 12.09
N PHE L 119 -1.60 -17.41 11.56
CA PHE L 119 -1.97 -18.00 10.26
C PHE L 119 -1.11 -17.51 9.10
N THR L 120 -0.72 -16.23 9.14
CA THR L 120 0.22 -15.68 8.17
C THR L 120 1.42 -16.60 8.03
N ARG L 121 2.03 -16.96 9.15
CA ARG L 121 3.20 -17.81 9.13
C ARG L 121 2.89 -19.29 8.90
N LEU L 122 1.72 -19.74 9.32
CA LEU L 122 1.39 -21.16 9.27
C LEU L 122 0.97 -21.66 7.88
N MET L 123 0.68 -20.74 6.97
CA MET L 123 0.36 -21.13 5.59
C MET L 123 1.63 -21.51 4.80
N GLU L 124 2.78 -21.07 5.30
CA GLU L 124 4.10 -21.50 4.79
C GLU L 124 4.62 -22.68 5.63
N SER L 125 3.78 -23.71 5.78
CA SER L 125 4.10 -24.88 6.60
C SER L 125 4.39 -26.13 5.78
N ARG L 126 5.41 -26.88 6.20
CA ARG L 126 5.79 -28.13 5.54
C ARG L 126 4.69 -29.20 5.53
N ASP L 127 3.66 -29.00 6.35
CA ASP L 127 2.46 -29.83 6.26
C ASP L 127 1.41 -29.14 5.37
N PRO L 128 1.14 -29.75 4.20
CA PRO L 128 0.26 -29.13 3.19
C PRO L 128 -1.17 -28.89 3.66
N GLN L 129 -1.71 -29.77 4.50
CA GLN L 129 -3.06 -29.60 5.04
C GLN L 129 -3.14 -28.40 5.97
N LEU L 130 -2.15 -28.26 6.86
CA LEU L 130 -2.05 -27.10 7.74
C LEU L 130 -1.89 -25.83 6.94
N ALA L 131 -1.00 -25.89 5.96
CA ALA L 131 -0.79 -24.80 5.02
C ALA L 131 -2.12 -24.39 4.38
N ALA L 132 -2.85 -25.37 3.85
CA ALA L 132 -4.15 -25.15 3.21
C ALA L 132 -5.20 -24.53 4.13
N ILE L 133 -5.30 -25.05 5.36
CA ILE L 133 -6.26 -24.54 6.36
C ILE L 133 -5.95 -23.09 6.78
N SER L 134 -4.68 -22.81 7.07
CA SER L 134 -4.25 -21.46 7.41
C SER L 134 -4.54 -20.47 6.27
N ALA L 135 -4.39 -20.94 5.04
CA ALA L 135 -4.61 -20.13 3.83
C ALA L 135 -6.04 -19.62 3.73
N LYS L 136 -7.01 -20.51 3.94
CA LYS L 136 -8.43 -20.13 3.97
C LYS L 136 -8.71 -19.23 5.17
N ALA L 137 -8.10 -19.55 6.30
CA ALA L 137 -8.40 -18.90 7.58
C ALA L 137 -7.86 -17.48 7.71
N ILE L 138 -6.69 -17.21 7.12
CA ILE L 138 -6.06 -15.88 7.25
C ILE L 138 -6.94 -14.77 6.66
N LYS L 139 -7.68 -15.09 5.61
CA LYS L 139 -8.56 -14.16 4.94
C LYS L 139 -9.66 -13.67 5.88
N GLU L 140 -10.31 -14.60 6.56
CA GLU L 140 -11.34 -14.29 7.55
C GLU L 140 -10.73 -13.53 8.72
N ALA L 141 -9.61 -14.01 9.24
CA ALA L 141 -8.95 -13.39 10.40
C ALA L 141 -8.72 -11.89 10.20
N ARG L 142 -8.35 -11.51 8.98
CA ARG L 142 -8.12 -10.11 8.61
C ARG L 142 -9.37 -9.22 8.81
N TYR L 143 -10.53 -9.72 8.38
CA TYR L 143 -11.81 -9.05 8.60
C TYR L 143 -12.12 -8.89 10.09
N HIS L 144 -11.91 -9.96 10.86
CA HIS L 144 -12.15 -9.92 12.30
C HIS L 144 -11.31 -8.85 12.94
N LEU L 145 -10.01 -8.87 12.61
CA LEU L 145 -9.07 -7.89 13.14
C LEU L 145 -9.54 -6.47 12.81
N ARG L 146 -9.99 -6.27 11.57
CA ARG L 146 -10.51 -4.97 11.13
C ARG L 146 -11.71 -4.58 11.98
N PHE L 147 -12.61 -5.54 12.20
CA PHE L 147 -13.83 -5.32 12.97
C PHE L 147 -13.57 -5.03 14.45
N SER L 148 -12.72 -5.84 15.07
CA SER L 148 -12.48 -5.70 16.51
C SER L 148 -11.60 -4.50 16.81
N ARG L 149 -10.63 -4.24 15.93
CA ARG L 149 -9.75 -3.07 16.07
C ARG L 149 -10.58 -1.80 15.95
N GLY L 150 -11.48 -1.79 14.96
CA GLY L 150 -12.41 -0.68 14.71
C GLY L 150 -13.26 -0.38 15.92
N TRP L 151 -13.85 -1.41 16.52
CA TRP L 151 -14.70 -1.20 17.68
C TRP L 151 -13.93 -0.85 18.93
N LEU L 152 -12.67 -1.30 19.00
CA LEU L 152 -11.79 -0.89 20.09
C LEU L 152 -11.62 0.63 20.06
N GLU L 153 -11.35 1.18 18.87
CA GLU L 153 -11.23 2.63 18.67
C GLU L 153 -12.52 3.37 18.95
N ARG L 154 -13.61 3.01 18.26
CA ARG L 154 -14.91 3.64 18.49
C ARG L 154 -15.29 3.73 19.98
N LEU L 155 -14.96 2.69 20.75
CA LEU L 155 -15.35 2.63 22.16
C LEU L 155 -14.48 3.47 23.11
N GLY L 156 -13.16 3.40 22.93
CA GLY L 156 -12.23 4.18 23.74
C GLY L 156 -12.22 5.67 23.41
N ASN L 157 -12.50 5.98 22.14
CA ASN L 157 -12.61 7.36 21.65
C ASN L 157 -14.02 7.94 21.77
N GLY L 158 -14.97 7.11 22.23
CA GLY L 158 -16.36 7.54 22.36
C GLY L 158 -16.60 8.33 23.63
N THR L 159 -17.69 8.00 24.32
CA THR L 159 -18.06 8.67 25.57
C THR L 159 -17.10 8.28 26.70
N ASP L 160 -17.34 8.81 27.89
CA ASP L 160 -16.54 8.47 29.07
C ASP L 160 -16.92 7.10 29.62
N VAL L 161 -18.23 6.82 29.66
CA VAL L 161 -18.76 5.52 30.09
C VAL L 161 -18.09 4.38 29.32
N SER L 162 -18.17 4.45 28.00
CA SER L 162 -17.64 3.40 27.13
C SER L 162 -16.11 3.27 27.20
N GLY L 163 -15.42 4.40 27.30
CA GLY L 163 -13.96 4.42 27.44
C GLY L 163 -13.48 3.84 28.76
N GLN L 164 -14.30 3.95 29.79
CA GLN L 164 -14.00 3.36 31.09
C GLN L 164 -14.23 1.84 31.04
N LYS L 165 -15.37 1.45 30.49
CA LYS L 165 -15.74 0.05 30.31
C LYS L 165 -14.74 -0.70 29.42
N MET L 166 -14.22 -0.01 28.41
CA MET L 166 -13.25 -0.59 27.48
C MET L 166 -11.87 -0.78 28.12
N GLN L 167 -11.47 0.18 28.95
CA GLN L 167 -10.23 0.05 29.71
C GLN L 167 -10.34 -1.14 30.66
N GLN L 168 -11.45 -1.19 31.41
CA GLN L 168 -11.76 -2.29 32.34
C GLN L 168 -11.69 -3.67 31.68
N ALA L 169 -12.27 -3.78 30.49
CA ALA L 169 -12.22 -5.01 29.69
C ALA L 169 -10.79 -5.46 29.41
N ILE L 170 -9.95 -4.53 28.97
CA ILE L 170 -8.55 -4.81 28.68
C ILE L 170 -7.81 -5.26 29.95
N ASN L 171 -8.12 -4.62 31.07
CA ASN L 171 -7.49 -4.97 32.35
C ASN L 171 -7.90 -6.36 32.81
N LYS L 172 -9.21 -6.57 32.86
CA LYS L 172 -9.85 -7.87 33.16
C LYS L 172 -9.18 -9.04 32.45
N LEU L 173 -8.86 -8.85 31.16
CA LEU L 173 -8.46 -9.94 30.28
C LEU L 173 -6.96 -10.04 30.03
N TRP L 174 -6.18 -9.09 30.55
CA TRP L 174 -4.76 -9.05 30.25
C TRP L 174 -4.03 -10.29 30.74
N ARG L 175 -4.47 -10.84 31.87
CA ARG L 175 -3.81 -12.00 32.48
C ARG L 175 -3.83 -13.26 31.61
N PHE L 176 -4.67 -13.27 30.59
CA PHE L 176 -4.75 -14.41 29.68
C PHE L 176 -3.90 -14.25 28.41
N THR L 177 -3.19 -13.13 28.30
CA THR L 177 -2.43 -12.84 27.07
C THR L 177 -1.06 -13.52 27.00
N ALA L 178 -0.42 -13.74 28.14
CA ALA L 178 0.89 -14.37 28.18
C ALA L 178 0.86 -15.79 27.62
N GLU L 179 -0.27 -16.47 27.78
CA GLU L 179 -0.41 -17.84 27.31
C GLU L 179 -0.27 -17.94 25.79
N LEU L 180 -0.59 -16.84 25.09
CA LEU L 180 -0.48 -16.75 23.63
C LEU L 180 0.92 -17.06 23.09
N PHE L 181 1.94 -16.82 23.92
CA PHE L 181 3.33 -16.92 23.50
C PHE L 181 4.08 -18.00 24.24
N ASP L 182 3.36 -18.68 25.14
CA ASP L 182 3.88 -19.82 25.86
C ASP L 182 4.13 -20.95 24.88
N ALA L 183 5.28 -21.62 25.02
CA ALA L 183 5.64 -22.72 24.13
C ALA L 183 6.03 -23.97 24.92
N ASP L 184 5.41 -25.10 24.56
CA ASP L 184 5.71 -26.36 25.23
C ASP L 184 6.45 -27.33 24.30
N GLU L 185 6.78 -28.52 24.82
CA GLU L 185 7.55 -29.52 24.07
C GLU L 185 6.91 -29.91 22.73
N ILE L 186 5.58 -29.84 22.65
CA ILE L 186 4.85 -30.08 21.40
C ILE L 186 5.14 -28.96 20.39
N ASP L 187 5.01 -27.71 20.84
CA ASP L 187 5.30 -26.53 20.02
C ASP L 187 6.70 -26.57 19.44
N ILE L 188 7.69 -26.71 20.32
CA ILE L 188 9.11 -26.68 19.96
C ILE L 188 9.47 -27.79 18.95
N ALA L 189 9.11 -29.02 19.27
CA ALA L 189 9.40 -30.19 18.42
C ALA L 189 8.89 -30.02 16.98
N LEU L 190 7.62 -29.62 16.84
CA LEU L 190 7.03 -29.40 15.51
C LEU L 190 7.52 -28.12 14.82
N SER L 191 7.98 -27.16 15.63
CA SER L 191 8.59 -25.92 15.13
C SER L 191 9.93 -26.19 14.44
N GLU L 192 10.76 -27.03 15.06
CA GLU L 192 12.06 -27.42 14.52
C GLU L 192 11.95 -28.26 13.25
N GLU L 193 10.86 -29.00 13.11
CA GLU L 193 10.56 -29.75 11.90
C GLU L 193 9.95 -28.85 10.82
N GLY L 194 9.72 -27.58 11.15
CA GLY L 194 9.15 -26.61 10.22
C GLY L 194 7.67 -26.79 9.94
N ILE L 195 6.99 -27.58 10.77
CA ILE L 195 5.57 -27.86 10.60
C ILE L 195 4.71 -26.84 11.36
N ALA L 196 5.16 -26.43 12.54
CA ALA L 196 4.41 -25.52 13.40
C ALA L 196 5.12 -24.20 13.59
N VAL L 197 4.37 -23.20 14.06
CA VAL L 197 4.93 -21.91 14.45
C VAL L 197 5.19 -21.95 15.95
N ASP L 198 6.40 -21.57 16.33
CA ASP L 198 6.77 -21.37 17.73
C ASP L 198 6.10 -20.09 18.25
N PRO L 199 5.15 -20.23 19.21
CA PRO L 199 4.36 -19.09 19.70
C PRO L 199 5.17 -17.93 20.30
N ARG L 200 6.36 -18.23 20.83
CA ARG L 200 7.26 -17.21 21.38
C ARG L 200 7.68 -16.21 20.31
N THR L 201 7.76 -16.70 19.07
CA THR L 201 8.16 -15.86 17.94
C THR L 201 7.02 -14.96 17.47
N LEU L 202 5.79 -15.27 17.90
CA LEU L 202 4.61 -14.46 17.57
C LEU L 202 4.46 -13.21 18.44
N ARG L 203 5.28 -13.09 19.48
CA ARG L 203 5.15 -12.01 20.44
C ARG L 203 5.29 -10.63 19.80
N ALA L 204 6.39 -10.43 19.04
CA ALA L 204 6.70 -9.15 18.42
C ALA L 204 5.57 -8.62 17.53
N ALA L 205 5.12 -9.45 16.58
CA ALA L 205 4.02 -9.09 15.69
C ALA L 205 2.72 -8.76 16.44
N TRP L 206 2.42 -9.53 17.49
CA TRP L 206 1.20 -9.31 18.30
C TRP L 206 1.29 -8.02 19.09
N GLU L 207 2.43 -7.80 19.72
CA GLU L 207 2.65 -6.58 20.50
C GLU L 207 2.70 -5.34 19.61
N ALA L 208 3.28 -5.49 18.41
CA ALA L 208 3.30 -4.41 17.43
C ALA L 208 1.88 -3.94 17.14
N GLU L 209 0.98 -4.90 16.92
CA GLU L 209 -0.41 -4.62 16.56
C GLU L 209 -1.26 -4.15 17.74
N VAL L 210 -1.18 -4.85 18.87
CA VAL L 210 -2.08 -4.61 20.02
C VAL L 210 -1.74 -3.31 20.76
N PHE L 211 -0.46 -3.12 21.06
CA PHE L 211 0.04 -1.90 21.69
C PHE L 211 -0.38 -0.69 20.86
N ALA L 212 -0.20 -0.77 19.54
CA ALA L 212 -0.63 0.30 18.62
C ALA L 212 -2.14 0.53 18.68
N GLY L 213 -2.92 -0.56 18.71
CA GLY L 213 -4.38 -0.47 18.75
C GLY L 213 -4.93 0.15 20.02
N ILE L 214 -4.43 -0.33 21.16
CA ILE L 214 -4.82 0.19 22.48
C ILE L 214 -4.53 1.69 22.57
N ASN L 215 -3.31 2.06 22.14
CA ASN L 215 -2.86 3.45 22.05
C ASN L 215 -3.75 4.36 21.21
N GLU L 216 -4.05 3.93 19.99
CA GLU L 216 -4.89 4.69 19.08
C GLU L 216 -6.29 4.93 19.66
N ALA L 217 -6.80 3.95 20.43
CA ALA L 217 -8.08 4.07 21.10
C ALA L 217 -8.01 5.01 22.33
N THR L 218 -6.84 5.60 22.54
CA THR L 218 -6.52 6.48 23.69
C THR L 218 -6.67 5.77 25.04
N LEU L 219 -6.04 4.60 25.17
CA LEU L 219 -6.12 3.80 26.39
C LEU L 219 -4.74 3.29 26.81
N ASN L 220 -4.67 2.71 28.00
CA ASN L 220 -3.39 2.27 28.56
C ASN L 220 -3.15 0.77 28.48
N VAL L 221 -2.06 0.39 27.81
CA VAL L 221 -1.52 -0.96 27.85
C VAL L 221 -1.16 -1.24 29.32
N PRO L 222 -1.82 -2.18 29.97
CA PRO L 222 -1.59 -2.32 31.39
C PRO L 222 -0.29 -3.02 31.65
N GLN L 223 0.12 -3.10 32.90
CA GLN L 223 1.33 -3.80 33.31
C GLN L 223 1.21 -4.25 34.76
N GLU L 224 1.13 -5.55 35.01
CA GLU L 224 1.19 -6.58 34.00
C GLU L 224 1.46 -7.75 34.86
N GLN L 225 0.68 -7.80 35.92
CA GLN L 225 0.94 -8.67 37.05
C GLN L 225 0.83 -10.13 36.70
N ALA L 226 0.10 -10.87 37.52
CA ALA L 226 0.05 -12.32 37.42
C ALA L 226 -0.71 -12.78 36.22
N TYR L 227 -0.15 -13.78 35.57
CA TYR L 227 -0.68 -14.31 34.36
C TYR L 227 -1.22 -15.70 34.61
N ARG L 228 -2.25 -16.04 33.86
CA ARG L 228 -2.95 -17.31 33.91
C ARG L 228 -2.66 -18.14 32.67
N THR L 229 -2.06 -19.31 32.85
CA THR L 229 -1.93 -20.29 31.76
C THR L 229 -2.60 -21.61 32.17
N GLY L 230 -2.48 -22.64 31.33
CA GLY L 230 -2.99 -23.96 31.66
C GLY L 230 -3.96 -24.56 30.66
N GLY L 231 -4.61 -23.69 29.88
CA GLY L 231 -5.58 -24.14 28.86
C GLY L 231 -5.08 -25.23 27.93
N LYS L 232 -3.88 -25.05 27.38
CA LYS L 232 -3.24 -26.02 26.48
C LYS L 232 -2.90 -27.36 27.18
N LYS L 233 -2.86 -27.32 28.51
CA LYS L 233 -2.58 -28.50 29.32
C LYS L 233 -3.85 -29.21 29.80
N GLY L 234 -5.01 -28.63 29.51
CA GLY L 234 -6.28 -29.23 29.88
C GLY L 234 -6.81 -28.67 31.19
N LEU L 235 -6.26 -27.54 31.61
CA LEU L 235 -6.65 -26.89 32.87
C LEU L 235 -7.43 -25.62 32.56
N HIS L 236 -8.66 -25.53 33.04
CA HIS L 236 -9.51 -24.42 32.65
C HIS L 236 -10.09 -23.63 33.81
N THR L 237 -10.68 -22.49 33.51
CA THR L 237 -11.33 -21.67 34.51
C THR L 237 -12.72 -22.25 34.80
N GLU L 238 -13.46 -21.62 35.71
CA GLU L 238 -14.84 -21.99 36.00
C GLU L 238 -15.73 -22.10 34.75
N HIS L 239 -15.33 -21.43 33.67
CA HIS L 239 -16.25 -21.07 32.59
C HIS L 239 -16.45 -22.09 31.45
N LEU L 240 -15.44 -22.89 31.17
CA LEU L 240 -15.54 -23.86 30.08
C LEU L 240 -16.55 -24.96 30.35
N GLY L 241 -16.50 -25.53 31.55
CA GLY L 241 -17.45 -26.57 31.97
C GLY L 241 -18.89 -26.35 31.51
N PRO L 242 -19.52 -25.29 32.03
CA PRO L 242 -20.92 -24.96 31.70
C PRO L 242 -21.19 -24.76 30.21
N MET L 243 -20.20 -24.23 29.48
CA MET L 243 -20.29 -24.08 28.02
C MET L 243 -20.46 -25.42 27.32
N LEU L 244 -19.56 -26.36 27.62
CA LEU L 244 -19.59 -27.69 27.03
C LEU L 244 -20.85 -28.44 27.42
N ALA L 245 -21.31 -28.25 28.64
CA ALA L 245 -22.57 -28.83 29.10
C ALA L 245 -23.72 -28.39 28.20
N GLU L 246 -23.86 -27.09 27.97
CA GLU L 246 -24.95 -26.55 27.14
C GLU L 246 -24.74 -26.79 25.64
N MET L 247 -23.53 -26.99 25.21
CA MET L 247 -23.28 -27.23 23.81
C MET L 247 -23.64 -28.66 23.42
N GLN L 248 -23.19 -29.62 24.20
CA GLN L 248 -23.43 -31.02 23.93
C GLN L 248 -24.88 -31.45 24.09
N TYR L 249 -25.71 -30.60 24.67
CA TYR L 249 -27.12 -30.93 24.79
C TYR L 249 -27.77 -31.01 23.44
#